data_3Q3G
#
_entry.id   3Q3G
#
_cell.length_a   81.939
_cell.length_b   157.218
_cell.length_c   232.128
_cell.angle_alpha   90.00
_cell.angle_beta   90.00
_cell.angle_gamma   90.00
#
_symmetry.space_group_name_H-M   'P 21 21 21'
#
loop_
_entity.id
_entity.type
_entity.pdbx_description
1 polymer 'Antibody Light Chain'
2 polymer 'Antibody Heavy chain'
3 polymer 'Integrin alpha-M'
4 non-polymer 1,2-ETHANEDIOL
5 non-polymer GLYCEROL
6 non-polymer 'SODIUM ION'
7 non-polymer 'CALCIUM ION'
8 non-polymer 'CHLORIDE ION'
9 non-polymer DI(HYDROXYETHYL)ETHER
10 water water
#
loop_
_entity_poly.entity_id
_entity_poly.type
_entity_poly.pdbx_seq_one_letter_code
_entity_poly.pdbx_strand_id
1 'polypeptide(L)'
;DIEMTQSPSSLGVSVGEKVTMSCKSSQNLLYSSNQKNYLAWYQQKPGQSPKLLIYWASTRESGVPDRFTGTGSGTDFTLT
ISSVKAEDLAVYYCQQYYSYPLTFGAGTKLELKRADAAPTVSIFPPSSEQLTSGGASVVCFLNNFYPKDINVKWKIDGSE
RQNGVLNSWTDQDSKDSTYSMSSTLTLTKDEYERHNSYTCEATHKTSTSPIVKSFNRNEC
;
C,A,F,J
2 'polypeptide(L)'
;QVQLQQSGAELVKPGASVKLSCTPSGFNIKDIYMQWVKQRPEQGLEWIGRIDPANDKTKYDPKFQGKATITADTSSNTAY
LQLSSLTSEDTAVYYCASEGHYGYDGYAMDYWGQGTTVTVSSAKTTPPSVYPLAPGSAAQTNSMVTLGCLVKGYFPEPVT
VTWNSGSLSSGVHTFPAVLQSDLYTLSSSVTVPSSPRPSETVTCNVAHPASSTKVDKKIVPRDC
;
D,B,H,K
3 'polypeptide(L)'
;DSDIAFLIDGSGSIIPHDFRRMKEFVSTVMEQLKKSKTLFSLMQYSEEFRIHFTFKEFQNNPNPRSLVKPITQLLGRTHT
ATGIRKVVRELFNITNGARKNAFKILVVITDGEKFGDPLGYEDVIPEADREGVIRYVIGVGDAFRSEKSRQELNTIASKP
PRDHVFQVNNFEALKTIQNQLREKIFAIEG
;
G,E,I,L
#
loop_
_chem_comp.id
_chem_comp.type
_chem_comp.name
_chem_comp.formula
CA non-polymer 'CALCIUM ION' 'Ca 2'
CL non-polymer 'CHLORIDE ION' 'Cl -1'
EDO non-polymer 1,2-ETHANEDIOL 'C2 H6 O2'
GOL non-polymer GLYCEROL 'C3 H8 O3'
NA non-polymer 'SODIUM ION' 'Na 1'
PEG non-polymer DI(HYDROXYETHYL)ETHER 'C4 H10 O3'
#
# COMPACT_ATOMS: atom_id res chain seq x y z
N ASP A 1 -20.34 -27.54 25.23
CA ASP A 1 -21.12 -27.23 24.03
C ASP A 1 -22.58 -26.98 24.38
N ILE A 2 -23.18 -25.89 23.87
CA ILE A 2 -24.59 -25.53 24.09
C ILE A 2 -25.45 -26.29 23.08
N GLU A 3 -26.50 -26.98 23.55
CA GLU A 3 -27.40 -27.72 22.68
C GLU A 3 -28.56 -26.85 22.31
N MET A 4 -28.84 -26.77 21.00
CA MET A 4 -29.93 -25.99 20.42
C MET A 4 -31.03 -26.96 20.03
N THR A 5 -32.14 -26.96 20.77
CA THR A 5 -33.24 -27.88 20.53
C THR A 5 -34.43 -27.24 19.81
N GLN A 6 -34.54 -27.54 18.50
CA GLN A 6 -35.62 -27.01 17.68
C GLN A 6 -36.81 -27.94 17.62
N SER A 7 -38.01 -27.34 17.57
CA SER A 7 -39.28 -28.06 17.56
C SER A 7 -40.35 -27.26 16.82
N PRO A 8 -41.14 -27.89 15.91
CA PRO A 8 -41.06 -29.30 15.48
C PRO A 8 -39.99 -29.48 14.40
N SER A 9 -39.51 -30.72 14.18
CA SER A 9 -38.52 -30.99 13.11
C SER A 9 -39.08 -30.66 11.73
N SER A 10 -40.39 -30.89 11.55
CA SER A 10 -41.12 -30.64 10.31
C SER A 10 -42.50 -30.04 10.64
N LEU A 11 -42.93 -29.03 9.89
CA LEU A 11 -44.24 -28.42 10.11
C LEU A 11 -45.09 -28.23 8.87
N GLY A 12 -46.29 -28.83 8.90
CA GLY A 12 -47.31 -28.72 7.87
C GLY A 12 -47.93 -27.34 7.94
N VAL A 13 -47.87 -26.61 6.84
CA VAL A 13 -48.29 -25.23 6.76
C VAL A 13 -49.19 -24.96 5.54
N SER A 14 -50.17 -24.04 5.70
CA SER A 14 -51.05 -23.60 4.62
C SER A 14 -50.83 -22.09 4.44
N VAL A 15 -50.90 -21.62 3.19
CA VAL A 15 -50.71 -20.20 2.85
C VAL A 15 -51.74 -19.33 3.60
N GLY A 16 -51.26 -18.28 4.26
CA GLY A 16 -52.09 -17.35 5.02
C GLY A 16 -52.12 -17.60 6.51
N GLU A 17 -51.69 -18.81 6.96
CA GLU A 17 -51.67 -19.20 8.37
C GLU A 17 -50.60 -18.46 9.19
N LYS A 18 -50.73 -18.52 10.53
CA LYS A 18 -49.74 -17.99 11.46
C LYS A 18 -48.99 -19.23 11.95
N VAL A 19 -47.68 -19.26 11.75
CA VAL A 19 -46.93 -20.42 12.22
C VAL A 19 -45.90 -20.03 13.22
N THR A 20 -45.59 -20.97 14.13
CA THR A 20 -44.62 -20.74 15.20
C THR A 20 -43.64 -21.93 15.39
N MET A 21 -42.34 -21.62 15.50
CA MET A 21 -41.28 -22.60 15.74
C MET A 21 -40.68 -22.32 17.06
N SER A 22 -40.15 -23.36 17.69
CA SER A 22 -39.48 -23.32 18.97
C SER A 22 -38.00 -23.64 18.84
N CYS A 23 -37.18 -22.95 19.63
CA CYS A 23 -35.74 -23.12 19.75
C CYS A 23 -35.41 -22.96 21.25
N LYS A 24 -34.91 -24.03 21.87
CA LYS A 24 -34.56 -24.01 23.29
C LYS A 24 -33.07 -24.29 23.49
N SER A 25 -32.32 -23.40 24.18
CA SER A 25 -30.90 -23.69 24.41
C SER A 25 -30.63 -24.26 25.79
N SER A 26 -29.65 -25.17 25.88
CA SER A 26 -29.25 -25.78 27.15
C SER A 26 -28.64 -24.76 28.15
N GLN A 27 -28.10 -23.64 27.65
CA GLN A 27 -27.52 -22.58 28.48
C GLN A 27 -28.17 -21.23 28.18
N ASN A 28 -28.07 -20.28 29.12
CA ASN A 28 -28.58 -18.92 28.98
C ASN A 28 -27.80 -18.18 27.87
N LEU A 29 -28.52 -17.44 27.00
CA LEU A 29 -27.94 -16.66 25.92
C LEU A 29 -28.08 -15.16 26.12
N LEU A 30 -28.63 -14.75 27.29
CA LEU A 30 -28.77 -13.34 27.64
C LEU A 30 -27.53 -12.83 28.34
N TYR A 31 -26.88 -11.87 27.70
CA TYR A 31 -25.68 -11.23 28.23
C TYR A 31 -26.14 -10.05 29.07
N SER A 32 -25.80 -10.09 30.36
CA SER A 32 -26.18 -9.11 31.37
C SER A 32 -25.71 -7.69 31.08
N SER A 33 -24.49 -7.51 30.53
CA SER A 33 -23.95 -6.17 30.26
C SER A 33 -24.65 -5.39 29.17
N ASN A 34 -25.18 -6.08 28.12
CA ASN A 34 -25.88 -5.40 27.02
C ASN A 34 -27.37 -5.73 26.93
N GLN A 35 -27.82 -6.71 27.73
CA GLN A 35 -29.21 -7.18 27.80
C GLN A 35 -29.74 -7.67 26.43
N LYS A 36 -28.84 -8.32 25.67
CA LYS A 36 -29.11 -8.87 24.35
C LYS A 36 -28.96 -10.36 24.36
N ASN A 37 -29.90 -11.06 23.68
CA ASN A 37 -29.89 -12.53 23.55
C ASN A 37 -29.08 -12.89 22.33
N TYR A 38 -28.01 -13.68 22.54
CA TYR A 38 -27.10 -14.11 21.49
C TYR A 38 -27.69 -15.26 20.69
N LEU A 39 -28.88 -15.01 20.08
CA LEU A 39 -29.64 -15.94 19.28
C LEU A 39 -29.98 -15.37 17.93
N ALA A 40 -29.71 -16.15 16.88
CA ALA A 40 -30.02 -15.80 15.50
C ALA A 40 -30.90 -16.87 14.87
N TRP A 41 -31.69 -16.46 13.87
CA TRP A 41 -32.54 -17.32 13.07
C TRP A 41 -32.12 -17.15 11.62
N TYR A 42 -31.93 -18.29 10.94
CA TYR A 42 -31.57 -18.34 9.51
C TYR A 42 -32.62 -19.10 8.78
N GLN A 43 -32.90 -18.67 7.54
CA GLN A 43 -33.84 -19.33 6.63
C GLN A 43 -33.02 -19.96 5.50
N GLN A 44 -33.21 -21.25 5.25
CA GLN A 44 -32.52 -21.92 4.17
C GLN A 44 -33.51 -22.49 3.17
N LYS A 45 -33.69 -21.78 2.04
CA LYS A 45 -34.60 -22.21 0.97
C LYS A 45 -33.91 -23.33 0.17
N PRO A 46 -34.67 -24.31 -0.40
CA PRO A 46 -34.03 -25.42 -1.15
C PRO A 46 -33.04 -25.00 -2.26
N GLY A 47 -31.92 -25.71 -2.30
CA GLY A 47 -30.81 -25.48 -3.20
C GLY A 47 -29.95 -24.26 -2.86
N GLN A 48 -30.46 -23.39 -1.98
CA GLN A 48 -29.79 -22.16 -1.56
C GLN A 48 -29.02 -22.31 -0.25
N SER A 49 -28.22 -21.29 0.06
CA SER A 49 -27.42 -21.19 1.29
C SER A 49 -28.28 -20.55 2.42
N PRO A 50 -27.94 -20.77 3.72
CA PRO A 50 -28.71 -20.11 4.78
C PRO A 50 -28.57 -18.60 4.67
N LYS A 51 -29.62 -17.88 5.05
CA LYS A 51 -29.66 -16.42 5.02
C LYS A 51 -30.10 -15.91 6.40
N LEU A 52 -29.41 -14.86 6.94
CA LEU A 52 -29.79 -14.29 8.24
C LEU A 52 -31.15 -13.61 8.20
N LEU A 53 -32.06 -14.06 9.07
CA LEU A 53 -33.43 -13.57 9.19
C LEU A 53 -33.60 -12.64 10.43
N ILE A 54 -33.26 -13.15 11.60
CA ILE A 54 -33.38 -12.43 12.86
C ILE A 54 -32.09 -12.59 13.69
N TYR A 55 -31.62 -11.50 14.31
CA TYR A 55 -30.46 -11.49 15.22
C TYR A 55 -30.88 -10.79 16.51
N TRP A 56 -30.11 -10.99 17.61
CA TRP A 56 -30.42 -10.45 18.95
C TRP A 56 -31.79 -10.94 19.42
N ALA A 57 -32.20 -12.13 18.91
CA ALA A 57 -33.45 -12.86 19.12
C ALA A 57 -34.71 -12.19 18.59
N SER A 58 -34.72 -10.85 18.38
CA SER A 58 -35.90 -10.10 17.95
C SER A 58 -35.68 -9.07 16.84
N THR A 59 -34.42 -8.72 16.53
CA THR A 59 -34.14 -7.74 15.46
C THR A 59 -34.19 -8.42 14.10
N ARG A 60 -35.00 -7.88 13.19
CA ARG A 60 -35.12 -8.36 11.82
C ARG A 60 -33.96 -7.82 11.04
N GLU A 61 -33.39 -8.64 10.13
CA GLU A 61 -32.29 -8.22 9.26
C GLU A 61 -32.89 -7.32 8.16
N SER A 62 -32.04 -6.49 7.49
CA SER A 62 -32.48 -5.61 6.41
C SER A 62 -33.13 -6.43 5.29
N GLY A 63 -34.30 -6.00 4.85
CA GLY A 63 -35.08 -6.68 3.82
C GLY A 63 -35.97 -7.82 4.28
N VAL A 64 -35.93 -8.17 5.57
CA VAL A 64 -36.76 -9.24 6.12
C VAL A 64 -38.19 -8.68 6.33
N PRO A 65 -39.24 -9.30 5.73
CA PRO A 65 -40.62 -8.80 5.90
C PRO A 65 -41.13 -8.84 7.32
N ASP A 66 -42.06 -7.93 7.63
CA ASP A 66 -42.71 -7.76 8.92
C ASP A 66 -43.40 -9.02 9.41
N ARG A 67 -43.64 -9.98 8.50
CA ARG A 67 -44.30 -11.24 8.81
C ARG A 67 -43.44 -12.15 9.68
N PHE A 68 -42.10 -12.03 9.58
CA PHE A 68 -41.19 -12.81 10.42
C PHE A 68 -40.96 -12.05 11.71
N THR A 69 -41.25 -12.69 12.87
CA THR A 69 -41.15 -12.12 14.23
C THR A 69 -40.36 -13.05 15.13
N GLY A 70 -39.43 -12.49 15.88
CA GLY A 70 -38.62 -13.24 16.83
C GLY A 70 -38.92 -12.82 18.25
N THR A 71 -39.16 -13.80 19.13
CA THR A 71 -39.49 -13.57 20.53
C THR A 71 -38.76 -14.59 21.40
N GLY A 72 -38.66 -14.28 22.69
CA GLY A 72 -37.99 -15.12 23.68
C GLY A 72 -36.84 -14.42 24.35
N SER A 73 -36.37 -15.00 25.48
CA SER A 73 -35.25 -14.50 26.28
C SER A 73 -34.66 -15.61 27.15
N GLY A 74 -33.33 -15.58 27.25
CA GLY A 74 -32.54 -16.51 28.04
C GLY A 74 -32.33 -17.87 27.43
N THR A 75 -33.35 -18.73 27.53
CA THR A 75 -33.30 -20.13 27.11
C THR A 75 -34.33 -20.50 26.03
N ASP A 76 -35.59 -20.09 26.21
CA ASP A 76 -36.66 -20.47 25.28
C ASP A 76 -36.99 -19.37 24.28
N PHE A 77 -36.77 -19.67 22.99
CA PHE A 77 -36.96 -18.75 21.85
C PHE A 77 -37.95 -19.28 20.84
N THR A 78 -38.65 -18.36 20.16
CA THR A 78 -39.68 -18.68 19.19
C THR A 78 -39.66 -17.75 17.97
N LEU A 79 -39.82 -18.33 16.75
CA LEU A 79 -39.92 -17.57 15.48
C LEU A 79 -41.37 -17.64 15.03
N THR A 80 -41.93 -16.49 14.61
CA THR A 80 -43.32 -16.42 14.19
C THR A 80 -43.45 -15.86 12.78
N ILE A 81 -44.26 -16.55 11.94
CA ILE A 81 -44.57 -16.12 10.60
C ILE A 81 -46.08 -15.89 10.51
N SER A 82 -46.55 -14.65 10.69
CA SER A 82 -47.97 -14.30 10.54
C SER A 82 -48.20 -14.28 9.01
N SER A 83 -49.35 -14.79 8.53
CA SER A 83 -49.74 -14.96 7.11
C SER A 83 -48.60 -15.49 6.23
N VAL A 84 -48.39 -16.83 6.26
CA VAL A 84 -47.38 -17.59 5.50
C VAL A 84 -47.57 -17.39 3.99
N LYS A 85 -46.48 -17.15 3.26
CA LYS A 85 -46.48 -17.04 1.81
C LYS A 85 -45.81 -18.31 1.28
N ALA A 86 -45.98 -18.63 -0.02
CA ALA A 86 -45.37 -19.82 -0.61
C ALA A 86 -43.84 -19.74 -0.59
N GLU A 87 -43.28 -18.52 -0.82
CA GLU A 87 -41.85 -18.20 -0.80
C GLU A 87 -41.20 -18.45 0.58
N ASP A 88 -42.01 -18.65 1.65
CA ASP A 88 -41.54 -18.89 3.02
C ASP A 88 -41.23 -20.37 3.31
N LEU A 89 -41.58 -21.27 2.39
CA LEU A 89 -41.31 -22.71 2.54
C LEU A 89 -39.80 -22.92 2.41
N ALA A 90 -39.19 -23.28 3.55
CA ALA A 90 -37.75 -23.43 3.72
C ALA A 90 -37.49 -24.16 5.05
N VAL A 91 -36.19 -24.30 5.41
CA VAL A 91 -35.77 -24.84 6.70
C VAL A 91 -35.30 -23.66 7.52
N TYR A 92 -35.75 -23.60 8.76
CA TYR A 92 -35.38 -22.50 9.65
C TYR A 92 -34.48 -23.03 10.73
N TYR A 93 -33.27 -22.46 10.81
CA TYR A 93 -32.29 -22.84 11.81
C TYR A 93 -32.12 -21.72 12.80
N CYS A 94 -31.89 -22.10 14.06
CA CYS A 94 -31.57 -21.13 15.09
C CYS A 94 -30.12 -21.41 15.50
N GLN A 95 -29.40 -20.38 15.93
CA GLN A 95 -27.99 -20.50 16.31
C GLN A 95 -27.69 -19.62 17.49
N GLN A 96 -26.84 -20.12 18.40
CA GLN A 96 -26.31 -19.37 19.52
C GLN A 96 -24.93 -18.84 19.11
N TYR A 97 -24.69 -17.56 19.37
CA TYR A 97 -23.41 -16.94 19.08
C TYR A 97 -22.84 -16.28 20.34
N TYR A 98 -23.17 -16.88 21.50
CA TYR A 98 -22.79 -16.46 22.84
C TYR A 98 -21.38 -16.94 23.18
N SER A 99 -21.12 -18.24 23.03
CA SER A 99 -19.81 -18.85 23.33
C SER A 99 -19.43 -19.90 22.27
N TYR A 100 -18.14 -20.31 22.29
CA TYR A 100 -17.58 -21.30 21.38
C TYR A 100 -17.60 -22.74 21.95
N PRO A 101 -17.94 -23.77 21.16
CA PRO A 101 -18.27 -23.74 19.73
C PRO A 101 -19.61 -23.09 19.47
N LEU A 102 -19.70 -22.37 18.36
CA LEU A 102 -20.96 -21.77 17.92
C LEU A 102 -21.83 -22.96 17.50
N THR A 103 -23.03 -23.09 18.07
CA THR A 103 -23.91 -24.23 17.79
C THR A 103 -25.22 -23.85 17.11
N PHE A 104 -25.72 -24.74 16.27
CA PHE A 104 -26.98 -24.63 15.52
C PHE A 104 -27.98 -25.68 15.97
N GLY A 105 -29.25 -25.40 15.70
CA GLY A 105 -30.35 -26.32 15.93
C GLY A 105 -30.47 -27.25 14.75
N ALA A 106 -31.27 -28.32 14.88
CA ALA A 106 -31.50 -29.30 13.82
C ALA A 106 -32.39 -28.79 12.68
N GLY A 107 -33.06 -27.66 12.91
CA GLY A 107 -33.93 -27.03 11.92
C GLY A 107 -35.39 -27.38 12.05
N THR A 108 -36.24 -26.59 11.37
CA THR A 108 -37.68 -26.77 11.26
C THR A 108 -38.00 -26.57 9.78
N LYS A 109 -38.32 -27.67 9.09
CA LYS A 109 -38.64 -27.67 7.67
C LYS A 109 -40.12 -27.40 7.51
N LEU A 110 -40.45 -26.31 6.78
CA LEU A 110 -41.83 -25.99 6.48
C LEU A 110 -42.21 -26.66 5.17
N GLU A 111 -43.29 -27.44 5.24
CA GLU A 111 -43.84 -28.17 4.12
C GLU A 111 -45.29 -27.74 3.95
N LEU A 112 -45.79 -27.77 2.72
CA LEU A 112 -47.14 -27.38 2.41
C LEU A 112 -48.12 -28.50 2.73
N LYS A 113 -49.21 -28.17 3.44
CA LYS A 113 -50.20 -29.17 3.73
C LYS A 113 -51.25 -29.33 2.67
N ARG A 114 -51.76 -30.58 2.61
CA ARG A 114 -52.80 -31.08 1.73
C ARG A 114 -53.44 -32.28 2.38
N ALA A 115 -54.45 -32.85 1.72
CA ALA A 115 -55.22 -34.04 2.10
C ALA A 115 -54.31 -35.24 2.28
N ASP A 116 -54.60 -36.11 3.26
CA ASP A 116 -53.83 -37.33 3.44
C ASP A 116 -54.02 -38.17 2.17
N ALA A 117 -52.92 -38.61 1.58
CA ALA A 117 -52.93 -39.42 0.36
C ALA A 117 -52.18 -40.71 0.63
N ALA A 118 -52.80 -41.83 0.24
CA ALA A 118 -52.23 -43.15 0.43
C ALA A 118 -51.24 -43.39 -0.71
N PRO A 119 -50.16 -44.17 -0.47
CA PRO A 119 -49.20 -44.41 -1.55
C PRO A 119 -49.74 -45.35 -2.62
N THR A 120 -49.26 -45.18 -3.87
CA THR A 120 -49.54 -46.05 -5.01
C THR A 120 -48.30 -46.93 -5.03
N VAL A 121 -48.43 -48.20 -4.61
CA VAL A 121 -47.30 -49.13 -4.50
C VAL A 121 -47.18 -50.02 -5.75
N SER A 122 -45.93 -50.12 -6.28
CA SER A 122 -45.60 -50.89 -7.47
C SER A 122 -44.34 -51.66 -7.25
N ILE A 123 -44.39 -52.99 -7.48
CA ILE A 123 -43.23 -53.88 -7.38
C ILE A 123 -42.75 -54.22 -8.80
N PHE A 124 -41.43 -54.36 -8.95
CA PHE A 124 -40.81 -54.67 -10.24
C PHE A 124 -39.77 -55.75 -10.06
N PRO A 125 -39.90 -56.87 -10.79
CA PRO A 125 -38.87 -57.91 -10.71
C PRO A 125 -37.58 -57.42 -11.34
N PRO A 126 -36.42 -58.08 -11.11
CA PRO A 126 -35.21 -57.66 -11.84
C PRO A 126 -35.40 -57.84 -13.35
N SER A 127 -34.77 -56.97 -14.15
CA SER A 127 -34.84 -57.07 -15.60
C SER A 127 -33.99 -58.24 -16.06
N SER A 128 -34.35 -58.84 -17.22
CA SER A 128 -33.58 -59.92 -17.83
C SER A 128 -32.15 -59.42 -18.14
N GLU A 129 -32.03 -58.13 -18.54
CA GLU A 129 -30.77 -57.42 -18.83
C GLU A 129 -29.82 -57.50 -17.64
N GLN A 130 -30.30 -57.14 -16.42
CA GLN A 130 -29.51 -57.17 -15.19
C GLN A 130 -29.08 -58.58 -14.82
N LEU A 131 -29.99 -59.56 -14.96
CA LEU A 131 -29.73 -60.96 -14.65
C LEU A 131 -28.55 -61.53 -15.42
N THR A 132 -28.33 -61.01 -16.65
CA THR A 132 -27.19 -61.42 -17.48
C THR A 132 -25.85 -60.97 -16.88
N SER A 133 -25.85 -59.86 -16.08
CA SER A 133 -24.65 -59.32 -15.41
C SER A 133 -24.33 -60.11 -14.12
N GLY A 134 -25.30 -60.91 -13.65
CA GLY A 134 -25.16 -61.71 -12.44
C GLY A 134 -25.80 -61.09 -11.20
N GLY A 135 -26.40 -59.91 -11.37
CA GLY A 135 -27.04 -59.17 -10.29
C GLY A 135 -28.54 -59.19 -10.43
N ALA A 136 -29.25 -59.06 -9.30
CA ALA A 136 -30.72 -59.04 -9.31
C ALA A 136 -31.23 -58.00 -8.30
N SER A 137 -31.96 -56.98 -8.80
CA SER A 137 -32.48 -55.89 -7.97
C SER A 137 -33.97 -55.80 -8.11
N VAL A 138 -34.69 -55.93 -6.99
CA VAL A 138 -36.15 -55.85 -6.97
C VAL A 138 -36.47 -54.44 -6.53
N VAL A 139 -37.32 -53.73 -7.29
CA VAL A 139 -37.65 -52.32 -7.04
C VAL A 139 -39.11 -52.15 -6.63
N CYS A 140 -39.34 -51.27 -5.67
CA CYS A 140 -40.63 -50.95 -5.12
C CYS A 140 -40.77 -49.43 -5.03
N PHE A 141 -41.79 -48.88 -5.69
CA PHE A 141 -42.09 -47.46 -5.66
C PHE A 141 -43.32 -47.25 -4.80
N LEU A 142 -43.25 -46.27 -3.88
CA LEU A 142 -44.37 -45.87 -3.05
C LEU A 142 -44.54 -44.42 -3.45
N ASN A 143 -45.46 -44.17 -4.38
CA ASN A 143 -45.63 -42.86 -4.98
C ASN A 143 -46.84 -42.09 -4.53
N ASN A 144 -46.68 -40.76 -4.56
CA ASN A 144 -47.71 -39.76 -4.32
C ASN A 144 -48.53 -39.92 -3.03
N PHE A 145 -47.84 -39.99 -1.87
CA PHE A 145 -48.47 -40.15 -0.56
C PHE A 145 -48.32 -38.92 0.31
N TYR A 146 -49.29 -38.69 1.20
CA TYR A 146 -49.24 -37.59 2.17
C TYR A 146 -49.82 -38.06 3.52
N PRO A 147 -49.16 -37.82 4.68
CA PRO A 147 -47.89 -37.13 4.91
C PRO A 147 -46.65 -37.98 4.63
N LYS A 148 -45.51 -37.32 4.68
CA LYS A 148 -44.18 -37.81 4.37
C LYS A 148 -43.71 -39.09 5.10
N ASP A 149 -44.17 -39.28 6.33
CA ASP A 149 -43.77 -40.42 7.16
C ASP A 149 -44.38 -41.73 6.64
N ILE A 150 -43.51 -42.67 6.28
CA ILE A 150 -43.88 -43.99 5.72
C ILE A 150 -42.89 -45.07 6.13
N ASN A 151 -43.31 -46.36 6.06
CA ASN A 151 -42.45 -47.50 6.37
C ASN A 151 -42.53 -48.58 5.30
N VAL A 152 -41.36 -49.15 4.94
CA VAL A 152 -41.25 -50.22 3.95
C VAL A 152 -40.73 -51.47 4.59
N LYS A 153 -41.36 -52.60 4.26
CA LYS A 153 -40.95 -53.91 4.73
C LYS A 153 -40.76 -54.82 3.50
N TRP A 154 -39.59 -55.46 3.39
CA TRP A 154 -39.34 -56.39 2.30
C TRP A 154 -39.59 -57.82 2.81
N LYS A 155 -40.25 -58.67 2.00
CA LYS A 155 -40.58 -60.04 2.33
C LYS A 155 -40.23 -61.03 1.19
N ILE A 156 -39.28 -61.96 1.45
CA ILE A 156 -38.85 -63.01 0.51
C ILE A 156 -39.39 -64.33 1.05
N ASP A 157 -40.36 -64.94 0.33
CA ASP A 157 -41.04 -66.19 0.67
C ASP A 157 -41.71 -66.12 2.07
N GLY A 158 -42.37 -64.99 2.32
CA GLY A 158 -43.09 -64.73 3.57
C GLY A 158 -42.31 -64.12 4.71
N SER A 159 -40.96 -64.28 4.71
CA SER A 159 -40.08 -63.79 5.77
C SER A 159 -39.36 -62.48 5.44
N GLU A 160 -39.26 -61.58 6.44
CA GLU A 160 -38.60 -60.26 6.37
C GLU A 160 -37.17 -60.29 5.87
N ARG A 161 -36.75 -59.20 5.21
CA ARG A 161 -35.41 -59.02 4.66
C ARG A 161 -34.96 -57.58 4.92
N GLN A 162 -33.72 -57.41 5.42
CA GLN A 162 -33.15 -56.09 5.75
C GLN A 162 -31.81 -55.78 5.07
N ASN A 163 -31.12 -56.80 4.53
CA ASN A 163 -29.84 -56.61 3.85
C ASN A 163 -29.95 -56.53 2.34
N GLY A 164 -29.29 -55.52 1.77
CA GLY A 164 -29.29 -55.24 0.34
C GLY A 164 -30.31 -54.18 -0.03
N VAL A 165 -31.15 -53.77 0.96
CA VAL A 165 -32.19 -52.76 0.83
C VAL A 165 -31.58 -51.36 0.91
N LEU A 166 -31.85 -50.52 -0.11
CA LEU A 166 -31.42 -49.12 -0.24
C LEU A 166 -32.66 -48.28 -0.55
N ASN A 167 -32.89 -47.21 0.24
CA ASN A 167 -34.07 -46.34 0.08
C ASN A 167 -33.73 -44.90 -0.27
N SER A 168 -34.62 -44.27 -1.07
CA SER A 168 -34.52 -42.87 -1.51
C SER A 168 -35.88 -42.21 -1.50
N TRP A 169 -35.94 -40.98 -0.99
CA TRP A 169 -37.18 -40.21 -0.84
C TRP A 169 -37.11 -38.93 -1.64
N THR A 170 -38.21 -38.59 -2.33
CA THR A 170 -38.24 -37.34 -3.09
C THR A 170 -38.61 -36.22 -2.13
N ASP A 171 -38.29 -34.99 -2.50
CA ASP A 171 -38.70 -33.80 -1.76
C ASP A 171 -40.22 -33.62 -2.09
N GLN A 172 -40.95 -32.83 -1.30
CA GLN A 172 -42.37 -32.58 -1.56
C GLN A 172 -42.59 -32.05 -3.00
N ASP A 173 -43.50 -32.70 -3.75
CA ASP A 173 -43.82 -32.34 -5.13
C ASP A 173 -44.32 -30.91 -5.23
N SER A 174 -43.71 -30.14 -6.13
CA SER A 174 -44.02 -28.73 -6.38
C SER A 174 -45.43 -28.53 -6.97
N LYS A 175 -46.04 -29.59 -7.55
CA LYS A 175 -47.36 -29.49 -8.19
C LYS A 175 -48.51 -30.10 -7.38
N ASP A 176 -48.37 -31.37 -6.94
CA ASP A 176 -49.43 -32.02 -6.18
C ASP A 176 -49.22 -32.11 -4.66
N SER A 177 -48.07 -31.58 -4.17
CA SER A 177 -47.68 -31.53 -2.76
C SER A 177 -47.58 -32.92 -2.06
N THR A 178 -47.23 -33.96 -2.82
CA THR A 178 -47.10 -35.30 -2.26
C THR A 178 -45.63 -35.71 -2.16
N TYR A 179 -45.40 -36.84 -1.48
CA TYR A 179 -44.08 -37.43 -1.32
C TYR A 179 -44.06 -38.78 -2.01
N SER A 180 -42.89 -39.19 -2.45
CA SER A 180 -42.67 -40.47 -3.10
C SER A 180 -41.41 -41.10 -2.53
N MET A 181 -41.34 -42.43 -2.59
CA MET A 181 -40.21 -43.17 -2.06
C MET A 181 -39.87 -44.37 -2.92
N SER A 182 -38.57 -44.62 -3.09
CA SER A 182 -38.06 -45.74 -3.86
C SER A 182 -37.30 -46.66 -2.93
N SER A 183 -37.62 -47.95 -2.98
CA SER A 183 -36.95 -48.99 -2.21
C SER A 183 -36.41 -50.05 -3.18
N THR A 184 -35.11 -50.33 -3.11
CA THR A 184 -34.47 -51.31 -4.00
C THR A 184 -33.78 -52.41 -3.19
N LEU A 185 -34.14 -53.67 -3.47
CA LEU A 185 -33.57 -54.85 -2.85
C LEU A 185 -32.61 -55.51 -3.83
N THR A 186 -31.31 -55.36 -3.57
CA THR A 186 -30.27 -55.93 -4.43
C THR A 186 -29.66 -57.23 -3.86
N LEU A 187 -29.80 -58.33 -4.61
CA LEU A 187 -29.28 -59.67 -4.30
C LEU A 187 -28.32 -60.03 -5.44
N THR A 188 -27.97 -61.31 -5.56
CA THR A 188 -27.18 -61.86 -6.67
C THR A 188 -28.21 -62.61 -7.49
N LYS A 189 -27.84 -63.07 -8.70
CA LYS A 189 -28.72 -63.83 -9.58
C LYS A 189 -29.10 -65.15 -8.90
N ASP A 190 -28.08 -65.83 -8.32
CA ASP A 190 -28.25 -67.12 -7.64
C ASP A 190 -29.10 -67.06 -6.38
N GLU A 191 -28.91 -66.02 -5.54
CA GLU A 191 -29.73 -65.79 -4.35
C GLU A 191 -31.19 -65.61 -4.80
N TYR A 192 -31.38 -64.76 -5.84
CA TYR A 192 -32.67 -64.41 -6.42
C TYR A 192 -33.43 -65.64 -6.94
N GLU A 193 -32.72 -66.51 -7.69
CA GLU A 193 -33.29 -67.72 -8.29
C GLU A 193 -33.63 -68.83 -7.27
N ARG A 194 -33.20 -68.67 -6.00
CA ARG A 194 -33.46 -69.63 -4.92
C ARG A 194 -34.83 -69.44 -4.28
N HIS A 195 -35.52 -68.31 -4.56
CA HIS A 195 -36.80 -68.00 -3.95
C HIS A 195 -37.91 -67.78 -4.97
N ASN A 196 -39.18 -67.85 -4.53
CA ASN A 196 -40.34 -67.71 -5.40
C ASN A 196 -41.10 -66.39 -5.20
N SER A 197 -41.66 -66.13 -4.00
CA SER A 197 -42.41 -64.88 -3.77
C SER A 197 -41.56 -63.74 -3.23
N TYR A 198 -41.74 -62.55 -3.85
CA TYR A 198 -41.04 -61.32 -3.42
C TYR A 198 -42.09 -60.27 -3.18
N THR A 199 -42.00 -59.59 -2.02
CA THR A 199 -42.98 -58.58 -1.66
C THR A 199 -42.46 -57.39 -0.90
N CYS A 200 -43.10 -56.24 -1.14
CA CYS A 200 -42.81 -55.02 -0.41
C CYS A 200 -44.09 -54.52 0.25
N GLU A 201 -44.03 -54.38 1.57
CA GLU A 201 -45.13 -54.01 2.44
C GLU A 201 -44.97 -52.54 2.81
N ALA A 202 -45.98 -51.74 2.50
CA ALA A 202 -45.97 -50.30 2.80
C ALA A 202 -46.88 -49.97 3.96
N THR A 203 -46.31 -49.34 5.00
CA THR A 203 -47.06 -48.95 6.18
C THR A 203 -47.18 -47.43 6.26
N HIS A 204 -48.41 -46.93 6.18
CA HIS A 204 -48.70 -45.49 6.18
C HIS A 204 -49.96 -45.13 7.01
N LYS A 205 -49.98 -43.88 7.55
CA LYS A 205 -51.06 -43.24 8.35
C LYS A 205 -52.46 -43.49 7.78
N THR A 206 -52.61 -43.43 6.44
CA THR A 206 -53.88 -43.60 5.69
C THR A 206 -54.59 -44.95 5.90
N SER A 207 -53.86 -45.99 6.33
CA SER A 207 -54.45 -47.30 6.56
C SER A 207 -53.86 -48.02 7.76
N THR A 208 -54.75 -48.72 8.50
CA THR A 208 -54.40 -49.54 9.68
C THR A 208 -53.63 -50.77 9.17
N SER A 209 -54.10 -51.31 8.01
CA SER A 209 -53.56 -52.45 7.29
C SER A 209 -52.51 -52.01 6.24
N PRO A 210 -51.37 -52.73 6.13
CA PRO A 210 -50.33 -52.32 5.17
C PRO A 210 -50.66 -52.63 3.73
N ILE A 211 -50.18 -51.77 2.79
CA ILE A 211 -50.36 -51.99 1.35
C ILE A 211 -49.30 -52.99 0.92
N VAL A 212 -49.73 -54.14 0.42
CA VAL A 212 -48.84 -55.22 0.03
C VAL A 212 -48.83 -55.44 -1.48
N LYS A 213 -47.63 -55.36 -2.08
CA LYS A 213 -47.40 -55.63 -3.50
C LYS A 213 -46.39 -56.74 -3.63
N SER A 214 -46.80 -57.80 -4.32
CA SER A 214 -46.00 -59.02 -4.46
C SER A 214 -45.93 -59.53 -5.90
N PHE A 215 -44.94 -60.40 -6.13
CA PHE A 215 -44.69 -61.10 -7.38
C PHE A 215 -44.08 -62.47 -7.10
N ASN A 216 -44.34 -63.45 -8.01
CA ASN A 216 -43.76 -64.78 -7.89
C ASN A 216 -42.81 -65.00 -9.05
N ARG A 217 -41.56 -65.33 -8.72
CA ARG A 217 -40.48 -65.56 -9.68
C ARG A 217 -40.90 -66.61 -10.73
N ASN A 218 -41.48 -67.74 -10.29
CA ASN A 218 -41.99 -68.80 -11.15
C ASN A 218 -43.50 -68.55 -11.38
N GLU A 219 -43.79 -67.49 -12.13
CA GLU A 219 -45.11 -67.00 -12.54
C GLU A 219 -44.92 -66.08 -13.77
N CYS A 220 -44.56 -66.73 -14.90
CA CYS A 220 -44.27 -66.18 -16.24
C CYS A 220 -42.98 -65.34 -16.40
N GLN B 1 -25.50 -7.27 -4.56
CA GLN B 1 -24.14 -7.10 -5.09
C GLN B 1 -23.07 -7.60 -4.08
N VAL B 2 -23.13 -7.09 -2.81
CA VAL B 2 -22.21 -7.47 -1.71
C VAL B 2 -22.48 -8.95 -1.32
N GLN B 3 -21.54 -9.85 -1.70
CA GLN B 3 -21.65 -11.29 -1.46
C GLN B 3 -20.30 -12.02 -1.32
N LEU B 4 -20.36 -13.22 -0.71
CA LEU B 4 -19.21 -14.09 -0.50
C LEU B 4 -19.14 -15.08 -1.66
N GLN B 5 -18.05 -15.00 -2.43
CA GLN B 5 -17.84 -15.86 -3.60
C GLN B 5 -16.95 -17.06 -3.24
N GLN B 6 -17.51 -18.27 -3.37
CA GLN B 6 -16.82 -19.52 -3.06
C GLN B 6 -16.32 -20.26 -4.29
N SER B 7 -15.25 -21.08 -4.10
CA SER B 7 -14.61 -21.88 -5.15
C SER B 7 -15.52 -23.03 -5.62
N GLY B 8 -15.23 -23.57 -6.80
CA GLY B 8 -16.01 -24.62 -7.43
C GLY B 8 -16.00 -25.97 -6.75
N ALA B 9 -16.89 -26.89 -7.23
CA ALA B 9 -17.06 -28.25 -6.72
C ALA B 9 -15.77 -29.04 -6.74
N GLU B 10 -15.60 -29.92 -5.74
CA GLU B 10 -14.39 -30.73 -5.59
C GLU B 10 -14.70 -32.20 -5.57
N LEU B 11 -13.83 -32.98 -6.24
CA LEU B 11 -13.87 -34.43 -6.31
C LEU B 11 -12.48 -34.89 -5.93
N VAL B 12 -12.39 -35.49 -4.74
CA VAL B 12 -11.14 -35.90 -4.14
C VAL B 12 -11.16 -37.36 -3.73
N LYS B 13 -9.98 -38.00 -3.79
CA LYS B 13 -9.77 -39.39 -3.40
C LYS B 13 -9.60 -39.44 -1.87
N PRO B 14 -9.99 -40.53 -1.18
CA PRO B 14 -9.79 -40.58 0.28
C PRO B 14 -8.30 -40.55 0.67
N GLY B 15 -8.02 -39.95 1.82
CA GLY B 15 -6.66 -39.81 2.33
C GLY B 15 -5.96 -38.58 1.80
N ALA B 16 -6.51 -37.98 0.70
CA ALA B 16 -5.99 -36.76 0.09
C ALA B 16 -6.42 -35.52 0.91
N SER B 17 -6.03 -34.33 0.41
CA SER B 17 -6.32 -33.03 1.00
C SER B 17 -7.04 -32.14 -0.03
N VAL B 18 -7.79 -31.16 0.47
CA VAL B 18 -8.57 -30.22 -0.36
C VAL B 18 -8.56 -28.85 0.30
N LYS B 19 -8.37 -27.80 -0.51
CA LYS B 19 -8.35 -26.43 -0.03
C LYS B 19 -9.40 -25.59 -0.75
N LEU B 20 -10.41 -25.18 0.02
CA LEU B 20 -11.53 -24.38 -0.44
C LEU B 20 -11.29 -22.92 -0.16
N SER B 21 -11.72 -22.05 -1.07
CA SER B 21 -11.54 -20.61 -0.91
C SER B 21 -12.85 -19.87 -0.86
N CYS B 22 -12.82 -18.67 -0.25
CA CYS B 22 -13.96 -17.80 -0.11
C CYS B 22 -13.48 -16.36 -0.21
N THR B 23 -13.91 -15.64 -1.26
CA THR B 23 -13.52 -14.25 -1.50
C THR B 23 -14.75 -13.33 -1.46
N PRO B 24 -14.85 -12.41 -0.47
CA PRO B 24 -15.98 -11.47 -0.46
C PRO B 24 -15.79 -10.33 -1.45
N SER B 25 -16.85 -10.03 -2.20
CA SER B 25 -16.87 -8.87 -3.10
C SER B 25 -17.75 -7.85 -2.38
N GLY B 26 -17.20 -6.68 -2.09
CA GLY B 26 -17.96 -5.66 -1.39
C GLY B 26 -17.38 -5.23 -0.08
N PHE B 27 -16.59 -6.12 0.57
CA PHE B 27 -15.93 -5.82 1.83
C PHE B 27 -14.59 -6.52 2.01
N ASN B 28 -13.84 -6.07 3.04
CA ASN B 28 -12.51 -6.55 3.41
C ASN B 28 -12.60 -7.65 4.44
N ILE B 29 -11.82 -8.74 4.25
CA ILE B 29 -11.76 -9.85 5.21
C ILE B 29 -11.24 -9.40 6.57
N LYS B 30 -10.40 -8.35 6.59
CA LYS B 30 -9.81 -7.74 7.79
C LYS B 30 -10.87 -7.23 8.77
N ASP B 31 -12.03 -6.77 8.24
CA ASP B 31 -13.13 -6.17 9.00
C ASP B 31 -14.23 -7.15 9.51
N ILE B 32 -14.05 -8.46 9.32
CA ILE B 32 -15.01 -9.51 9.70
C ILE B 32 -14.29 -10.73 10.30
N TYR B 33 -15.05 -11.66 10.87
CA TYR B 33 -14.64 -12.97 11.38
C TYR B 33 -15.16 -13.92 10.31
N MET B 34 -14.28 -14.65 9.64
CA MET B 34 -14.73 -15.57 8.60
C MET B 34 -14.96 -16.95 9.17
N GLN B 35 -16.21 -17.40 9.12
CA GLN B 35 -16.69 -18.68 9.63
C GLN B 35 -16.74 -19.73 8.52
N TRP B 36 -16.63 -21.02 8.90
CA TRP B 36 -16.72 -22.17 7.99
C TRP B 36 -17.71 -23.14 8.62
N VAL B 37 -18.80 -23.44 7.88
CA VAL B 37 -19.92 -24.29 8.31
C VAL B 37 -20.09 -25.48 7.35
N LYS B 38 -20.21 -26.68 7.90
CA LYS B 38 -20.40 -27.94 7.16
C LYS B 38 -21.89 -28.35 7.10
N GLN B 39 -22.34 -28.77 5.93
CA GLN B 39 -23.70 -29.26 5.78
C GLN B 39 -23.73 -30.61 5.06
N ARG B 40 -23.94 -31.68 5.83
CA ARG B 40 -24.01 -33.08 5.36
C ARG B 40 -25.35 -33.32 4.65
N PRO B 41 -25.40 -34.15 3.55
CA PRO B 41 -26.66 -34.35 2.81
C PRO B 41 -27.85 -34.56 3.69
N GLU B 42 -28.87 -33.72 3.48
CA GLU B 42 -30.13 -33.69 4.20
C GLU B 42 -29.96 -33.70 5.74
N GLN B 43 -28.85 -33.08 6.20
CA GLN B 43 -28.48 -32.90 7.61
C GLN B 43 -28.40 -31.40 7.95
N GLY B 44 -28.12 -31.08 9.22
CA GLY B 44 -28.06 -29.71 9.69
C GLY B 44 -26.71 -29.04 9.50
N LEU B 45 -26.64 -27.80 9.97
CA LEU B 45 -25.45 -26.95 9.91
C LEU B 45 -24.52 -27.28 11.09
N GLU B 46 -23.23 -27.43 10.77
CA GLU B 46 -22.19 -27.84 11.72
C GLU B 46 -20.98 -26.87 11.59
N TRP B 47 -20.77 -26.03 12.61
CA TRP B 47 -19.69 -25.06 12.64
C TRP B 47 -18.34 -25.74 12.76
N ILE B 48 -17.38 -25.36 11.90
CA ILE B 48 -16.03 -25.93 11.86
C ILE B 48 -15.09 -25.09 12.70
N GLY B 49 -15.04 -23.81 12.38
CA GLY B 49 -14.21 -22.83 13.06
C GLY B 49 -14.30 -21.46 12.40
N ARG B 50 -13.47 -20.55 12.86
CA ARG B 50 -13.43 -19.19 12.32
C ARG B 50 -12.05 -18.56 12.42
N ILE B 51 -11.80 -17.54 11.59
CA ILE B 51 -10.55 -16.80 11.57
C ILE B 51 -10.79 -15.29 11.67
N ASP B 52 -9.86 -14.60 12.36
CA ASP B 52 -9.79 -13.15 12.45
C ASP B 52 -8.68 -12.78 11.44
N PRO B 53 -9.02 -12.44 10.17
CA PRO B 53 -7.97 -12.17 9.16
C PRO B 53 -7.05 -10.97 9.44
N ALA B 54 -7.42 -10.13 10.43
CA ALA B 54 -6.66 -8.97 10.87
C ALA B 54 -5.41 -9.35 11.67
N ASN B 55 -5.37 -10.57 12.24
CA ASN B 55 -4.25 -11.04 13.07
C ASN B 55 -4.01 -12.55 12.95
N ASP B 56 -4.71 -13.20 12.00
CA ASP B 56 -4.63 -14.63 11.69
C ASP B 56 -4.98 -15.59 12.85
N LYS B 57 -5.70 -15.10 13.88
CA LYS B 57 -6.12 -15.90 15.03
C LYS B 57 -7.36 -16.76 14.72
N THR B 58 -7.27 -18.05 15.07
CA THR B 58 -8.32 -19.03 14.77
C THR B 58 -8.93 -19.70 16.00
N LYS B 59 -10.17 -20.15 15.84
CA LYS B 59 -10.93 -20.93 16.81
C LYS B 59 -11.56 -22.05 16.03
N TYR B 60 -11.57 -23.26 16.59
CA TYR B 60 -12.16 -24.44 15.95
C TYR B 60 -13.06 -25.18 16.93
N ASP B 61 -13.90 -26.07 16.39
CA ASP B 61 -14.70 -26.97 17.21
C ASP B 61 -13.78 -28.17 17.33
N PRO B 62 -13.49 -28.67 18.56
CA PRO B 62 -12.55 -29.80 18.72
C PRO B 62 -12.87 -31.06 17.89
N LYS B 63 -14.11 -31.18 17.38
CA LYS B 63 -14.53 -32.28 16.48
C LYS B 63 -13.72 -32.22 15.16
N PHE B 64 -13.29 -30.99 14.78
CA PHE B 64 -12.54 -30.69 13.55
C PHE B 64 -11.06 -30.47 13.78
N GLN B 65 -10.59 -30.69 15.01
CA GLN B 65 -9.19 -30.58 15.39
C GLN B 65 -8.39 -31.68 14.68
N GLY B 66 -7.47 -31.26 13.81
CA GLY B 66 -6.67 -32.16 12.99
C GLY B 66 -7.20 -32.28 11.58
N LYS B 67 -8.53 -32.13 11.43
CA LYS B 67 -9.22 -32.21 10.14
C LYS B 67 -9.14 -30.89 9.37
N ALA B 68 -9.61 -29.80 10.00
CA ALA B 68 -9.68 -28.50 9.37
C ALA B 68 -8.59 -27.50 9.74
N THR B 69 -8.16 -26.72 8.72
CA THR B 69 -7.19 -25.66 8.85
C THR B 69 -7.71 -24.43 8.10
N ILE B 70 -8.10 -23.39 8.88
CA ILE B 70 -8.62 -22.13 8.35
C ILE B 70 -7.48 -21.09 8.32
N THR B 71 -7.26 -20.48 7.14
CA THR B 71 -6.25 -19.46 6.88
C THR B 71 -6.86 -18.29 6.13
N ALA B 72 -6.18 -17.15 6.11
CA ALA B 72 -6.63 -15.97 5.39
C ALA B 72 -5.48 -15.31 4.64
N ASP B 73 -5.80 -14.73 3.46
CA ASP B 73 -4.87 -13.99 2.62
C ASP B 73 -5.47 -12.61 2.35
N THR B 74 -5.00 -11.59 3.10
CA THR B 74 -5.50 -10.21 2.97
C THR B 74 -5.23 -9.61 1.59
N SER B 75 -4.06 -9.95 0.98
CA SER B 75 -3.62 -9.52 -0.35
C SER B 75 -4.64 -9.84 -1.42
N SER B 76 -5.21 -11.06 -1.40
CA SER B 76 -6.23 -11.50 -2.36
C SER B 76 -7.63 -11.41 -1.78
N ASN B 77 -7.75 -10.93 -0.51
CA ASN B 77 -9.02 -10.79 0.22
C ASN B 77 -9.79 -12.12 0.21
N THR B 78 -9.05 -13.20 0.52
CA THR B 78 -9.58 -14.56 0.49
C THR B 78 -9.30 -15.30 1.78
N ALA B 79 -10.30 -16.07 2.24
CA ALA B 79 -10.20 -16.94 3.41
C ALA B 79 -10.28 -18.36 2.87
N TYR B 80 -9.55 -19.28 3.51
CA TYR B 80 -9.45 -20.66 3.06
C TYR B 80 -9.82 -21.67 4.13
N LEU B 81 -10.23 -22.86 3.68
CA LEU B 81 -10.51 -24.02 4.52
C LEU B 81 -9.80 -25.21 3.91
N GLN B 82 -8.91 -25.84 4.68
CA GLN B 82 -8.21 -27.03 4.22
C GLN B 82 -8.67 -28.23 5.02
N LEU B 83 -9.10 -29.27 4.32
CA LEU B 83 -9.52 -30.51 4.96
C LEU B 83 -8.51 -31.58 4.59
N SER B 84 -7.88 -32.19 5.60
CA SER B 84 -6.84 -33.19 5.43
C SER B 84 -7.32 -34.60 5.80
N SER B 85 -6.61 -35.65 5.29
CA SER B 85 -6.91 -37.08 5.50
C SER B 85 -8.40 -37.34 5.24
N LEU B 86 -8.85 -36.95 4.04
CA LEU B 86 -10.26 -37.05 3.64
C LEU B 86 -10.86 -38.46 3.69
N THR B 87 -12.07 -38.55 4.27
CA THR B 87 -12.89 -39.77 4.36
C THR B 87 -14.26 -39.46 3.77
N SER B 88 -15.12 -40.48 3.63
CA SER B 88 -16.49 -40.33 3.13
C SER B 88 -17.30 -39.42 4.05
N GLU B 89 -16.91 -39.31 5.34
CA GLU B 89 -17.57 -38.43 6.33
C GLU B 89 -17.35 -36.94 6.01
N ASP B 90 -16.33 -36.61 5.19
CA ASP B 90 -16.04 -35.24 4.79
C ASP B 90 -16.83 -34.80 3.53
N THR B 91 -17.58 -35.74 2.89
CA THR B 91 -18.44 -35.44 1.75
C THR B 91 -19.60 -34.61 2.30
N ALA B 92 -19.68 -33.35 1.87
CA ALA B 92 -20.65 -32.35 2.34
C ALA B 92 -20.55 -31.07 1.52
N VAL B 93 -21.46 -30.14 1.78
CA VAL B 93 -21.43 -28.78 1.22
C VAL B 93 -20.82 -27.92 2.34
N TYR B 94 -19.79 -27.13 2.00
CA TYR B 94 -19.11 -26.27 2.95
C TYR B 94 -19.41 -24.84 2.63
N TYR B 95 -19.91 -24.10 3.62
CA TYR B 95 -20.23 -22.68 3.46
C TYR B 95 -19.24 -21.83 4.21
N CYS B 96 -18.94 -20.65 3.68
CA CYS B 96 -18.18 -19.64 4.42
C CYS B 96 -19.23 -18.61 4.78
N ALA B 97 -19.14 -18.08 5.98
CA ALA B 97 -20.05 -17.07 6.46
C ALA B 97 -19.24 -16.03 7.16
N SER B 98 -19.69 -14.79 7.16
CA SER B 98 -18.95 -13.75 7.88
C SER B 98 -19.79 -13.21 9.03
N GLU B 99 -19.14 -13.06 10.21
CA GLU B 99 -19.70 -12.44 11.41
C GLU B 99 -19.07 -11.05 11.42
N GLY B 100 -19.90 -10.05 11.15
CA GLY B 100 -19.48 -8.67 11.11
C GLY B 100 -19.25 -8.06 12.48
N HIS B 101 -18.54 -6.92 12.49
CA HIS B 101 -18.22 -6.16 13.69
C HIS B 101 -19.03 -4.87 13.66
N TYR B 102 -20.18 -4.87 14.36
CA TYR B 102 -21.11 -3.73 14.35
C TYR B 102 -21.26 -2.95 15.65
N GLY B 103 -20.20 -2.93 16.46
CA GLY B 103 -20.18 -2.16 17.70
C GLY B 103 -20.73 -2.86 18.92
N TYR B 104 -20.79 -4.19 18.87
CA TYR B 104 -21.26 -5.04 19.95
C TYR B 104 -20.20 -6.09 20.21
N ASP B 105 -20.28 -6.75 21.39
CA ASP B 105 -19.40 -7.85 21.75
C ASP B 105 -19.93 -9.08 21.00
N GLY B 106 -19.51 -9.27 19.75
CA GLY B 106 -19.97 -10.37 18.93
C GLY B 106 -21.14 -10.02 18.03
N TYR B 107 -21.58 -11.00 17.20
CA TYR B 107 -22.68 -10.84 16.24
C TYR B 107 -23.03 -12.18 15.62
N ALA B 108 -24.08 -12.19 14.79
CA ALA B 108 -24.57 -13.34 14.05
C ALA B 108 -23.80 -13.45 12.74
N MET B 109 -24.06 -14.49 11.93
CA MET B 109 -23.42 -14.68 10.63
C MET B 109 -24.34 -14.02 9.58
N ASP B 110 -24.10 -12.73 9.29
CA ASP B 110 -24.92 -11.92 8.40
C ASP B 110 -24.76 -12.12 6.89
N TYR B 111 -23.61 -12.67 6.46
CA TYR B 111 -23.34 -12.99 5.07
C TYR B 111 -22.95 -14.45 4.95
N TRP B 112 -23.44 -15.11 3.89
CA TRP B 112 -23.16 -16.51 3.59
C TRP B 112 -22.75 -16.68 2.13
N GLY B 113 -21.84 -17.61 1.87
CA GLY B 113 -21.40 -17.95 0.52
C GLY B 113 -22.37 -18.92 -0.14
N GLN B 114 -22.21 -19.16 -1.44
CA GLN B 114 -23.11 -20.06 -2.18
C GLN B 114 -22.94 -21.55 -1.82
N GLY B 115 -21.80 -21.88 -1.22
CA GLY B 115 -21.45 -23.24 -0.83
C GLY B 115 -20.49 -23.89 -1.81
N THR B 116 -19.74 -24.89 -1.31
CA THR B 116 -18.79 -25.67 -2.12
C THR B 116 -19.03 -27.15 -1.85
N THR B 117 -19.37 -27.91 -2.89
CA THR B 117 -19.57 -29.35 -2.80
C THR B 117 -18.24 -30.07 -2.81
N VAL B 118 -18.02 -30.91 -1.81
CA VAL B 118 -16.83 -31.74 -1.75
C VAL B 118 -17.37 -33.16 -1.77
N THR B 119 -16.87 -33.98 -2.68
CA THR B 119 -17.23 -35.40 -2.77
C THR B 119 -15.95 -36.24 -2.63
N VAL B 120 -15.91 -37.10 -1.61
CA VAL B 120 -14.75 -37.95 -1.34
C VAL B 120 -15.07 -39.36 -1.80
N SER B 121 -14.34 -39.85 -2.82
CA SER B 121 -14.55 -41.19 -3.37
C SER B 121 -13.29 -41.77 -4.03
N SER B 122 -13.13 -43.09 -3.95
CA SER B 122 -12.01 -43.83 -4.57
C SER B 122 -12.33 -44.17 -6.01
N ALA B 123 -13.63 -44.09 -6.36
CA ALA B 123 -14.18 -44.42 -7.68
C ALA B 123 -13.65 -43.55 -8.81
N LYS B 124 -13.63 -44.16 -10.02
CA LYS B 124 -13.25 -43.49 -11.25
C LYS B 124 -14.52 -43.40 -12.12
N THR B 125 -14.48 -42.58 -13.19
CA THR B 125 -15.62 -42.41 -14.10
C THR B 125 -16.11 -43.77 -14.61
N THR B 126 -17.35 -44.10 -14.24
CA THR B 126 -17.99 -45.34 -14.59
C THR B 126 -19.34 -45.01 -15.22
N PRO B 127 -19.68 -45.54 -16.42
CA PRO B 127 -21.00 -45.22 -17.00
C PRO B 127 -22.12 -46.03 -16.33
N PRO B 128 -23.38 -45.58 -16.39
CA PRO B 128 -24.45 -46.34 -15.75
C PRO B 128 -24.97 -47.50 -16.59
N SER B 129 -25.54 -48.49 -15.90
CA SER B 129 -26.23 -49.58 -16.53
C SER B 129 -27.69 -49.16 -16.45
N VAL B 130 -28.38 -49.11 -17.57
CA VAL B 130 -29.78 -48.69 -17.59
C VAL B 130 -30.71 -49.91 -17.74
N TYR B 131 -31.48 -50.19 -16.68
CA TYR B 131 -32.40 -51.33 -16.65
C TYR B 131 -33.85 -50.90 -16.69
N PRO B 132 -34.69 -51.56 -17.51
CA PRO B 132 -36.11 -51.17 -17.57
C PRO B 132 -36.92 -51.73 -16.39
N LEU B 133 -37.91 -50.96 -15.91
CA LEU B 133 -38.77 -51.45 -14.84
C LEU B 133 -40.20 -51.57 -15.35
N ALA B 134 -40.59 -52.80 -15.71
CA ALA B 134 -41.90 -53.16 -16.22
C ALA B 134 -42.60 -54.01 -15.16
N PRO B 135 -43.94 -53.86 -14.97
CA PRO B 135 -44.63 -54.70 -13.98
C PRO B 135 -44.58 -56.19 -14.31
N GLY B 136 -44.66 -57.03 -13.28
CA GLY B 136 -44.64 -58.47 -13.41
C GLY B 136 -45.73 -58.95 -14.35
N SER B 137 -45.44 -60.04 -15.10
CA SER B 137 -46.33 -60.68 -16.08
C SER B 137 -47.80 -60.88 -15.63
N ALA B 138 -48.02 -61.13 -14.31
CA ALA B 138 -49.32 -61.29 -13.67
C ALA B 138 -49.65 -60.11 -12.70
N ALA B 139 -50.17 -59.01 -13.27
CA ALA B 139 -50.62 -57.82 -12.53
C ALA B 139 -51.86 -57.27 -13.29
N GLN B 140 -51.98 -55.92 -13.47
CA GLN B 140 -53.04 -55.19 -14.22
C GLN B 140 -54.49 -55.25 -13.70
N THR B 141 -55.03 -54.04 -13.38
CA THR B 141 -56.40 -53.78 -12.91
C THR B 141 -56.70 -52.28 -13.15
N ASN B 142 -55.77 -51.42 -12.69
CA ASN B 142 -55.79 -49.95 -12.70
C ASN B 142 -55.95 -49.30 -14.08
N SER B 143 -56.50 -48.06 -14.08
CA SER B 143 -56.70 -47.16 -15.22
C SER B 143 -55.35 -46.51 -15.58
N MET B 144 -54.40 -46.51 -14.62
CA MET B 144 -53.04 -45.97 -14.74
C MET B 144 -52.04 -47.12 -14.60
N VAL B 145 -50.82 -46.93 -15.13
CA VAL B 145 -49.72 -47.90 -15.07
C VAL B 145 -48.41 -47.18 -14.77
N THR B 146 -47.67 -47.68 -13.76
CA THR B 146 -46.39 -47.15 -13.34
C THR B 146 -45.26 -47.98 -13.89
N LEU B 147 -44.32 -47.29 -14.52
CA LEU B 147 -43.13 -47.90 -15.11
C LEU B 147 -41.94 -47.18 -14.58
N GLY B 148 -40.81 -47.84 -14.63
CA GLY B 148 -39.58 -47.25 -14.13
C GLY B 148 -38.38 -47.50 -14.99
N CYS B 149 -37.28 -46.95 -14.54
CA CYS B 149 -35.99 -46.95 -15.19
C CYS B 149 -34.99 -47.02 -14.03
N LEU B 150 -34.13 -48.04 -13.99
CA LEU B 150 -33.11 -48.18 -12.95
C LEU B 150 -31.72 -47.86 -13.51
N VAL B 151 -31.14 -46.76 -13.05
CA VAL B 151 -29.82 -46.25 -13.44
C VAL B 151 -28.84 -46.68 -12.35
N LYS B 152 -28.12 -47.77 -12.59
CA LYS B 152 -27.21 -48.42 -11.64
C LYS B 152 -25.71 -48.33 -11.95
N GLY B 153 -24.94 -48.22 -10.87
CA GLY B 153 -23.48 -48.24 -10.85
C GLY B 153 -22.69 -47.22 -11.66
N TYR B 154 -23.02 -45.93 -11.51
CA TYR B 154 -22.30 -44.88 -12.21
C TYR B 154 -21.51 -43.98 -11.27
N PHE B 155 -20.51 -43.31 -11.81
CA PHE B 155 -19.71 -42.36 -11.08
C PHE B 155 -19.10 -41.38 -12.07
N PRO B 156 -19.17 -40.06 -11.83
CA PRO B 156 -19.78 -39.36 -10.69
C PRO B 156 -21.21 -38.94 -10.97
N GLU B 157 -21.75 -38.07 -10.10
CA GLU B 157 -23.04 -37.44 -10.25
C GLU B 157 -22.78 -36.23 -11.20
N PRO B 158 -23.71 -35.71 -12.03
CA PRO B 158 -25.11 -36.09 -12.19
C PRO B 158 -25.39 -37.06 -13.33
N VAL B 159 -26.65 -37.38 -13.46
CA VAL B 159 -27.25 -38.20 -14.47
C VAL B 159 -28.58 -37.49 -14.74
N THR B 160 -29.00 -37.40 -16.00
CA THR B 160 -30.28 -36.75 -16.34
C THR B 160 -31.23 -37.79 -16.91
N VAL B 161 -32.45 -37.88 -16.38
CA VAL B 161 -33.44 -38.84 -16.85
C VAL B 161 -34.68 -38.14 -17.38
N THR B 162 -34.96 -38.32 -18.67
CA THR B 162 -36.18 -37.82 -19.33
C THR B 162 -36.98 -39.05 -19.80
N TRP B 163 -38.26 -38.86 -20.10
CA TRP B 163 -39.14 -39.91 -20.58
C TRP B 163 -39.73 -39.42 -21.87
N ASN B 164 -39.56 -40.21 -22.94
CA ASN B 164 -40.03 -39.91 -24.29
C ASN B 164 -39.53 -38.53 -24.75
N SER B 165 -38.24 -38.27 -24.47
CA SER B 165 -37.48 -37.04 -24.81
C SER B 165 -38.06 -35.75 -24.23
N GLY B 166 -38.71 -35.86 -23.08
CA GLY B 166 -39.32 -34.74 -22.39
C GLY B 166 -40.81 -34.61 -22.57
N SER B 167 -41.40 -35.37 -23.54
CA SER B 167 -42.84 -35.41 -23.85
C SER B 167 -43.66 -35.85 -22.64
N LEU B 168 -43.16 -36.84 -21.87
CA LEU B 168 -43.79 -37.27 -20.63
C LEU B 168 -43.09 -36.49 -19.55
N SER B 169 -43.77 -35.46 -19.05
CA SER B 169 -43.24 -34.59 -18.01
C SER B 169 -44.06 -34.81 -16.77
N SER B 170 -45.39 -34.86 -16.92
CA SER B 170 -46.33 -35.11 -15.83
C SER B 170 -46.32 -36.61 -15.53
N GLY B 171 -46.42 -36.96 -14.26
CA GLY B 171 -46.43 -38.35 -13.82
C GLY B 171 -45.04 -38.90 -13.63
N VAL B 172 -44.06 -38.05 -13.89
CA VAL B 172 -42.65 -38.35 -13.81
C VAL B 172 -42.06 -37.73 -12.56
N HIS B 173 -41.27 -38.52 -11.87
CA HIS B 173 -40.45 -38.09 -10.76
C HIS B 173 -39.25 -38.99 -10.60
N THR B 174 -38.07 -38.36 -10.47
CA THR B 174 -36.81 -39.07 -10.31
C THR B 174 -36.39 -39.05 -8.85
N PHE B 175 -35.98 -40.21 -8.35
CA PHE B 175 -35.53 -40.35 -6.96
C PHE B 175 -34.07 -39.96 -6.80
N PRO B 176 -33.71 -39.27 -5.70
CA PRO B 176 -32.30 -38.89 -5.49
C PRO B 176 -31.36 -40.09 -5.50
N ALA B 177 -30.14 -39.92 -6.02
CA ALA B 177 -29.19 -41.02 -6.11
C ALA B 177 -28.65 -41.41 -4.75
N VAL B 178 -28.39 -42.70 -4.55
CA VAL B 178 -27.84 -43.27 -3.33
C VAL B 178 -26.52 -43.99 -3.63
N LEU B 179 -25.54 -43.89 -2.72
CA LEU B 179 -24.23 -44.51 -2.89
C LEU B 179 -24.28 -45.99 -2.44
N GLN B 180 -24.27 -46.93 -3.45
CA GLN B 180 -24.30 -48.40 -3.42
C GLN B 180 -22.92 -48.90 -3.94
N SER B 181 -22.13 -49.57 -3.06
CA SER B 181 -20.72 -49.96 -3.25
C SER B 181 -19.94 -48.64 -3.06
N ASP B 182 -19.31 -48.12 -4.13
CA ASP B 182 -18.62 -46.82 -4.09
C ASP B 182 -19.10 -45.96 -5.28
N LEU B 183 -20.17 -46.49 -5.95
CA LEU B 183 -20.91 -46.01 -7.12
C LEU B 183 -22.36 -45.63 -6.78
N TYR B 184 -23.00 -44.83 -7.65
CA TYR B 184 -24.39 -44.36 -7.46
C TYR B 184 -25.39 -45.21 -8.17
N THR B 185 -26.60 -45.18 -7.63
CA THR B 185 -27.78 -45.88 -8.14
C THR B 185 -28.94 -44.90 -7.99
N LEU B 186 -29.81 -44.89 -8.98
CA LEU B 186 -30.94 -43.97 -9.08
C LEU B 186 -32.06 -44.68 -9.82
N SER B 187 -33.29 -44.24 -9.60
CA SER B 187 -34.45 -44.75 -10.31
C SER B 187 -35.42 -43.63 -10.63
N SER B 188 -36.13 -43.77 -11.75
CA SER B 188 -37.12 -42.80 -12.20
C SER B 188 -38.38 -43.55 -12.43
N SER B 189 -39.50 -42.90 -12.05
CA SER B 189 -40.86 -43.42 -12.12
C SER B 189 -41.65 -42.59 -13.11
N VAL B 190 -42.49 -43.26 -13.92
CA VAL B 190 -43.40 -42.64 -14.88
C VAL B 190 -44.78 -43.31 -14.76
N THR B 191 -45.84 -42.50 -14.70
CA THR B 191 -47.21 -42.99 -14.64
C THR B 191 -47.97 -42.55 -15.87
N VAL B 192 -48.46 -43.52 -16.63
CA VAL B 192 -49.21 -43.30 -17.87
C VAL B 192 -50.55 -44.03 -17.80
N PRO B 193 -51.59 -43.62 -18.57
CA PRO B 193 -52.85 -44.40 -18.58
C PRO B 193 -52.59 -45.84 -19.03
N SER B 194 -53.42 -46.79 -18.60
CA SER B 194 -53.29 -48.20 -18.97
C SER B 194 -53.52 -48.39 -20.48
N SER B 195 -54.28 -47.46 -21.10
CA SER B 195 -54.57 -47.43 -22.52
C SER B 195 -53.28 -47.24 -23.36
N PRO B 196 -52.40 -46.20 -23.19
CA PRO B 196 -51.20 -46.09 -24.01
C PRO B 196 -50.04 -47.04 -23.70
N ARG B 197 -50.14 -47.96 -22.73
CA ARG B 197 -48.99 -48.85 -22.49
C ARG B 197 -49.44 -50.23 -22.05
N PRO B 198 -49.02 -51.31 -22.76
CA PRO B 198 -47.96 -51.37 -23.78
C PRO B 198 -48.27 -51.07 -25.24
N SER B 199 -49.50 -50.61 -25.57
CA SER B 199 -49.90 -50.31 -26.94
C SER B 199 -49.09 -49.15 -27.60
N GLU B 200 -48.61 -48.22 -26.79
CA GLU B 200 -47.77 -47.13 -27.27
C GLU B 200 -46.39 -47.20 -26.59
N THR B 201 -45.47 -46.31 -27.00
CA THR B 201 -44.09 -46.30 -26.54
C THR B 201 -43.80 -45.46 -25.30
N VAL B 202 -43.13 -46.10 -24.32
CA VAL B 202 -42.64 -45.43 -23.12
C VAL B 202 -41.14 -45.76 -23.07
N THR B 203 -40.29 -44.74 -23.21
CA THR B 203 -38.84 -44.87 -23.26
C THR B 203 -38.18 -43.92 -22.28
N CYS B 204 -37.21 -44.39 -21.49
CA CYS B 204 -36.44 -43.47 -20.65
C CYS B 204 -35.13 -43.15 -21.34
N ASN B 205 -34.78 -41.87 -21.31
CA ASN B 205 -33.56 -41.35 -21.90
C ASN B 205 -32.66 -40.94 -20.75
N VAL B 206 -31.56 -41.69 -20.58
CA VAL B 206 -30.57 -41.47 -19.54
C VAL B 206 -29.29 -40.89 -20.17
N ALA B 207 -28.75 -39.82 -19.56
CA ALA B 207 -27.53 -39.13 -19.97
C ALA B 207 -26.60 -38.96 -18.78
N HIS B 208 -25.36 -39.46 -18.91
CA HIS B 208 -24.30 -39.36 -17.92
C HIS B 208 -23.18 -38.55 -18.58
N PRO B 209 -23.20 -37.21 -18.45
CA PRO B 209 -22.20 -36.37 -19.14
C PRO B 209 -20.74 -36.77 -18.93
N ALA B 210 -20.36 -37.09 -17.69
CA ALA B 210 -19.01 -37.46 -17.27
C ALA B 210 -18.38 -38.61 -18.05
N SER B 211 -19.16 -39.64 -18.40
CA SER B 211 -18.66 -40.79 -19.16
C SER B 211 -18.99 -40.62 -20.64
N SER B 212 -19.58 -39.46 -21.03
CA SER B 212 -20.00 -39.15 -22.39
C SER B 212 -20.94 -40.24 -22.97
N THR B 213 -21.91 -40.69 -22.13
CA THR B 213 -22.88 -41.74 -22.46
C THR B 213 -24.31 -41.21 -22.50
N LYS B 214 -25.08 -41.67 -23.48
CA LYS B 214 -26.51 -41.44 -23.63
C LYS B 214 -27.08 -42.81 -23.91
N VAL B 215 -28.10 -43.21 -23.16
CA VAL B 215 -28.78 -44.51 -23.29
C VAL B 215 -30.28 -44.28 -23.38
N ASP B 216 -30.95 -44.99 -24.27
CA ASP B 216 -32.39 -44.94 -24.46
C ASP B 216 -32.91 -46.35 -24.25
N LYS B 217 -33.83 -46.52 -23.31
CA LYS B 217 -34.39 -47.83 -23.01
C LYS B 217 -35.90 -47.84 -23.14
N LYS B 218 -36.42 -48.61 -24.11
CA LYS B 218 -37.84 -48.77 -24.31
C LYS B 218 -38.35 -49.74 -23.24
N ILE B 219 -39.44 -49.35 -22.56
CA ILE B 219 -40.06 -50.18 -21.54
C ILE B 219 -41.02 -51.10 -22.28
N VAL B 220 -40.62 -52.37 -22.35
CA VAL B 220 -41.33 -53.45 -23.05
C VAL B 220 -41.94 -54.42 -21.99
N PRO B 221 -43.19 -54.94 -22.19
CA PRO B 221 -43.76 -55.87 -21.21
C PRO B 221 -42.93 -57.15 -20.99
N ARG B 222 -42.80 -57.56 -19.70
CA ARG B 222 -42.01 -58.70 -19.21
C ARG B 222 -42.28 -59.96 -20.05
N ASP B 223 -41.19 -60.58 -20.59
CA ASP B 223 -41.10 -61.76 -21.47
C ASP B 223 -42.42 -62.49 -21.81
N CYS B 224 -43.10 -63.01 -20.75
CA CYS B 224 -44.37 -63.74 -20.83
C CYS B 224 -45.60 -62.78 -20.85
N ASP C 1 11.30 -1.58 43.14
CA ASP C 1 11.34 -2.87 42.46
C ASP C 1 9.91 -3.36 42.16
N SER C 2 9.41 -3.10 40.93
CA SER C 2 8.04 -3.45 40.50
C SER C 2 7.89 -3.88 39.03
N ASP C 3 6.98 -4.85 38.82
CA ASP C 3 6.56 -5.39 37.53
C ASP C 3 5.04 -5.11 37.38
N ILE C 4 4.71 -3.99 36.70
CA ILE C 4 3.33 -3.55 36.52
C ILE C 4 2.73 -3.96 35.16
N ALA C 5 1.79 -4.92 35.22
CA ALA C 5 1.11 -5.41 34.02
C ALA C 5 -0.23 -4.75 33.83
N PHE C 6 -0.62 -4.59 32.56
CA PHE C 6 -1.92 -4.09 32.17
C PHE C 6 -2.58 -5.18 31.35
N LEU C 7 -3.86 -5.44 31.62
CA LEU C 7 -4.70 -6.38 30.90
C LEU C 7 -5.90 -5.56 30.46
N ILE C 8 -5.88 -5.07 29.21
CA ILE C 8 -6.91 -4.19 28.66
C ILE C 8 -7.95 -4.89 27.78
N ASP C 9 -9.23 -4.59 28.01
CA ASP C 9 -10.37 -5.13 27.27
C ASP C 9 -10.44 -4.45 25.90
N GLY C 10 -10.43 -5.27 24.84
CA GLY C 10 -10.49 -4.76 23.47
C GLY C 10 -11.70 -5.24 22.72
N SER C 11 -12.77 -5.60 23.46
CA SER C 11 -14.04 -6.13 22.95
C SER C 11 -14.81 -5.11 22.11
N GLY C 12 -15.65 -5.62 21.22
CA GLY C 12 -16.41 -4.84 20.26
C GLY C 12 -17.18 -3.62 20.72
N SER C 13 -17.75 -3.68 21.95
CA SER C 13 -18.56 -2.59 22.51
C SER C 13 -17.80 -1.29 22.71
N ILE C 14 -16.47 -1.37 22.94
CA ILE C 14 -15.58 -0.20 23.13
C ILE C 14 -15.35 0.47 21.77
N ILE C 15 -15.99 1.63 21.55
CA ILE C 15 -15.87 2.40 20.30
C ILE C 15 -14.42 2.91 20.10
N PRO C 16 -13.93 3.10 18.84
CA PRO C 16 -12.53 3.53 18.65
C PRO C 16 -12.00 4.69 19.51
N HIS C 17 -12.81 5.74 19.72
CA HIS C 17 -12.42 6.89 20.52
C HIS C 17 -12.16 6.53 21.97
N ASP C 18 -12.96 5.60 22.51
CA ASP C 18 -12.87 5.10 23.87
C ASP C 18 -11.64 4.19 24.03
N PHE C 19 -11.35 3.35 23.00
CA PHE C 19 -10.14 2.53 23.01
C PHE C 19 -8.88 3.45 22.98
N ARG C 20 -8.96 4.57 22.22
CA ARG C 20 -7.91 5.60 22.14
C ARG C 20 -7.69 6.27 23.53
N ARG C 21 -8.80 6.61 24.21
CA ARG C 21 -8.82 7.20 25.55
C ARG C 21 -8.16 6.26 26.58
N MET C 22 -8.42 4.94 26.47
CA MET C 22 -7.85 3.94 27.37
C MET C 22 -6.36 3.86 27.13
N LYS C 23 -5.93 3.87 25.85
CA LYS C 23 -4.50 3.79 25.52
C LYS C 23 -3.78 5.01 26.10
N GLU C 24 -4.40 6.19 25.96
CA GLU C 24 -3.95 7.44 26.52
C GLU C 24 -3.78 7.31 28.03
N PHE C 25 -4.79 6.76 28.72
CA PHE C 25 -4.77 6.49 30.17
C PHE C 25 -3.60 5.56 30.56
N VAL C 26 -3.42 4.43 29.85
CA VAL C 26 -2.36 3.44 30.10
C VAL C 26 -0.99 4.11 30.00
N SER C 27 -0.78 4.93 28.94
CA SER C 27 0.43 5.68 28.64
C SER C 27 0.79 6.62 29.77
N THR C 28 -0.18 7.45 30.17
CA THR C 28 -0.04 8.44 31.24
C THR C 28 0.36 7.79 32.57
N VAL C 29 -0.24 6.63 32.91
CA VAL C 29 0.03 5.84 34.11
C VAL C 29 1.50 5.44 34.12
N MET C 30 1.98 4.83 33.02
CA MET C 30 3.37 4.40 32.83
C MET C 30 4.33 5.57 32.98
N GLU C 31 3.96 6.77 32.50
CA GLU C 31 4.79 7.98 32.59
C GLU C 31 4.84 8.53 34.02
N GLN C 32 3.72 8.46 34.75
CA GLN C 32 3.60 8.92 36.13
C GLN C 32 4.23 7.96 37.16
N LEU C 33 4.25 6.63 36.87
CA LEU C 33 4.80 5.61 37.74
C LEU C 33 6.25 5.23 37.36
N LYS C 34 6.87 6.06 36.48
CA LYS C 34 8.23 5.90 35.97
C LYS C 34 9.23 5.90 37.12
N LYS C 35 9.82 4.73 37.42
CA LYS C 35 10.84 4.51 38.45
C LYS C 35 11.96 3.66 37.86
N SER C 36 13.17 3.74 38.45
CA SER C 36 14.35 3.01 37.99
C SER C 36 14.34 1.46 38.06
N LYS C 37 13.43 0.87 38.84
CA LYS C 37 13.28 -0.58 38.98
C LYS C 37 11.82 -1.01 38.65
N THR C 38 11.07 -0.09 37.99
CA THR C 38 9.68 -0.27 37.58
C THR C 38 9.55 -0.58 36.06
N LEU C 39 9.15 -1.84 35.77
CA LEU C 39 8.91 -2.38 34.42
C LEU C 39 7.41 -2.51 34.19
N PHE C 40 6.97 -2.39 32.93
CA PHE C 40 5.58 -2.49 32.54
C PHE C 40 5.42 -3.47 31.38
N SER C 41 4.28 -4.18 31.36
CA SER C 41 3.87 -5.14 30.32
C SER C 41 2.40 -4.94 29.99
N LEU C 42 1.99 -5.25 28.75
CA LEU C 42 0.60 -5.12 28.36
C LEU C 42 0.10 -6.28 27.53
N MET C 43 -1.12 -6.72 27.86
CA MET C 43 -1.87 -7.72 27.13
C MET C 43 -3.29 -7.21 26.88
N GLN C 44 -3.76 -7.32 25.64
CA GLN C 44 -5.12 -6.98 25.25
C GLN C 44 -5.90 -8.28 25.14
N TYR C 45 -7.15 -8.26 25.60
CA TYR C 45 -7.99 -9.44 25.56
C TYR C 45 -9.41 -9.07 25.10
N SER C 46 -10.10 -10.08 24.59
CA SER C 46 -11.51 -10.10 24.16
C SER C 46 -11.85 -11.60 24.16
N GLU C 47 -11.93 -12.21 22.98
CA GLU C 47 -12.11 -13.65 22.79
C GLU C 47 -10.75 -14.17 22.26
N GLU C 48 -9.87 -13.22 21.90
CA GLU C 48 -8.49 -13.42 21.45
C GLU C 48 -7.59 -12.66 22.42
N PHE C 49 -6.33 -13.09 22.53
CA PHE C 49 -5.39 -12.55 23.51
C PHE C 49 -4.06 -12.19 22.85
N ARG C 50 -3.61 -10.95 23.02
CA ARG C 50 -2.40 -10.44 22.39
C ARG C 50 -1.50 -9.68 23.34
N ILE C 51 -0.23 -10.13 23.44
CA ILE C 51 0.80 -9.45 24.24
C ILE C 51 1.34 -8.35 23.32
N HIS C 52 1.18 -7.09 23.74
CA HIS C 52 1.63 -5.93 22.98
C HIS C 52 3.07 -5.53 23.31
N PHE C 53 3.53 -5.86 24.52
CA PHE C 53 4.91 -5.69 24.96
C PHE C 53 5.19 -6.43 26.25
N THR C 54 6.32 -7.15 26.30
CA THR C 54 6.80 -7.90 27.46
C THR C 54 7.62 -6.94 28.33
N PHE C 55 7.88 -7.30 29.60
CA PHE C 55 8.71 -6.48 30.49
C PHE C 55 10.10 -6.24 29.81
N LYS C 56 10.70 -7.33 29.23
CA LYS C 56 11.97 -7.34 28.50
C LYS C 56 11.93 -6.34 27.34
N GLU C 57 10.81 -6.34 26.58
CA GLU C 57 10.58 -5.43 25.44
C GLU C 57 10.51 -3.98 25.93
N PHE C 58 9.94 -3.76 27.14
CA PHE C 58 9.86 -2.41 27.75
C PHE C 58 11.23 -1.98 28.22
N GLN C 59 12.02 -2.90 28.81
CA GLN C 59 13.38 -2.64 29.29
C GLN C 59 14.28 -2.13 28.14
N ASN C 60 14.17 -2.76 26.95
CA ASN C 60 14.93 -2.42 25.75
C ASN C 60 14.38 -1.19 24.97
N ASN C 61 13.20 -0.68 25.38
CA ASN C 61 12.55 0.53 24.82
C ASN C 61 11.64 1.14 25.91
N PRO C 62 12.20 1.83 26.94
CA PRO C 62 11.33 2.34 28.01
C PRO C 62 10.57 3.62 27.68
N ASN C 63 9.98 3.66 26.47
CA ASN C 63 9.18 4.78 25.96
C ASN C 63 7.71 4.32 25.94
N PRO C 64 6.89 4.75 26.95
CA PRO C 64 5.49 4.31 27.01
C PRO C 64 4.65 4.58 25.77
N ARG C 65 4.71 5.79 25.24
CA ARG C 65 3.93 6.19 24.07
C ARG C 65 4.38 5.50 22.78
N SER C 66 5.65 5.06 22.71
CA SER C 66 6.21 4.37 21.55
C SER C 66 5.62 2.95 21.47
N LEU C 67 5.33 2.35 22.64
CA LEU C 67 4.82 1.00 22.81
C LEU C 67 3.28 0.86 22.77
N VAL C 68 2.56 1.94 23.15
CA VAL C 68 1.12 1.98 23.25
C VAL C 68 0.46 2.47 21.98
N LYS C 69 1.10 3.41 21.28
CA LYS C 69 0.62 3.93 19.98
C LYS C 69 0.22 2.82 18.97
N PRO C 70 1.09 1.82 18.64
CA PRO C 70 0.70 0.81 17.63
C PRO C 70 -0.45 -0.14 17.99
N ILE C 71 -0.78 -0.29 19.30
CA ILE C 71 -1.83 -1.19 19.81
C ILE C 71 -3.14 -1.00 19.04
N THR C 72 -3.61 -2.07 18.38
CA THR C 72 -4.85 -2.12 17.59
C THR C 72 -5.89 -3.00 18.30
N GLN C 73 -7.17 -2.59 18.25
CA GLN C 73 -8.28 -3.28 18.92
C GLN C 73 -8.61 -4.64 18.30
N LEU C 74 -8.76 -5.67 19.16
CA LEU C 74 -9.06 -7.05 18.76
C LEU C 74 -10.50 -7.24 18.31
N LEU C 75 -11.43 -6.65 19.08
CA LEU C 75 -12.89 -6.73 18.94
C LEU C 75 -13.39 -8.13 19.34
N GLY C 76 -14.70 -8.33 19.34
CA GLY C 76 -15.26 -9.62 19.75
C GLY C 76 -15.84 -9.64 21.15
N ARG C 77 -16.02 -10.85 21.72
CA ARG C 77 -16.60 -11.17 23.02
C ARG C 77 -15.65 -10.89 24.19
N THR C 78 -16.04 -11.19 25.47
CA THR C 78 -15.24 -10.91 26.67
C THR C 78 -14.91 -12.15 27.52
N HIS C 79 -13.63 -12.57 27.46
CA HIS C 79 -13.10 -13.70 28.19
C HIS C 79 -12.04 -13.22 29.20
N THR C 80 -12.51 -12.57 30.28
CA THR C 80 -11.65 -11.98 31.30
C THR C 80 -10.81 -12.99 32.05
N ALA C 81 -11.41 -14.11 32.53
CA ALA C 81 -10.69 -15.15 33.27
C ALA C 81 -9.51 -15.71 32.48
N THR C 82 -9.72 -16.09 31.20
CA THR C 82 -8.66 -16.60 30.31
C THR C 82 -7.55 -15.56 30.15
N GLY C 83 -7.93 -14.29 30.09
CA GLY C 83 -7.03 -13.14 30.01
C GLY C 83 -6.16 -13.03 31.24
N ILE C 84 -6.77 -13.14 32.44
CA ILE C 84 -6.08 -13.09 33.74
C ILE C 84 -5.07 -14.23 33.86
N ARG C 85 -5.47 -15.47 33.46
CA ARG C 85 -4.58 -16.64 33.49
C ARG C 85 -3.37 -16.42 32.58
N LYS C 86 -3.62 -15.90 31.36
CA LYS C 86 -2.58 -15.61 30.37
C LYS C 86 -1.61 -14.55 30.86
N VAL C 87 -2.09 -13.54 31.60
CA VAL C 87 -1.25 -12.49 32.19
C VAL C 87 -0.32 -13.12 33.24
N VAL C 88 -0.91 -13.92 34.15
CA VAL C 88 -0.20 -14.63 35.22
C VAL C 88 0.86 -15.59 34.64
N ARG C 89 0.47 -16.45 33.71
CA ARG C 89 1.35 -17.45 33.11
C ARG C 89 2.34 -16.92 32.09
N GLU C 90 1.96 -15.92 31.27
CA GLU C 90 2.82 -15.40 30.21
C GLU C 90 3.58 -14.14 30.56
N LEU C 91 2.88 -13.06 30.99
CA LEU C 91 3.52 -11.78 31.31
C LEU C 91 4.46 -11.89 32.51
N PHE C 92 4.01 -12.59 33.55
CA PHE C 92 4.77 -12.81 34.77
C PHE C 92 5.61 -14.09 34.71
N ASN C 93 6.38 -14.25 33.62
CA ASN C 93 7.30 -15.34 33.35
C ASN C 93 8.69 -14.74 33.10
N ILE C 94 9.74 -15.36 33.68
CA ILE C 94 11.14 -14.93 33.62
C ILE C 94 11.67 -14.79 32.19
N THR C 95 11.16 -15.63 31.25
CA THR C 95 11.53 -15.60 29.83
C THR C 95 11.07 -14.30 29.15
N ASN C 96 9.96 -13.70 29.68
CA ASN C 96 9.37 -12.45 29.17
C ASN C 96 9.87 -11.19 29.90
N GLY C 97 10.97 -11.33 30.64
CA GLY C 97 11.63 -10.26 31.39
C GLY C 97 11.11 -9.97 32.78
N ALA C 98 10.30 -10.88 33.35
CA ALA C 98 9.76 -10.69 34.71
C ALA C 98 10.80 -11.01 35.76
N ARG C 99 10.78 -10.26 36.87
CA ARG C 99 11.70 -10.41 38.01
C ARG C 99 11.08 -11.25 39.12
N LYS C 100 11.88 -12.20 39.66
CA LYS C 100 11.51 -13.16 40.71
C LYS C 100 11.04 -12.52 42.02
N ASN C 101 11.85 -11.60 42.60
CA ASN C 101 11.49 -10.95 43.86
C ASN C 101 10.99 -9.50 43.72
N ALA C 102 10.29 -9.21 42.60
CA ALA C 102 9.69 -7.91 42.32
C ALA C 102 8.21 -7.94 42.68
N PHE C 103 7.60 -6.77 42.91
CA PHE C 103 6.18 -6.64 43.20
C PHE C 103 5.38 -6.93 41.92
N LYS C 104 4.44 -7.89 41.99
CA LYS C 104 3.61 -8.28 40.85
C LYS C 104 2.26 -7.56 40.92
N ILE C 105 2.10 -6.51 40.08
CA ILE C 105 0.87 -5.70 40.04
C ILE C 105 0.17 -5.87 38.69
N LEU C 106 -1.18 -5.92 38.71
CA LEU C 106 -2.00 -6.04 37.51
C LEU C 106 -3.16 -5.06 37.53
N VAL C 107 -3.21 -4.15 36.55
CA VAL C 107 -4.35 -3.23 36.41
C VAL C 107 -5.16 -3.81 35.27
N VAL C 108 -6.45 -4.19 35.55
CA VAL C 108 -7.45 -4.76 34.61
C VAL C 108 -8.45 -3.62 34.24
N ILE C 109 -8.61 -3.29 32.93
CA ILE C 109 -9.57 -2.27 32.48
C ILE C 109 -10.60 -2.89 31.52
N THR C 110 -11.88 -2.93 31.96
CA THR C 110 -13.01 -3.51 31.22
C THR C 110 -14.27 -2.64 31.15
N ASP C 111 -15.03 -2.83 30.07
CA ASP C 111 -16.31 -2.17 29.83
C ASP C 111 -17.55 -3.08 30.05
N GLY C 112 -17.31 -4.36 30.35
CA GLY C 112 -18.38 -5.31 30.58
C GLY C 112 -17.95 -6.58 31.29
N GLU C 113 -18.93 -7.39 31.70
CA GLU C 113 -18.73 -8.67 32.37
C GLU C 113 -18.22 -9.74 31.39
N LYS C 114 -17.47 -10.74 31.89
CA LYS C 114 -17.03 -11.84 31.06
C LYS C 114 -18.25 -12.72 30.72
N PHE C 115 -18.27 -13.32 29.52
CA PHE C 115 -19.35 -14.21 29.08
C PHE C 115 -18.83 -15.23 28.09
N GLY C 116 -19.29 -16.45 28.24
CA GLY C 116 -18.89 -17.56 27.37
C GLY C 116 -17.44 -17.96 27.45
N ASP C 117 -16.77 -17.52 28.54
CA ASP C 117 -15.36 -17.82 28.80
C ASP C 117 -15.22 -19.31 29.17
N PRO C 118 -14.27 -20.06 28.52
CA PRO C 118 -14.08 -21.48 28.90
C PRO C 118 -13.69 -21.63 30.38
N LEU C 119 -13.02 -20.60 30.91
CA LEU C 119 -12.53 -20.53 32.28
C LEU C 119 -13.42 -19.78 33.23
N GLY C 120 -13.44 -20.21 34.48
CA GLY C 120 -14.16 -19.53 35.56
C GLY C 120 -13.18 -18.70 36.37
N TYR C 121 -13.68 -17.69 37.11
CA TYR C 121 -12.75 -16.95 37.96
C TYR C 121 -12.09 -17.85 39.04
N GLU C 122 -12.80 -18.91 39.47
CA GLU C 122 -12.30 -19.92 40.42
C GLU C 122 -11.09 -20.70 39.86
N ASP C 123 -11.00 -20.82 38.53
CA ASP C 123 -9.92 -21.55 37.86
C ASP C 123 -8.69 -20.65 37.67
N VAL C 124 -8.84 -19.34 37.87
CA VAL C 124 -7.83 -18.32 37.59
C VAL C 124 -7.33 -17.50 38.82
N ILE C 125 -8.27 -17.01 39.66
CA ILE C 125 -8.02 -16.19 40.86
C ILE C 125 -7.08 -16.87 41.89
N PRO C 126 -7.30 -18.15 42.31
CA PRO C 126 -6.36 -18.79 43.26
C PRO C 126 -4.91 -18.82 42.78
N GLU C 127 -4.68 -19.13 41.48
CA GLU C 127 -3.36 -19.15 40.85
C GLU C 127 -2.69 -17.76 40.92
N ALA C 128 -3.48 -16.67 40.77
CA ALA C 128 -3.01 -15.28 40.82
C ALA C 128 -2.61 -14.90 42.23
N ASP C 129 -3.36 -15.37 43.24
CA ASP C 129 -3.09 -15.14 44.66
C ASP C 129 -1.80 -15.85 45.06
N ARG C 130 -1.68 -17.15 44.73
CA ARG C 130 -0.51 -17.99 44.99
C ARG C 130 0.77 -17.47 44.34
N GLU C 131 0.64 -16.84 43.16
CA GLU C 131 1.79 -16.26 42.45
C GLU C 131 2.09 -14.83 42.92
N GLY C 132 1.32 -14.34 43.90
CA GLY C 132 1.46 -13.03 44.51
C GLY C 132 1.15 -11.85 43.62
N VAL C 133 0.07 -11.97 42.79
CA VAL C 133 -0.37 -10.93 41.86
C VAL C 133 -1.39 -9.98 42.52
N ILE C 134 -0.97 -8.71 42.74
CA ILE C 134 -1.80 -7.65 43.31
C ILE C 134 -2.65 -7.14 42.15
N ARG C 135 -3.97 -7.32 42.25
CA ARG C 135 -4.89 -6.96 41.20
C ARG C 135 -5.72 -5.76 41.47
N TYR C 136 -5.72 -4.84 40.50
CA TYR C 136 -6.52 -3.64 40.48
C TYR C 136 -7.49 -3.76 39.30
N VAL C 137 -8.76 -3.34 39.49
CA VAL C 137 -9.78 -3.39 38.44
C VAL C 137 -10.49 -2.04 38.22
N ILE C 138 -10.67 -1.65 36.93
CA ILE C 138 -11.39 -0.45 36.51
C ILE C 138 -12.56 -0.88 35.65
N GLY C 139 -13.75 -0.86 36.24
CA GLY C 139 -14.98 -1.20 35.55
C GLY C 139 -15.59 0.06 34.99
N VAL C 140 -15.64 0.15 33.65
CA VAL C 140 -16.11 1.33 32.91
C VAL C 140 -17.58 1.21 32.43
N GLY C 141 -18.36 2.26 32.67
CA GLY C 141 -19.74 2.38 32.22
C GLY C 141 -20.83 1.60 32.94
N ASP C 142 -22.04 1.65 32.35
CA ASP C 142 -23.31 1.05 32.79
C ASP C 142 -23.30 -0.44 33.06
N ALA C 143 -22.38 -1.20 32.46
CA ALA C 143 -22.34 -2.64 32.68
C ALA C 143 -22.14 -3.01 34.17
N PHE C 144 -21.59 -2.09 35.00
CA PHE C 144 -21.34 -2.29 36.43
C PHE C 144 -22.28 -1.52 37.37
N ARG C 145 -23.54 -1.26 36.93
CA ARG C 145 -24.59 -0.54 37.69
C ARG C 145 -25.52 -1.47 38.48
N SER C 146 -25.15 -2.71 38.58
CA SER C 146 -25.90 -3.68 39.38
C SER C 146 -25.05 -4.26 40.50
N GLU C 147 -25.71 -4.96 41.45
CA GLU C 147 -25.08 -5.64 42.58
C GLU C 147 -24.25 -6.82 42.12
N LYS C 148 -24.84 -7.69 41.27
CA LYS C 148 -24.19 -8.87 40.67
C LYS C 148 -22.93 -8.46 39.88
N SER C 149 -23.03 -7.37 39.07
CA SER C 149 -21.91 -6.91 38.25
C SER C 149 -20.71 -6.42 39.07
N ARG C 150 -20.97 -5.70 40.19
CA ARG C 150 -19.95 -5.19 41.09
C ARG C 150 -19.20 -6.34 41.79
N GLN C 151 -19.90 -7.48 42.03
CA GLN C 151 -19.30 -8.67 42.64
C GLN C 151 -18.23 -9.25 41.69
N GLU C 152 -18.45 -9.15 40.35
CA GLU C 152 -17.50 -9.58 39.33
C GLU C 152 -16.22 -8.77 39.46
N LEU C 153 -16.35 -7.44 39.67
CA LEU C 153 -15.23 -6.54 39.86
C LEU C 153 -14.45 -6.96 41.09
N ASN C 154 -15.16 -7.22 42.21
CA ASN C 154 -14.61 -7.66 43.50
C ASN C 154 -13.86 -8.99 43.37
N THR C 155 -14.34 -9.88 42.48
CA THR C 155 -13.75 -11.19 42.21
C THR C 155 -12.43 -11.03 41.48
N ILE C 156 -12.36 -10.08 40.52
CA ILE C 156 -11.16 -9.79 39.72
C ILE C 156 -10.08 -9.19 40.63
N ALA C 157 -10.42 -8.12 41.36
CA ALA C 157 -9.53 -7.39 42.26
C ALA C 157 -9.13 -8.14 43.53
N SER C 158 -7.98 -7.76 44.07
CA SER C 158 -7.47 -8.32 45.33
C SER C 158 -8.30 -7.76 46.48
N LYS C 159 -8.46 -8.54 47.57
CA LYS C 159 -9.22 -8.07 48.73
C LYS C 159 -8.34 -7.05 49.52
N PRO C 160 -8.91 -5.93 50.06
CA PRO C 160 -10.33 -5.54 50.07
C PRO C 160 -10.77 -4.76 48.83
N PRO C 161 -12.09 -4.80 48.48
CA PRO C 161 -12.57 -4.06 47.31
C PRO C 161 -12.32 -2.55 47.33
N ARG C 162 -12.36 -1.93 48.54
CA ARG C 162 -12.14 -0.48 48.71
C ARG C 162 -10.75 -0.02 48.25
N ASP C 163 -9.72 -0.89 48.40
CA ASP C 163 -8.32 -0.62 48.07
C ASP C 163 -7.89 -1.06 46.66
N HIS C 164 -8.71 -1.88 45.96
CA HIS C 164 -8.36 -2.41 44.64
C HIS C 164 -9.37 -2.22 43.51
N VAL C 165 -10.65 -1.91 43.82
CA VAL C 165 -11.69 -1.69 42.81
C VAL C 165 -11.86 -0.19 42.50
N PHE C 166 -12.02 0.13 41.21
CA PHE C 166 -12.28 1.46 40.66
C PHE C 166 -13.50 1.35 39.75
N GLN C 167 -14.25 2.46 39.56
CA GLN C 167 -15.43 2.52 38.70
C GLN C 167 -15.59 3.89 38.10
N VAL C 168 -15.70 3.95 36.77
CA VAL C 168 -15.91 5.22 36.03
C VAL C 168 -17.11 5.10 35.13
N ASN C 169 -17.82 6.22 34.90
CA ASN C 169 -19.01 6.27 34.06
C ASN C 169 -18.71 5.98 32.59
N ASN C 170 -17.53 6.39 32.12
CA ASN C 170 -17.13 6.22 30.73
C ASN C 170 -15.61 6.24 30.57
N PHE C 171 -15.11 6.23 29.35
CA PHE C 171 -13.68 6.25 29.08
C PHE C 171 -13.08 7.63 29.20
N GLU C 172 -13.91 8.68 28.91
CA GLU C 172 -13.50 10.09 29.05
C GLU C 172 -13.26 10.43 30.53
N ALA C 173 -13.84 9.64 31.49
CA ALA C 173 -13.65 9.86 32.93
C ALA C 173 -12.54 9.01 33.51
N LEU C 174 -11.75 8.35 32.66
CA LEU C 174 -10.63 7.59 33.19
C LEU C 174 -9.62 8.54 33.84
N LYS C 175 -9.45 9.74 33.23
CA LYS C 175 -8.58 10.85 33.64
C LYS C 175 -8.80 11.20 35.12
N THR C 176 -10.04 11.04 35.61
CA THR C 176 -10.48 11.31 37.00
C THR C 176 -9.75 10.43 38.01
N ILE C 177 -9.55 9.14 37.68
CA ILE C 177 -8.91 8.15 38.55
C ILE C 177 -7.40 7.99 38.34
N GLN C 178 -6.82 8.87 37.50
CA GLN C 178 -5.39 8.92 37.18
C GLN C 178 -4.53 9.09 38.46
N ASN C 179 -4.89 10.09 39.27
CA ASN C 179 -4.18 10.42 40.50
C ASN C 179 -4.37 9.36 41.56
N GLN C 180 -5.62 8.89 41.78
CA GLN C 180 -6.01 7.88 42.79
C GLN C 180 -5.34 6.52 42.57
N LEU C 181 -5.26 6.10 41.28
CA LEU C 181 -4.58 4.88 40.87
C LEU C 181 -3.08 4.97 41.15
N ARG C 182 -2.39 6.05 40.69
CA ARG C 182 -0.95 6.27 40.89
C ARG C 182 -0.58 6.25 42.37
N GLU C 183 -1.43 6.87 43.24
CA GLU C 183 -1.23 6.91 44.68
C GLU C 183 -1.43 5.54 45.34
N LYS C 184 -2.37 4.71 44.84
CA LYS C 184 -2.62 3.37 45.37
C LYS C 184 -1.49 2.38 45.06
N ILE C 185 -0.82 2.54 43.88
CA ILE C 185 0.31 1.71 43.45
C ILE C 185 1.51 2.01 44.35
N PHE C 186 1.72 3.31 44.65
CA PHE C 186 2.79 3.85 45.49
C PHE C 186 2.70 3.42 46.95
N ALA C 187 1.48 3.14 47.43
CA ALA C 187 1.21 2.62 48.77
C ALA C 187 1.50 1.10 48.66
N ILE C 188 2.59 0.65 49.35
CA ILE C 188 3.18 -0.69 49.27
C ILE C 188 3.54 -0.99 47.79
N GLU C 189 4.57 -0.23 47.32
CA GLU C 189 5.14 -0.13 45.97
C GLU C 189 5.10 -1.37 45.08
N ASP D 1 -18.01 37.70 13.92
CA ASP D 1 -16.88 37.23 14.70
C ASP D 1 -17.19 37.37 16.20
N ILE D 2 -16.93 36.31 16.98
CA ILE D 2 -17.12 36.31 18.44
C ILE D 2 -15.89 36.92 19.10
N GLU D 3 -16.08 37.91 19.99
CA GLU D 3 -14.98 38.54 20.70
C GLU D 3 -14.74 37.83 22.01
N MET D 4 -13.48 37.45 22.29
CA MET D 4 -13.11 36.77 23.53
C MET D 4 -12.35 37.76 24.36
N THR D 5 -12.97 38.22 25.44
CA THR D 5 -12.40 39.25 26.32
C THR D 5 -11.78 38.70 27.59
N GLN D 6 -10.45 38.65 27.62
CA GLN D 6 -9.66 38.12 28.73
C GLN D 6 -9.23 39.19 29.70
N SER D 7 -9.26 38.85 30.99
CA SER D 7 -8.93 39.77 32.07
C SER D 7 -8.35 39.03 33.27
N PRO D 8 -7.25 39.55 33.88
CA PRO D 8 -6.46 40.74 33.49
C PRO D 8 -5.45 40.40 32.39
N SER D 9 -4.95 41.40 31.65
CA SER D 9 -3.95 41.16 30.61
C SER D 9 -2.64 40.57 31.18
N SER D 10 -2.28 41.01 32.39
CA SER D 10 -1.10 40.59 33.13
C SER D 10 -1.46 40.41 34.61
N LEU D 11 -0.94 39.33 35.25
CA LEU D 11 -1.22 39.09 36.65
C LEU D 11 0.00 38.73 37.49
N GLY D 12 0.22 39.55 38.53
CA GLY D 12 1.26 39.35 39.53
C GLY D 12 0.86 38.23 40.44
N VAL D 13 1.70 37.21 40.52
CA VAL D 13 1.41 35.97 41.25
C VAL D 13 2.56 35.54 42.17
N SER D 14 2.23 34.95 43.33
CA SER D 14 3.19 34.39 44.27
C SER D 14 2.92 32.90 44.39
N VAL D 15 3.98 32.08 44.50
CA VAL D 15 3.86 30.63 44.61
C VAL D 15 2.98 30.23 45.82
N GLY D 16 1.99 29.38 45.58
CA GLY D 16 1.05 28.90 46.59
C GLY D 16 -0.29 29.62 46.61
N GLU D 17 -0.38 30.79 45.95
CA GLU D 17 -1.61 31.59 45.88
C GLU D 17 -2.70 30.97 44.98
N LYS D 18 -3.92 31.48 45.09
CA LYS D 18 -5.06 31.13 44.26
C LYS D 18 -5.17 32.24 43.21
N VAL D 19 -5.03 31.89 41.93
CA VAL D 19 -5.10 32.84 40.82
C VAL D 19 -6.34 32.56 40.00
N THR D 20 -7.10 33.60 39.63
CA THR D 20 -8.31 33.47 38.81
C THR D 20 -8.19 34.37 37.59
N MET D 21 -8.55 33.83 36.41
CA MET D 21 -8.52 34.55 35.15
C MET D 21 -9.89 34.50 34.59
N SER D 22 -10.29 35.58 33.92
CA SER D 22 -11.58 35.74 33.30
C SER D 22 -11.49 35.73 31.78
N CYS D 23 -12.50 35.13 31.15
CA CYS D 23 -12.70 35.03 29.70
C CYS D 23 -14.21 35.23 29.46
N LYS D 24 -14.56 36.31 28.76
CA LYS D 24 -15.95 36.64 28.47
C LYS D 24 -16.21 36.66 26.97
N SER D 25 -17.28 35.96 26.56
CA SER D 25 -17.68 35.77 25.17
C SER D 25 -18.76 36.76 24.69
N SER D 26 -18.56 37.37 23.50
CA SER D 26 -19.55 38.28 22.90
C SER D 26 -20.89 37.56 22.54
N GLN D 27 -20.81 36.24 22.30
CA GLN D 27 -21.93 35.36 21.96
C GLN D 27 -21.95 34.13 22.86
N ASN D 28 -23.11 33.47 22.95
CA ASN D 28 -23.27 32.24 23.74
C ASN D 28 -22.46 31.09 23.12
N LEU D 29 -21.73 30.35 23.98
CA LEU D 29 -20.89 29.21 23.60
C LEU D 29 -21.47 27.87 24.07
N LEU D 30 -22.72 27.86 24.62
CA LEU D 30 -23.43 26.65 25.06
C LEU D 30 -24.33 26.10 23.98
N TYR D 31 -24.01 24.89 23.52
CA TYR D 31 -24.80 24.20 22.50
C TYR D 31 -25.88 23.42 23.20
N SER D 32 -27.13 23.76 22.85
CA SER D 32 -28.34 23.17 23.42
C SER D 32 -28.47 21.67 23.29
N SER D 33 -28.08 21.09 22.14
CA SER D 33 -28.20 19.65 21.91
C SER D 33 -27.30 18.75 22.75
N ASN D 34 -26.09 19.23 23.11
CA ASN D 34 -25.15 18.44 23.92
C ASN D 34 -24.88 19.03 25.30
N GLN D 35 -25.36 20.27 25.54
CA GLN D 35 -25.22 21.01 26.79
C GLN D 35 -23.74 21.19 27.18
N LYS D 36 -22.88 21.40 26.16
CA LYS D 36 -21.44 21.60 26.29
C LYS D 36 -21.06 23.00 25.83
N ASN D 37 -20.14 23.64 26.59
CA ASN D 37 -19.63 24.97 26.28
C ASN D 37 -18.41 24.82 25.39
N TYR D 38 -18.49 25.41 24.20
CA TYR D 38 -17.43 25.34 23.19
C TYR D 38 -16.31 26.32 23.52
N LEU D 39 -15.71 26.13 24.71
CA LEU D 39 -14.63 26.95 25.25
C LEU D 39 -13.45 26.10 25.67
N ALA D 40 -12.27 26.50 25.22
CA ALA D 40 -11.01 25.84 25.57
C ALA D 40 -10.04 26.84 26.19
N TRP D 41 -9.15 26.34 27.03
CA TRP D 41 -8.08 27.09 27.68
C TRP D 41 -6.76 26.45 27.26
N TYR D 42 -5.81 27.29 26.84
CA TYR D 42 -4.47 26.88 26.44
C TYR D 42 -3.47 27.60 27.29
N GLN D 43 -2.38 26.91 27.62
CA GLN D 43 -1.24 27.46 28.38
C GLN D 43 -0.07 27.58 27.41
N GLN D 44 0.53 28.77 27.32
CA GLN D 44 1.70 28.96 26.47
C GLN D 44 2.89 29.41 27.30
N LYS D 45 3.79 28.47 27.60
CA LYS D 45 5.01 28.76 28.37
C LYS D 45 6.01 29.45 27.45
N PRO D 46 6.90 30.35 27.97
CA PRO D 46 7.86 31.05 27.09
C PRO D 46 8.73 30.15 26.19
N GLY D 47 8.86 30.57 24.94
CA GLY D 47 9.60 29.87 23.89
C GLY D 47 8.86 28.66 23.31
N GLN D 48 7.82 28.19 24.02
CA GLN D 48 7.02 27.03 23.63
C GLN D 48 5.76 27.40 22.88
N SER D 49 5.12 26.37 22.31
CA SER D 49 3.86 26.48 21.58
C SER D 49 2.67 26.36 22.55
N PRO D 50 1.45 26.86 22.21
CA PRO D 50 0.33 26.68 23.13
C PRO D 50 0.02 25.20 23.32
N LYS D 51 -0.44 24.83 24.52
CA LYS D 51 -0.81 23.46 24.87
C LYS D 51 -2.25 23.45 25.44
N LEU D 52 -3.09 22.48 25.00
CA LEU D 52 -4.46 22.36 25.51
C LEU D 52 -4.49 21.97 26.99
N LEU D 53 -5.15 22.82 27.82
CA LEU D 53 -5.28 22.65 29.26
C LEU D 53 -6.71 22.16 29.62
N ILE D 54 -7.74 22.90 29.21
CA ILE D 54 -9.12 22.60 29.50
C ILE D 54 -9.97 22.73 28.23
N TYR D 55 -10.89 21.78 28.01
CA TYR D 55 -11.86 21.80 26.90
C TYR D 55 -13.25 21.57 27.47
N TRP D 56 -14.31 21.93 26.71
CA TRP D 56 -15.72 21.85 27.14
C TRP D 56 -15.94 22.71 28.39
N ALA D 57 -15.11 23.77 28.53
CA ALA D 57 -15.01 24.76 29.60
C ALA D 57 -14.59 24.25 30.96
N SER D 58 -14.75 22.93 31.25
CA SER D 58 -14.44 22.33 32.56
C SER D 58 -13.67 21.03 32.53
N THR D 59 -13.56 20.35 31.37
CA THR D 59 -12.83 19.08 31.28
C THR D 59 -11.33 19.34 31.16
N ARG D 60 -10.56 18.75 32.07
CA ARG D 60 -9.10 18.85 32.06
C ARG D 60 -8.58 17.87 31.02
N GLU D 61 -7.53 18.28 30.28
CA GLU D 61 -6.89 17.42 29.29
C GLU D 61 -6.04 16.38 30.05
N SER D 62 -5.68 15.26 29.39
CA SER D 62 -4.86 14.19 29.98
C SER D 62 -3.54 14.77 30.47
N GLY D 63 -3.21 14.45 31.73
CA GLY D 63 -1.99 14.90 32.39
C GLY D 63 -2.05 16.27 33.03
N VAL D 64 -3.18 17.00 32.88
CA VAL D 64 -3.34 18.34 33.48
C VAL D 64 -3.63 18.17 34.99
N PRO D 65 -2.81 18.78 35.89
CA PRO D 65 -3.04 18.64 37.34
C PRO D 65 -4.35 19.26 37.83
N ASP D 66 -4.87 18.72 38.94
CA ASP D 66 -6.11 19.15 39.59
C ASP D 66 -6.14 20.65 39.95
N ARG D 67 -4.95 21.31 40.04
CA ARG D 67 -4.87 22.73 40.36
C ARG D 67 -5.51 23.63 39.29
N PHE D 68 -5.64 23.10 38.05
CA PHE D 68 -6.24 23.84 36.95
C PHE D 68 -7.71 23.52 36.89
N THR D 69 -8.55 24.52 37.15
CA THR D 69 -9.99 24.33 37.19
C THR D 69 -10.71 25.34 36.30
N GLY D 70 -11.55 24.79 35.44
CA GLY D 70 -12.36 25.55 34.51
C GLY D 70 -13.80 25.59 34.94
N THR D 71 -14.36 26.80 34.99
CA THR D 71 -15.75 27.04 35.40
C THR D 71 -16.37 28.09 34.49
N GLY D 72 -17.70 28.11 34.45
CA GLY D 72 -18.48 29.04 33.65
C GLY D 72 -19.41 28.34 32.68
N SER D 73 -20.36 29.12 32.11
CA SER D 73 -21.34 28.65 31.13
C SER D 73 -21.92 29.81 30.31
N GLY D 74 -22.12 29.55 29.04
CA GLY D 74 -22.68 30.48 28.08
C GLY D 74 -21.75 31.56 27.58
N THR D 75 -21.54 32.59 28.41
CA THR D 75 -20.77 33.78 28.06
C THR D 75 -19.56 34.03 28.97
N ASP D 76 -19.74 33.95 30.28
CA ASP D 76 -18.68 34.25 31.24
C ASP D 76 -17.99 33.01 31.79
N PHE D 77 -16.68 32.89 31.50
CA PHE D 77 -15.82 31.75 31.86
C PHE D 77 -14.62 32.17 32.69
N THR D 78 -14.17 31.27 33.56
CA THR D 78 -13.07 31.51 34.48
C THR D 78 -12.15 30.29 34.63
N LEU D 79 -10.83 30.53 34.68
CA LEU D 79 -9.78 29.54 34.91
C LEU D 79 -9.13 29.92 36.23
N THR D 80 -9.03 28.94 37.13
CA THR D 80 -8.52 29.08 38.48
C THR D 80 -7.41 28.11 38.77
N ILE D 81 -6.30 28.63 39.29
CA ILE D 81 -5.18 27.82 39.72
C ILE D 81 -5.16 27.95 41.22
N SER D 82 -5.52 26.87 41.90
CA SER D 82 -5.45 26.77 43.35
C SER D 82 -3.96 26.47 43.57
N SER D 83 -3.30 27.10 44.56
CA SER D 83 -1.86 26.91 44.81
C SER D 83 -0.95 26.92 43.54
N VAL D 84 -0.59 28.13 43.03
CA VAL D 84 0.29 28.27 41.85
C VAL D 84 1.67 27.71 42.13
N LYS D 85 2.25 27.05 41.14
CA LYS D 85 3.60 26.52 41.16
C LYS D 85 4.44 27.41 40.21
N ALA D 86 5.79 27.34 40.30
CA ALA D 86 6.68 28.14 39.45
C ALA D 86 6.51 27.77 37.97
N GLU D 87 6.34 26.46 37.68
CA GLU D 87 6.12 25.86 36.35
C GLU D 87 4.83 26.37 35.68
N ASP D 88 3.93 27.04 36.43
CA ASP D 88 2.66 27.57 35.92
C ASP D 88 2.78 28.96 35.31
N LEU D 89 3.96 29.62 35.45
CA LEU D 89 4.18 30.95 34.88
C LEU D 89 4.23 30.82 33.37
N ALA D 90 3.19 31.37 32.70
CA ALA D 90 2.95 31.28 31.26
C ALA D 90 1.87 32.27 30.88
N VAL D 91 1.44 32.25 29.60
CA VAL D 91 0.32 33.05 29.10
C VAL D 91 -0.82 32.07 28.91
N TYR D 92 -1.99 32.45 29.39
CA TYR D 92 -3.17 31.60 29.28
C TYR D 92 -4.15 32.20 28.32
N TYR D 93 -4.47 31.45 27.26
CA TYR D 93 -5.42 31.89 26.25
C TYR D 93 -6.68 31.08 26.33
N CYS D 94 -7.81 31.72 26.04
CA CYS D 94 -9.09 31.04 25.95
C CYS D 94 -9.50 31.13 24.48
N GLN D 95 -10.25 30.14 24.01
CA GLN D 95 -10.68 30.08 22.62
C GLN D 95 -12.09 29.52 22.54
N GLN D 96 -12.88 30.08 21.62
CA GLN D 96 -14.21 29.57 21.30
C GLN D 96 -14.06 28.71 20.04
N TYR D 97 -14.67 27.52 20.07
CA TYR D 97 -14.65 26.60 18.94
C TYR D 97 -16.07 26.23 18.56
N TYR D 98 -17.01 27.18 18.77
CA TYR D 98 -18.43 27.08 18.51
C TYR D 98 -18.75 27.34 17.05
N SER D 99 -18.29 28.49 16.53
CA SER D 99 -18.51 28.89 15.14
C SER D 99 -17.26 29.51 14.52
N TYR D 100 -17.27 29.66 13.18
CA TYR D 100 -16.19 30.24 12.40
C TYR D 100 -16.37 31.77 12.16
N PRO D 101 -15.29 32.59 12.25
CA PRO D 101 -13.90 32.21 12.54
C PRO D 101 -13.71 31.79 13.97
N LEU D 102 -12.84 30.81 14.19
CA LEU D 102 -12.47 30.37 15.53
C LEU D 102 -11.69 31.52 16.12
N THR D 103 -12.11 32.03 17.28
CA THR D 103 -11.45 33.20 17.89
C THR D 103 -10.80 32.92 19.24
N PHE D 104 -9.70 33.63 19.51
CA PHE D 104 -8.92 33.55 20.74
C PHE D 104 -9.00 34.87 21.51
N GLY D 105 -8.72 34.76 22.80
CA GLY D 105 -8.63 35.92 23.68
C GLY D 105 -7.24 36.49 23.61
N ALA D 106 -7.04 37.68 24.21
CA ALA D 106 -5.75 38.36 24.20
C ALA D 106 -4.71 37.74 25.13
N GLY D 107 -5.17 36.87 26.03
CA GLY D 107 -4.30 36.17 26.98
C GLY D 107 -4.19 36.84 28.34
N THR D 108 -3.65 36.08 29.32
CA THR D 108 -3.34 36.51 30.68
C THR D 108 -1.96 35.97 30.99
N LYS D 109 -0.97 36.89 31.03
CA LYS D 109 0.42 36.55 31.31
C LYS D 109 0.64 36.55 32.83
N LEU D 110 1.08 35.39 33.37
CA LEU D 110 1.39 35.28 34.77
C LEU D 110 2.85 35.61 34.97
N GLU D 111 3.12 36.58 35.85
CA GLU D 111 4.44 37.05 36.23
C GLU D 111 4.58 36.87 37.73
N LEU D 112 5.81 36.65 38.19
CA LEU D 112 6.10 36.45 39.60
C LEU D 112 6.17 37.79 40.34
N LYS D 113 5.48 37.90 41.48
CA LYS D 113 5.57 39.14 42.24
C LYS D 113 6.68 39.16 43.23
N ARG D 114 7.10 40.41 43.54
CA ARG D 114 8.17 40.78 44.43
C ARG D 114 7.96 42.24 44.88
N ALA D 115 8.87 42.72 45.74
CA ALA D 115 8.89 44.07 46.29
C ALA D 115 9.01 45.12 45.21
N ASP D 116 8.30 46.25 45.40
CA ASP D 116 8.38 47.37 44.48
C ASP D 116 9.84 47.86 44.48
N ALA D 117 10.41 48.03 43.29
CA ALA D 117 11.78 48.49 43.12
C ALA D 117 11.79 49.67 42.19
N ALA D 118 12.55 50.69 42.54
CA ALA D 118 12.64 51.88 41.71
C ALA D 118 13.67 51.66 40.62
N PRO D 119 13.51 52.23 39.41
CA PRO D 119 14.54 52.01 38.37
C PRO D 119 15.83 52.79 38.65
N THR D 120 16.97 52.24 38.16
CA THR D 120 18.28 52.89 38.18
C THR D 120 18.39 53.47 36.78
N VAL D 121 18.26 54.80 36.64
CA VAL D 121 18.25 55.49 35.35
C VAL D 121 19.62 56.04 34.97
N SER D 122 20.06 55.78 33.70
CA SER D 122 21.33 56.21 33.14
C SER D 122 21.14 56.75 31.74
N ILE D 123 21.64 57.98 31.47
CA ILE D 123 21.60 58.60 30.15
C ILE D 123 23.00 58.54 29.52
N PHE D 124 23.05 58.36 28.19
CA PHE D 124 24.30 58.27 27.44
C PHE D 124 24.21 59.11 26.17
N PRO D 125 25.14 60.05 25.99
CA PRO D 125 25.18 60.83 24.74
C PRO D 125 25.58 59.94 23.58
N PRO D 126 25.37 60.36 22.30
CA PRO D 126 25.85 59.56 21.17
C PRO D 126 27.38 59.46 21.20
N SER D 127 27.93 58.33 20.72
CA SER D 127 29.37 58.13 20.67
C SER D 127 29.93 58.98 19.54
N SER D 128 31.21 59.37 19.66
CA SER D 128 31.92 60.12 18.60
C SER D 128 31.97 59.27 17.32
N GLU D 129 32.10 57.94 17.47
CA GLU D 129 32.10 56.92 16.40
C GLU D 129 30.84 57.06 15.55
N GLN D 130 29.65 57.07 16.18
CA GLN D 130 28.36 57.20 15.50
C GLN D 130 28.22 58.51 14.78
N LEU D 131 28.59 59.62 15.45
CA LEU D 131 28.54 60.98 14.89
C LEU D 131 29.29 61.06 13.54
N THR D 132 30.39 60.29 13.36
CA THR D 132 31.14 60.27 12.11
C THR D 132 30.31 59.69 10.96
N SER D 133 29.35 58.77 11.26
CA SER D 133 28.45 58.13 10.28
C SER D 133 27.29 59.06 9.87
N GLY D 134 27.10 60.14 10.63
CA GLY D 134 26.05 61.13 10.40
C GLY D 134 24.81 60.92 11.25
N GLY D 135 24.88 59.90 12.12
CA GLY D 135 23.83 59.51 13.07
C GLY D 135 24.11 59.92 14.50
N ALA D 136 23.04 60.07 15.30
CA ALA D 136 23.14 60.42 16.73
C ALA D 136 22.01 59.80 17.54
N SER D 137 22.30 58.63 18.14
CA SER D 137 21.36 57.90 18.98
C SER D 137 21.64 58.22 20.43
N VAL D 138 20.62 58.65 21.18
CA VAL D 138 20.73 58.94 22.62
C VAL D 138 20.10 57.77 23.39
N VAL D 139 20.83 57.19 24.36
CA VAL D 139 20.38 56.01 25.11
C VAL D 139 20.09 56.32 26.56
N CYS D 140 19.04 55.66 27.05
CA CYS D 140 18.56 55.75 28.41
C CYS D 140 18.19 54.35 28.90
N PHE D 141 18.83 53.88 29.98
CA PHE D 141 18.55 52.59 30.61
C PHE D 141 17.77 52.81 31.90
N LEU D 142 16.69 52.07 32.08
CA LEU D 142 15.89 52.10 33.29
C LEU D 142 15.99 50.66 33.75
N ASN D 143 16.92 50.39 34.67
CA ASN D 143 17.23 49.03 35.10
C ASN D 143 16.73 48.63 36.47
N ASN D 144 16.43 47.33 36.60
CA ASN D 144 16.02 46.63 37.80
C ASN D 144 14.89 47.27 38.61
N PHE D 145 13.77 47.47 37.94
CA PHE D 145 12.58 48.02 38.56
C PHE D 145 11.45 46.96 38.61
N TYR D 146 10.41 47.27 39.44
CA TYR D 146 9.19 46.49 39.69
C TYR D 146 8.18 47.45 40.32
N PRO D 147 6.91 47.49 39.85
CA PRO D 147 6.29 46.65 38.78
C PRO D 147 6.77 46.94 37.37
N LYS D 148 6.53 45.99 36.41
CA LYS D 148 6.86 46.19 34.97
C LYS D 148 6.36 47.50 34.40
N ASP D 149 5.23 48.04 34.88
CA ASP D 149 4.62 49.27 34.37
C ASP D 149 5.46 50.50 34.68
N ILE D 150 5.92 51.17 33.61
CA ILE D 150 6.81 52.35 33.67
C ILE D 150 6.52 53.27 32.50
N ASN D 151 6.90 54.56 32.65
CA ASN D 151 6.77 55.55 31.58
C ASN D 151 8.06 56.32 31.35
N VAL D 152 8.43 56.49 30.08
CA VAL D 152 9.61 57.24 29.67
C VAL D 152 9.21 58.45 28.90
N LYS D 153 9.81 59.58 29.26
CA LYS D 153 9.58 60.85 28.59
C LYS D 153 10.94 61.39 28.14
N TRP D 154 11.05 61.72 26.84
CA TRP D 154 12.27 62.31 26.31
C TRP D 154 12.04 63.81 26.22
N LYS D 155 13.06 64.61 26.60
CA LYS D 155 12.97 66.06 26.58
C LYS D 155 14.23 66.64 25.97
N ILE D 156 14.07 67.38 24.86
CA ILE D 156 15.14 68.06 24.16
C ILE D 156 14.94 69.56 24.42
N ASP D 157 15.87 70.17 25.18
CA ASP D 157 15.85 71.59 25.59
C ASP D 157 14.56 71.95 26.36
N GLY D 158 14.16 71.06 27.27
CA GLY D 158 12.98 71.22 28.11
C GLY D 158 11.65 70.73 27.55
N SER D 159 11.54 70.60 26.22
CA SER D 159 10.30 70.19 25.54
C SER D 159 10.29 68.73 25.10
N GLU D 160 9.13 68.05 25.28
CA GLU D 160 8.86 66.64 24.94
C GLU D 160 9.22 66.27 23.50
N ARG D 161 9.61 65.00 23.31
CA ARG D 161 9.94 64.41 22.02
C ARG D 161 9.37 62.99 21.97
N GLN D 162 8.71 62.66 20.83
CA GLN D 162 8.07 61.35 20.61
C GLN D 162 8.53 60.61 19.35
N ASN D 163 9.15 61.33 18.40
CA ASN D 163 9.65 60.72 17.16
C ASN D 163 11.13 60.37 17.19
N GLY D 164 11.44 59.16 16.75
CA GLY D 164 12.80 58.63 16.74
C GLY D 164 13.08 57.76 17.93
N VAL D 165 12.14 57.75 18.91
CA VAL D 165 12.19 56.98 20.14
C VAL D 165 11.78 55.54 19.87
N LEU D 166 12.65 54.59 20.25
CA LEU D 166 12.47 53.14 20.15
C LEU D 166 12.76 52.54 21.50
N ASN D 167 11.80 51.75 22.04
CA ASN D 167 11.93 51.14 23.36
C ASN D 167 11.96 49.62 23.33
N SER D 168 12.70 49.04 24.26
CA SER D 168 12.85 47.60 24.42
C SER D 168 12.85 47.24 25.90
N TRP D 169 12.11 46.20 26.25
CA TRP D 169 11.94 45.75 27.62
C TRP D 169 12.46 44.34 27.77
N THR D 170 13.18 44.06 28.84
CA THR D 170 13.65 42.71 29.10
C THR D 170 12.49 41.93 29.69
N ASP D 171 12.54 40.59 29.59
CA ASP D 171 11.55 39.72 30.23
C ASP D 171 11.88 39.77 31.74
N GLN D 172 10.94 39.39 32.61
CA GLN D 172 11.18 39.36 34.04
C GLN D 172 12.43 38.53 34.37
N ASP D 173 13.36 39.14 35.13
CA ASP D 173 14.63 38.53 35.53
C ASP D 173 14.40 37.23 36.30
N SER D 174 15.06 36.17 35.85
CA SER D 174 14.98 34.83 36.43
C SER D 174 15.54 34.75 37.85
N LYS D 175 16.38 35.74 38.27
CA LYS D 175 17.00 35.74 39.59
C LYS D 175 16.41 36.75 40.58
N ASP D 176 16.30 38.03 40.20
CA ASP D 176 15.78 39.06 41.09
C ASP D 176 14.31 39.47 40.85
N SER D 177 13.66 38.86 39.83
CA SER D 177 12.27 39.08 39.42
C SER D 177 11.92 40.53 39.08
N THR D 178 12.91 41.29 38.59
CA THR D 178 12.76 42.69 38.19
C THR D 178 12.66 42.80 36.66
N TYR D 179 12.40 44.02 36.21
CA TYR D 179 12.30 44.38 34.81
C TYR D 179 13.32 45.48 34.52
N SER D 180 13.77 45.54 33.29
CA SER D 180 14.67 46.56 32.79
C SER D 180 14.16 47.05 31.44
N MET D 181 14.48 48.29 31.10
CA MET D 181 14.00 48.90 29.87
C MET D 181 15.05 49.79 29.24
N SER D 182 15.14 49.73 27.92
CA SER D 182 16.06 50.54 27.13
C SER D 182 15.26 51.47 26.24
N SER D 183 15.59 52.76 26.27
CA SER D 183 14.97 53.77 25.42
C SER D 183 16.05 54.46 24.61
N THR D 184 15.91 54.46 23.27
CA THR D 184 16.89 55.07 22.37
C THR D 184 16.22 56.14 21.50
N LEU D 185 16.76 57.38 21.50
CA LEU D 185 16.24 58.48 20.69
C LEU D 185 17.24 58.72 19.59
N THR D 186 16.86 58.31 18.38
CA THR D 186 17.71 58.44 17.21
C THR D 186 17.33 59.67 16.37
N LEU D 187 18.29 60.59 16.22
CA LEU D 187 18.19 61.81 15.41
C LEU D 187 19.29 61.70 14.35
N THR D 188 19.59 62.82 13.68
CA THR D 188 20.70 62.91 12.73
C THR D 188 21.77 63.67 13.50
N LYS D 189 23.00 63.77 12.95
CA LYS D 189 24.10 64.49 13.59
C LYS D 189 23.73 65.98 13.68
N ASP D 190 23.19 66.53 12.57
CA ASP D 190 22.79 67.93 12.47
C ASP D 190 21.63 68.33 13.39
N GLU D 191 20.59 67.45 13.51
CA GLU D 191 19.44 67.61 14.42
C GLU D 191 19.95 67.64 15.84
N TYR D 192 20.91 66.75 16.16
CA TYR D 192 21.52 66.58 17.48
C TYR D 192 22.34 67.80 17.88
N GLU D 193 23.17 68.31 16.95
CA GLU D 193 24.05 69.47 17.18
C GLU D 193 23.31 70.82 17.32
N ARG D 194 21.99 70.84 17.01
CA ARG D 194 21.15 72.03 17.11
C ARG D 194 20.63 72.28 18.52
N HIS D 195 20.76 71.30 19.43
CA HIS D 195 20.25 71.41 20.80
C HIS D 195 21.31 71.19 21.85
N ASN D 196 21.00 71.48 23.12
CA ASN D 196 21.99 71.36 24.18
C ASN D 196 21.62 70.33 25.23
N SER D 197 20.60 70.60 26.07
CA SER D 197 20.14 69.72 27.14
C SER D 197 19.21 68.56 26.66
N TYR D 198 19.66 67.30 26.86
CA TYR D 198 18.93 66.06 26.53
C TYR D 198 18.64 65.33 27.81
N THR D 199 17.37 65.01 28.05
CA THR D 199 16.92 64.38 29.30
C THR D 199 15.88 63.31 29.10
N CYS D 200 15.99 62.19 29.83
CA CYS D 200 15.00 61.12 29.85
C CYS D 200 14.40 61.06 31.25
N GLU D 201 13.08 61.22 31.31
CA GLU D 201 12.27 61.31 32.51
C GLU D 201 11.58 59.96 32.71
N ALA D 202 11.83 59.33 33.86
CA ALA D 202 11.24 58.03 34.19
C ALA D 202 10.13 58.18 35.21
N THR D 203 8.92 57.72 34.86
CA THR D 203 7.76 57.79 35.75
C THR D 203 7.38 56.38 36.19
N HIS D 204 7.48 56.13 37.49
CA HIS D 204 7.22 54.82 38.08
C HIS D 204 6.46 54.93 39.43
N LYS D 205 5.66 53.89 39.76
CA LYS D 205 4.87 53.69 40.97
C LYS D 205 5.62 54.07 42.26
N THR D 206 6.91 53.69 42.34
CA THR D 206 7.80 53.91 43.50
C THR D 206 8.00 55.38 43.92
N SER D 207 7.75 56.33 43.00
CA SER D 207 7.91 57.75 43.32
C SER D 207 6.84 58.64 42.68
N THR D 208 6.40 59.65 43.46
CA THR D 208 5.42 60.67 43.07
C THR D 208 6.09 61.58 42.03
N SER D 209 7.39 61.85 42.25
CA SER D 209 8.26 62.66 41.41
C SER D 209 9.02 61.79 40.40
N PRO D 210 9.12 62.22 39.12
CA PRO D 210 9.84 61.40 38.13
C PRO D 210 11.36 61.41 38.28
N ILE D 211 12.02 60.28 37.96
CA ILE D 211 13.50 60.19 37.99
C ILE D 211 14.00 60.84 36.70
N VAL D 212 14.75 61.93 36.83
CA VAL D 212 15.26 62.69 35.69
C VAL D 212 16.76 62.57 35.55
N LYS D 213 17.20 62.11 34.37
CA LYS D 213 18.62 61.98 34.02
C LYS D 213 18.85 62.81 32.77
N SER D 214 19.79 63.75 32.87
CA SER D 214 20.07 64.70 31.81
C SER D 214 21.60 64.85 31.56
N PHE D 215 21.95 65.44 30.40
CA PHE D 215 23.29 65.82 29.97
C PHE D 215 23.18 67.04 29.04
N ASN D 216 24.24 67.83 28.96
CA ASN D 216 24.30 69.00 28.09
C ASN D 216 25.34 68.76 27.01
N ARG D 217 24.93 68.88 25.75
CA ARG D 217 25.79 68.66 24.58
C ARG D 217 27.06 69.53 24.65
N ASN D 218 26.91 70.82 25.00
CA ASN D 218 28.03 71.75 25.18
C ASN D 218 28.39 71.79 26.68
N GLU D 219 28.97 70.67 27.16
CA GLU D 219 29.43 70.40 28.52
C GLU D 219 30.29 69.12 28.45
N CYS D 220 29.92 68.26 27.44
CA CYS D 220 30.34 66.91 26.99
C CYS D 220 29.36 65.75 27.33
N GLN E 1 5.75 11.20 21.86
CA GLN E 1 6.09 10.70 20.53
C GLN E 1 5.17 11.30 19.44
N VAL E 2 3.83 11.19 19.64
CA VAL E 2 2.78 11.70 18.73
C VAL E 2 2.82 13.25 18.73
N GLN E 3 3.34 13.85 17.64
CA GLN E 3 3.49 15.30 17.49
C GLN E 3 3.41 15.81 16.04
N LEU E 4 3.14 17.12 15.89
CA LEU E 4 3.05 17.80 14.61
C LEU E 4 4.42 18.41 14.31
N GLN E 5 5.05 17.95 13.23
CA GLN E 5 6.38 18.39 12.80
C GLN E 5 6.27 19.47 11.72
N GLN E 6 6.75 20.67 12.03
CA GLN E 6 6.72 21.83 11.14
C GLN E 6 8.06 22.11 10.44
N SER E 7 8.00 22.75 9.24
CA SER E 7 9.16 23.13 8.44
C SER E 7 9.97 24.24 9.11
N GLY E 8 11.23 24.39 8.67
CA GLY E 8 12.17 25.35 9.24
C GLY E 8 11.86 26.82 9.03
N ALA E 9 12.64 27.70 9.73
CA ALA E 9 12.51 29.17 9.68
C ALA E 9 12.64 29.70 8.27
N GLU E 10 11.89 30.77 7.97
CA GLU E 10 11.85 31.38 6.66
C GLU E 10 12.23 32.83 6.70
N LEU E 11 13.02 33.24 5.69
CA LEU E 11 13.46 34.60 5.47
C LEU E 11 13.11 34.91 4.03
N VAL E 12 12.13 35.79 3.87
CA VAL E 12 11.54 36.13 2.59
C VAL E 12 11.53 37.63 2.37
N LYS E 13 11.64 38.03 1.10
CA LYS E 13 11.63 39.42 0.66
C LYS E 13 10.17 39.86 0.52
N PRO E 14 9.81 41.15 0.73
CA PRO E 14 8.41 41.55 0.57
C PRO E 14 7.90 41.40 -0.86
N GLY E 15 6.62 41.08 -1.01
CA GLY E 15 6.00 40.85 -2.30
C GLY E 15 6.13 39.43 -2.79
N ALA E 16 7.06 38.67 -2.18
CA ALA E 16 7.29 37.26 -2.49
C ALA E 16 6.22 36.35 -1.83
N SER E 17 6.36 35.03 -2.03
CA SER E 17 5.48 33.99 -1.50
C SER E 17 6.28 32.99 -0.66
N VAL E 18 5.60 32.30 0.26
CA VAL E 18 6.22 31.31 1.16
C VAL E 18 5.23 30.17 1.42
N LYS E 19 5.72 28.92 1.39
CA LYS E 19 4.90 27.74 1.63
C LYS E 19 5.46 26.92 2.79
N LEU E 20 4.69 26.91 3.88
CA LEU E 20 5.03 26.23 5.13
C LEU E 20 4.34 24.88 5.15
N SER E 21 5.04 23.87 5.69
CA SER E 21 4.49 22.52 5.80
C SER E 21 4.37 22.06 7.25
N CYS E 22 3.47 21.10 7.46
CA CYS E 22 3.19 20.51 8.76
C CYS E 22 2.87 19.04 8.55
N THR E 23 3.73 18.15 9.08
CA THR E 23 3.56 16.71 8.95
C THR E 23 3.39 16.05 10.32
N PRO E 24 2.21 15.47 10.64
CA PRO E 24 2.06 14.78 11.92
C PRO E 24 2.70 13.41 11.92
N SER E 25 3.43 13.10 12.98
CA SER E 25 4.02 11.77 13.18
C SER E 25 3.14 11.14 14.26
N GLY E 26 2.52 10.02 13.95
CA GLY E 26 1.66 9.35 14.92
C GLY E 26 0.22 9.20 14.47
N PHE E 27 -0.24 10.08 13.57
CA PHE E 27 -1.60 10.03 13.03
C PHE E 27 -1.72 10.52 11.59
N ASN E 28 -2.88 10.21 10.97
CA ASN E 28 -3.23 10.54 9.61
C ASN E 28 -3.95 11.88 9.51
N ILE E 29 -3.54 12.73 8.55
CA ILE E 29 -4.18 14.03 8.32
C ILE E 29 -5.65 13.88 7.96
N LYS E 30 -6.02 12.75 7.34
CA LYS E 30 -7.39 12.41 6.93
C LYS E 30 -8.37 12.37 8.11
N ASP E 31 -7.88 12.01 9.30
CA ASP E 31 -8.68 11.82 10.52
C ASP E 31 -8.85 13.07 11.43
N ILE E 32 -8.42 14.25 10.95
CA ILE E 32 -8.48 15.50 11.70
C ILE E 32 -8.90 16.68 10.82
N TYR E 33 -8.88 17.88 11.44
CA TYR E 33 -9.06 19.19 10.83
C TYR E 33 -7.72 19.88 11.10
N MET E 34 -6.96 20.23 10.06
CA MET E 34 -5.69 20.88 10.29
C MET E 34 -5.85 22.39 10.27
N GLN E 35 -5.50 23.03 11.38
CA GLN E 35 -5.62 24.46 11.60
C GLN E 35 -4.29 25.20 11.44
N TRP E 36 -4.39 26.47 11.10
CA TRP E 36 -3.21 27.33 10.95
C TRP E 36 -3.48 28.59 11.75
N VAL E 37 -2.60 28.87 12.73
CA VAL E 37 -2.70 29.98 13.69
C VAL E 37 -1.45 30.85 13.61
N LYS E 38 -1.63 32.16 13.51
CA LYS E 38 -0.57 33.17 13.45
C LYS E 38 -0.33 33.77 14.83
N GLN E 39 0.94 33.97 15.17
CA GLN E 39 1.32 34.62 16.41
C GLN E 39 2.36 35.70 16.15
N ARG E 40 1.92 36.96 16.18
CA ARG E 40 2.80 38.10 15.97
C ARG E 40 3.59 38.39 17.25
N PRO E 41 4.83 38.95 17.12
CA PRO E 41 5.64 39.20 18.31
C PRO E 41 4.93 39.94 19.40
N GLU E 42 4.97 39.37 20.60
CA GLU E 42 4.33 39.90 21.82
C GLU E 42 2.80 40.06 21.67
N GLN E 43 2.25 39.57 20.52
CA GLN E 43 0.80 39.59 20.27
C GLN E 43 0.19 38.21 20.57
N GLY E 44 -1.13 38.12 20.41
CA GLY E 44 -1.90 36.90 20.68
C GLY E 44 -2.04 36.00 19.48
N LEU E 45 -2.81 34.93 19.67
CA LEU E 45 -3.09 33.93 18.66
C LEU E 45 -4.19 34.37 17.72
N GLU E 46 -3.96 34.20 16.41
CA GLU E 46 -4.84 34.64 15.34
C GLU E 46 -5.09 33.50 14.34
N TRP E 47 -6.29 32.93 14.34
CA TRP E 47 -6.68 31.83 13.45
C TRP E 47 -6.74 32.28 12.01
N ILE E 48 -6.09 31.52 11.11
CA ILE E 48 -6.01 31.81 9.68
C ILE E 48 -7.14 31.07 8.94
N GLY E 49 -7.16 29.76 9.14
CA GLY E 49 -8.13 28.88 8.54
C GLY E 49 -7.84 27.43 8.87
N ARG E 50 -8.59 26.53 8.23
CA ARG E 50 -8.41 25.10 8.45
C ARG E 50 -8.80 24.28 7.21
N ILE E 51 -8.30 23.05 7.15
CA ILE E 51 -8.59 22.11 6.06
C ILE E 51 -9.05 20.76 6.59
N ASP E 52 -9.97 20.13 5.85
CA ASP E 52 -10.44 18.77 6.06
C ASP E 52 -9.68 17.94 5.00
N PRO E 53 -8.51 17.35 5.35
CA PRO E 53 -7.71 16.63 4.34
C PRO E 53 -8.37 15.42 3.68
N ALA E 54 -9.50 14.94 4.24
CA ALA E 54 -10.29 13.83 3.74
C ALA E 54 -11.07 14.18 2.47
N ASN E 55 -11.32 15.49 2.22
CA ASN E 55 -12.09 15.96 1.07
C ASN E 55 -11.61 17.31 0.54
N ASP E 56 -10.46 17.79 1.07
CA ASP E 56 -9.80 19.05 0.68
C ASP E 56 -10.63 20.33 0.89
N LYS E 57 -11.69 20.27 1.74
CA LYS E 57 -12.55 21.41 2.04
C LYS E 57 -11.91 22.35 3.07
N THR E 58 -11.91 23.66 2.74
CA THR E 58 -11.28 24.69 3.56
C THR E 58 -12.24 25.77 4.06
N LYS E 59 -11.87 26.37 5.20
CA LYS E 59 -12.54 27.49 5.83
C LYS E 59 -11.42 28.45 6.18
N TYR E 60 -11.65 29.75 5.97
CA TYR E 60 -10.68 30.80 6.30
C TYR E 60 -11.36 31.91 7.08
N ASP E 61 -10.54 32.76 7.71
CA ASP E 61 -11.01 33.98 8.36
C ASP E 61 -10.91 34.98 7.22
N PRO E 62 -12.00 35.71 6.87
CA PRO E 62 -11.93 36.67 5.73
C PRO E 62 -10.79 37.69 5.78
N LYS E 63 -10.16 37.91 6.95
CA LYS E 63 -8.98 38.78 7.13
C LYS E 63 -7.80 38.23 6.31
N PHE E 64 -7.77 36.89 6.11
CA PHE E 64 -6.73 36.14 5.40
C PHE E 64 -7.14 35.71 3.99
N GLN E 65 -8.30 36.18 3.53
CA GLN E 65 -8.81 35.91 2.18
C GLN E 65 -7.89 36.64 1.18
N GLY E 66 -7.24 35.86 0.33
CA GLY E 66 -6.28 36.38 -0.64
C GLY E 66 -4.84 36.22 -0.19
N LYS E 67 -4.63 36.25 1.13
CA LYS E 67 -3.33 36.11 1.76
C LYS E 67 -2.93 34.64 1.90
N ALA E 68 -3.78 33.85 2.57
CA ALA E 68 -3.51 32.46 2.88
C ALA E 68 -4.20 31.43 2.00
N THR E 69 -3.46 30.34 1.70
CA THR E 69 -3.95 29.20 0.96
C THR E 69 -3.51 27.93 1.68
N ILE E 70 -4.49 27.23 2.27
CA ILE E 70 -4.27 25.98 3.00
C ILE E 70 -4.61 24.78 2.09
N THR E 71 -3.65 23.85 1.95
CA THR E 71 -3.77 22.63 1.13
C THR E 71 -3.29 21.43 1.94
N ALA E 72 -3.62 20.21 1.47
CA ALA E 72 -3.20 18.97 2.11
C ALA E 72 -2.76 17.96 1.08
N ASP E 73 -1.74 17.15 1.46
CA ASP E 73 -1.20 16.06 0.66
C ASP E 73 -1.26 14.78 1.51
N THR E 74 -2.28 13.95 1.28
CA THR E 74 -2.47 12.69 2.02
C THR E 74 -1.31 11.70 1.80
N SER E 75 -0.75 11.67 0.56
CA SER E 75 0.39 10.82 0.16
C SER E 75 1.59 10.99 1.07
N SER E 76 1.94 12.25 1.39
CA SER E 76 3.07 12.58 2.28
C SER E 76 2.59 12.91 3.70
N ASN E 77 1.27 12.82 3.95
CA ASN E 77 0.63 13.10 5.25
C ASN E 77 1.04 14.50 5.74
N THR E 78 0.98 15.48 4.83
CA THR E 78 1.40 16.85 5.08
C THR E 78 0.33 17.85 4.72
N ALA E 79 0.17 18.87 5.56
CA ALA E 79 -0.73 20.00 5.36
C ALA E 79 0.16 21.22 5.15
N TYR E 80 -0.28 22.13 4.28
CA TYR E 80 0.50 23.31 3.91
C TYR E 80 -0.23 24.61 4.12
N LEU E 81 0.55 25.69 4.29
CA LEU E 81 0.07 27.06 4.37
C LEU E 81 0.92 27.90 3.42
N GLN E 82 0.26 28.55 2.45
CA GLN E 82 0.95 29.44 1.55
C GLN E 82 0.53 30.87 1.81
N LEU E 83 1.51 31.74 2.02
CA LEU E 83 1.27 33.15 2.22
C LEU E 83 1.81 33.91 1.02
N SER E 84 0.95 34.67 0.34
CA SER E 84 1.29 35.42 -0.87
C SER E 84 1.33 36.92 -0.65
N SER E 85 2.04 37.67 -1.54
CA SER E 85 2.24 39.14 -1.49
C SER E 85 2.67 39.56 -0.08
N LEU E 86 3.75 38.95 0.41
CA LEU E 86 4.27 39.16 1.75
C LEU E 86 4.64 40.60 2.10
N THR E 87 4.19 41.06 3.28
CA THR E 87 4.48 42.38 3.85
C THR E 87 5.08 42.15 5.24
N SER E 88 5.55 43.23 5.89
CA SER E 88 6.11 43.19 7.24
C SER E 88 5.05 42.69 8.24
N GLU E 89 3.74 42.87 7.92
CA GLU E 89 2.64 42.40 8.75
C GLU E 89 2.54 40.87 8.81
N ASP E 90 3.14 40.18 7.85
CA ASP E 90 3.16 38.72 7.79
C ASP E 90 4.33 38.10 8.59
N THR E 91 5.24 38.94 9.15
CA THR E 91 6.34 38.51 10.01
C THR E 91 5.68 38.06 11.32
N ALA E 92 5.78 36.75 11.60
CA ALA E 92 5.15 36.09 12.75
C ALA E 92 5.61 34.64 12.85
N VAL E 93 5.19 33.97 13.92
CA VAL E 93 5.38 32.53 14.13
C VAL E 93 4.04 31.91 13.72
N TYR E 94 4.09 30.91 12.84
CA TYR E 94 2.89 30.24 12.36
C TYR E 94 2.85 28.83 12.91
N TYR E 95 1.74 28.49 13.57
CA TYR E 95 1.55 27.17 14.14
C TYR E 95 0.53 26.40 13.36
N CYS E 96 0.72 25.08 13.27
CA CYS E 96 -0.32 24.22 12.73
C CYS E 96 -0.84 23.51 13.99
N ALA E 97 -2.14 23.31 14.04
CA ALA E 97 -2.78 22.65 15.16
C ALA E 97 -3.79 21.73 14.58
N SER E 98 -4.12 20.68 15.30
CA SER E 98 -5.14 19.75 14.80
C SER E 98 -6.34 19.78 15.74
N GLU E 99 -7.52 19.76 15.17
CA GLU E 99 -8.77 19.61 15.89
C GLU E 99 -9.20 18.18 15.56
N GLY E 100 -9.14 17.31 16.56
CA GLY E 100 -9.48 15.91 16.41
C GLY E 100 -10.97 15.66 16.37
N HIS E 101 -11.35 14.45 15.88
CA HIS E 101 -12.75 14.03 15.78
C HIS E 101 -12.99 12.95 16.84
N TYR E 102 -13.54 13.35 18.00
CA TYR E 102 -13.73 12.44 19.12
C TYR E 102 -15.17 12.06 19.51
N GLY E 103 -16.05 12.09 18.52
CA GLY E 103 -17.44 11.70 18.72
C GLY E 103 -18.37 12.79 19.20
N TYR E 104 -17.98 14.03 18.98
CA TYR E 104 -18.75 15.21 19.31
C TYR E 104 -18.84 16.08 18.05
N ASP E 105 -19.76 17.05 18.04
CA ASP E 105 -19.88 18.01 16.95
C ASP E 105 -18.80 19.05 17.17
N GLY E 106 -17.60 18.79 16.67
CA GLY E 106 -16.45 19.67 16.83
C GLY E 106 -15.59 19.31 18.03
N TYR E 107 -14.51 20.09 18.26
CA TYR E 107 -13.54 19.91 19.34
C TYR E 107 -12.57 21.08 19.41
N ALA E 108 -11.67 21.06 20.39
CA ALA E 108 -10.63 22.03 20.62
C ALA E 108 -9.41 21.62 19.78
N MET E 109 -8.33 22.44 19.80
CA MET E 109 -7.10 22.14 19.11
C MET E 109 -6.18 21.39 20.08
N ASP E 110 -6.26 20.05 20.07
CA ASP E 110 -5.53 19.18 20.99
C ASP E 110 -4.04 18.92 20.73
N TYR E 111 -3.59 19.14 19.49
CA TYR E 111 -2.18 19.00 19.12
C TYR E 111 -1.75 20.27 18.43
N TRP E 112 -0.51 20.69 18.74
CA TRP E 112 0.11 21.89 18.20
C TRP E 112 1.51 21.58 17.72
N GLY E 113 1.93 22.24 16.63
CA GLY E 113 3.27 22.11 16.08
C GLY E 113 4.23 23.00 16.82
N GLN E 114 5.55 22.85 16.58
CA GLN E 114 6.57 23.66 17.26
C GLN E 114 6.59 25.13 16.83
N GLY E 115 5.99 25.41 15.67
CA GLY E 115 5.93 26.74 15.09
C GLY E 115 6.96 26.93 13.99
N THR E 116 6.69 27.89 13.09
CA THR E 116 7.58 28.25 12.00
C THR E 116 7.71 29.76 11.96
N THR E 117 8.94 30.26 12.12
CA THR E 117 9.23 31.69 12.08
C THR E 117 9.32 32.14 10.63
N VAL E 118 8.52 33.18 10.30
CA VAL E 118 8.52 33.81 8.98
C VAL E 118 8.93 35.25 9.20
N THR E 119 10.09 35.65 8.62
CA THR E 119 10.57 37.02 8.71
C THR E 119 10.54 37.64 7.31
N VAL E 120 9.77 38.73 7.14
CA VAL E 120 9.65 39.42 5.85
C VAL E 120 10.50 40.68 5.93
N SER E 121 11.57 40.73 5.11
CA SER E 121 12.48 41.88 5.08
C SER E 121 13.15 42.04 3.72
N SER E 122 13.43 43.29 3.33
CA SER E 122 14.13 43.62 2.08
C SER E 122 15.63 43.58 2.30
N ALA E 123 16.06 43.58 3.59
CA ALA E 123 17.44 43.60 4.03
C ALA E 123 18.25 42.39 3.64
N LYS E 124 19.55 42.61 3.47
CA LYS E 124 20.54 41.57 3.17
C LYS E 124 21.46 41.50 4.41
N THR E 125 22.29 40.44 4.52
CA THR E 125 23.23 40.31 5.63
C THR E 125 24.08 41.58 5.78
N THR E 126 23.85 42.29 6.88
CA THR E 126 24.49 43.56 7.23
C THR E 126 25.17 43.38 8.59
N PRO E 127 26.49 43.67 8.71
CA PRO E 127 27.11 43.54 10.03
C PRO E 127 26.72 44.72 10.93
N PRO E 128 26.82 44.57 12.27
CA PRO E 128 26.44 45.68 13.13
C PRO E 128 27.53 46.73 13.30
N SER E 129 27.10 47.94 13.64
CA SER E 129 27.98 49.03 14.00
C SER E 129 27.97 48.96 15.53
N VAL E 130 29.15 48.84 16.15
CA VAL E 130 29.22 48.76 17.59
C VAL E 130 29.70 50.08 18.17
N TYR E 131 28.80 50.75 18.92
CA TYR E 131 29.09 52.05 19.52
C TYR E 131 29.21 51.96 21.02
N PRO E 132 30.26 52.58 21.61
CA PRO E 132 30.39 52.55 23.07
C PRO E 132 29.45 53.55 23.79
N LEU E 133 28.93 53.17 24.95
CA LEU E 133 28.09 54.09 25.72
C LEU E 133 28.76 54.42 27.04
N ALA E 134 29.40 55.60 27.08
CA ALA E 134 30.10 56.18 28.23
C ALA E 134 29.29 57.37 28.75
N PRO E 135 29.19 57.57 30.08
CA PRO E 135 28.42 58.73 30.58
C PRO E 135 29.03 60.08 30.17
N GLY E 136 28.21 61.13 30.14
CA GLY E 136 28.68 62.48 29.85
C GLY E 136 29.73 62.97 30.83
N SER E 137 30.66 63.86 30.41
CA SER E 137 31.76 64.36 31.28
C SER E 137 31.33 64.68 32.74
N ALA E 138 30.20 65.38 32.88
CA ALA E 138 29.65 65.76 34.19
C ALA E 138 28.47 64.85 34.53
N ALA E 139 28.76 63.55 34.79
CA ALA E 139 27.71 62.58 35.08
C ALA E 139 27.78 61.85 36.43
N GLN E 140 27.26 60.59 36.47
CA GLN E 140 27.10 59.68 37.62
C GLN E 140 28.24 59.51 38.64
N THR E 141 28.11 60.30 39.74
CA THR E 141 28.98 60.30 40.92
C THR E 141 28.23 59.47 41.97
N ASN E 142 28.31 58.15 41.83
CA ASN E 142 27.65 57.14 42.64
C ASN E 142 28.75 56.13 43.04
N SER E 143 28.44 55.08 43.81
CA SER E 143 29.43 54.06 44.15
C SER E 143 29.57 53.09 42.97
N MET E 144 28.52 53.03 42.11
CA MET E 144 28.41 52.20 40.91
C MET E 144 28.33 53.10 39.68
N VAL E 145 28.72 52.55 38.51
CA VAL E 145 28.68 53.25 37.22
C VAL E 145 28.14 52.31 36.12
N THR E 146 27.16 52.81 35.36
CA THR E 146 26.52 52.09 34.27
C THR E 146 27.13 52.50 32.93
N LEU E 147 27.53 51.50 32.16
CA LEU E 147 28.08 51.69 30.83
C LEU E 147 27.29 50.83 29.88
N GLY E 148 27.35 51.19 28.62
CA GLY E 148 26.62 50.46 27.62
C GLY E 148 27.38 50.20 26.35
N CYS E 149 26.72 49.51 25.45
CA CYS E 149 27.20 49.08 24.16
C CYS E 149 25.97 49.14 23.26
N LEU E 150 26.04 49.91 22.16
CA LEU E 150 24.93 50.02 21.21
C LEU E 150 25.28 49.28 19.91
N VAL E 151 24.55 48.20 19.65
CA VAL E 151 24.72 47.31 18.48
C VAL E 151 23.63 47.71 17.48
N LYS E 152 24.00 48.54 16.49
CA LYS E 152 23.10 49.15 15.52
C LYS E 152 23.22 48.64 14.07
N GLY E 153 22.09 48.58 13.40
CA GLY E 153 21.93 48.30 11.99
C GLY E 153 22.44 46.99 11.44
N TYR E 154 22.09 45.91 12.11
CA TYR E 154 22.47 44.58 11.64
C TYR E 154 21.29 43.80 11.10
N PHE E 155 21.60 42.77 10.28
CA PHE E 155 20.65 41.85 9.73
C PHE E 155 21.33 40.57 9.30
N PRO E 156 20.83 39.37 9.67
CA PRO E 156 19.61 39.10 10.47
C PRO E 156 19.95 38.93 11.96
N GLU E 157 18.98 38.41 12.72
CA GLU E 157 19.14 38.06 14.12
C GLU E 157 19.83 36.66 14.12
N PRO E 158 20.63 36.23 15.13
CA PRO E 158 20.98 36.89 16.40
C PRO E 158 22.30 37.65 16.39
N VAL E 159 22.62 38.19 17.54
CA VAL E 159 23.83 38.89 17.90
C VAL E 159 24.08 38.47 19.35
N THR E 160 25.33 38.22 19.73
CA THR E 160 25.65 37.83 21.13
C THR E 160 26.54 38.91 21.76
N VAL E 161 26.18 39.39 22.95
CA VAL E 161 26.94 40.42 23.64
C VAL E 161 27.46 39.94 24.99
N THR E 162 28.79 39.92 25.16
CA THR E 162 29.46 39.60 26.43
C THR E 162 30.23 40.84 26.86
N TRP E 163 30.64 40.89 28.14
CA TRP E 163 31.41 42.00 28.69
C TRP E 163 32.64 41.40 29.31
N ASN E 164 33.82 41.87 28.89
CA ASN E 164 35.13 41.41 29.36
C ASN E 164 35.24 39.88 29.20
N SER E 165 34.77 39.38 28.04
CA SER E 165 34.77 37.97 27.60
C SER E 165 34.01 37.02 28.51
N GLY E 166 32.98 37.53 29.18
CA GLY E 166 32.15 36.75 30.08
C GLY E 166 32.45 36.96 31.55
N SER E 167 33.61 37.60 31.86
CA SER E 167 34.07 37.91 33.23
C SER E 167 33.06 38.78 33.97
N LEU E 168 32.47 39.77 33.28
CA LEU E 168 31.41 40.61 33.85
C LEU E 168 30.12 39.93 33.43
N SER E 169 29.46 39.22 34.36
CA SER E 169 28.21 38.48 34.09
C SER E 169 27.09 39.07 34.94
N SER E 170 27.45 39.46 36.18
CA SER E 170 26.55 40.15 37.08
C SER E 170 26.57 41.64 36.73
N GLY E 171 25.41 42.28 36.78
CA GLY E 171 25.25 43.69 36.46
C GLY E 171 25.02 43.94 34.99
N VAL E 172 24.78 42.88 34.19
CA VAL E 172 24.59 42.94 32.73
C VAL E 172 23.14 42.69 32.24
N HIS E 173 22.62 43.63 31.43
CA HIS E 173 21.31 43.52 30.78
C HIS E 173 21.48 43.66 29.27
N THR E 174 21.14 42.62 28.52
CA THR E 174 21.15 42.72 27.06
C THR E 174 19.68 42.78 26.69
N PHE E 175 19.29 43.93 26.13
CA PHE E 175 17.91 44.25 25.77
C PHE E 175 17.51 43.59 24.45
N PRO E 176 16.26 43.10 24.32
CA PRO E 176 15.85 42.49 23.05
C PRO E 176 15.97 43.45 21.86
N ALA E 177 16.32 42.92 20.68
CA ALA E 177 16.50 43.72 19.48
C ALA E 177 15.19 44.25 18.94
N VAL E 178 15.21 45.46 18.39
CA VAL E 178 14.06 46.14 17.80
C VAL E 178 14.36 46.48 16.33
N LEU E 179 13.36 46.38 15.46
CA LEU E 179 13.51 46.67 14.03
C LEU E 179 13.35 48.18 13.75
N GLN E 180 14.46 48.86 13.35
CA GLN E 180 14.56 50.31 13.03
C GLN E 180 15.08 50.40 11.59
N SER E 181 14.27 50.99 10.69
CA SER E 181 14.46 51.08 9.23
C SER E 181 14.00 49.69 8.72
N ASP E 182 14.94 48.77 8.42
CA ASP E 182 14.60 47.40 8.04
C ASP E 182 15.66 46.45 8.59
N LEU E 183 16.48 47.02 9.48
CA LEU E 183 17.61 46.46 10.24
C LEU E 183 17.33 46.48 11.75
N TYR E 184 18.09 45.65 12.51
CA TYR E 184 17.94 45.55 13.97
C TYR E 184 18.92 46.42 14.72
N THR E 185 18.53 46.85 15.92
CA THR E 185 19.29 47.64 16.86
C THR E 185 19.02 47.06 18.24
N LEU E 186 20.09 46.93 19.04
CA LEU E 186 20.12 46.32 20.35
C LEU E 186 21.11 47.10 21.22
N SER E 187 20.95 47.00 22.54
CA SER E 187 21.84 47.61 23.49
C SER E 187 22.07 46.68 24.68
N SER E 188 23.26 46.78 25.28
CA SER E 188 23.63 46.03 26.45
C SER E 188 24.12 47.00 27.48
N SER E 189 23.76 46.73 28.74
CA SER E 189 24.04 47.53 29.92
C SER E 189 24.95 46.72 30.83
N VAL E 190 25.95 47.39 31.44
CA VAL E 190 26.86 46.82 32.42
C VAL E 190 27.03 47.77 33.59
N THR E 191 26.95 47.26 34.82
CA THR E 191 27.15 48.06 36.03
C THR E 191 28.36 47.56 36.79
N VAL E 192 29.35 48.47 36.97
CA VAL E 192 30.61 48.21 37.67
C VAL E 192 30.84 49.25 38.78
N PRO E 193 31.68 48.97 39.82
CA PRO E 193 31.96 50.02 40.83
C PRO E 193 32.57 51.26 40.19
N SER E 194 32.38 52.44 40.81
CA SER E 194 32.92 53.71 40.30
C SER E 194 34.44 53.72 40.31
N SER E 195 35.03 52.91 41.23
CA SER E 195 36.46 52.74 41.38
C SER E 195 37.10 52.12 40.11
N PRO E 196 36.67 50.93 39.55
CA PRO E 196 37.33 50.40 38.35
C PRO E 196 37.04 51.08 37.02
N ARG E 197 36.32 52.19 36.98
CA ARG E 197 36.04 52.81 35.70
C ARG E 197 35.96 54.35 35.79
N PRO E 198 36.73 55.08 34.93
CA PRO E 198 37.56 54.62 33.80
C PRO E 198 38.98 54.12 34.05
N SER E 199 39.38 53.97 35.34
CA SER E 199 40.72 53.52 35.72
C SER E 199 41.08 52.10 35.23
N GLU E 200 40.07 51.23 35.08
CA GLU E 200 40.27 49.88 34.56
C GLU E 200 39.46 49.66 33.30
N THR E 201 39.60 48.45 32.72
CA THR E 201 39.02 48.03 31.45
C THR E 201 37.64 47.40 31.49
N VAL E 202 36.72 48.02 30.71
CA VAL E 202 35.37 47.53 30.49
C VAL E 202 35.22 47.49 28.98
N THR E 203 35.07 46.28 28.43
CA THR E 203 34.98 46.04 26.99
C THR E 203 33.76 45.20 26.65
N CYS E 204 32.98 45.59 25.63
CA CYS E 204 31.90 44.71 25.16
C CYS E 204 32.36 43.95 23.95
N ASN E 205 32.04 42.66 23.94
CA ASN E 205 32.37 41.76 22.85
C ASN E 205 31.08 41.40 22.15
N VAL E 206 30.94 41.89 20.92
CA VAL E 206 29.78 41.67 20.07
C VAL E 206 30.13 40.68 18.94
N ALA E 207 29.26 39.68 18.73
CA ALA E 207 29.40 38.66 17.69
C ALA E 207 28.13 38.54 16.90
N HIS E 208 28.24 38.69 15.55
CA HIS E 208 27.15 38.55 14.60
C HIS E 208 27.50 37.39 13.68
N PRO E 209 27.14 36.15 14.06
CA PRO E 209 27.54 34.98 13.25
C PRO E 209 27.27 35.05 11.75
N ALA E 210 26.07 35.54 11.37
CA ALA E 210 25.60 35.68 9.99
C ALA E 210 26.53 36.44 9.05
N SER E 211 27.17 37.51 9.53
CA SER E 211 28.10 38.33 8.74
C SER E 211 29.54 37.93 9.04
N SER E 212 29.73 36.88 9.86
CA SER E 212 31.04 36.37 10.27
C SER E 212 31.91 37.49 10.90
N THR E 213 31.28 38.32 11.77
CA THR E 213 31.92 39.46 12.44
C THR E 213 31.99 39.28 13.96
N LYS E 214 33.11 39.67 14.53
CA LYS E 214 33.34 39.76 15.96
C LYS E 214 33.97 41.12 16.16
N VAL E 215 33.41 41.93 17.07
CA VAL E 215 33.88 43.28 17.38
C VAL E 215 34.07 43.39 18.88
N ASP E 216 35.16 44.04 19.30
CA ASP E 216 35.48 44.29 20.70
C ASP E 216 35.63 45.79 20.84
N LYS E 217 34.83 46.38 21.73
CA LYS E 217 34.84 47.81 21.94
C LYS E 217 35.11 48.17 23.39
N LYS E 218 36.25 48.83 23.63
CA LYS E 218 36.63 49.28 24.96
C LYS E 218 35.83 50.54 25.25
N ILE E 219 35.22 50.59 26.44
CA ILE E 219 34.46 51.75 26.88
C ILE E 219 35.48 52.72 27.49
N VAL E 220 35.74 53.78 26.75
CA VAL E 220 36.70 54.86 27.03
C VAL E 220 35.93 56.16 27.34
N PRO E 221 36.38 56.99 28.32
CA PRO E 221 35.66 58.25 28.61
C PRO E 221 35.63 59.27 27.47
N ARG E 222 34.65 60.20 27.57
CA ARG E 222 34.38 61.32 26.65
C ARG E 222 35.65 62.13 26.35
N ASP E 223 36.09 62.10 25.07
CA ASP E 223 37.28 62.79 24.53
C ASP E 223 37.12 64.31 24.57
N CYS E 224 37.44 64.89 25.76
CA CYS E 224 37.40 66.32 26.13
C CYS E 224 37.90 66.51 27.56
N ASP F 1 -44.57 11.29 -11.10
CA ASP F 1 -43.62 12.36 -11.37
C ASP F 1 -43.11 13.04 -10.06
N SER F 2 -41.94 12.60 -9.52
CA SER F 2 -41.35 13.13 -8.27
C SER F 2 -39.83 13.36 -8.34
N ASP F 3 -39.34 14.34 -7.55
CA ASP F 3 -37.92 14.74 -7.34
C ASP F 3 -37.68 14.61 -5.80
N ILE F 4 -37.16 13.46 -5.34
CA ILE F 4 -36.97 13.22 -3.91
C ILE F 4 -35.53 13.34 -3.43
N ALA F 5 -35.26 14.38 -2.64
CA ALA F 5 -33.94 14.71 -2.11
C ALA F 5 -33.75 14.29 -0.66
N PHE F 6 -32.49 13.96 -0.30
CA PHE F 6 -32.12 13.63 1.07
C PHE F 6 -31.05 14.56 1.54
N LEU F 7 -31.17 14.99 2.80
CA LEU F 7 -30.23 15.87 3.48
C LEU F 7 -29.84 15.16 4.76
N ILE F 8 -28.77 14.35 4.65
CA ILE F 8 -28.28 13.58 5.79
C ILE F 8 -27.21 14.32 6.61
N ASP F 9 -27.44 14.41 7.92
CA ASP F 9 -26.54 15.03 8.87
C ASP F 9 -25.34 14.08 9.07
N GLY F 10 -24.14 14.58 8.82
CA GLY F 10 -22.89 13.82 8.99
C GLY F 10 -21.97 14.35 10.07
N SER F 11 -22.51 15.17 10.99
CA SER F 11 -21.80 15.77 12.13
C SER F 11 -21.18 14.71 13.04
N GLY F 12 -20.13 15.10 13.76
CA GLY F 12 -19.32 14.27 14.64
C GLY F 12 -19.99 13.41 15.69
N SER F 13 -21.13 13.88 16.25
CA SER F 13 -21.89 13.16 17.28
C SER F 13 -22.45 11.82 16.83
N ILE F 14 -22.74 11.67 15.52
CA ILE F 14 -23.26 10.45 14.91
C ILE F 14 -22.11 9.45 14.81
N ILE F 15 -22.11 8.41 15.65
CA ILE F 15 -21.09 7.35 15.66
C ILE F 15 -21.12 6.54 14.34
N PRO F 16 -19.98 5.96 13.86
CA PRO F 16 -20.01 5.23 12.56
C PRO F 16 -21.16 4.24 12.33
N HIS F 17 -21.53 3.46 13.34
CA HIS F 17 -22.61 2.47 13.23
C HIS F 17 -23.95 3.12 12.96
N ASP F 18 -24.20 4.28 13.57
CA ASP F 18 -25.41 5.08 13.42
C ASP F 18 -25.45 5.74 12.05
N PHE F 19 -24.30 6.22 11.54
CA PHE F 19 -24.22 6.78 10.18
C PHE F 19 -24.52 5.66 9.16
N ARG F 20 -24.04 4.41 9.44
CA ARG F 20 -24.29 3.22 8.61
C ARG F 20 -25.79 2.89 8.59
N ARG F 21 -26.44 2.94 9.78
CA ARG F 21 -27.87 2.69 9.97
C ARG F 21 -28.70 3.67 9.16
N MET F 22 -28.30 4.96 9.14
CA MET F 22 -29.00 6.00 8.40
C MET F 22 -28.82 5.80 6.89
N LYS F 23 -27.62 5.29 6.47
CA LYS F 23 -27.34 4.99 5.07
C LYS F 23 -28.22 3.84 4.59
N GLU F 24 -28.40 2.86 5.46
CA GLU F 24 -29.23 1.65 5.30
C GLU F 24 -30.70 2.07 5.18
N PHE F 25 -31.11 3.03 6.04
CA PHE F 25 -32.44 3.63 6.04
C PHE F 25 -32.74 4.35 4.72
N VAL F 26 -31.84 5.23 4.24
CA VAL F 26 -32.01 5.98 2.97
C VAL F 26 -32.09 5.00 1.78
N SER F 27 -31.22 3.96 1.78
CA SER F 27 -31.18 2.90 0.77
C SER F 27 -32.54 2.22 0.66
N THR F 28 -33.09 1.76 1.80
CA THR F 28 -34.38 1.05 1.89
C THR F 28 -35.55 1.94 1.43
N VAL F 29 -35.56 3.21 1.86
CA VAL F 29 -36.60 4.20 1.52
C VAL F 29 -36.58 4.50 0.02
N MET F 30 -35.41 4.45 -0.61
CA MET F 30 -35.26 4.66 -2.04
C MET F 30 -35.77 3.44 -2.81
N GLU F 31 -35.52 2.22 -2.29
CA GLU F 31 -35.96 0.96 -2.88
C GLU F 31 -37.48 0.81 -2.79
N GLN F 32 -38.08 1.27 -1.68
CA GLN F 32 -39.52 1.20 -1.44
C GLN F 32 -40.34 2.24 -2.22
N LEU F 33 -39.72 3.41 -2.51
CA LEU F 33 -40.37 4.52 -3.25
C LEU F 33 -40.03 4.50 -4.73
N LYS F 34 -39.41 3.39 -5.21
CA LYS F 34 -39.00 3.17 -6.60
C LYS F 34 -40.22 3.21 -7.53
N LYS F 35 -40.31 4.29 -8.34
CA LYS F 35 -41.37 4.50 -9.33
C LYS F 35 -40.77 4.92 -10.65
N SER F 36 -41.52 4.71 -11.75
CA SER F 36 -41.19 5.14 -13.09
C SER F 36 -41.78 6.54 -12.99
N LYS F 37 -40.86 7.47 -12.89
CA LYS F 37 -40.90 8.95 -12.83
C LYS F 37 -40.39 9.55 -11.52
N THR F 38 -39.91 8.69 -10.60
CA THR F 38 -39.33 9.08 -9.33
C THR F 38 -37.81 9.03 -9.41
N LEU F 39 -37.16 10.20 -9.22
CA LEU F 39 -35.70 10.36 -9.25
C LEU F 39 -35.22 10.75 -7.84
N PHE F 40 -33.96 10.40 -7.52
CA PHE F 40 -33.39 10.69 -6.20
C PHE F 40 -32.09 11.49 -6.21
N SER F 41 -31.83 12.16 -5.08
CA SER F 41 -30.65 12.98 -4.86
C SER F 41 -30.27 12.96 -3.41
N LEU F 42 -28.95 13.03 -3.14
CA LEU F 42 -28.48 13.08 -1.76
C LEU F 42 -27.37 14.10 -1.56
N MET F 43 -27.49 14.84 -0.44
CA MET F 43 -26.49 15.77 0.04
C MET F 43 -26.25 15.50 1.53
N GLN F 44 -24.97 15.40 1.91
CA GLN F 44 -24.56 15.24 3.30
C GLN F 44 -24.09 16.62 3.78
N TYR F 45 -24.44 16.95 5.02
CA TYR F 45 -24.05 18.23 5.60
C TYR F 45 -23.59 18.05 7.03
N SER F 46 -22.80 19.03 7.48
CA SER F 46 -22.29 19.22 8.84
C SER F 46 -21.89 20.70 8.86
N GLU F 47 -20.60 21.01 8.77
CA GLU F 47 -20.06 22.36 8.62
C GLU F 47 -19.55 22.45 7.19
N GLU F 48 -19.49 21.29 6.52
CA GLU F 48 -19.12 21.11 5.11
C GLU F 48 -20.31 20.46 4.42
N PHE F 49 -20.41 20.63 3.10
CA PHE F 49 -21.57 20.17 2.33
C PHE F 49 -21.11 19.41 1.09
N ARG F 50 -21.62 18.18 0.92
CA ARG F 50 -21.21 17.31 -0.19
C ARG F 50 -22.39 16.65 -0.88
N ILE F 51 -22.51 16.85 -2.20
CA ILE F 51 -23.53 16.19 -3.03
C ILE F 51 -22.93 14.82 -3.35
N HIS F 52 -23.60 13.76 -2.89
CA HIS F 52 -23.12 12.42 -3.18
C HIS F 52 -23.60 11.93 -4.56
N PHE F 53 -24.84 12.29 -4.93
CA PHE F 53 -25.42 11.98 -6.23
C PHE F 53 -26.55 12.94 -6.60
N THR F 54 -26.52 13.41 -7.86
CA THR F 54 -27.53 14.31 -8.44
C THR F 54 -28.67 13.45 -9.00
N PHE F 55 -29.85 14.06 -9.30
CA PHE F 55 -30.99 13.35 -9.90
C PHE F 55 -30.57 12.72 -11.26
N LYS F 56 -29.73 13.44 -12.04
CA LYS F 56 -29.17 13.00 -13.32
C LYS F 56 -28.27 11.79 -13.10
N GLU F 57 -27.42 11.83 -12.04
CA GLU F 57 -26.51 10.74 -11.67
C GLU F 57 -27.30 9.50 -11.25
N PHE F 58 -28.49 9.69 -10.61
CA PHE F 58 -29.37 8.60 -10.21
C PHE F 58 -30.04 8.00 -11.43
N GLN F 59 -30.48 8.86 -12.38
CA GLN F 59 -31.12 8.44 -13.63
C GLN F 59 -30.20 7.49 -14.43
N ASN F 60 -28.89 7.83 -14.51
CA ASN F 60 -27.87 7.06 -15.21
C ASN F 60 -27.34 5.83 -14.43
N ASN F 61 -27.75 5.68 -13.15
CA ASN F 61 -27.42 4.54 -12.27
C ASN F 61 -28.53 4.42 -11.21
N PRO F 62 -29.73 3.88 -11.55
CA PRO F 62 -30.82 3.84 -10.57
C PRO F 62 -30.72 2.71 -9.54
N ASN F 63 -29.49 2.49 -9.02
CA ASN F 63 -29.18 1.48 -8.00
C ASN F 63 -28.92 2.20 -6.66
N PRO F 64 -29.93 2.22 -5.75
CA PRO F 64 -29.77 2.92 -4.46
C PRO F 64 -28.54 2.53 -3.64
N ARG F 65 -28.34 1.22 -3.44
CA ARG F 65 -27.24 0.70 -2.64
C ARG F 65 -25.87 0.92 -3.28
N SER F 66 -25.81 1.06 -4.61
CA SER F 66 -24.57 1.30 -5.35
C SER F 66 -24.06 2.72 -5.08
N LEU F 67 -25.00 3.68 -4.94
CA LEU F 67 -24.78 5.11 -4.73
C LEU F 67 -24.53 5.47 -3.26
N VAL F 68 -25.27 4.81 -2.37
CA VAL F 68 -25.24 5.02 -0.95
C VAL F 68 -24.01 4.41 -0.25
N LYS F 69 -23.64 3.17 -0.58
CA LYS F 69 -22.51 2.44 0.00
C LYS F 69 -21.21 3.28 0.12
N PRO F 70 -20.68 3.93 -0.95
CA PRO F 70 -19.42 4.68 -0.80
C PRO F 70 -19.43 5.94 0.07
N ILE F 71 -20.64 6.51 0.37
CA ILE F 71 -20.83 7.73 1.17
C ILE F 71 -20.05 7.63 2.49
N THR F 72 -19.11 8.59 2.69
CA THR F 72 -18.26 8.69 3.88
C THR F 72 -18.67 9.93 4.70
N GLN F 73 -18.63 9.80 6.05
CA GLN F 73 -19.00 10.85 7.00
C GLN F 73 -18.07 12.04 7.00
N LEU F 74 -18.65 13.27 6.96
CA LEU F 74 -17.93 14.55 6.93
C LEU F 74 -17.34 14.91 8.29
N LEU F 75 -18.17 14.71 9.35
CA LEU F 75 -17.90 15.04 10.76
C LEU F 75 -17.95 16.55 10.96
N GLY F 76 -17.78 17.01 12.20
CA GLY F 76 -17.81 18.44 12.50
C GLY F 76 -19.12 18.92 13.10
N ARG F 77 -19.34 20.24 13.02
CA ARG F 77 -20.49 20.98 13.57
C ARG F 77 -21.78 20.81 12.73
N THR F 78 -22.89 21.51 13.11
CA THR F 78 -24.20 21.41 12.45
C THR F 78 -24.72 22.72 11.84
N HIS F 79 -24.71 22.78 10.50
CA HIS F 79 -25.20 23.94 9.76
C HIS F 79 -26.38 23.53 8.87
N THR F 80 -27.54 23.24 9.50
CA THR F 80 -28.77 22.80 8.83
C THR F 80 -29.35 23.81 7.81
N ALA F 81 -29.47 25.08 8.18
CA ALA F 81 -30.00 26.11 7.30
C ALA F 81 -29.19 26.21 5.99
N THR F 82 -27.84 26.28 6.07
CA THR F 82 -26.95 26.34 4.90
C THR F 82 -27.12 25.09 4.02
N GLY F 83 -27.35 23.94 4.67
CA GLY F 83 -27.61 22.66 4.03
C GLY F 83 -28.90 22.67 3.24
N ILE F 84 -29.99 23.21 3.86
CA ILE F 84 -31.32 23.34 3.24
C ILE F 84 -31.24 24.26 2.01
N ARG F 85 -30.53 25.40 2.13
CA ARG F 85 -30.36 26.34 1.01
C ARG F 85 -29.63 25.67 -0.15
N LYS F 86 -28.55 24.93 0.17
CA LYS F 86 -27.76 24.21 -0.82
C LYS F 86 -28.55 23.12 -1.54
N VAL F 87 -29.48 22.45 -0.83
CA VAL F 87 -30.35 21.42 -1.40
C VAL F 87 -31.30 22.09 -2.40
N VAL F 88 -31.95 23.20 -1.98
CA VAL F 88 -32.89 23.99 -2.76
C VAL F 88 -32.21 24.56 -4.03
N ARG F 89 -31.06 25.23 -3.86
CA ARG F 89 -30.32 25.86 -4.96
C ARG F 89 -29.53 24.91 -5.86
N GLU F 90 -28.94 23.85 -5.30
CA GLU F 90 -28.11 22.91 -6.07
C GLU F 90 -28.81 21.63 -6.53
N LEU F 91 -29.40 20.87 -5.59
CA LEU F 91 -30.07 19.60 -5.94
C LEU F 91 -31.28 19.81 -6.84
N PHE F 92 -32.09 20.82 -6.52
CA PHE F 92 -33.30 21.18 -7.28
C PHE F 92 -33.02 22.19 -8.39
N ASN F 93 -31.97 21.93 -9.17
CA ASN F 93 -31.56 22.74 -10.31
C ASN F 93 -31.57 21.83 -11.54
N ILE F 94 -32.08 22.35 -12.67
CA ILE F 94 -32.25 21.64 -13.95
C ILE F 94 -30.92 21.06 -14.49
N THR F 95 -29.77 21.72 -14.20
CA THR F 95 -28.43 21.28 -14.60
C THR F 95 -28.04 19.95 -13.93
N ASN F 96 -28.57 19.72 -12.70
CA ASN F 96 -28.27 18.50 -11.95
C ASN F 96 -29.36 17.42 -12.09
N GLY F 97 -30.18 17.53 -13.13
CA GLY F 97 -31.20 16.56 -13.48
C GLY F 97 -32.56 16.74 -12.85
N ALA F 98 -32.84 17.90 -12.26
CA ALA F 98 -34.15 18.17 -11.64
C ALA F 98 -35.18 18.52 -12.71
N ARG F 99 -36.44 18.10 -12.50
CA ARG F 99 -37.55 18.34 -13.41
C ARG F 99 -38.38 19.54 -12.97
N LYS F 100 -38.77 20.38 -13.96
CA LYS F 100 -39.53 21.63 -13.81
C LYS F 100 -40.90 21.45 -13.15
N ASN F 101 -41.74 20.56 -13.70
CA ASN F 101 -43.09 20.34 -13.16
C ASN F 101 -43.25 19.03 -12.35
N ALA F 102 -42.17 18.63 -11.65
CA ALA F 102 -42.15 17.44 -10.80
C ALA F 102 -42.36 17.85 -9.35
N PHE F 103 -42.82 16.92 -8.50
CA PHE F 103 -43.01 17.15 -7.07
C PHE F 103 -41.65 17.27 -6.39
N LYS F 104 -41.41 18.38 -5.68
CA LYS F 104 -40.15 18.64 -4.99
C LYS F 104 -40.27 18.23 -3.52
N ILE F 105 -39.69 17.08 -3.16
CA ILE F 105 -39.74 16.53 -1.79
C ILE F 105 -38.33 16.49 -1.20
N LEU F 106 -38.23 16.80 0.10
CA LEU F 106 -36.98 16.77 0.84
C LEU F 106 -37.12 16.05 2.19
N VAL F 107 -36.33 15.00 2.40
CA VAL F 107 -36.29 14.27 3.66
C VAL F 107 -35.00 14.68 4.34
N VAL F 108 -35.08 15.26 5.55
CA VAL F 108 -33.92 15.71 6.34
C VAL F 108 -33.76 14.79 7.56
N ILE F 109 -32.58 14.16 7.72
CA ILE F 109 -32.33 13.29 8.89
C ILE F 109 -31.26 13.96 9.71
N THR F 110 -31.58 14.29 10.97
CA THR F 110 -30.64 14.99 11.84
C THR F 110 -30.61 14.49 13.25
N ASP F 111 -29.42 14.53 13.88
CA ASP F 111 -29.25 14.11 15.27
C ASP F 111 -29.16 15.26 16.28
N GLY F 112 -29.18 16.50 15.80
CA GLY F 112 -29.10 17.66 16.66
C GLY F 112 -29.52 18.97 16.01
N GLU F 113 -29.62 20.02 16.84
CA GLU F 113 -30.00 21.37 16.44
C GLU F 113 -28.84 22.06 15.72
N LYS F 114 -29.15 23.00 14.79
CA LYS F 114 -28.11 23.76 14.09
C LYS F 114 -27.47 24.75 15.05
N PHE F 115 -26.14 24.94 14.95
CA PHE F 115 -25.40 25.88 15.79
C PHE F 115 -24.24 26.48 15.04
N GLY F 116 -24.04 27.78 15.24
CA GLY F 116 -22.98 28.53 14.58
C GLY F 116 -23.11 28.64 13.08
N ASP F 117 -24.32 28.37 12.55
CA ASP F 117 -24.63 28.44 11.13
C ASP F 117 -24.64 29.92 10.68
N PRO F 118 -23.93 30.29 9.59
CA PRO F 118 -23.99 31.69 9.12
C PRO F 118 -25.42 32.13 8.75
N LEU F 119 -26.24 31.17 8.29
CA LEU F 119 -27.63 31.42 7.91
C LEU F 119 -28.59 31.05 9.04
N GLY F 120 -29.74 31.70 9.05
CA GLY F 120 -30.84 31.45 9.97
C GLY F 120 -31.94 30.79 9.17
N TYR F 121 -32.85 30.05 9.83
CA TYR F 121 -33.94 29.39 9.11
C TYR F 121 -34.79 30.37 8.29
N GLU F 122 -34.92 31.63 8.77
CA GLU F 122 -35.63 32.72 8.10
C GLU F 122 -35.01 33.09 6.73
N ASP F 123 -33.70 32.83 6.57
CA ASP F 123 -32.99 33.15 5.33
C ASP F 123 -33.11 32.01 4.31
N VAL F 124 -33.63 30.86 4.76
CA VAL F 124 -33.68 29.65 3.95
C VAL F 124 -35.12 29.10 3.69
N ILE F 125 -35.93 28.96 4.77
CA ILE F 125 -37.29 28.42 4.72
C ILE F 125 -38.21 29.14 3.68
N PRO F 126 -38.32 30.50 3.66
CA PRO F 126 -39.16 31.15 2.63
C PRO F 126 -38.83 30.77 1.20
N GLU F 127 -37.52 30.71 0.87
CA GLU F 127 -37.02 30.31 -0.45
C GLU F 127 -37.46 28.88 -0.81
N ALA F 128 -37.50 27.96 0.19
CA ALA F 128 -37.91 26.56 0.02
C ALA F 128 -39.41 26.46 -0.24
N ASP F 129 -40.21 27.30 0.44
CA ASP F 129 -41.66 27.37 0.28
C ASP F 129 -41.99 27.90 -1.11
N ARG F 130 -41.37 29.03 -1.52
CA ARG F 130 -41.54 29.67 -2.83
C ARG F 130 -41.14 28.77 -3.98
N GLU F 131 -40.13 27.91 -3.79
CA GLU F 131 -39.68 26.96 -4.82
C GLU F 131 -40.50 25.66 -4.80
N GLY F 132 -41.47 25.59 -3.90
CA GLY F 132 -42.41 24.47 -3.75
C GLY F 132 -41.80 23.18 -3.23
N VAL F 133 -40.89 23.29 -2.23
CA VAL F 133 -40.22 22.13 -1.64
C VAL F 133 -41.01 21.64 -0.42
N ILE F 134 -41.50 20.39 -0.53
CA ILE F 134 -42.22 19.69 0.53
C ILE F 134 -41.14 19.08 1.42
N ARG F 135 -41.08 19.56 2.67
CA ARG F 135 -40.05 19.21 3.66
C ARG F 135 -40.50 18.26 4.76
N TYR F 136 -39.82 17.11 4.84
CA TYR F 136 -40.02 16.11 5.88
C TYR F 136 -38.78 16.11 6.75
N VAL F 137 -38.96 16.05 8.09
CA VAL F 137 -37.83 16.04 9.04
C VAL F 137 -37.86 14.85 10.02
N ILE F 138 -36.69 14.20 10.20
CA ILE F 138 -36.50 13.09 11.14
C ILE F 138 -35.47 13.52 12.18
N GLY F 139 -35.96 13.82 13.38
CA GLY F 139 -35.11 14.18 14.51
C GLY F 139 -34.73 12.93 15.25
N VAL F 140 -33.43 12.57 15.19
CA VAL F 140 -32.91 11.36 15.81
C VAL F 140 -32.23 11.63 17.18
N GLY F 141 -32.67 10.90 18.21
CA GLY F 141 -32.10 10.90 19.54
C GLY F 141 -32.49 11.97 20.55
N ASP F 142 -31.70 11.98 21.64
CA ASP F 142 -31.78 12.81 22.83
C ASP F 142 -31.86 14.32 22.63
N ALA F 143 -31.35 14.83 21.52
CA ALA F 143 -31.33 16.26 21.21
C ALA F 143 -32.71 16.88 21.01
N PHE F 144 -33.72 16.04 20.77
CA PHE F 144 -35.10 16.48 20.52
C PHE F 144 -36.13 16.04 21.56
N ARG F 145 -35.72 15.97 22.83
CA ARG F 145 -36.63 15.60 23.91
C ARG F 145 -37.26 16.87 24.54
N SER F 146 -36.85 18.08 24.10
CA SER F 146 -37.31 19.34 24.68
C SER F 146 -38.31 20.03 23.79
N GLU F 147 -39.13 20.93 24.36
CA GLU F 147 -40.11 21.64 23.54
C GLU F 147 -39.41 22.61 22.60
N LYS F 148 -38.36 23.32 23.09
CA LYS F 148 -37.56 24.26 22.30
C LYS F 148 -37.00 23.58 21.03
N SER F 149 -36.45 22.34 21.19
CA SER F 149 -35.83 21.53 20.11
C SER F 149 -36.85 21.08 19.07
N ARG F 150 -38.08 20.70 19.52
CA ARG F 150 -39.16 20.27 18.65
C ARG F 150 -39.62 21.43 17.73
N GLN F 151 -39.51 22.70 18.20
CA GLN F 151 -39.86 23.87 17.40
C GLN F 151 -38.92 24.01 16.21
N GLU F 152 -37.64 23.62 16.40
CA GLU F 152 -36.63 23.60 15.34
C GLU F 152 -37.04 22.62 14.23
N LEU F 153 -37.56 21.42 14.60
CA LEU F 153 -38.05 20.41 13.67
C LEU F 153 -39.28 20.94 12.91
N ASN F 154 -40.16 21.67 13.62
CA ASN F 154 -41.35 22.30 13.03
C ASN F 154 -40.96 23.38 12.04
N THR F 155 -39.84 24.11 12.30
CA THR F 155 -39.31 25.16 11.45
C THR F 155 -38.75 24.57 10.15
N ILE F 156 -38.05 23.42 10.24
CA ILE F 156 -37.47 22.71 9.09
C ILE F 156 -38.57 22.15 8.22
N ALA F 157 -39.48 21.35 8.82
CA ALA F 157 -40.59 20.68 8.13
C ALA F 157 -41.70 21.60 7.67
N SER F 158 -42.38 21.21 6.57
CA SER F 158 -43.52 21.95 6.00
C SER F 158 -44.71 21.86 6.97
N LYS F 159 -45.55 22.92 7.03
CA LYS F 159 -46.73 22.90 7.89
C LYS F 159 -47.81 21.97 7.30
N PRO F 160 -48.54 21.15 8.10
CA PRO F 160 -48.51 21.06 9.57
C PRO F 160 -47.46 20.09 10.11
N PRO F 161 -47.01 20.29 11.38
CA PRO F 161 -46.00 19.39 11.96
C PRO F 161 -46.40 17.92 12.05
N ARG F 162 -47.70 17.63 12.26
CA ARG F 162 -48.23 16.26 12.35
C ARG F 162 -48.02 15.43 11.07
N ASP F 163 -48.05 16.10 9.88
CA ASP F 163 -47.92 15.49 8.55
C ASP F 163 -46.49 15.48 7.99
N HIS F 164 -45.55 16.24 8.59
CA HIS F 164 -44.19 16.36 8.09
C HIS F 164 -43.04 16.08 9.07
N VAL F 165 -43.30 16.13 10.40
CA VAL F 165 -42.28 15.87 11.43
C VAL F 165 -42.32 14.42 11.89
N PHE F 166 -41.12 13.81 12.07
CA PHE F 166 -40.89 12.47 12.59
C PHE F 166 -39.86 12.57 13.72
N GLN F 167 -39.88 11.63 14.67
CA GLN F 167 -38.96 11.60 15.79
C GLN F 167 -38.68 10.18 16.23
N VAL F 168 -37.38 9.82 16.32
CA VAL F 168 -36.96 8.48 16.74
C VAL F 168 -35.98 8.57 17.89
N ASN F 169 -36.05 7.59 18.79
CA ASN F 169 -35.22 7.50 20.00
C ASN F 169 -33.71 7.38 19.71
N ASN F 170 -33.35 6.68 18.62
CA ASN F 170 -31.99 6.40 18.16
C ASN F 170 -31.99 6.03 16.66
N PHE F 171 -30.80 5.76 16.08
CA PHE F 171 -30.66 5.39 14.67
C PHE F 171 -31.19 3.99 14.35
N GLU F 172 -31.19 3.05 15.34
CA GLU F 172 -31.77 1.73 15.10
C GLU F 172 -33.30 1.86 14.95
N ALA F 173 -33.88 2.83 15.70
CA ALA F 173 -35.30 3.20 15.70
C ALA F 173 -35.80 3.85 14.39
N LEU F 174 -34.92 4.06 13.37
CA LEU F 174 -35.30 4.58 12.04
C LEU F 174 -36.13 3.55 11.24
N LYS F 175 -35.96 2.25 11.55
CA LYS F 175 -36.68 1.12 10.95
C LYS F 175 -38.19 1.22 11.24
N THR F 176 -38.56 1.77 12.42
CA THR F 176 -39.92 1.96 12.90
C THR F 176 -40.74 2.88 12.00
N ILE F 177 -40.11 3.97 11.52
CA ILE F 177 -40.78 4.98 10.68
C ILE F 177 -40.64 4.77 9.17
N GLN F 178 -40.06 3.62 8.76
CA GLN F 178 -39.85 3.24 7.37
C GLN F 178 -41.18 3.22 6.60
N ASN F 179 -42.20 2.52 7.18
CA ASN F 179 -43.53 2.35 6.59
C ASN F 179 -44.33 3.66 6.57
N GLN F 180 -44.34 4.41 7.71
CA GLN F 180 -45.05 5.68 7.88
C GLN F 180 -44.57 6.78 6.92
N LEU F 181 -43.24 6.82 6.65
CA LEU F 181 -42.64 7.79 5.75
C LEU F 181 -42.99 7.46 4.30
N ARG F 182 -42.87 6.18 3.89
CA ARG F 182 -43.20 5.71 2.55
C ARG F 182 -44.67 6.02 2.22
N GLU F 183 -45.58 5.82 3.19
CA GLU F 183 -47.00 6.10 3.04
C GLU F 183 -47.31 7.61 2.95
N LYS F 184 -46.57 8.45 3.70
CA LYS F 184 -46.75 9.91 3.67
C LYS F 184 -46.29 10.53 2.35
N ILE F 185 -45.24 9.96 1.72
CA ILE F 185 -44.70 10.42 0.42
C ILE F 185 -45.74 10.11 -0.67
N PHE F 186 -46.33 8.89 -0.65
CA PHE F 186 -47.36 8.40 -1.58
C PHE F 186 -48.62 9.25 -1.55
N ALA F 187 -48.99 9.79 -0.37
CA ALA F 187 -50.14 10.68 -0.18
C ALA F 187 -49.72 12.05 -0.75
N ILE F 188 -50.45 12.52 -1.76
CA ILE F 188 -50.18 13.72 -2.56
C ILE F 188 -48.78 13.60 -3.25
N GLU F 189 -48.66 12.49 -4.03
CA GLU F 189 -47.53 12.00 -4.84
C GLU F 189 -46.11 12.37 -4.39
N ASP G 1 57.11 -2.06 13.68
CA ASP G 1 55.71 -2.19 14.07
C ASP G 1 55.53 -3.33 15.05
N ILE G 2 54.79 -3.10 16.17
CA ILE G 2 54.51 -4.11 17.18
C ILE G 2 53.29 -4.91 16.73
N GLU G 3 53.39 -6.25 16.72
CA GLU G 3 52.28 -7.10 16.32
C GLU G 3 51.48 -7.47 17.54
N MET G 4 50.17 -7.23 17.48
CA MET G 4 49.26 -7.58 18.56
C MET G 4 48.51 -8.84 18.11
N THR G 5 48.78 -9.96 18.80
CA THR G 5 48.20 -11.25 18.47
C THR G 5 47.10 -11.67 19.43
N GLN G 6 45.85 -11.52 18.95
CA GLN G 6 44.62 -11.84 19.70
C GLN G 6 44.15 -13.26 19.46
N SER G 7 43.67 -13.92 20.54
CA SER G 7 43.22 -15.30 20.49
C SER G 7 42.14 -15.58 21.55
N PRO G 8 41.02 -16.29 21.21
CA PRO G 8 40.65 -16.80 19.86
C PRO G 8 39.99 -15.71 19.01
N SER G 9 39.96 -15.87 17.68
CA SER G 9 39.30 -14.89 16.80
C SER G 9 37.79 -14.78 17.10
N SER G 10 37.17 -15.92 17.46
CA SER G 10 35.75 -16.02 17.80
C SER G 10 35.58 -16.94 18.99
N LEU G 11 34.68 -16.59 19.93
CA LEU G 11 34.44 -17.42 21.10
C LEU G 11 32.97 -17.63 21.44
N GLY G 12 32.57 -18.92 21.45
CA GLY G 12 31.24 -19.38 21.84
C GLY G 12 31.12 -19.26 23.35
N VAL G 13 30.12 -18.51 23.80
CA VAL G 13 29.93 -18.17 25.20
C VAL G 13 28.47 -18.40 25.67
N SER G 14 28.29 -18.82 26.92
CA SER G 14 26.98 -18.99 27.55
C SER G 14 26.91 -18.04 28.74
N VAL G 15 25.74 -17.44 28.99
CA VAL G 15 25.54 -16.48 30.10
C VAL G 15 25.92 -17.15 31.44
N GLY G 16 26.75 -16.45 32.22
CA GLY G 16 27.22 -16.91 33.51
C GLY G 16 28.61 -17.52 33.51
N GLU G 17 29.11 -17.93 32.33
CA GLU G 17 30.44 -18.55 32.17
C GLU G 17 31.60 -17.55 32.35
N LYS G 18 32.82 -18.08 32.45
CA LYS G 18 34.06 -17.30 32.53
C LYS G 18 34.65 -17.34 31.14
N VAL G 19 34.89 -16.16 30.59
CA VAL G 19 35.49 -15.98 29.27
C VAL G 19 36.84 -15.30 29.43
N THR G 20 37.87 -15.88 28.78
CA THR G 20 39.22 -15.37 28.79
C THR G 20 39.66 -15.14 27.36
N MET G 21 40.21 -13.94 27.09
CA MET G 21 40.73 -13.51 25.77
C MET G 21 42.20 -13.19 25.91
N SER G 22 43.01 -13.72 25.00
CA SER G 22 44.44 -13.52 24.97
C SER G 22 44.85 -12.45 23.97
N CYS G 23 45.87 -11.67 24.36
CA CYS G 23 46.49 -10.60 23.58
C CYS G 23 48.00 -10.69 23.87
N LYS G 24 48.79 -11.00 22.84
CA LYS G 24 50.23 -11.13 22.98
C LYS G 24 50.96 -10.15 22.08
N SER G 25 51.94 -9.40 22.64
CA SER G 25 52.70 -8.42 21.86
C SER G 25 54.05 -8.92 21.40
N SER G 26 54.48 -8.46 20.22
CA SER G 26 55.79 -8.81 19.66
C SER G 26 56.94 -8.08 20.39
N GLN G 27 56.62 -7.01 21.18
CA GLN G 27 57.57 -6.21 21.96
C GLN G 27 57.05 -5.96 23.37
N ASN G 28 57.95 -5.62 24.32
CA ASN G 28 57.59 -5.31 25.71
C ASN G 28 56.81 -3.99 25.76
N LEU G 29 55.72 -3.96 26.58
CA LEU G 29 54.85 -2.81 26.76
C LEU G 29 54.99 -2.19 28.16
N LEU G 30 55.84 -2.75 29.00
CA LEU G 30 56.07 -2.23 30.35
C LEU G 30 57.14 -1.16 30.36
N TYR G 31 56.73 0.05 30.76
CA TYR G 31 57.63 1.20 30.85
C TYR G 31 58.22 1.20 32.25
N SER G 32 59.55 1.09 32.30
CA SER G 32 60.35 1.00 33.52
C SER G 32 60.18 2.18 34.49
N SER G 33 60.07 3.42 33.98
CA SER G 33 59.96 4.61 34.82
C SER G 33 58.66 4.74 35.61
N ASN G 34 57.52 4.25 35.05
CA ASN G 34 56.23 4.33 35.73
C ASN G 34 55.65 2.98 36.12
N GLN G 35 56.27 1.88 35.64
CA GLN G 35 55.89 0.49 35.89
C GLN G 35 54.44 0.21 35.44
N LYS G 36 54.05 0.84 34.31
CA LYS G 36 52.73 0.71 33.70
C LYS G 36 52.84 0.05 32.33
N ASN G 37 51.89 -0.86 32.03
CA ASN G 37 51.82 -1.56 30.75
C ASN G 37 50.96 -0.73 29.80
N TYR G 38 51.54 -0.34 28.68
CA TYR G 38 50.89 0.48 27.68
C TYR G 38 49.97 -0.35 26.80
N LEU G 39 48.98 -1.00 27.46
CA LEU G 39 47.98 -1.86 26.84
C LEU G 39 46.58 -1.45 27.22
N ALA G 40 45.71 -1.33 26.21
CA ALA G 40 44.31 -1.00 26.39
C ALA G 40 43.44 -2.08 25.74
N TRP G 41 42.22 -2.22 26.28
CA TRP G 41 41.19 -3.13 25.79
C TRP G 41 39.97 -2.28 25.45
N TYR G 42 39.41 -2.51 24.25
CA TYR G 42 38.21 -1.83 23.78
C TYR G 42 37.16 -2.85 23.47
N GLN G 43 35.90 -2.51 23.76
CA GLN G 43 34.72 -3.34 23.48
C GLN G 43 33.95 -2.66 22.34
N GLN G 44 33.67 -3.42 21.27
CA GLN G 44 32.89 -2.88 20.17
C GLN G 44 31.61 -3.68 19.99
N LYS G 45 30.48 -3.14 20.48
CA LYS G 45 29.18 -3.78 20.36
C LYS G 45 28.68 -3.60 18.92
N PRO G 46 27.89 -4.55 18.35
CA PRO G 46 27.41 -4.38 16.96
C PRO G 46 26.69 -3.05 16.64
N GLY G 47 27.05 -2.50 15.48
CA GLY G 47 26.55 -1.22 14.99
C GLY G 47 27.15 0.00 15.68
N GLN G 48 27.81 -0.21 16.82
CA GLN G 48 28.42 0.85 17.63
C GLN G 48 29.91 1.01 17.35
N SER G 49 30.48 2.09 17.90
CA SER G 49 31.90 2.43 17.81
C SER G 49 32.67 1.76 18.97
N PRO G 50 34.01 1.55 18.86
CA PRO G 50 34.75 0.95 19.99
C PRO G 50 34.69 1.88 21.20
N LYS G 51 34.68 1.28 22.40
CA LYS G 51 34.63 2.01 23.66
C LYS G 51 35.77 1.51 24.56
N LEU G 52 36.48 2.44 25.24
CA LEU G 52 37.56 2.06 26.17
C LEU G 52 37.02 1.30 27.40
N LEU G 53 37.55 0.08 27.60
CA LEU G 53 37.16 -0.81 28.69
C LEU G 53 38.24 -0.83 29.79
N ILE G 54 39.48 -1.16 29.42
CA ILE G 54 40.60 -1.26 30.34
C ILE G 54 41.82 -0.53 29.76
N TYR G 55 42.53 0.23 30.60
CA TYR G 55 43.78 0.92 30.25
C TYR G 55 44.83 0.56 31.30
N TRP G 56 46.12 0.75 30.99
CA TRP G 56 47.26 0.40 31.86
C TRP G 56 47.25 -1.11 32.17
N ALA G 57 46.65 -1.89 31.23
CA ALA G 57 46.44 -3.34 31.23
C ALA G 57 45.50 -3.89 32.30
N SER G 58 45.27 -3.15 33.41
CA SER G 58 44.43 -3.61 34.51
C SER G 58 43.43 -2.60 35.08
N THR G 59 43.57 -1.29 34.74
CA THR G 59 42.65 -0.26 35.24
C THR G 59 41.38 -0.24 34.42
N ARG G 60 40.23 -0.38 35.09
CA ARG G 60 38.91 -0.33 34.47
C ARG G 60 38.57 1.13 34.24
N GLU G 61 37.94 1.42 33.10
CA GLU G 61 37.48 2.78 32.78
C GLU G 61 36.22 3.07 33.63
N SER G 62 35.86 4.36 33.81
CA SER G 62 34.67 4.77 34.55
C SER G 62 33.42 4.11 33.95
N GLY G 63 32.62 3.50 34.82
CA GLY G 63 31.38 2.81 34.43
C GLY G 63 31.54 1.37 34.00
N VAL G 64 32.78 0.86 33.88
CA VAL G 64 33.04 -0.53 33.48
C VAL G 64 32.78 -1.46 34.68
N PRO G 65 31.86 -2.46 34.53
CA PRO G 65 31.56 -3.37 35.65
C PRO G 65 32.73 -4.22 36.12
N ASP G 66 32.70 -4.62 37.40
CA ASP G 66 33.70 -5.43 38.08
C ASP G 66 33.93 -6.80 37.42
N ARG G 67 32.94 -7.31 36.63
CA ARG G 67 33.04 -8.59 35.92
C ARG G 67 34.21 -8.63 34.90
N PHE G 68 34.68 -7.44 34.45
CA PHE G 68 35.78 -7.30 33.49
C PHE G 68 37.12 -7.11 34.23
N THR G 69 38.04 -8.08 34.05
CA THR G 69 39.34 -8.07 34.73
C THR G 69 40.53 -8.20 33.75
N GLY G 70 41.33 -7.14 33.66
CA GLY G 70 42.53 -7.10 32.84
C GLY G 70 43.74 -7.54 33.63
N THR G 71 44.50 -8.49 33.08
CA THR G 71 45.69 -9.05 33.72
C THR G 71 46.79 -9.22 32.67
N GLY G 72 48.03 -9.32 33.15
CA GLY G 72 49.21 -9.50 32.30
C GLY G 72 50.23 -8.40 32.50
N SER G 73 51.45 -8.63 32.01
CA SER G 73 52.58 -7.70 32.06
C SER G 73 53.63 -8.01 31.00
N GLY G 74 54.19 -6.95 30.44
CA GLY G 74 55.22 -7.01 29.42
C GLY G 74 54.77 -7.37 28.03
N THR G 75 54.53 -8.66 27.79
CA THR G 75 54.18 -9.21 26.49
C THR G 75 52.83 -9.92 26.42
N ASP G 76 52.54 -10.79 27.39
CA ASP G 76 51.31 -11.59 27.39
C ASP G 76 50.23 -11.01 28.30
N PHE G 77 49.10 -10.61 27.68
CA PHE G 77 47.95 -9.98 28.33
C PHE G 77 46.67 -10.79 28.13
N THR G 78 45.77 -10.70 29.13
CA THR G 78 44.51 -11.42 29.14
C THR G 78 43.37 -10.58 29.69
N LEU G 79 42.21 -10.67 29.03
CA LEU G 79 40.99 -10.01 29.49
C LEU G 79 40.03 -11.10 29.93
N THR G 80 39.48 -10.94 31.14
CA THR G 80 38.58 -11.92 31.72
C THR G 80 37.22 -11.33 32.06
N ILE G 81 36.16 -11.98 31.57
CA ILE G 81 34.79 -11.59 31.88
C ILE G 81 34.23 -12.70 32.76
N SER G 82 34.29 -12.49 34.07
CA SER G 82 33.77 -13.44 35.06
C SER G 82 32.26 -13.32 34.99
N SER G 83 31.55 -14.46 34.80
CA SER G 83 30.08 -14.45 34.67
C SER G 83 29.56 -13.50 33.56
N VAL G 84 29.61 -13.96 32.29
CA VAL G 84 29.17 -13.17 31.11
C VAL G 84 27.71 -12.86 31.12
N LYS G 85 27.38 -11.58 30.84
CA LYS G 85 26.01 -11.11 30.70
C LYS G 85 25.72 -11.03 29.20
N ALA G 86 24.43 -10.95 28.80
CA ALA G 86 24.04 -10.85 27.39
C ALA G 86 24.58 -9.57 26.74
N GLU G 87 24.56 -8.46 27.49
CA GLU G 87 25.05 -7.13 27.10
C GLU G 87 26.58 -7.12 26.79
N ASP G 88 27.31 -8.18 27.17
CA ASP G 88 28.76 -8.31 26.96
C ASP G 88 29.13 -8.88 25.59
N LEU G 89 28.13 -9.34 24.80
CA LEU G 89 28.37 -9.89 23.47
C LEU G 89 28.76 -8.75 22.55
N ALA G 90 30.05 -8.77 22.13
CA ALA G 90 30.71 -7.74 21.32
C ALA G 90 32.04 -8.28 20.81
N VAL G 91 32.81 -7.41 20.14
CA VAL G 91 34.19 -7.72 19.68
C VAL G 91 35.12 -6.98 20.63
N TYR G 92 36.14 -7.68 21.12
CA TYR G 92 37.08 -7.08 22.03
C TYR G 92 38.42 -6.93 21.36
N TYR G 93 38.91 -5.68 21.29
CA TYR G 93 40.19 -5.37 20.68
C TYR G 93 41.17 -4.94 21.74
N CYS G 94 42.44 -5.30 21.56
CA CYS G 94 43.51 -4.85 22.44
C CYS G 94 44.40 -3.95 21.60
N GLN G 95 45.03 -2.96 22.25
CA GLN G 95 45.89 -2.00 21.56
C GLN G 95 47.08 -1.66 22.41
N GLN G 96 48.24 -1.49 21.76
CA GLN G 96 49.46 -1.01 22.39
C GLN G 96 49.56 0.49 22.11
N TYR G 97 49.85 1.26 23.15
CA TYR G 97 50.02 2.71 23.01
C TYR G 97 51.38 3.12 23.56
N TYR G 98 52.36 2.22 23.44
CA TYR G 98 53.74 2.35 23.89
C TYR G 98 54.57 3.14 22.88
N SER G 99 54.57 2.69 21.61
CA SER G 99 55.31 3.34 20.53
C SER G 99 54.50 3.43 19.24
N TYR G 100 54.99 4.23 18.28
CA TYR G 100 54.37 4.46 16.98
C TYR G 100 54.93 3.51 15.88
N PRO G 101 54.08 2.94 14.98
CA PRO G 101 52.62 3.13 14.88
C PRO G 101 51.89 2.46 16.01
N LEU G 102 50.80 3.09 16.46
CA LEU G 102 49.94 2.53 17.48
C LEU G 102 49.25 1.34 16.79
N THR G 103 49.35 0.14 17.36
CA THR G 103 48.79 -1.06 16.73
C THR G 103 47.70 -1.73 17.54
N PHE G 104 46.73 -2.33 16.82
CA PHE G 104 45.58 -3.06 17.36
C PHE G 104 45.66 -4.54 17.01
N GLY G 105 44.95 -5.34 17.80
CA GLY G 105 44.80 -6.77 17.56
C GLY G 105 43.65 -6.99 16.59
N ALA G 106 43.52 -8.23 16.11
CA ALA G 106 42.46 -8.61 15.17
C ALA G 106 41.08 -8.73 15.81
N GLY G 107 41.03 -8.77 17.14
CA GLY G 107 39.79 -8.86 17.90
C GLY G 107 39.38 -10.26 18.29
N THR G 108 38.42 -10.35 19.24
CA THR G 108 37.80 -11.57 19.73
C THR G 108 36.31 -11.30 19.80
N LYS G 109 35.56 -11.91 18.87
CA LYS G 109 34.11 -11.75 18.78
C LYS G 109 33.43 -12.77 19.68
N LEU G 110 32.64 -12.28 20.65
CA LEU G 110 31.88 -13.15 21.54
C LEU G 110 30.53 -13.39 20.93
N GLU G 111 30.19 -14.65 20.76
CA GLU G 111 28.93 -15.10 20.22
C GLU G 111 28.28 -16.02 21.22
N LEU G 112 26.94 -16.05 21.25
CA LEU G 112 26.17 -16.89 22.16
C LEU G 112 26.11 -18.32 21.67
N LYS G 113 26.42 -19.29 22.55
CA LYS G 113 26.32 -20.68 22.15
C LYS G 113 24.94 -21.29 22.37
N ARG G 114 24.63 -22.31 21.56
CA ARG G 114 23.38 -23.08 21.57
C ARG G 114 23.63 -24.47 20.92
N ALA G 115 22.57 -25.29 20.81
CA ALA G 115 22.65 -26.61 20.19
C ALA G 115 23.08 -26.51 18.74
N ASP G 116 23.94 -27.42 18.29
CA ASP G 116 24.35 -27.44 16.88
C ASP G 116 23.11 -27.64 16.01
N ALA G 117 22.95 -26.78 14.99
CA ALA G 117 21.84 -26.83 14.05
C ALA G 117 22.39 -26.96 12.65
N ALA G 118 21.76 -27.81 11.85
CA ALA G 118 22.18 -28.03 10.46
C ALA G 118 21.51 -26.97 9.60
N PRO G 119 22.15 -26.51 8.49
CA PRO G 119 21.48 -25.51 7.65
C PRO G 119 20.32 -26.08 6.84
N THR G 120 19.32 -25.23 6.54
CA THR G 120 18.19 -25.53 5.66
C THR G 120 18.65 -24.92 4.33
N VAL G 121 19.03 -25.77 3.37
CA VAL G 121 19.57 -25.32 2.08
C VAL G 121 18.50 -25.27 0.99
N SER G 122 18.44 -24.13 0.25
CA SER G 122 17.47 -23.88 -0.82
C SER G 122 18.17 -23.28 -2.01
N ILE G 123 17.99 -23.89 -3.19
CA ILE G 123 18.54 -23.39 -4.44
C ILE G 123 17.40 -22.74 -5.25
N PHE G 124 17.73 -21.67 -5.99
CA PHE G 124 16.76 -20.94 -6.82
C PHE G 124 17.36 -20.66 -8.16
N PRO G 125 16.73 -21.11 -9.26
CA PRO G 125 17.24 -20.77 -10.59
C PRO G 125 17.10 -19.28 -10.85
N PRO G 126 17.76 -18.69 -11.88
CA PRO G 126 17.52 -17.28 -12.19
C PRO G 126 16.06 -17.04 -12.56
N SER G 127 15.52 -15.87 -12.23
CA SER G 127 14.14 -15.52 -12.57
C SER G 127 14.07 -15.26 -14.06
N SER G 128 12.88 -15.49 -14.64
CA SER G 128 12.62 -15.20 -16.05
C SER G 128 12.83 -13.70 -16.31
N GLU G 129 12.45 -12.84 -15.32
CA GLU G 129 12.61 -11.39 -15.31
C GLU G 129 14.06 -11.00 -15.58
N GLN G 130 15.01 -11.57 -14.80
CA GLN G 130 16.45 -11.31 -14.93
C GLN G 130 16.99 -11.73 -16.26
N LEU G 131 16.61 -12.95 -16.71
CA LEU G 131 17.05 -13.51 -17.99
C LEU G 131 16.72 -12.63 -19.20
N THR G 132 15.66 -11.79 -19.10
CA THR G 132 15.29 -10.81 -20.14
C THR G 132 16.30 -9.67 -20.22
N SER G 133 16.99 -9.33 -19.08
CA SER G 133 18.01 -8.27 -19.01
C SER G 133 19.37 -8.77 -19.57
N GLY G 134 19.53 -10.08 -19.70
CA GLY G 134 20.76 -10.68 -20.20
C GLY G 134 21.66 -11.27 -19.14
N GLY G 135 21.28 -11.13 -17.88
CA GLY G 135 22.04 -11.68 -16.76
C GLY G 135 21.35 -12.91 -16.24
N ALA G 136 21.96 -13.57 -15.25
CA ALA G 136 21.41 -14.77 -14.65
C ALA G 136 22.10 -15.02 -13.30
N SER G 137 21.35 -14.86 -12.20
CA SER G 137 21.90 -15.08 -10.86
C SER G 137 21.26 -16.29 -10.25
N VAL G 138 22.09 -17.23 -9.78
CA VAL G 138 21.63 -18.45 -9.13
C VAL G 138 21.84 -18.26 -7.62
N VAL G 139 20.75 -18.36 -6.85
CA VAL G 139 20.79 -18.10 -5.41
C VAL G 139 20.66 -19.37 -4.58
N CYS G 140 21.41 -19.42 -3.50
CA CYS G 140 21.45 -20.50 -2.56
C CYS G 140 21.43 -19.91 -1.15
N PHE G 141 20.42 -20.30 -0.36
CA PHE G 141 20.28 -19.88 1.04
C PHE G 141 20.63 -21.05 1.94
N LEU G 142 21.48 -20.79 2.94
CA LEU G 142 21.85 -21.77 3.95
C LEU G 142 21.37 -21.09 5.21
N ASN G 143 20.17 -21.46 5.67
CA ASN G 143 19.51 -20.80 6.78
C ASN G 143 19.49 -21.55 8.08
N ASN G 144 19.49 -20.77 9.17
CA ASN G 144 19.36 -21.21 10.55
C ASN G 144 20.27 -22.36 11.00
N PHE G 145 21.60 -22.16 10.85
CA PHE G 145 22.61 -23.13 11.27
C PHE G 145 23.47 -22.65 12.46
N TYR G 146 24.12 -23.62 13.13
CA TYR G 146 25.05 -23.41 14.24
C TYR G 146 26.13 -24.52 14.24
N PRO G 147 27.43 -24.21 14.41
CA PRO G 147 28.05 -22.87 14.58
C PRO G 147 28.22 -22.16 13.25
N LYS G 148 28.56 -20.87 13.33
CA LYS G 148 28.76 -19.95 12.21
C LYS G 148 29.63 -20.46 11.08
N ASP G 149 30.62 -21.33 11.38
CA ASP G 149 31.55 -21.86 10.39
C ASP G 149 30.86 -22.82 9.44
N ILE G 150 30.85 -22.45 8.15
CA ILE G 150 30.21 -23.18 7.07
C ILE G 150 30.98 -23.00 5.77
N ASN G 151 30.81 -23.95 4.83
CA ASN G 151 31.43 -23.87 3.53
C ASN G 151 30.44 -24.11 2.40
N VAL G 152 30.52 -23.28 1.35
CA VAL G 152 29.67 -23.39 0.17
C VAL G 152 30.49 -23.72 -1.02
N LYS G 153 30.01 -24.68 -1.80
CA LYS G 153 30.65 -25.11 -3.03
C LYS G 153 29.63 -25.01 -4.15
N TRP G 154 29.97 -24.31 -5.23
CA TRP G 154 29.08 -24.21 -6.38
C TRP G 154 29.54 -25.20 -7.40
N LYS G 155 28.59 -25.88 -8.06
CA LYS G 155 28.88 -26.88 -9.08
C LYS G 155 27.96 -26.76 -10.28
N ILE G 156 28.56 -26.47 -11.44
CA ILE G 156 27.88 -26.37 -12.73
C ILE G 156 28.23 -27.63 -13.52
N ASP G 157 27.21 -28.48 -13.78
CA ASP G 157 27.33 -29.77 -14.47
C ASP G 157 28.33 -30.72 -13.77
N GLY G 158 28.25 -30.76 -12.43
CA GLY G 158 29.09 -31.59 -11.57
C GLY G 158 30.42 -31.01 -11.13
N SER G 159 30.96 -30.03 -11.88
CA SER G 159 32.27 -29.42 -11.61
C SER G 159 32.21 -28.07 -10.93
N GLU G 160 33.17 -27.85 -9.99
CA GLU G 160 33.33 -26.65 -9.17
C GLU G 160 33.39 -25.34 -9.94
N ARG G 161 32.90 -24.27 -9.31
CA ARG G 161 32.88 -22.91 -9.85
C ARG G 161 33.20 -21.93 -8.71
N GLN G 162 34.13 -20.98 -8.99
CA GLN G 162 34.57 -19.97 -8.01
C GLN G 162 34.42 -18.51 -8.47
N ASN G 163 34.22 -18.27 -9.79
CA ASN G 163 34.05 -16.92 -10.32
C ASN G 163 32.60 -16.53 -10.51
N GLY G 164 32.26 -15.33 -10.04
CA GLY G 164 30.91 -14.77 -10.10
C GLY G 164 30.14 -15.00 -8.82
N VAL G 165 30.73 -15.79 -7.89
CA VAL G 165 30.17 -16.14 -6.59
C VAL G 165 30.39 -14.99 -5.60
N LEU G 166 29.30 -14.51 -4.97
CA LEU G 166 29.27 -13.46 -3.95
C LEU G 166 28.50 -13.99 -2.76
N ASN G 167 29.11 -13.92 -1.55
CA ASN G 167 28.49 -14.43 -0.33
C ASN G 167 28.23 -13.36 0.72
N SER G 168 27.14 -13.55 1.48
CA SER G 168 26.72 -12.66 2.56
C SER G 168 26.20 -13.47 3.73
N TRP G 169 26.62 -13.08 4.95
CA TRP G 169 26.29 -13.78 6.18
C TRP G 169 25.52 -12.86 7.09
N THR G 170 24.46 -13.36 7.72
CA THR G 170 23.71 -12.57 8.68
C THR G 170 24.46 -12.61 10.01
N ASP G 171 24.20 -11.63 10.89
CA ASP G 171 24.77 -11.64 12.24
C ASP G 171 23.96 -12.71 13.01
N GLN G 172 24.48 -13.18 14.17
CA GLN G 172 23.78 -14.17 14.98
C GLN G 172 22.37 -13.68 15.34
N ASP G 173 21.34 -14.53 15.06
CA ASP G 173 19.95 -14.22 15.32
C ASP G 173 19.69 -13.94 16.79
N SER G 174 19.04 -12.80 17.07
CA SER G 174 18.70 -12.34 18.41
C SER G 174 17.70 -13.24 19.15
N LYS G 175 16.96 -14.09 18.42
CA LYS G 175 15.94 -14.97 19.00
C LYS G 175 16.33 -16.45 19.07
N ASP G 176 16.77 -17.05 17.96
CA ASP G 176 17.15 -18.46 17.95
C ASP G 176 18.65 -18.77 18.00
N SER G 177 19.49 -17.69 18.03
CA SER G 177 20.96 -17.74 18.10
C SER G 177 21.63 -18.52 16.96
N THR G 178 21.00 -18.53 15.77
CA THR G 178 21.54 -19.22 14.60
C THR G 178 22.04 -18.23 13.53
N TYR G 179 22.82 -18.76 12.60
CA TYR G 179 23.41 -18.00 11.51
C TYR G 179 22.77 -18.41 10.21
N SER G 180 22.75 -17.50 9.25
CA SER G 180 22.23 -17.75 7.92
C SER G 180 23.22 -17.17 6.91
N MET G 181 23.24 -17.73 5.71
CA MET G 181 24.16 -17.32 4.68
C MET G 181 23.52 -17.36 3.31
N SER G 182 23.83 -16.36 2.48
CA SER G 182 23.34 -16.25 1.12
C SER G 182 24.52 -16.35 0.17
N SER G 183 24.41 -17.21 -0.84
CA SER G 183 25.42 -17.38 -1.87
C SER G 183 24.76 -17.16 -3.24
N THR G 184 25.31 -16.24 -4.03
CA THR G 184 24.77 -15.89 -5.35
C THR G 184 25.83 -16.09 -6.43
N LEU G 185 25.50 -16.91 -7.44
CA LEU G 185 26.37 -17.17 -8.57
C LEU G 185 25.84 -16.39 -9.78
N THR G 186 26.54 -15.34 -10.17
CA THR G 186 26.12 -14.50 -11.28
C THR G 186 26.92 -14.81 -12.55
N LEU G 187 26.20 -15.23 -13.61
CA LEU G 187 26.74 -15.53 -14.94
C LEU G 187 26.06 -14.56 -15.91
N THR G 188 26.15 -14.85 -17.21
CA THR G 188 25.43 -14.13 -18.26
C THR G 188 24.32 -15.09 -18.66
N LYS G 189 23.36 -14.63 -19.49
CA LYS G 189 22.25 -15.47 -19.97
C LYS G 189 22.83 -16.62 -20.81
N ASP G 190 23.77 -16.28 -21.72
CA ASP G 190 24.41 -17.23 -22.62
C ASP G 190 25.27 -18.30 -21.94
N GLU G 191 26.07 -17.91 -20.90
CA GLU G 191 26.88 -18.84 -20.10
C GLU G 191 25.97 -19.76 -19.27
N TYR G 192 24.80 -19.23 -18.84
CA TYR G 192 23.78 -19.96 -18.09
C TYR G 192 23.10 -21.01 -18.97
N GLU G 193 22.69 -20.62 -20.19
CA GLU G 193 21.99 -21.48 -21.15
C GLU G 193 22.87 -22.60 -21.77
N ARG G 194 24.19 -22.55 -21.54
CA ARG G 194 25.14 -23.54 -22.04
C ARG G 194 25.25 -24.78 -21.14
N HIS G 195 24.67 -24.73 -19.94
CA HIS G 195 24.75 -25.83 -18.98
C HIS G 195 23.38 -26.33 -18.53
N ASN G 196 23.31 -27.47 -17.85
CA ASN G 196 22.03 -28.01 -17.41
C ASN G 196 21.94 -28.06 -15.89
N SER G 197 22.80 -28.86 -15.24
CA SER G 197 22.79 -28.99 -13.79
C SER G 197 23.57 -27.88 -13.06
N TYR G 198 22.94 -27.32 -12.01
CA TYR G 198 23.49 -26.31 -11.14
C TYR G 198 23.29 -26.82 -9.73
N THR G 199 24.34 -26.77 -8.92
CA THR G 199 24.26 -27.27 -7.54
C THR G 199 25.06 -26.45 -6.57
N CYS G 200 24.52 -26.26 -5.34
CA CYS G 200 25.24 -25.64 -4.25
C CYS G 200 25.38 -26.67 -3.12
N GLU G 201 26.63 -26.96 -2.77
CA GLU G 201 27.03 -27.96 -1.78
C GLU G 201 27.38 -27.23 -0.48
N ALA G 202 26.69 -27.60 0.60
CA ALA G 202 26.91 -26.99 1.92
C ALA G 202 27.66 -27.94 2.83
N THR G 203 28.81 -27.50 3.35
CA THR G 203 29.64 -28.30 4.24
C THR G 203 29.61 -27.70 5.64
N HIS G 204 29.07 -28.45 6.61
CA HIS G 204 28.90 -28.00 7.98
C HIS G 204 29.19 -29.13 9.00
N LYS G 205 29.66 -28.73 10.22
CA LYS G 205 30.00 -29.54 11.40
C LYS G 205 28.95 -30.65 11.69
N THR G 206 27.65 -30.31 11.57
CA THR G 206 26.49 -31.19 11.83
C THR G 206 26.45 -32.48 10.99
N SER G 207 27.13 -32.52 9.83
CA SER G 207 27.14 -33.70 8.98
C SER G 207 28.49 -33.96 8.33
N THR G 208 28.84 -35.26 8.26
CA THR G 208 30.06 -35.79 7.65
C THR G 208 29.94 -35.59 6.13
N SER G 209 28.70 -35.81 5.62
CA SER G 209 28.30 -35.68 4.22
C SER G 209 27.74 -34.27 3.94
N PRO G 210 28.13 -33.64 2.80
CA PRO G 210 27.61 -32.28 2.52
C PRO G 210 26.14 -32.25 2.09
N ILE G 211 25.42 -31.16 2.46
CA ILE G 211 24.02 -30.97 2.05
C ILE G 211 24.05 -30.44 0.62
N VAL G 212 23.49 -31.21 -0.31
CA VAL G 212 23.50 -30.87 -1.73
C VAL G 212 22.10 -30.51 -2.23
N LYS G 213 21.97 -29.29 -2.81
CA LYS G 213 20.73 -28.82 -3.41
C LYS G 213 21.02 -28.47 -4.85
N SER G 214 20.27 -29.10 -5.75
CA SER G 214 20.47 -28.97 -7.19
C SER G 214 19.17 -28.73 -7.97
N PHE G 215 19.32 -28.29 -9.24
CA PHE G 215 18.25 -28.09 -10.22
C PHE G 215 18.83 -28.27 -11.62
N ASN G 216 17.96 -28.64 -12.59
CA ASN G 216 18.38 -28.81 -13.98
C ASN G 216 17.65 -27.81 -14.85
N ARG G 217 18.43 -27.04 -15.61
CA ARG G 217 17.94 -25.98 -16.50
C ARG G 217 16.87 -26.51 -17.47
N ASN G 218 17.14 -27.66 -18.11
CA ASN G 218 16.20 -28.33 -19.00
C ASN G 218 15.46 -29.42 -18.20
N GLU G 219 14.58 -28.93 -17.30
CA GLU G 219 13.71 -29.70 -16.39
C GLU G 219 12.56 -28.80 -15.91
N CYS G 220 11.49 -28.74 -16.74
CA CYS G 220 10.23 -28.04 -16.40
C CYS G 220 9.04 -28.96 -16.71
N GLN H 1 26.88 13.23 27.55
CA GLN H 1 26.89 14.54 26.87
C GLN H 1 28.22 14.78 26.13
N VAL H 2 29.37 14.63 26.84
CA VAL H 2 30.73 14.81 26.31
C VAL H 2 31.03 13.69 25.27
N GLN H 3 31.03 14.06 23.97
CA GLN H 3 31.24 13.14 22.86
C GLN H 3 31.88 13.78 21.61
N LEU H 4 32.45 12.92 20.75
CA LEU H 4 33.07 13.32 19.49
C LEU H 4 32.04 13.19 18.38
N GLN H 5 31.70 14.33 17.75
CA GLN H 5 30.71 14.40 16.69
C GLN H 5 31.39 14.38 15.32
N GLN H 6 31.09 13.33 14.54
CA GLN H 6 31.64 13.13 13.21
C GLN H 6 30.68 13.49 12.08
N SER H 7 31.24 13.88 10.92
CA SER H 7 30.50 14.27 9.72
C SER H 7 29.76 13.08 9.10
N GLY H 8 28.75 13.37 8.27
CA GLY H 8 27.89 12.38 7.65
C GLY H 8 28.56 11.46 6.63
N ALA H 9 27.80 10.42 6.19
CA ALA H 9 28.24 9.40 5.23
C ALA H 9 28.69 10.04 3.93
N GLU H 10 29.71 9.42 3.31
CA GLU H 10 30.28 9.91 2.07
C GLU H 10 30.19 8.88 0.97
N LEU H 11 29.90 9.37 -0.23
CA LEU H 11 29.82 8.59 -1.45
C LEU H 11 30.71 9.34 -2.43
N VAL H 12 31.88 8.76 -2.70
CA VAL H 12 32.90 9.37 -3.53
C VAL H 12 33.30 8.48 -4.66
N LYS H 13 33.70 9.11 -5.78
CA LYS H 13 34.11 8.46 -7.01
C LYS H 13 35.55 8.02 -6.89
N PRO H 14 36.01 6.92 -7.52
CA PRO H 14 37.44 6.56 -7.40
C PRO H 14 38.37 7.61 -8.04
N GLY H 15 39.54 7.80 -7.44
CA GLY H 15 40.51 8.78 -7.89
C GLY H 15 40.28 10.17 -7.30
N ALA H 16 39.09 10.40 -6.74
CA ALA H 16 38.71 11.65 -6.08
C ALA H 16 39.28 11.72 -4.67
N SER H 17 38.95 12.81 -3.95
CA SER H 17 39.37 13.10 -2.58
C SER H 17 38.14 13.30 -1.67
N VAL H 18 38.33 13.08 -0.37
CA VAL H 18 37.27 13.22 0.64
C VAL H 18 37.86 13.76 1.92
N LYS H 19 37.16 14.71 2.57
CA LYS H 19 37.59 15.32 3.82
C LYS H 19 36.53 15.15 4.90
N LEU H 20 36.88 14.33 5.89
CA LEU H 20 36.04 14.00 7.03
C LEU H 20 36.37 14.87 8.21
N SER H 21 35.35 15.27 8.96
CA SER H 21 35.55 16.13 10.13
C SER H 21 35.10 15.45 11.42
N CYS H 22 35.68 15.92 12.53
CA CYS H 22 35.39 15.43 13.86
C CYS H 22 35.44 16.61 14.82
N THR H 23 34.30 16.96 15.42
CA THR H 23 34.19 18.07 16.37
C THR H 23 33.77 17.56 17.76
N PRO H 24 34.65 17.67 18.79
CA PRO H 24 34.23 17.26 20.13
C PRO H 24 33.35 18.31 20.81
N SER H 25 32.26 17.85 21.43
CA SER H 25 31.38 18.71 22.23
C SER H 25 31.72 18.33 23.67
N GLY H 26 32.16 19.32 24.44
CA GLY H 26 32.51 19.05 25.83
C GLY H 26 33.95 19.36 26.18
N PHE H 27 34.86 19.31 25.19
CA PHE H 27 36.27 19.62 25.39
C PHE H 27 36.93 20.25 24.17
N ASN H 28 38.14 20.79 24.41
CA ASN H 28 38.97 21.47 23.43
C ASN H 28 39.94 20.52 22.75
N ILE H 29 40.06 20.61 21.41
CA ILE H 29 41.00 19.78 20.64
C ILE H 29 42.44 20.03 21.05
N LYS H 30 42.75 21.25 21.54
CA LYS H 30 44.06 21.67 22.01
C LYS H 30 44.59 20.81 23.16
N ASP H 31 43.67 20.29 24.00
CA ASP H 31 43.98 19.51 25.21
C ASP H 31 44.12 17.99 25.01
N ILE H 32 44.11 17.51 23.74
CA ILE H 32 44.19 16.09 23.40
C ILE H 32 45.05 15.81 22.17
N TYR H 33 45.14 14.52 21.82
CA TYR H 33 45.77 13.98 20.62
C TYR H 33 44.59 13.40 19.84
N MET H 34 44.30 13.93 18.66
CA MET H 34 43.19 13.40 17.90
C MET H 34 43.66 12.32 16.93
N GLN H 35 43.15 11.08 17.16
CA GLN H 35 43.48 9.88 16.37
C GLN H 35 42.47 9.68 15.25
N TRP H 36 42.88 8.92 14.23
CA TRP H 36 42.02 8.51 13.11
C TRP H 36 42.27 7.03 12.88
N VAL H 37 41.20 6.22 13.03
CA VAL H 37 41.21 4.75 12.94
C VAL H 37 40.27 4.28 11.81
N LYS H 38 40.77 3.40 10.92
CA LYS H 38 40.07 2.80 9.78
C LYS H 38 39.49 1.41 10.12
N GLN H 39 38.18 1.19 9.88
CA GLN H 39 37.55 -0.12 10.09
C GLN H 39 36.88 -0.63 8.81
N ARG H 40 37.62 -1.47 8.08
CA ARG H 40 37.16 -2.05 6.83
C ARG H 40 36.18 -3.19 7.14
N PRO H 41 35.18 -3.49 6.26
CA PRO H 41 34.23 -4.58 6.57
C PRO H 41 34.68 -6.05 6.23
N GLU H 42 35.22 -6.86 7.18
CA GLU H 42 35.51 -6.54 8.57
C GLU H 42 36.91 -7.07 8.93
N GLN H 43 37.93 -6.19 8.76
CA GLN H 43 39.36 -6.47 8.99
C GLN H 43 39.96 -5.74 10.21
N GLY H 44 39.18 -5.59 11.27
CA GLY H 44 39.62 -4.97 12.52
C GLY H 44 39.94 -3.50 12.43
N LEU H 45 40.39 -2.93 13.56
CA LEU H 45 40.77 -1.53 13.68
C LEU H 45 42.19 -1.32 13.18
N GLU H 46 42.38 -0.27 12.36
CA GLU H 46 43.63 0.07 11.70
C GLU H 46 43.94 1.57 11.91
N TRP H 47 44.95 1.89 12.73
CA TRP H 47 45.36 3.26 13.04
C TRP H 47 45.97 3.93 11.83
N ILE H 48 45.50 5.15 11.51
CA ILE H 48 45.95 5.93 10.35
C ILE H 48 47.06 6.88 10.79
N GLY H 49 46.75 7.69 11.80
CA GLY H 49 47.65 8.66 12.36
C GLY H 49 46.99 9.50 13.42
N ARG H 50 47.70 10.53 13.90
CA ARG H 50 47.18 11.41 14.92
C ARG H 50 47.76 12.82 14.82
N ILE H 51 47.06 13.81 15.40
CA ILE H 51 47.47 15.20 15.41
C ILE H 51 47.45 15.78 16.83
N ASP H 52 48.41 16.67 17.11
CA ASP H 52 48.50 17.45 18.34
C ASP H 52 47.95 18.83 17.91
N PRO H 53 46.65 19.12 18.10
CA PRO H 53 46.08 20.40 17.64
C PRO H 53 46.66 21.67 18.27
N ALA H 54 47.42 21.52 19.36
CA ALA H 54 48.09 22.60 20.08
C ALA H 54 49.30 23.16 19.30
N ASN H 55 49.86 22.38 18.36
CA ASN H 55 51.05 22.78 17.59
C ASN H 55 51.06 22.21 16.17
N ASP H 56 49.92 21.60 15.76
CA ASP H 56 49.69 21.01 14.44
C ASP H 56 50.66 19.88 14.02
N LYS H 57 51.35 19.26 15.00
CA LYS H 57 52.29 18.16 14.75
C LYS H 57 51.56 16.83 14.54
N THR H 58 51.91 16.12 13.47
CA THR H 58 51.29 14.86 13.07
C THR H 58 52.24 13.67 13.03
N LYS H 59 51.66 12.48 13.24
CA LYS H 59 52.30 11.18 13.14
C LYS H 59 51.37 10.32 12.33
N TYR H 60 51.92 9.52 11.42
CA TYR H 60 51.14 8.62 10.57
C TYR H 60 51.74 7.22 10.59
N ASP H 61 50.95 6.23 10.14
CA ASP H 61 51.45 4.88 9.92
C ASP H 61 51.91 4.97 8.46
N PRO H 62 53.17 4.57 8.14
CA PRO H 62 53.66 4.68 6.75
C PRO H 62 52.80 4.01 5.67
N LYS H 63 51.88 3.09 6.07
CA LYS H 63 50.92 2.44 5.17
C LYS H 63 49.97 3.50 4.57
N PHE H 64 49.74 4.60 5.32
CA PHE H 64 48.85 5.72 4.96
C PHE H 64 49.59 6.96 4.46
N GLN H 65 50.92 6.84 4.29
CA GLN H 65 51.77 7.93 3.77
C GLN H 65 51.38 8.18 2.31
N GLY H 66 50.89 9.39 2.04
CA GLY H 66 50.43 9.78 0.72
C GLY H 66 48.92 9.68 0.58
N LYS H 67 48.30 8.75 1.34
CA LYS H 67 46.86 8.52 1.35
C LYS H 67 46.15 9.52 2.28
N ALA H 68 46.57 9.56 3.56
CA ALA H 68 45.94 10.37 4.58
C ALA H 68 46.65 11.66 4.95
N THR H 69 45.84 12.71 5.21
CA THR H 69 46.29 14.01 5.67
C THR H 69 45.39 14.46 6.83
N ILE H 70 45.96 14.47 8.05
CA ILE H 70 45.27 14.89 9.26
C ILE H 70 45.63 16.35 9.61
N THR H 71 44.59 17.19 9.77
CA THR H 71 44.71 18.61 10.10
C THR H 71 43.76 18.96 11.25
N ALA H 72 43.97 20.12 11.89
CA ALA H 72 43.11 20.61 12.96
C ALA H 72 42.82 22.08 12.81
N ASP H 73 41.61 22.49 13.21
CA ASP H 73 41.14 23.87 13.22
C ASP H 73 40.64 24.19 14.63
N THR H 74 41.49 24.87 15.43
CA THR H 74 41.16 25.25 16.81
C THR H 74 39.96 26.20 16.89
N SER H 75 39.83 27.13 15.91
CA SER H 75 38.74 28.10 15.80
C SER H 75 37.37 27.45 15.79
N SER H 76 37.21 26.34 15.03
CA SER H 76 35.95 25.59 14.97
C SER H 76 36.00 24.33 15.85
N ASN H 77 37.12 24.12 16.57
CA ASN H 77 37.36 22.97 17.46
C ASN H 77 37.09 21.66 16.69
N THR H 78 37.65 21.58 15.48
CA THR H 78 37.47 20.45 14.58
C THR H 78 38.79 19.90 14.09
N ALA H 79 38.87 18.56 14.02
CA ALA H 79 40.00 17.83 13.46
C ALA H 79 39.50 17.18 12.19
N TYR H 80 40.37 17.09 11.18
CA TYR H 80 40.01 16.57 9.86
C TYR H 80 40.88 15.42 9.40
N LEU H 81 40.33 14.60 8.50
CA LEU H 81 41.03 13.51 7.81
C LEU H 81 40.73 13.64 6.34
N GLN H 82 41.78 13.79 5.52
CA GLN H 82 41.62 13.84 4.08
C GLN H 82 42.22 12.60 3.45
N LEU H 83 41.43 11.91 2.64
CA LEU H 83 41.89 10.73 1.92
C LEU H 83 41.91 11.08 0.45
N SER H 84 43.09 10.93 -0.18
CA SER H 84 43.31 11.28 -1.60
C SER H 84 43.50 10.04 -2.47
N SER H 85 43.29 10.19 -3.81
CA SER H 85 43.39 9.12 -4.83
C SER H 85 42.60 7.88 -4.36
N LEU H 86 41.32 8.08 -4.05
CA LEU H 86 40.44 7.04 -3.52
C LEU H 86 40.27 5.81 -4.41
N THR H 87 40.39 4.63 -3.79
CA THR H 87 40.18 3.32 -4.42
C THR H 87 39.14 2.57 -3.59
N SER H 88 38.71 1.39 -4.07
CA SER H 88 37.75 0.53 -3.37
C SER H 88 38.32 0.09 -2.01
N GLU H 89 39.67 0.08 -1.87
CA GLU H 89 40.33 -0.28 -0.61
C GLU H 89 40.11 0.77 0.50
N ASP H 90 39.71 1.98 0.12
CA ASP H 90 39.44 3.06 1.07
C ASP H 90 37.99 3.05 1.58
N THR H 91 37.13 2.15 1.03
CA THR H 91 35.75 1.96 1.47
C THR H 91 35.84 1.33 2.86
N ALA H 92 35.40 2.07 3.89
CA ALA H 92 35.47 1.69 5.30
C ALA H 92 34.73 2.69 6.17
N VAL H 93 34.64 2.39 7.47
CA VAL H 93 34.10 3.29 8.48
C VAL H 93 35.35 3.91 9.14
N TYR H 94 35.39 5.23 9.22
CA TYR H 94 36.52 5.96 9.80
C TYR H 94 36.10 6.57 11.11
N TYR H 95 36.84 6.26 12.18
CA TYR H 95 36.56 6.80 13.50
C TYR H 95 37.60 7.82 13.89
N CYS H 96 37.19 8.85 14.64
CA CYS H 96 38.13 9.75 15.26
C CYS H 96 38.08 9.35 16.73
N ALA H 97 39.22 9.36 17.38
CA ALA H 97 39.32 9.01 18.79
C ALA H 97 40.25 9.99 19.41
N SER H 98 40.08 10.26 20.71
CA SER H 98 40.95 11.19 21.40
C SER H 98 41.73 10.52 22.49
N GLU H 99 43.07 10.73 22.49
CA GLU H 99 43.97 10.24 23.53
C GLU H 99 44.18 11.47 24.42
N GLY H 100 43.62 11.42 25.61
CA GLY H 100 43.70 12.51 26.58
C GLY H 100 45.04 12.61 27.26
N HIS H 101 45.29 13.77 27.87
CA HIS H 101 46.52 14.06 28.61
C HIS H 101 46.17 14.13 30.07
N TYR H 102 46.40 13.01 30.79
CA TYR H 102 46.02 12.90 32.20
C TYR H 102 47.18 12.85 33.22
N GLY H 103 48.31 13.43 32.87
CA GLY H 103 49.47 13.50 33.76
C GLY H 103 50.40 12.32 33.70
N TYR H 104 50.35 11.57 32.59
CA TYR H 104 51.20 10.41 32.34
C TYR H 104 51.85 10.62 30.98
N ASP H 105 52.92 9.86 30.71
CA ASP H 105 53.60 9.89 29.43
C ASP H 105 52.75 9.04 28.47
N GLY H 106 51.74 9.65 27.85
CA GLY H 106 50.82 8.97 26.95
C GLY H 106 49.57 8.48 27.65
N TYR H 107 48.64 7.86 26.86
CA TYR H 107 47.36 7.32 27.34
C TYR H 107 46.69 6.48 26.26
N ALA H 108 45.54 5.90 26.59
CA ALA H 108 44.71 5.11 25.70
C ALA H 108 43.76 6.07 24.96
N MET H 109 42.93 5.53 24.04
CA MET H 109 41.94 6.33 23.30
C MET H 109 40.63 6.26 24.09
N ASP H 110 40.43 7.22 25.01
CA ASP H 110 39.28 7.27 25.92
C ASP H 110 37.94 7.73 25.37
N TYR H 111 37.96 8.48 24.25
CA TYR H 111 36.75 8.94 23.56
C TYR H 111 36.82 8.54 22.12
N TRP H 112 35.68 8.12 21.57
CA TRP H 112 35.53 7.67 20.18
C TRP H 112 34.30 8.35 19.56
N GLY H 113 34.41 8.66 18.27
CA GLY H 113 33.32 9.24 17.50
C GLY H 113 32.36 8.16 17.03
N GLN H 114 31.20 8.55 16.48
CA GLN H 114 30.19 7.58 16.00
C GLN H 114 30.62 6.82 14.75
N GLY H 115 31.61 7.38 14.02
CA GLY H 115 32.12 6.83 12.77
C GLY H 115 31.56 7.53 11.56
N THR H 116 32.29 7.44 10.44
CA THR H 116 31.89 8.03 9.16
C THR H 116 32.09 6.99 8.08
N THR H 117 30.99 6.63 7.39
CA THR H 117 31.02 5.67 6.29
C THR H 117 31.51 6.35 5.04
N VAL H 118 32.55 5.77 4.42
CA VAL H 118 33.11 6.22 3.16
C VAL H 118 32.90 5.07 2.17
N THR H 119 32.13 5.33 1.12
CA THR H 119 31.93 4.33 0.07
C THR H 119 32.52 4.87 -1.21
N VAL H 120 33.50 4.14 -1.78
CA VAL H 120 34.17 4.53 -3.02
C VAL H 120 33.58 3.69 -4.16
N SER H 121 32.88 4.37 -5.09
CA SER H 121 32.16 3.77 -6.21
C SER H 121 32.01 4.76 -7.38
N SER H 122 31.96 4.23 -8.60
CA SER H 122 31.78 5.03 -9.82
C SER H 122 30.27 5.26 -10.08
N ALA H 123 29.41 4.56 -9.32
CA ALA H 123 27.96 4.60 -9.43
C ALA H 123 27.35 5.93 -9.07
N LYS H 124 26.21 6.19 -9.67
CA LYS H 124 25.35 7.35 -9.41
C LYS H 124 24.05 6.72 -8.85
N THR H 125 23.11 7.52 -8.32
CA THR H 125 21.84 6.97 -7.82
C THR H 125 21.17 6.08 -8.88
N THR H 126 21.24 4.76 -8.65
CA THR H 126 20.76 3.65 -9.49
C THR H 126 19.64 2.91 -8.73
N PRO H 127 18.41 2.79 -9.29
CA PRO H 127 17.37 2.06 -8.58
C PRO H 127 17.63 0.54 -8.67
N PRO H 128 17.10 -0.25 -7.72
CA PRO H 128 17.35 -1.69 -7.79
C PRO H 128 16.43 -2.42 -8.78
N SER H 129 16.89 -3.57 -9.25
CA SER H 129 16.10 -4.47 -10.06
C SER H 129 15.62 -5.49 -9.04
N VAL H 130 14.30 -5.69 -8.95
CA VAL H 130 13.76 -6.64 -8.00
C VAL H 130 13.32 -7.94 -8.69
N TYR H 131 14.03 -9.04 -8.39
CA TYR H 131 13.76 -10.34 -8.99
C TYR H 131 13.18 -11.33 -8.01
N PRO H 132 12.13 -12.08 -8.40
CA PRO H 132 11.54 -13.06 -7.48
C PRO H 132 12.35 -14.36 -7.38
N LEU H 133 12.40 -14.97 -6.20
CA LEU H 133 13.10 -16.24 -6.05
C LEU H 133 12.11 -17.33 -5.65
N ALA H 134 11.70 -18.11 -6.64
CA ALA H 134 10.76 -19.23 -6.51
C ALA H 134 11.52 -20.55 -6.72
N PRO H 135 11.19 -21.63 -5.98
CA PRO H 135 11.89 -22.91 -6.21
C PRO H 135 11.63 -23.49 -7.62
N GLY H 136 12.54 -24.35 -8.07
CA GLY H 136 12.44 -25.01 -9.36
C GLY H 136 11.14 -25.79 -9.51
N SER H 137 10.72 -25.94 -10.76
CA SER H 137 9.52 -26.67 -11.18
C SER H 137 9.36 -28.03 -10.48
N ALA H 138 10.47 -28.80 -10.38
CA ALA H 138 10.45 -30.10 -9.70
C ALA H 138 10.57 -29.90 -8.20
N ALA H 139 11.76 -29.47 -7.73
CA ALA H 139 12.17 -29.15 -6.36
C ALA H 139 11.64 -30.04 -5.20
N GLN H 140 11.74 -29.51 -3.95
CA GLN H 140 11.35 -30.15 -2.69
C GLN H 140 9.83 -30.17 -2.46
N THR H 141 9.45 -30.72 -1.30
CA THR H 141 8.06 -30.79 -0.80
C THR H 141 8.07 -30.25 0.63
N ASN H 142 8.61 -31.03 1.60
CA ASN H 142 8.72 -30.68 3.02
C ASN H 142 7.35 -30.27 3.60
N SER H 143 7.37 -29.53 4.72
CA SER H 143 6.20 -28.95 5.38
C SER H 143 6.31 -27.42 5.27
N MET H 144 7.54 -26.91 5.08
CA MET H 144 7.90 -25.50 4.94
C MET H 144 8.45 -25.26 3.53
N VAL H 145 8.36 -24.00 3.06
CA VAL H 145 8.86 -23.58 1.74
C VAL H 145 9.56 -22.22 1.85
N THR H 146 10.79 -22.16 1.31
CA THR H 146 11.62 -20.96 1.32
C THR H 146 11.53 -20.25 -0.01
N LEU H 147 11.26 -18.96 0.06
CA LEU H 147 11.17 -18.10 -1.10
C LEU H 147 12.07 -16.92 -0.87
N GLY H 148 12.47 -16.29 -1.95
CA GLY H 148 13.34 -15.15 -1.85
C GLY H 148 12.98 -14.01 -2.76
N CYS H 149 13.78 -12.97 -2.65
CA CYS H 149 13.65 -11.70 -3.33
C CYS H 149 15.10 -11.27 -3.56
N LEU H 150 15.49 -11.03 -4.82
CA LEU H 150 16.83 -10.58 -5.15
C LEU H 150 16.80 -9.10 -5.58
N VAL H 151 17.41 -8.24 -4.76
CA VAL H 151 17.49 -6.80 -4.94
C VAL H 151 18.89 -6.51 -5.50
N LYS H 152 18.97 -6.36 -6.84
CA LYS H 152 20.22 -6.21 -7.58
C LYS H 152 20.50 -4.84 -8.19
N GLY H 153 21.78 -4.48 -8.18
CA GLY H 153 22.34 -3.30 -8.83
C GLY H 153 21.84 -1.94 -8.45
N TYR H 154 21.78 -1.64 -7.16
CA TYR H 154 21.34 -0.35 -6.70
C TYR H 154 22.48 0.45 -6.12
N PHE H 155 22.24 1.75 -6.00
CA PHE H 155 23.15 2.67 -5.38
C PHE H 155 22.45 3.97 -5.01
N PRO H 156 22.64 4.50 -3.78
CA PRO H 156 23.44 3.98 -2.67
C PRO H 156 22.62 3.11 -1.71
N GLU H 157 23.18 2.81 -0.54
CA GLU H 157 22.53 2.12 0.56
C GLU H 157 21.70 3.20 1.29
N PRO H 158 20.57 2.93 1.96
CA PRO H 158 19.91 1.63 2.19
C PRO H 158 18.80 1.27 1.22
N VAL H 159 18.24 0.12 1.47
CA VAL H 159 17.12 -0.48 0.78
C VAL H 159 16.36 -1.15 1.91
N THR H 160 15.03 -1.11 1.89
CA THR H 160 14.23 -1.75 2.94
C THR H 160 13.40 -2.86 2.31
N VAL H 161 13.45 -4.07 2.89
CA VAL H 161 12.69 -5.20 2.37
C VAL H 161 11.72 -5.74 3.40
N THR H 162 10.43 -5.67 3.09
CA THR H 162 9.37 -6.26 3.92
C THR H 162 8.69 -7.36 3.09
N TRP H 163 7.94 -8.24 3.76
CA TRP H 163 7.22 -9.33 3.10
C TRP H 163 5.79 -9.20 3.52
N ASN H 164 4.87 -9.11 2.53
CA ASN H 164 3.44 -8.95 2.73
C ASN H 164 3.13 -7.74 3.62
N SER H 165 3.85 -6.62 3.36
CA SER H 165 3.76 -5.32 4.03
C SER H 165 4.05 -5.36 5.54
N GLY H 166 4.90 -6.30 5.96
CA GLY H 166 5.27 -6.47 7.35
C GLY H 166 4.56 -7.60 8.07
N SER H 167 3.48 -8.16 7.45
CA SER H 167 2.67 -9.27 7.98
C SER H 167 3.52 -10.53 8.19
N LEU H 168 4.45 -10.81 7.27
CA LEU H 168 5.40 -11.91 7.41
C LEU H 168 6.64 -11.29 8.02
N SER H 169 6.81 -11.48 9.34
CA SER H 169 7.92 -10.93 10.14
C SER H 169 8.85 -12.09 10.56
N SER H 170 8.24 -13.22 10.96
CA SER H 170 8.92 -14.44 11.36
C SER H 170 9.25 -15.25 10.10
N GLY H 171 10.41 -15.90 10.10
CA GLY H 171 10.90 -16.70 8.99
C GLY H 171 11.60 -15.90 7.93
N VAL H 172 11.72 -14.58 8.16
CA VAL H 172 12.35 -13.61 7.25
C VAL H 172 13.83 -13.36 7.61
N HIS H 173 14.71 -13.36 6.58
CA HIS H 173 16.14 -13.07 6.64
C HIS H 173 16.52 -12.11 5.55
N THR H 174 17.00 -10.94 5.89
CA THR H 174 17.52 -10.03 4.88
C THR H 174 19.03 -10.04 5.05
N PHE H 175 19.71 -10.52 4.04
CA PHE H 175 21.16 -10.63 4.03
C PHE H 175 21.82 -9.28 3.79
N PRO H 176 22.96 -8.98 4.48
CA PRO H 176 23.63 -7.70 4.27
C PRO H 176 24.01 -7.49 2.80
N ALA H 177 23.94 -6.23 2.31
CA ALA H 177 24.29 -5.94 0.93
C ALA H 177 25.78 -6.05 0.70
N VAL H 178 26.15 -6.52 -0.50
CA VAL H 178 27.56 -6.66 -0.92
C VAL H 178 27.81 -5.82 -2.17
N LEU H 179 28.99 -5.19 -2.25
CA LEU H 179 29.35 -4.36 -3.41
C LEU H 179 30.00 -5.17 -4.51
N GLN H 180 29.63 -4.89 -5.76
CA GLN H 180 30.32 -5.56 -6.85
C GLN H 180 30.82 -4.57 -7.88
N SER H 181 30.14 -4.42 -9.01
CA SER H 181 30.64 -3.51 -9.99
C SER H 181 30.07 -2.14 -9.74
N ASP H 182 30.61 -1.51 -8.68
CA ASP H 182 30.26 -0.19 -8.16
C ASP H 182 28.82 -0.12 -7.60
N LEU H 183 28.05 -1.25 -7.68
CA LEU H 183 26.66 -1.31 -7.21
C LEU H 183 26.45 -2.39 -6.14
N TYR H 184 25.35 -2.27 -5.36
CA TYR H 184 25.02 -3.22 -4.32
C TYR H 184 24.04 -4.28 -4.78
N THR H 185 24.11 -5.45 -4.13
CA THR H 185 23.25 -6.61 -4.31
C THR H 185 22.87 -7.16 -2.94
N LEU H 186 21.61 -7.50 -2.80
CA LEU H 186 21.05 -7.95 -1.54
C LEU H 186 19.99 -9.00 -1.87
N SER H 187 19.70 -9.86 -0.91
CA SER H 187 18.66 -10.86 -1.02
C SER H 187 17.96 -11.04 0.31
N SER H 188 16.67 -11.35 0.24
CA SER H 188 15.84 -11.57 1.42
C SER H 188 15.21 -12.91 1.26
N SER H 189 15.14 -13.63 2.37
CA SER H 189 14.61 -14.99 2.47
C SER H 189 13.36 -14.95 3.36
N VAL H 190 12.34 -15.73 2.95
CA VAL H 190 11.09 -15.89 3.69
C VAL H 190 10.72 -17.37 3.72
N THR H 191 10.37 -17.90 4.90
CA THR H 191 9.95 -19.29 5.08
C THR H 191 8.51 -19.33 5.54
N VAL H 192 7.66 -19.99 4.72
CA VAL H 192 6.23 -20.13 4.98
C VAL H 192 5.84 -21.62 4.92
N PRO H 193 4.73 -22.06 5.56
CA PRO H 193 4.31 -23.47 5.40
C PRO H 193 4.05 -23.81 3.93
N SER H 194 4.20 -25.08 3.54
CA SER H 194 3.97 -25.53 2.16
C SER H 194 2.50 -25.36 1.76
N SER H 195 1.60 -25.37 2.78
CA SER H 195 0.17 -25.17 2.62
C SER H 195 -0.16 -23.76 2.07
N PRO H 196 0.28 -22.60 2.65
CA PRO H 196 -0.04 -21.29 2.05
C PRO H 196 0.72 -20.87 0.79
N ARG H 197 1.64 -21.68 0.26
CA ARG H 197 2.31 -21.38 -1.02
C ARG H 197 2.46 -22.52 -2.00
N PRO H 198 2.05 -22.37 -3.29
CA PRO H 198 1.54 -21.16 -3.96
C PRO H 198 0.06 -20.81 -3.84
N SER H 199 -0.70 -21.51 -2.98
CA SER H 199 -2.15 -21.28 -2.80
C SER H 199 -2.50 -19.89 -2.26
N GLU H 200 -1.60 -19.31 -1.48
CA GLU H 200 -1.78 -17.94 -0.95
C GLU H 200 -0.65 -17.03 -1.45
N THR H 201 -0.75 -15.74 -1.13
CA THR H 201 0.15 -14.70 -1.60
C THR H 201 1.37 -14.42 -0.73
N VAL H 202 2.54 -14.44 -1.37
CA VAL H 202 3.82 -14.08 -0.76
C VAL H 202 4.41 -13.02 -1.68
N THR H 203 4.54 -11.78 -1.18
CA THR H 203 5.03 -10.63 -1.93
C THR H 203 6.14 -9.93 -1.18
N CYS H 204 7.26 -9.58 -1.86
CA CYS H 204 8.28 -8.76 -1.21
C CYS H 204 8.10 -7.31 -1.63
N ASN H 205 8.20 -6.43 -0.65
CA ASN H 205 8.07 -4.99 -0.85
C ASN H 205 9.43 -4.39 -0.65
N VAL H 206 10.01 -3.89 -1.74
CA VAL H 206 11.34 -3.28 -1.75
C VAL H 206 11.20 -1.75 -1.92
N ALA H 207 11.91 -0.98 -1.08
CA ALA H 207 11.94 0.47 -1.10
C ALA H 207 13.39 0.96 -1.10
N HIS H 208 13.73 1.80 -2.09
CA HIS H 208 15.04 2.44 -2.23
C HIS H 208 14.80 3.95 -2.16
N PRO H 209 14.84 4.53 -0.93
CA PRO H 209 14.52 5.97 -0.78
C PRO H 209 15.26 6.93 -1.72
N ALA H 210 16.59 6.71 -1.89
CA ALA H 210 17.49 7.51 -2.70
C ALA H 210 17.04 7.74 -4.14
N SER H 211 16.47 6.70 -4.80
CA SER H 211 16.00 6.78 -6.18
C SER H 211 14.50 7.03 -6.22
N SER H 212 13.87 7.21 -5.03
CA SER H 212 12.42 7.43 -4.88
C SER H 212 11.61 6.29 -5.55
N THR H 213 12.06 5.03 -5.33
CA THR H 213 11.45 3.82 -5.90
C THR H 213 10.84 2.92 -4.81
N LYS H 214 9.67 2.37 -5.10
CA LYS H 214 9.00 1.35 -4.31
C LYS H 214 8.57 0.31 -5.34
N VAL H 215 8.89 -0.97 -5.08
CA VAL H 215 8.59 -2.10 -5.96
C VAL H 215 7.96 -3.20 -5.12
N ASP H 216 6.91 -3.83 -5.64
CA ASP H 216 6.22 -4.95 -5.02
C ASP H 216 6.28 -6.11 -5.99
N LYS H 217 6.84 -7.23 -5.55
CA LYS H 217 6.98 -8.41 -6.39
C LYS H 217 6.33 -9.63 -5.78
N LYS H 218 5.28 -10.14 -6.44
CA LYS H 218 4.57 -11.34 -6.01
C LYS H 218 5.42 -12.53 -6.42
N ILE H 219 5.64 -13.45 -5.47
CA ILE H 219 6.40 -14.68 -5.74
C ILE H 219 5.39 -15.67 -6.29
N VAL H 220 5.51 -15.92 -7.60
CA VAL H 220 4.65 -16.79 -8.41
C VAL H 220 5.45 -18.07 -8.79
N PRO H 221 4.83 -19.28 -8.80
CA PRO H 221 5.58 -20.49 -9.19
C PRO H 221 6.12 -20.49 -10.63
N ARG H 222 7.27 -21.19 -10.82
CA ARG H 222 7.99 -21.30 -12.09
C ARG H 222 7.12 -21.88 -13.21
N ASP H 223 6.92 -21.09 -14.28
CA ASP H 223 6.08 -21.45 -15.43
C ASP H 223 6.76 -22.49 -16.34
N CYS H 224 5.96 -23.50 -16.76
CA CYS H 224 6.39 -24.56 -17.67
C CYS H 224 5.45 -24.57 -18.89
N ASP I 1 84.28 31.54 24.60
CA ASP I 1 83.71 31.07 23.34
C ASP I 1 82.96 29.75 23.57
N SER I 2 81.63 29.86 23.78
CA SER I 2 80.77 28.70 24.05
C SER I 2 79.42 28.72 23.33
N ASP I 3 78.87 27.51 23.12
CA ASP I 3 77.57 27.22 22.49
C ASP I 3 76.85 26.20 23.39
N ILE I 4 76.05 26.72 24.34
CA ILE I 4 75.34 25.86 25.28
C ILE I 4 73.92 25.62 24.79
N ALA I 5 73.48 24.34 24.82
CA ALA I 5 72.16 23.90 24.38
C ALA I 5 71.37 23.19 25.48
N PHE I 6 70.04 23.39 25.48
CA PHE I 6 69.12 22.75 26.43
C PHE I 6 68.18 21.75 25.77
N LEU I 7 68.08 20.57 26.38
CA LEU I 7 67.21 19.50 25.96
C LEU I 7 66.32 19.14 27.14
N ILE I 8 65.21 19.88 27.24
CA ILE I 8 64.23 19.76 28.31
C ILE I 8 63.11 18.75 28.01
N ASP I 9 62.82 17.90 28.99
CA ASP I 9 61.76 16.89 28.87
C ASP I 9 60.40 17.55 29.05
N GLY I 10 59.60 17.54 27.98
CA GLY I 10 58.25 18.10 27.97
C GLY I 10 57.15 17.07 28.16
N SER I 11 57.50 15.79 28.45
CA SER I 11 56.56 14.69 28.60
C SER I 11 55.45 14.92 29.61
N GLY I 12 54.36 14.17 29.45
CA GLY I 12 53.15 14.26 30.26
C GLY I 12 53.25 14.12 31.76
N SER I 13 54.20 13.29 32.26
CA SER I 13 54.39 13.06 33.72
C SER I 13 54.80 14.31 34.49
N ILE I 14 55.49 15.28 33.82
CA ILE I 14 55.94 16.55 34.40
C ILE I 14 54.72 17.46 34.55
N ILE I 15 54.24 17.65 35.78
CA ILE I 15 53.08 18.51 36.09
C ILE I 15 53.40 19.99 35.74
N PRO I 16 52.39 20.83 35.37
CA PRO I 16 52.69 22.23 35.00
C PRO I 16 53.63 23.02 35.92
N HIS I 17 53.48 22.88 37.25
CA HIS I 17 54.33 23.59 38.22
C HIS I 17 55.78 23.21 38.11
N ASP I 18 56.04 21.92 37.84
CA ASP I 18 57.37 21.34 37.68
C ASP I 18 57.99 21.79 36.35
N PHE I 19 57.17 21.86 35.27
CA PHE I 19 57.65 22.37 33.98
C PHE I 19 58.02 23.86 34.14
N ARG I 20 57.24 24.62 34.96
CA ARG I 20 57.48 26.04 35.28
C ARG I 20 58.81 26.19 36.03
N ARG I 21 59.05 25.30 37.02
CA ARG I 21 60.28 25.25 37.83
C ARG I 21 61.50 24.98 36.95
N MET I 22 61.35 24.07 35.97
CA MET I 22 62.37 23.69 34.99
C MET I 22 62.67 24.87 34.07
N LYS I 23 61.63 25.60 33.64
CA LYS I 23 61.78 26.80 32.80
C LYS I 23 62.58 27.88 33.58
N GLU I 24 62.26 28.08 34.89
CA GLU I 24 62.87 28.99 35.85
C GLU I 24 64.36 28.66 36.05
N PHE I 25 64.70 27.37 36.31
CA PHE I 25 66.07 26.88 36.47
C PHE I 25 66.89 27.11 35.19
N VAL I 26 66.25 26.98 34.00
CA VAL I 26 66.86 27.20 32.68
C VAL I 26 67.21 28.68 32.52
N SER I 27 66.24 29.57 32.82
CA SER I 27 66.36 31.02 32.75
C SER I 27 67.49 31.53 33.65
N THR I 28 67.58 31.00 34.89
CA THR I 28 68.58 31.37 35.90
C THR I 28 70.00 30.97 35.47
N VAL I 29 70.15 29.75 34.90
CA VAL I 29 71.42 29.23 34.37
C VAL I 29 71.89 30.06 33.14
N MET I 30 70.94 30.57 32.35
CA MET I 30 71.19 31.40 31.17
C MET I 30 71.64 32.80 31.58
N GLU I 31 71.25 33.24 32.79
CA GLU I 31 71.59 34.53 33.37
C GLU I 31 72.92 34.49 34.15
N GLN I 32 73.21 33.35 34.81
CA GLN I 32 74.44 33.13 35.58
C GLN I 32 75.67 32.82 34.69
N LEU I 33 75.45 32.19 33.51
CA LEU I 33 76.52 31.83 32.56
C LEU I 33 76.67 32.89 31.45
N LYS I 34 76.04 34.07 31.64
CA LYS I 34 76.06 35.19 30.69
C LYS I 34 77.49 35.68 30.47
N LYS I 35 78.02 35.43 29.27
CA LYS I 35 79.37 35.84 28.84
C LYS I 35 79.27 36.44 27.42
N SER I 36 80.26 37.26 27.06
CA SER I 36 80.33 37.93 25.74
C SER I 36 80.47 37.04 24.48
N LYS I 37 80.90 35.78 24.62
CA LYS I 37 81.05 34.81 23.54
C LYS I 37 80.25 33.52 23.81
N THR I 38 79.36 33.54 24.85
CA THR I 38 78.49 32.41 25.20
C THR I 38 77.12 32.61 24.52
N LEU I 39 76.69 31.60 23.74
CA LEU I 39 75.41 31.61 23.00
C LEU I 39 74.50 30.48 23.48
N PHE I 40 73.16 30.70 23.39
CA PHE I 40 72.17 29.73 23.86
C PHE I 40 71.16 29.24 22.84
N SER I 41 70.77 27.94 22.98
CA SER I 41 69.79 27.24 22.15
C SER I 41 68.95 26.25 22.97
N LEU I 42 67.61 26.26 22.77
CA LEU I 42 66.72 25.34 23.48
C LEU I 42 65.83 24.54 22.56
N MET I 43 65.72 23.25 22.88
CA MET I 43 64.81 22.32 22.24
C MET I 43 64.05 21.54 23.31
N GLN I 44 62.72 21.46 23.15
CA GLN I 44 61.86 20.68 24.02
C GLN I 44 61.53 19.38 23.30
N TYR I 45 61.51 18.27 24.04
CA TYR I 45 61.22 16.98 23.46
C TYR I 45 60.27 16.18 24.36
N SER I 46 59.58 15.22 23.74
CA SER I 46 58.69 14.22 24.32
C SER I 46 58.62 13.14 23.23
N GLU I 47 57.52 13.09 22.48
CA GLU I 47 57.34 12.23 21.31
C GLU I 47 57.36 13.16 20.10
N GLU I 48 57.30 14.48 20.38
CA GLU I 48 57.39 15.58 19.42
C GLU I 48 58.58 16.42 19.84
N PHE I 49 59.17 17.16 18.88
CA PHE I 49 60.40 17.92 19.10
C PHE I 49 60.24 19.34 18.58
N ARG I 50 60.51 20.32 19.45
CA ARG I 50 60.33 21.74 19.11
C ARG I 50 61.51 22.61 19.51
N ILE I 51 62.09 23.32 18.53
CA ILE I 51 63.17 24.28 18.78
C ILE I 51 62.46 25.56 19.20
N HIS I 52 62.71 26.02 20.45
CA HIS I 52 62.08 27.24 20.94
C HIS I 52 62.89 28.48 20.55
N PHE I 53 64.23 28.34 20.50
CA PHE I 53 65.16 29.39 20.06
C PHE I 53 66.49 28.84 19.60
N THR I 54 66.96 29.32 18.43
CA THR I 54 68.26 28.97 17.84
C THR I 54 69.33 29.90 18.43
N PHE I 55 70.63 29.55 18.26
CA PHE I 55 71.74 30.40 18.72
C PHE I 55 71.64 31.79 18.09
N LYS I 56 71.29 31.84 16.78
CA LYS I 56 71.08 33.06 15.99
C LYS I 56 69.94 33.89 16.57
N GLU I 57 68.82 33.22 16.95
CA GLU I 57 67.64 33.85 17.56
C GLU I 57 68.00 34.44 18.93
N PHE I 58 68.92 33.78 19.68
CA PHE I 58 69.40 34.28 20.97
C PHE I 58 70.31 35.47 20.78
N GLN I 59 71.18 35.43 19.75
CA GLN I 59 72.10 36.52 19.41
C GLN I 59 71.32 37.83 19.12
N ASN I 60 70.21 37.72 18.38
CA ASN I 60 69.34 38.85 18.01
C ASN I 60 68.36 39.29 19.13
N ASN I 61 68.30 38.52 20.24
CA ASN I 61 67.49 38.81 21.44
C ASN I 61 68.14 38.12 22.66
N PRO I 62 69.27 38.66 23.20
CA PRO I 62 69.95 37.95 24.30
C PRO I 62 69.30 38.13 25.68
N ASN I 63 67.96 38.04 25.72
CA ASN I 63 67.13 38.15 26.93
C ASN I 63 66.60 36.73 27.29
N PRO I 64 67.23 36.06 28.28
CA PRO I 64 66.81 34.68 28.63
C PRO I 64 65.34 34.51 28.96
N ARG I 65 64.81 35.36 29.84
CA ARG I 65 63.42 35.29 30.27
C ARG I 65 62.41 35.64 29.19
N SER I 66 62.83 36.43 28.19
CA SER I 66 61.98 36.81 27.05
C SER I 66 61.73 35.60 26.14
N LEU I 67 62.75 34.72 26.02
CA LEU I 67 62.73 33.51 25.19
C LEU I 67 62.15 32.28 25.90
N VAL I 68 62.37 32.16 27.21
CA VAL I 68 61.90 31.05 28.04
C VAL I 68 60.40 31.15 28.35
N LYS I 69 59.90 32.35 28.74
CA LYS I 69 58.49 32.62 29.11
C LYS I 69 57.44 32.00 28.16
N PRO I 70 57.48 32.23 26.82
CA PRO I 70 56.44 31.64 25.95
C PRO I 70 56.41 30.12 25.79
N ILE I 71 57.53 29.41 26.13
CA ILE I 71 57.66 27.94 26.03
C ILE I 71 56.48 27.22 26.68
N THR I 72 55.73 26.44 25.89
CA THR I 72 54.57 25.66 26.29
C THR I 72 54.91 24.16 26.21
N GLN I 73 54.41 23.35 27.17
CA GLN I 73 54.66 21.92 27.28
C GLN I 73 54.03 21.10 26.16
N LEU I 74 54.82 20.20 25.54
CA LEU I 74 54.41 19.33 24.42
C LEU I 74 53.49 18.21 24.89
N LEU I 75 53.88 17.56 26.03
CA LEU I 75 53.23 16.40 26.66
C LEU I 75 53.47 15.15 25.82
N GLY I 76 52.99 14.00 26.29
CA GLY I 76 53.19 12.74 25.56
C GLY I 76 54.29 11.87 26.14
N ARG I 77 54.78 10.93 25.32
CA ARG I 77 55.81 9.93 25.64
C ARG I 77 57.25 10.50 25.68
N THR I 78 58.29 9.65 25.95
CA THR I 78 59.69 10.11 26.05
C THR I 78 60.62 9.46 25.04
N HIS I 79 61.08 10.26 24.07
CA HIS I 79 62.00 9.85 23.02
C HIS I 79 63.30 10.67 23.14
N THR I 80 64.10 10.34 24.18
CA THR I 80 65.37 10.98 24.53
C THR I 80 66.40 10.96 23.42
N ALA I 81 66.70 9.75 22.87
CA ALA I 81 67.69 9.52 21.80
C ALA I 81 67.40 10.39 20.56
N THR I 82 66.14 10.38 20.05
CA THR I 82 65.73 11.19 18.91
C THR I 82 65.93 12.69 19.19
N GLY I 83 65.68 13.09 20.45
CA GLY I 83 65.88 14.44 20.93
C GLY I 83 67.34 14.86 20.88
N ILE I 84 68.24 13.96 21.37
CA ILE I 84 69.70 14.18 21.37
C ILE I 84 70.22 14.33 19.93
N ARG I 85 69.76 13.45 19.01
CA ARG I 85 70.16 13.51 17.59
C ARG I 85 69.73 14.84 16.98
N LYS I 86 68.48 15.27 17.25
CA LYS I 86 67.93 16.53 16.74
C LYS I 86 68.69 17.74 17.26
N VAL I 87 69.17 17.70 18.52
CA VAL I 87 69.96 18.77 19.12
C VAL I 87 71.31 18.87 18.38
N VAL I 88 71.98 17.70 18.20
CA VAL I 88 73.27 17.57 17.51
C VAL I 88 73.16 18.04 16.04
N ARG I 89 72.17 17.51 15.30
CA ARG I 89 71.99 17.83 13.88
C ARG I 89 71.37 19.20 13.60
N GLU I 90 70.43 19.68 14.43
CA GLU I 90 69.75 20.95 14.20
C GLU I 90 70.29 22.15 14.96
N LEU I 91 70.38 22.04 16.31
CA LEU I 91 70.85 23.17 17.14
C LEU I 91 72.31 23.51 16.86
N PHE I 92 73.15 22.46 16.74
CA PHE I 92 74.59 22.56 16.44
C PHE I 92 74.85 22.53 14.93
N ASN I 93 74.17 23.42 14.21
CA ASN I 93 74.30 23.64 12.77
C ASN I 93 74.54 25.13 12.53
N ILE I 94 75.49 25.45 11.65
CA ILE I 94 75.92 26.82 11.29
C ILE I 94 74.76 27.71 10.79
N THR I 95 73.74 27.11 10.13
CA THR I 95 72.55 27.80 9.64
C THR I 95 71.68 28.33 10.80
N ASN I 96 71.77 27.66 11.97
CA ASN I 96 71.05 27.98 13.21
C ASN I 96 71.87 28.85 14.20
N GLY I 97 72.91 29.49 13.67
CA GLY I 97 73.79 30.39 14.40
C GLY I 97 74.88 29.76 15.23
N ALA I 98 75.16 28.45 15.02
CA ALA I 98 76.22 27.75 15.75
C ALA I 98 77.61 28.12 15.21
N ARG I 99 78.60 28.20 16.11
CA ARG I 99 79.99 28.54 15.78
C ARG I 99 80.84 27.27 15.65
N LYS I 100 81.69 27.22 14.59
CA LYS I 100 82.56 26.10 14.21
C LYS I 100 83.57 25.72 15.29
N ASN I 101 84.36 26.69 15.79
CA ASN I 101 85.39 26.42 16.79
C ASN I 101 85.01 26.85 18.23
N ALA I 102 83.70 26.78 18.56
CA ALA I 102 83.17 27.09 19.88
C ALA I 102 82.96 25.79 20.67
N PHE I 103 82.91 25.88 22.01
CA PHE I 103 82.68 24.73 22.87
C PHE I 103 81.21 24.30 22.73
N LYS I 104 80.99 23.01 22.42
CA LYS I 104 79.65 22.45 22.24
C LYS I 104 79.19 21.76 23.52
N ILE I 105 78.31 22.43 24.28
CA ILE I 105 77.79 21.91 25.57
C ILE I 105 76.28 21.65 25.46
N LEU I 106 75.82 20.56 26.08
CA LEU I 106 74.41 20.18 26.11
C LEU I 106 73.95 19.80 27.51
N VAL I 107 72.88 20.49 27.97
CA VAL I 107 72.24 20.25 29.26
C VAL I 107 70.89 19.54 29.02
N VAL I 108 70.86 18.23 29.33
CA VAL I 108 69.66 17.39 29.18
C VAL I 108 68.96 17.24 30.53
N ILE I 109 67.72 17.74 30.61
CA ILE I 109 66.87 17.65 31.79
C ILE I 109 65.69 16.74 31.43
N THR I 110 65.53 15.63 32.20
CA THR I 110 64.53 14.59 32.02
C THR I 110 63.99 14.03 33.37
N ASP I 111 62.72 13.63 33.39
CA ASP I 111 62.04 13.06 34.56
C ASP I 111 61.82 11.53 34.49
N GLY I 112 62.22 10.93 33.37
CA GLY I 112 62.08 9.49 33.16
C GLY I 112 62.94 8.93 32.05
N GLU I 113 62.96 7.59 31.96
CA GLU I 113 63.67 6.81 30.94
C GLU I 113 63.01 6.92 29.57
N LYS I 114 63.79 6.83 28.47
CA LYS I 114 63.21 6.85 27.13
C LYS I 114 62.49 5.52 26.88
N PHE I 115 61.36 5.55 26.15
CA PHE I 115 60.58 4.36 25.82
C PHE I 115 59.88 4.52 24.49
N GLY I 116 59.90 3.45 23.71
CA GLY I 116 59.28 3.42 22.39
C GLY I 116 59.92 4.34 21.37
N ASP I 117 61.15 4.79 21.66
CA ASP I 117 61.94 5.68 20.79
C ASP I 117 62.40 4.88 19.56
N PRO I 118 62.18 5.41 18.32
CA PRO I 118 62.66 4.68 17.13
C PRO I 118 64.17 4.46 17.14
N LEU I 119 64.94 5.39 17.78
CA LEU I 119 66.39 5.30 17.88
C LEU I 119 66.87 4.86 19.27
N GLY I 120 67.95 4.09 19.29
CA GLY I 120 68.62 3.66 20.52
C GLY I 120 69.72 4.66 20.83
N TYR I 121 70.29 4.61 22.05
CA TYR I 121 71.36 5.56 22.39
C TYR I 121 72.63 5.32 21.55
N GLU I 122 72.84 4.04 21.11
CA GLU I 122 73.96 3.61 20.24
C GLU I 122 73.90 4.30 18.87
N ASP I 123 72.69 4.69 18.41
CA ASP I 123 72.48 5.34 17.12
C ASP I 123 72.70 6.86 17.22
N VAL I 124 72.76 7.40 18.46
CA VAL I 124 72.88 8.86 18.67
C VAL I 124 74.14 9.34 19.44
N ILE I 125 74.55 8.61 20.52
CA ILE I 125 75.72 8.93 21.36
C ILE I 125 77.06 9.03 20.56
N PRO I 126 77.43 8.03 19.70
CA PRO I 126 78.68 8.16 18.92
C PRO I 126 78.76 9.42 18.07
N GLU I 127 77.65 9.79 17.40
CA GLU I 127 77.54 11.01 16.58
C GLU I 127 77.79 12.27 17.42
N ALA I 128 77.30 12.28 18.70
CA ALA I 128 77.47 13.40 19.65
C ALA I 128 78.92 13.53 20.09
N ASP I 129 79.60 12.38 20.30
CA ASP I 129 81.01 12.33 20.69
C ASP I 129 81.88 12.84 19.55
N ARG I 130 81.66 12.33 18.32
CA ARG I 130 82.36 12.72 17.09
C ARG I 130 82.20 14.20 16.75
N GLU I 131 81.03 14.78 17.07
CA GLU I 131 80.76 16.20 16.83
C GLU I 131 81.26 17.09 17.97
N GLY I 132 81.87 16.46 18.99
CA GLY I 132 82.45 17.10 20.16
C GLY I 132 81.47 17.77 21.09
N VAL I 133 80.32 17.12 21.34
CA VAL I 133 79.28 17.67 22.22
C VAL I 133 79.43 17.16 23.65
N ILE I 134 79.77 18.07 24.58
CA ILE I 134 79.93 17.82 26.01
C ILE I 134 78.53 17.76 26.59
N ARG I 135 78.15 16.58 27.09
CA ARG I 135 76.81 16.33 27.57
C ARG I 135 76.68 16.22 29.08
N TYR I 136 75.77 17.03 29.64
CA TYR I 136 75.40 17.09 31.05
C TYR I 136 73.94 16.59 31.17
N VAL I 137 73.65 15.75 32.18
CA VAL I 137 72.31 15.20 32.40
C VAL I 137 71.78 15.42 33.83
N ILE I 138 70.50 15.85 33.94
CA ILE I 138 69.80 16.05 35.22
C ILE I 138 68.59 15.12 35.25
N GLY I 139 68.69 14.11 36.11
CA GLY I 139 67.67 13.10 36.32
C GLY I 139 66.78 13.42 37.50
N VAL I 140 65.59 13.96 37.20
CA VAL I 140 64.61 14.42 38.20
C VAL I 140 63.61 13.35 38.69
N GLY I 141 63.57 13.15 40.01
CA GLY I 141 62.61 12.27 40.66
C GLY I 141 62.86 10.78 40.69
N ASP I 142 61.82 10.07 41.19
CA ASP I 142 61.67 8.63 41.45
C ASP I 142 62.02 7.67 40.31
N ALA I 143 61.97 8.13 39.05
CA ALA I 143 62.28 7.27 37.89
C ALA I 143 63.73 6.80 37.87
N PHE I 144 64.62 7.55 38.54
CA PHE I 144 66.04 7.25 38.58
C PHE I 144 66.52 6.73 39.94
N ARG I 145 65.64 6.04 40.70
CA ARG I 145 65.98 5.47 42.01
C ARG I 145 66.55 4.02 41.94
N SER I 146 66.79 3.50 40.70
CA SER I 146 67.31 2.14 40.47
C SER I 146 68.69 2.14 39.80
N GLU I 147 69.40 0.99 39.86
CA GLU I 147 70.71 0.77 39.25
C GLU I 147 70.64 0.92 37.71
N LYS I 148 69.69 0.21 37.07
CA LYS I 148 69.40 0.19 35.62
C LYS I 148 69.06 1.59 35.08
N SER I 149 68.28 2.38 35.87
CA SER I 149 67.90 3.74 35.47
C SER I 149 69.07 4.72 35.46
N ARG I 150 69.97 4.61 36.47
CA ARG I 150 71.17 5.44 36.58
C ARG I 150 72.13 5.20 35.41
N GLN I 151 72.15 3.97 34.86
CA GLN I 151 72.98 3.60 33.71
C GLN I 151 72.54 4.37 32.47
N GLU I 152 71.21 4.64 32.36
CA GLU I 152 70.61 5.43 31.28
C GLU I 152 71.16 6.86 31.35
N LEU I 153 71.28 7.45 32.57
CA LEU I 153 71.84 8.80 32.80
C LEU I 153 73.30 8.83 32.37
N ASN I 154 74.05 7.77 32.74
CA ASN I 154 75.46 7.59 32.39
C ASN I 154 75.67 7.48 30.88
N THR I 155 74.70 6.85 30.17
CA THR I 155 74.71 6.69 28.72
C THR I 155 74.50 8.04 28.01
N ILE I 156 73.59 8.87 28.55
CA ILE I 156 73.29 10.20 28.02
C ILE I 156 74.49 11.13 28.20
N ALA I 157 74.99 11.27 29.46
CA ALA I 157 76.11 12.14 29.84
C ALA I 157 77.47 11.66 29.39
N SER I 158 78.38 12.63 29.13
CA SER I 158 79.76 12.38 28.72
C SER I 158 80.50 11.70 29.88
N LYS I 159 81.49 10.84 29.55
CA LYS I 159 82.27 10.16 30.58
C LYS I 159 83.28 11.17 31.19
N PRO I 160 83.52 11.18 32.53
CA PRO I 160 83.00 10.28 33.57
C PRO I 160 81.65 10.70 34.15
N PRO I 161 80.86 9.75 34.69
CA PRO I 161 79.55 10.10 35.27
C PRO I 161 79.60 11.11 36.43
N ARG I 162 80.67 11.08 37.25
CA ARG I 162 80.85 11.99 38.38
C ARG I 162 80.91 13.48 37.98
N ASP I 163 81.46 13.77 36.78
CA ASP I 163 81.67 15.12 36.22
C ASP I 163 80.53 15.62 35.32
N HIS I 164 79.62 14.72 34.87
CA HIS I 164 78.56 15.09 33.94
C HIS I 164 77.11 14.72 34.34
N VAL I 165 76.93 13.78 35.29
CA VAL I 165 75.59 13.36 35.76
C VAL I 165 75.19 14.12 37.03
N PHE I 166 73.91 14.54 37.08
CA PHE I 166 73.26 15.20 38.21
C PHE I 166 71.96 14.43 38.52
N GLN I 167 71.51 14.49 39.77
CA GLN I 167 70.29 13.81 40.22
C GLN I 167 69.62 14.59 41.33
N VAL I 168 68.33 14.91 41.15
CA VAL I 168 67.53 15.63 42.13
C VAL I 168 66.25 14.85 42.45
N ASN I 169 65.81 14.93 43.70
CA ASN I 169 64.61 14.31 44.26
C ASN I 169 63.32 14.82 43.57
N ASN I 170 63.28 16.13 43.20
CA ASN I 170 62.11 16.79 42.60
C ASN I 170 62.54 18.01 41.78
N PHE I 171 61.59 18.67 41.07
CA PHE I 171 61.87 19.88 40.29
C PHE I 171 62.22 21.11 41.16
N GLU I 172 61.82 21.12 42.46
CA GLU I 172 62.16 22.20 43.40
C GLU I 172 63.64 22.13 43.79
N ALA I 173 64.20 20.90 43.80
CA ALA I 173 65.61 20.63 44.11
C ALA I 173 66.56 21.03 42.96
N LEU I 174 66.02 21.47 41.81
CA LEU I 174 66.85 21.95 40.71
C LEU I 174 67.64 23.18 41.19
N LYS I 175 67.11 23.88 42.23
CA LYS I 175 67.74 25.05 42.86
C LYS I 175 69.05 24.67 43.56
N THR I 176 69.10 23.46 44.13
CA THR I 176 70.25 22.88 44.85
C THR I 176 71.47 22.73 43.94
N ILE I 177 71.27 22.29 42.69
CA ILE I 177 72.33 22.05 41.72
C ILE I 177 72.64 23.22 40.77
N GLN I 178 72.03 24.40 41.02
CA GLN I 178 72.19 25.65 40.26
C GLN I 178 73.66 26.13 40.27
N ASN I 179 74.29 26.11 41.46
CA ASN I 179 75.68 26.53 41.66
C ASN I 179 76.66 25.51 41.10
N GLN I 180 76.46 24.20 41.38
CA GLN I 180 77.31 23.08 40.94
C GLN I 180 77.38 22.95 39.42
N LEU I 181 76.25 23.21 38.71
CA LEU I 181 76.20 23.16 37.26
C LEU I 181 76.96 24.34 36.66
N ARG I 182 76.72 25.57 37.16
CA ARG I 182 77.40 26.78 36.68
C ARG I 182 78.93 26.64 36.82
N GLU I 183 79.39 26.07 37.94
CA GLU I 183 80.81 25.83 38.21
C GLU I 183 81.42 24.74 37.30
N LYS I 184 80.65 23.68 36.97
CA LYS I 184 81.10 22.61 36.08
C LYS I 184 81.25 23.06 34.62
N ILE I 185 80.38 24.00 34.17
CA ILE I 185 80.42 24.58 32.82
C ILE I 185 81.68 25.44 32.67
N PHE I 186 81.96 26.29 33.69
CA PHE I 186 83.15 27.18 33.75
C PHE I 186 84.49 26.42 33.79
N ALA I 187 84.50 25.17 34.32
CA ALA I 187 85.68 24.29 34.32
C ALA I 187 85.75 23.75 32.88
N ILE I 188 86.80 24.23 32.16
CA ILE I 188 87.13 24.11 30.73
C ILE I 188 86.24 25.12 29.97
N GLU I 189 86.65 26.41 30.02
CA GLU I 189 85.96 27.59 29.45
C GLU I 189 85.82 27.54 27.94
N ASP J 1 -12.10 -10.75 -57.91
CA ASP J 1 -12.44 -10.05 -56.67
C ASP J 1 -13.06 -8.68 -56.98
N ILE J 2 -14.19 -8.36 -56.34
CA ILE J 2 -14.88 -7.07 -56.50
C ILE J 2 -14.24 -6.07 -55.54
N GLU J 3 -13.81 -4.90 -56.03
CA GLU J 3 -13.22 -3.88 -55.18
C GLU J 3 -14.30 -2.94 -54.72
N MET J 4 -14.35 -2.70 -53.41
CA MET J 4 -15.31 -1.80 -52.79
C MET J 4 -14.57 -0.55 -52.41
N THR J 5 -14.88 0.56 -53.10
CA THR J 5 -14.21 1.83 -52.88
C THR J 5 -15.04 2.83 -52.08
N GLN J 6 -14.69 2.97 -50.80
CA GLN J 6 -15.35 3.88 -49.88
C GLN J 6 -14.71 5.26 -49.87
N SER J 7 -15.53 6.30 -49.62
CA SER J 7 -15.08 7.70 -49.60
C SER J 7 -16.03 8.58 -48.79
N PRO J 8 -15.50 9.50 -47.91
CA PRO J 8 -14.07 9.73 -47.57
C PRO J 8 -13.57 8.72 -46.53
N SER J 9 -12.25 8.53 -46.41
CA SER J 9 -11.68 7.62 -45.41
C SER J 9 -12.00 8.07 -43.97
N SER J 10 -12.02 9.39 -43.76
CA SER J 10 -12.30 10.02 -42.47
C SER J 10 -13.18 11.25 -42.70
N LEU J 11 -14.15 11.49 -41.81
CA LEU J 11 -15.01 12.65 -41.93
C LEU J 11 -15.28 13.39 -40.61
N GLY J 12 -14.93 14.67 -40.60
CA GLY J 12 -15.19 15.60 -39.50
C GLY J 12 -16.67 15.94 -39.52
N VAL J 13 -17.35 15.68 -38.40
CA VAL J 13 -18.79 15.82 -38.29
C VAL J 13 -19.23 16.61 -37.05
N SER J 14 -20.32 17.40 -37.17
CA SER J 14 -20.92 18.15 -36.06
C SER J 14 -22.33 17.65 -35.86
N VAL J 15 -22.79 17.56 -34.61
CA VAL J 15 -24.13 17.09 -34.27
C VAL J 15 -25.20 17.92 -34.99
N GLY J 16 -26.14 17.24 -35.67
CA GLY J 16 -27.23 17.86 -36.40
C GLY J 16 -27.00 17.99 -37.89
N GLU J 17 -25.74 17.87 -38.35
CA GLU J 17 -25.35 17.94 -39.77
C GLU J 17 -25.85 16.76 -40.62
N LYS J 18 -25.82 16.94 -41.95
CA LYS J 18 -26.18 15.93 -42.93
C LYS J 18 -24.86 15.36 -43.41
N VAL J 19 -24.69 14.05 -43.19
CA VAL J 19 -23.48 13.36 -43.58
C VAL J 19 -23.80 12.36 -44.68
N THR J 20 -22.91 12.28 -45.68
CA THR J 20 -23.05 11.34 -46.79
C THR J 20 -21.73 10.60 -46.96
N MET J 21 -21.85 9.27 -47.20
CA MET J 21 -20.76 8.33 -47.39
C MET J 21 -20.94 7.63 -48.71
N SER J 22 -19.85 7.54 -49.48
CA SER J 22 -19.85 6.87 -50.79
C SER J 22 -19.20 5.49 -50.73
N CYS J 23 -19.78 4.55 -51.49
CA CYS J 23 -19.31 3.18 -51.68
C CYS J 23 -19.53 2.84 -53.16
N LYS J 24 -18.42 2.60 -53.89
CA LYS J 24 -18.47 2.27 -55.31
C LYS J 24 -17.90 0.87 -55.57
N SER J 25 -18.69 0.02 -56.25
CA SER J 25 -18.37 -1.36 -56.57
C SER J 25 -17.69 -1.53 -57.93
N SER J 26 -16.65 -2.39 -58.01
CA SER J 26 -15.92 -2.65 -59.25
C SER J 26 -16.72 -3.47 -60.28
N GLN J 27 -17.83 -4.09 -59.81
CA GLN J 27 -18.78 -4.90 -60.58
C GLN J 27 -20.21 -4.59 -60.17
N ASN J 28 -21.19 -4.94 -61.03
CA ASN J 28 -22.62 -4.75 -60.75
C ASN J 28 -23.06 -5.67 -59.60
N LEU J 29 -23.85 -5.12 -58.66
CA LEU J 29 -24.37 -5.83 -57.49
C LEU J 29 -25.87 -6.10 -57.57
N LEU J 30 -26.52 -5.65 -58.70
CA LEU J 30 -27.96 -5.83 -58.93
C LEU J 30 -28.26 -7.16 -59.61
N TYR J 31 -28.99 -8.03 -58.89
CA TYR J 31 -29.38 -9.34 -59.39
C TYR J 31 -30.71 -9.16 -60.12
N SER J 32 -30.70 -9.49 -61.41
CA SER J 32 -31.84 -9.37 -62.32
C SER J 32 -33.09 -10.12 -61.92
N SER J 33 -32.95 -11.34 -61.38
CA SER J 33 -34.11 -12.16 -60.99
C SER J 33 -34.92 -11.64 -59.82
N ASN J 34 -34.27 -10.98 -58.84
CA ASN J 34 -34.97 -10.45 -57.66
C ASN J 34 -34.98 -8.92 -57.57
N GLN J 35 -34.19 -8.27 -58.45
CA GLN J 35 -34.06 -6.81 -58.55
C GLN J 35 -33.58 -6.19 -57.22
N LYS J 36 -32.68 -6.91 -56.53
CA LYS J 36 -32.09 -6.52 -55.25
C LYS J 36 -30.60 -6.31 -55.41
N ASN J 37 -30.07 -5.25 -54.75
CA ASN J 37 -28.65 -4.91 -54.76
C ASN J 37 -28.00 -5.62 -53.58
N TYR J 38 -27.01 -6.48 -53.88
CA TYR J 38 -26.30 -7.27 -52.89
C TYR J 38 -25.24 -6.43 -52.18
N LEU J 39 -25.72 -5.34 -51.52
CA LEU J 39 -24.90 -4.39 -50.79
C LEU J 39 -25.41 -4.19 -49.37
N ALA J 40 -24.51 -4.27 -48.40
CA ALA J 40 -24.80 -4.06 -46.99
C ALA J 40 -23.90 -2.97 -46.43
N TRP J 41 -24.39 -2.30 -45.39
CA TRP J 41 -23.68 -1.26 -44.63
C TRP J 41 -23.62 -1.73 -43.18
N TYR J 42 -22.43 -1.65 -42.59
CA TYR J 42 -22.19 -2.00 -41.19
C TYR J 42 -21.61 -0.81 -40.48
N GLN J 43 -22.01 -0.64 -39.22
CA GLN J 43 -21.52 0.42 -38.33
C GLN J 43 -20.65 -0.27 -37.26
N GLN J 44 -19.42 0.20 -37.10
CA GLN J 44 -18.54 -0.33 -36.08
C GLN J 44 -18.15 0.75 -35.09
N LYS J 45 -18.82 0.75 -33.93
CA LYS J 45 -18.53 1.72 -32.86
C LYS J 45 -17.24 1.32 -32.16
N PRO J 46 -16.43 2.27 -31.61
CA PRO J 46 -15.11 1.94 -31.06
C PRO J 46 -14.68 0.55 -30.61
N GLY J 47 -14.67 0.11 -29.34
CA GLY J 47 -14.25 -1.24 -28.96
C GLY J 47 -15.25 -2.34 -29.24
N GLN J 48 -16.27 -2.03 -30.07
CA GLN J 48 -17.32 -2.97 -30.44
C GLN J 48 -17.04 -3.67 -31.78
N SER J 49 -17.85 -4.69 -32.05
CA SER J 49 -17.85 -5.47 -33.28
C SER J 49 -18.76 -4.80 -34.35
N PRO J 50 -18.56 -5.07 -35.66
CA PRO J 50 -19.46 -4.45 -36.66
C PRO J 50 -20.89 -4.92 -36.45
N LYS J 51 -21.84 -4.05 -36.73
CA LYS J 51 -23.27 -4.33 -36.61
C LYS J 51 -23.97 -4.01 -37.93
N LEU J 52 -24.87 -4.89 -38.40
CA LEU J 52 -25.61 -4.64 -39.65
C LEU J 52 -26.58 -3.45 -39.50
N LEU J 53 -26.41 -2.47 -40.40
CA LEU J 53 -27.20 -1.23 -40.46
C LEU J 53 -28.22 -1.28 -41.60
N ILE J 54 -27.76 -1.50 -42.84
CA ILE J 54 -28.58 -1.55 -44.03
C ILE J 54 -28.22 -2.77 -44.88
N TYR J 55 -29.23 -3.47 -45.41
CA TYR J 55 -29.05 -4.60 -46.34
C TYR J 55 -29.94 -4.36 -47.55
N TRP J 56 -29.66 -5.05 -48.69
CA TRP J 56 -30.37 -4.88 -49.97
C TRP J 56 -30.24 -3.43 -50.46
N ALA J 57 -29.13 -2.77 -50.03
CA ALA J 57 -28.72 -1.38 -50.30
C ALA J 57 -29.61 -0.29 -49.68
N SER J 58 -30.88 -0.59 -49.37
CA SER J 58 -31.83 0.40 -48.86
C SER J 58 -32.69 -0.04 -47.66
N THR J 59 -32.73 -1.36 -47.35
CA THR J 59 -33.52 -1.85 -46.21
C THR J 59 -32.76 -1.65 -44.91
N ARG J 60 -33.40 -0.98 -43.95
CA ARG J 60 -32.85 -0.73 -42.63
C ARG J 60 -33.05 -2.00 -41.81
N GLU J 61 -32.05 -2.35 -40.98
CA GLU J 61 -32.14 -3.49 -40.10
C GLU J 61 -33.04 -3.10 -38.90
N SER J 62 -33.58 -4.09 -38.15
CA SER J 62 -34.42 -3.86 -36.98
C SER J 62 -33.66 -3.00 -35.96
N GLY J 63 -34.31 -1.95 -35.47
CA GLY J 63 -33.72 -1.02 -34.50
C GLY J 63 -32.92 0.13 -35.08
N VAL J 64 -32.67 0.13 -36.39
CA VAL J 64 -31.91 1.18 -37.05
C VAL J 64 -32.80 2.44 -37.23
N PRO J 65 -32.37 3.62 -36.69
CA PRO J 65 -33.18 4.84 -36.82
C PRO J 65 -33.37 5.33 -38.24
N ASP J 66 -34.49 6.04 -38.48
CA ASP J 66 -34.88 6.62 -39.76
C ASP J 66 -33.85 7.59 -40.36
N ARG J 67 -32.98 8.19 -39.50
CA ARG J 67 -31.95 9.15 -39.92
C ARG J 67 -30.89 8.55 -40.87
N PHE J 68 -30.73 7.22 -40.83
CA PHE J 68 -29.79 6.48 -41.69
C PHE J 68 -30.55 6.03 -42.92
N THR J 69 -30.10 6.47 -44.10
CA THR J 69 -30.75 6.14 -45.36
C THR J 69 -29.77 5.60 -46.40
N GLY J 70 -30.09 4.42 -46.94
CA GLY J 70 -29.29 3.76 -47.96
C GLY J 70 -29.89 3.97 -49.33
N THR J 71 -29.07 4.43 -50.27
CA THR J 71 -29.48 4.70 -51.65
C THR J 71 -28.40 4.21 -52.61
N GLY J 72 -28.80 4.02 -53.86
CA GLY J 72 -27.91 3.57 -54.94
C GLY J 72 -28.39 2.28 -55.58
N SER J 73 -27.82 1.96 -56.76
CA SER J 73 -28.12 0.75 -57.53
C SER J 73 -26.99 0.41 -58.49
N GLY J 74 -26.75 -0.89 -58.62
CA GLY J 74 -25.74 -1.46 -59.50
C GLY J 74 -24.31 -1.34 -59.01
N THR J 75 -23.71 -0.15 -59.16
CA THR J 75 -22.30 0.13 -58.85
C THR J 75 -22.07 1.19 -57.78
N ASP J 76 -22.76 2.34 -57.90
CA ASP J 76 -22.56 3.46 -56.99
C ASP J 76 -23.61 3.54 -55.89
N PHE J 77 -23.17 3.39 -54.63
CA PHE J 77 -24.00 3.37 -53.42
C PHE J 77 -23.60 4.47 -52.43
N THR J 78 -24.61 4.96 -51.68
CA THR J 78 -24.43 6.03 -50.72
C THR J 78 -25.24 5.80 -49.43
N LEU J 79 -24.58 6.02 -48.28
CA LEU J 79 -25.21 5.97 -46.95
C LEU J 79 -25.33 7.42 -46.48
N THR J 80 -26.54 7.82 -46.05
CA THR J 80 -26.80 9.20 -45.65
C THR J 80 -27.38 9.33 -44.24
N ILE J 81 -26.73 10.17 -43.41
CA ILE J 81 -27.20 10.46 -42.05
C ILE J 81 -27.79 11.87 -42.04
N SER J 82 -29.12 11.94 -41.90
CA SER J 82 -29.85 13.20 -41.82
C SER J 82 -29.80 13.56 -40.33
N SER J 83 -29.13 14.69 -39.95
CA SER J 83 -29.02 15.08 -38.53
C SER J 83 -28.24 14.05 -37.67
N VAL J 84 -26.87 14.11 -37.72
CA VAL J 84 -26.01 13.21 -36.92
C VAL J 84 -26.24 13.39 -35.44
N LYS J 85 -26.22 12.27 -34.70
CA LYS J 85 -26.27 12.23 -33.26
C LYS J 85 -24.86 11.84 -32.77
N ALA J 86 -24.55 12.05 -31.47
CA ALA J 86 -23.23 11.70 -30.91
C ALA J 86 -23.00 10.18 -30.97
N GLU J 87 -24.06 9.39 -30.71
CA GLU J 87 -24.07 7.92 -30.75
C GLU J 87 -23.76 7.35 -32.14
N ASP J 88 -23.76 8.19 -33.20
CA ASP J 88 -23.47 7.78 -34.59
C ASP J 88 -21.99 7.81 -34.94
N LEU J 89 -21.14 8.32 -34.03
CA LEU J 89 -19.69 8.36 -34.27
C LEU J 89 -19.14 6.95 -34.21
N ALA J 90 -18.70 6.45 -35.38
CA ALA J 90 -18.23 5.09 -35.61
C ALA J 90 -17.54 5.01 -36.96
N VAL J 91 -17.16 3.79 -37.38
CA VAL J 91 -16.60 3.51 -38.70
C VAL J 91 -17.72 2.81 -39.48
N TYR J 92 -17.96 3.25 -40.70
CA TYR J 92 -19.01 2.66 -41.53
C TYR J 92 -18.39 1.91 -42.67
N TYR J 93 -18.68 0.61 -42.74
CA TYR J 93 -18.16 -0.26 -43.80
C TYR J 93 -19.28 -0.67 -44.72
N CYS J 94 -18.99 -0.82 -46.00
CA CYS J 94 -19.94 -1.35 -46.97
C CYS J 94 -19.37 -2.68 -47.44
N GLN J 95 -20.25 -3.61 -47.80
CA GLN J 95 -19.85 -4.95 -48.22
C GLN J 95 -20.75 -5.45 -49.34
N GLN J 96 -20.14 -6.15 -50.30
CA GLN J 96 -20.86 -6.83 -51.38
C GLN J 96 -21.01 -8.30 -50.96
N TYR J 97 -22.21 -8.84 -51.12
CA TYR J 97 -22.49 -10.22 -50.81
C TYR J 97 -23.11 -10.91 -52.02
N TYR J 98 -22.71 -10.45 -53.22
CA TYR J 98 -23.14 -10.92 -54.53
C TYR J 98 -22.39 -12.19 -54.94
N SER J 99 -21.05 -12.13 -54.92
CA SER J 99 -20.19 -13.26 -55.29
C SER J 99 -18.99 -13.38 -54.34
N TYR J 100 -18.29 -14.53 -54.43
CA TYR J 100 -17.11 -14.85 -53.62
C TYR J 100 -15.79 -14.47 -54.33
N PRO J 101 -14.79 -13.91 -53.60
CA PRO J 101 -14.78 -13.62 -52.16
C PRO J 101 -15.69 -12.47 -51.82
N LEU J 102 -16.32 -12.56 -50.64
CA LEU J 102 -17.16 -11.49 -50.13
C LEU J 102 -16.17 -10.37 -49.78
N THR J 103 -16.37 -9.16 -50.33
CA THR J 103 -15.43 -8.05 -50.11
C THR J 103 -16.04 -6.86 -49.38
N PHE J 104 -15.20 -6.18 -48.59
CA PHE J 104 -15.54 -5.01 -47.79
C PHE J 104 -14.78 -3.78 -48.29
N GLY J 105 -15.33 -2.61 -47.97
CA GLY J 105 -14.70 -1.33 -48.24
C GLY J 105 -13.73 -0.99 -47.12
N ALA J 106 -12.91 0.04 -47.32
CA ALA J 106 -11.92 0.48 -46.34
C ALA J 106 -12.50 1.20 -45.12
N GLY J 107 -13.77 1.60 -45.23
CA GLY J 107 -14.50 2.28 -44.17
C GLY J 107 -14.47 3.79 -44.25
N THR J 108 -15.35 4.44 -43.45
CA THR J 108 -15.47 5.88 -43.27
C THR J 108 -15.61 6.12 -41.79
N LYS J 109 -14.54 6.64 -41.16
CA LYS J 109 -14.50 6.93 -39.73
C LYS J 109 -15.06 8.34 -39.47
N LEU J 110 -16.14 8.41 -38.67
CA LEU J 110 -16.71 9.68 -38.30
C LEU J 110 -16.08 10.14 -37.00
N GLU J 111 -15.53 11.34 -37.02
CA GLU J 111 -14.89 12.00 -35.87
C GLU J 111 -15.64 13.31 -35.64
N LEU J 112 -15.70 13.76 -34.39
CA LEU J 112 -16.38 14.99 -34.01
C LEU J 112 -15.51 16.20 -34.29
N LYS J 113 -16.08 17.22 -34.96
CA LYS J 113 -15.30 18.43 -35.21
C LYS J 113 -15.42 19.44 -34.06
N ARG J 114 -14.34 20.20 -33.81
CA ARG J 114 -14.34 21.24 -32.77
C ARG J 114 -13.39 22.38 -33.14
N ALA J 115 -13.34 23.44 -32.29
CA ALA J 115 -12.49 24.60 -32.54
C ALA J 115 -11.02 24.17 -32.62
N ASP J 116 -10.30 24.74 -33.57
CA ASP J 116 -8.88 24.49 -33.73
C ASP J 116 -8.20 24.89 -32.42
N ALA J 117 -7.48 23.95 -31.82
CA ALA J 117 -6.73 24.12 -30.58
C ALA J 117 -5.32 23.75 -30.94
N ALA J 118 -4.36 24.56 -30.48
CA ALA J 118 -2.93 24.37 -30.70
C ALA J 118 -2.40 23.38 -29.66
N PRO J 119 -1.36 22.59 -29.97
CA PRO J 119 -0.85 21.65 -28.96
C PRO J 119 -0.10 22.35 -27.83
N THR J 120 -0.12 21.73 -26.63
CA THR J 120 0.65 22.15 -25.47
C THR J 120 1.85 21.22 -25.53
N VAL J 121 3.03 21.76 -25.92
CA VAL J 121 4.26 20.98 -26.10
C VAL J 121 5.16 21.02 -24.86
N SER J 122 5.62 19.84 -24.42
CA SER J 122 6.49 19.65 -23.26
C SER J 122 7.60 18.68 -23.56
N ILE J 123 8.85 19.10 -23.32
CA ILE J 123 10.04 18.26 -23.50
C ILE J 123 10.53 17.79 -22.12
N PHE J 124 11.06 16.54 -22.08
CA PHE J 124 11.57 15.96 -20.85
C PHE J 124 12.90 15.29 -21.10
N PRO J 125 13.96 15.70 -20.39
CA PRO J 125 15.27 15.03 -20.56
C PRO J 125 15.21 13.59 -20.06
N PRO J 126 16.19 12.72 -20.39
CA PRO J 126 16.19 11.37 -19.81
C PRO J 126 16.35 11.43 -18.30
N SER J 127 15.74 10.46 -17.59
CA SER J 127 15.85 10.38 -16.14
C SER J 127 17.24 9.86 -15.80
N SER J 128 17.73 10.23 -14.61
CA SER J 128 19.00 9.75 -14.09
C SER J 128 18.95 8.22 -13.95
N GLU J 129 17.76 7.67 -13.58
CA GLU J 129 17.45 6.25 -13.44
C GLU J 129 17.79 5.51 -14.72
N GLN J 130 17.26 5.98 -15.87
CA GLN J 130 17.49 5.38 -17.18
C GLN J 130 18.95 5.40 -17.59
N LEU J 131 19.62 6.56 -17.42
CA LEU J 131 21.03 6.71 -17.75
C LEU J 131 21.90 5.68 -17.08
N THR J 132 21.53 5.21 -15.84
CA THR J 132 22.28 4.14 -15.14
C THR J 132 22.20 2.78 -15.88
N SER J 133 21.14 2.56 -16.67
CA SER J 133 20.95 1.33 -17.46
C SER J 133 21.76 1.36 -18.77
N GLY J 134 22.28 2.55 -19.10
CA GLY J 134 23.08 2.80 -20.30
C GLY J 134 22.28 3.38 -21.44
N GLY J 135 20.98 3.63 -21.24
CA GLY J 135 20.13 4.18 -22.28
C GLY J 135 19.63 5.57 -21.95
N ALA J 136 19.03 6.24 -22.95
CA ALA J 136 18.54 7.60 -22.74
C ALA J 136 17.38 7.88 -23.68
N SER J 137 16.20 8.13 -23.09
CA SER J 137 14.97 8.42 -23.82
C SER J 137 14.56 9.86 -23.58
N VAL J 138 14.31 10.58 -24.66
CA VAL J 138 13.90 11.99 -24.61
C VAL J 138 12.43 12.02 -25.01
N VAL J 139 11.56 12.49 -24.10
CA VAL J 139 10.11 12.50 -24.31
C VAL J 139 9.58 13.90 -24.60
N CYS J 140 8.61 13.93 -25.52
CA CYS J 140 7.94 15.12 -25.98
C CYS J 140 6.44 14.81 -26.08
N PHE J 141 5.62 15.57 -25.33
CA PHE J 141 4.17 15.45 -25.36
C PHE J 141 3.59 16.63 -26.13
N LEU J 142 2.68 16.34 -27.07
CA LEU J 142 1.96 17.35 -27.83
C LEU J 142 0.52 17.04 -27.43
N ASN J 143 0.00 17.78 -26.45
CA ASN J 143 -1.30 17.51 -25.88
C ASN J 143 -2.40 18.47 -26.25
N ASN J 144 -3.62 17.93 -26.30
CA ASN J 144 -4.89 18.62 -26.51
C ASN J 144 -4.96 19.58 -27.70
N PHE J 145 -4.72 19.05 -28.91
CA PHE J 145 -4.79 19.84 -30.13
C PHE J 145 -5.96 19.46 -31.01
N TYR J 146 -6.30 20.34 -31.96
CA TYR J 146 -7.31 20.13 -32.99
C TYR J 146 -6.90 20.89 -34.25
N PRO J 147 -6.89 20.25 -35.45
CA PRO J 147 -7.27 18.87 -35.78
C PRO J 147 -6.19 17.82 -35.52
N LYS J 148 -6.54 16.54 -35.76
CA LYS J 148 -5.67 15.37 -35.57
C LYS J 148 -4.32 15.42 -36.30
N ASP J 149 -4.28 16.06 -37.46
CA ASP J 149 -3.08 16.13 -38.29
C ASP J 149 -2.02 17.01 -37.64
N ILE J 150 -0.86 16.41 -37.32
CA ILE J 150 0.27 17.07 -36.67
C ILE J 150 1.59 16.46 -37.14
N ASN J 151 2.69 17.21 -37.02
CA ASN J 151 4.03 16.74 -37.38
C ASN J 151 5.05 17.02 -36.29
N VAL J 152 5.92 16.04 -36.01
CA VAL J 152 6.98 16.16 -35.01
C VAL J 152 8.32 16.05 -35.67
N LYS J 153 9.23 16.94 -35.29
CA LYS J 153 10.60 16.96 -35.76
C LYS J 153 11.54 16.95 -34.56
N TRP J 154 12.49 16.01 -34.53
CA TRP J 154 13.47 15.97 -33.45
C TRP J 154 14.76 16.63 -33.94
N LYS J 155 15.46 17.33 -33.07
CA LYS J 155 16.71 17.95 -33.45
C LYS J 155 17.73 17.78 -32.35
N ILE J 156 18.94 17.40 -32.71
CA ILE J 156 20.07 17.24 -31.79
C ILE J 156 21.18 18.16 -32.32
N ASP J 157 21.48 19.24 -31.56
CA ASP J 157 22.47 20.26 -31.88
C ASP J 157 22.21 20.91 -33.25
N GLY J 158 20.95 21.25 -33.48
CA GLY J 158 20.49 21.92 -34.69
C GLY J 158 20.10 21.05 -35.86
N SER J 159 20.61 19.80 -35.91
CA SER J 159 20.34 18.86 -37.01
C SER J 159 19.26 17.82 -36.68
N GLU J 160 18.38 17.55 -37.66
CA GLU J 160 17.27 16.59 -37.62
C GLU J 160 17.72 15.20 -37.22
N ARG J 161 16.81 14.47 -36.55
CA ARG J 161 17.03 13.11 -36.10
C ARG J 161 15.77 12.30 -36.38
N GLN J 162 15.95 11.11 -36.98
CA GLN J 162 14.87 10.20 -37.37
C GLN J 162 15.01 8.78 -36.80
N ASN J 163 16.20 8.41 -36.30
CA ASN J 163 16.41 7.07 -35.73
C ASN J 163 16.31 7.07 -34.23
N GLY J 164 15.53 6.09 -33.73
CA GLY J 164 15.26 5.90 -32.31
C GLY J 164 13.96 6.56 -31.86
N VAL J 165 13.32 7.29 -32.79
CA VAL J 165 12.06 8.01 -32.57
C VAL J 165 10.89 7.03 -32.69
N LEU J 166 10.02 6.98 -31.66
CA LEU J 166 8.80 6.17 -31.58
C LEU J 166 7.66 7.09 -31.18
N ASN J 167 6.55 7.06 -31.95
CA ASN J 167 5.40 7.92 -31.72
C ASN J 167 4.12 7.16 -31.42
N SER J 168 3.26 7.76 -30.56
CA SER J 168 1.96 7.22 -30.17
C SER J 168 0.93 8.34 -30.09
N TRP J 169 -0.26 8.08 -30.64
CA TRP J 169 -1.36 9.03 -30.72
C TRP J 169 -2.57 8.54 -29.96
N THR J 170 -3.22 9.41 -29.22
CA THR J 170 -4.44 9.01 -28.53
C THR J 170 -5.60 9.11 -29.52
N ASP J 171 -6.69 8.37 -29.25
CA ASP J 171 -7.91 8.49 -30.03
C ASP J 171 -8.57 9.82 -29.59
N GLN J 172 -9.53 10.35 -30.38
CA GLN J 172 -10.21 11.60 -30.06
C GLN J 172 -10.82 11.53 -28.65
N ASP J 173 -10.48 12.53 -27.80
CA ASP J 173 -10.97 12.62 -26.42
C ASP J 173 -12.49 12.68 -26.37
N SER J 174 -13.09 11.80 -25.55
CA SER J 174 -14.53 11.69 -25.38
C SER J 174 -15.17 12.93 -24.72
N LYS J 175 -14.37 13.77 -24.04
CA LYS J 175 -14.86 14.96 -23.33
C LYS J 175 -14.55 16.29 -24.02
N ASP J 176 -13.28 16.54 -24.38
CA ASP J 176 -12.90 17.81 -25.02
C ASP J 176 -12.69 17.75 -26.54
N SER J 177 -12.86 16.55 -27.15
CA SER J 177 -12.74 16.25 -28.59
C SER J 177 -11.41 16.61 -29.21
N THR J 178 -10.34 16.59 -28.40
CA THR J 178 -8.99 16.90 -28.83
C THR J 178 -8.14 15.63 -29.01
N TYR J 179 -7.00 15.79 -29.68
CA TYR J 179 -6.05 14.74 -29.91
C TYR J 179 -4.75 15.07 -29.15
N SER J 180 -4.01 14.05 -28.77
CA SER J 180 -2.74 14.15 -28.08
C SER J 180 -1.76 13.18 -28.70
N MET J 181 -0.46 13.49 -28.59
CA MET J 181 0.58 12.66 -29.18
C MET J 181 1.83 12.63 -28.31
N SER J 182 2.46 11.47 -28.25
CA SER J 182 3.68 11.25 -27.50
C SER J 182 4.78 10.87 -28.46
N SER J 183 5.94 11.54 -28.37
CA SER J 183 7.11 11.26 -29.19
C SER J 183 8.29 10.97 -28.25
N THR J 184 8.96 9.82 -28.42
CA THR J 184 10.09 9.43 -27.59
C THR J 184 11.32 9.15 -28.45
N LEU J 185 12.42 9.93 -28.22
CA LEU J 185 13.69 9.74 -28.93
C LEU J 185 14.67 8.99 -28.02
N THR J 186 14.94 7.72 -28.33
CA THR J 186 15.82 6.86 -27.53
C THR J 186 17.21 6.73 -28.14
N LEU J 187 18.26 7.10 -27.38
CA LEU J 187 19.68 7.03 -27.77
C LEU J 187 20.37 6.11 -26.76
N THR J 188 21.70 6.17 -26.69
CA THR J 188 22.50 5.49 -25.69
C THR J 188 22.91 6.61 -24.72
N LYS J 189 23.46 6.25 -23.56
CA LYS J 189 23.91 7.23 -22.56
C LYS J 189 25.07 8.03 -23.15
N ASP J 190 26.01 7.33 -23.80
CA ASP J 190 27.20 7.93 -24.40
C ASP J 190 26.90 8.86 -25.59
N GLU J 191 25.95 8.49 -26.48
CA GLU J 191 25.59 9.40 -27.58
C GLU J 191 24.92 10.61 -27.00
N TYR J 192 24.02 10.40 -25.97
CA TYR J 192 23.30 11.47 -25.28
C TYR J 192 24.26 12.48 -24.68
N GLU J 193 25.29 12.00 -23.97
CA GLU J 193 26.29 12.83 -23.29
C GLU J 193 27.26 13.57 -24.25
N ARG J 194 27.23 13.24 -25.55
CA ARG J 194 28.08 13.87 -26.56
C ARG J 194 27.48 15.16 -27.13
N HIS J 195 26.21 15.42 -26.84
CA HIS J 195 25.51 16.59 -27.38
C HIS J 195 24.92 17.47 -26.29
N ASN J 196 24.28 18.58 -26.69
CA ASN J 196 23.73 19.55 -25.76
C ASN J 196 22.29 19.93 -26.08
N SER J 197 22.04 20.45 -27.28
CA SER J 197 20.72 20.91 -27.64
C SER J 197 19.85 19.77 -28.12
N TYR J 198 18.71 19.54 -27.45
CA TYR J 198 17.70 18.53 -27.80
C TYR J 198 16.39 19.26 -27.95
N THR J 199 15.83 19.22 -29.14
CA THR J 199 14.59 19.92 -29.42
C THR J 199 13.55 19.07 -30.11
N CYS J 200 12.27 19.27 -29.76
CA CYS J 200 11.16 18.68 -30.50
C CYS J 200 10.30 19.80 -31.07
N GLU J 201 10.20 19.81 -32.39
CA GLU J 201 9.52 20.82 -33.18
C GLU J 201 8.16 20.29 -33.59
N ALA J 202 7.09 21.00 -33.22
CA ALA J 202 5.72 20.60 -33.52
C ALA J 202 5.14 21.48 -34.63
N THR J 203 4.69 20.83 -35.70
CA THR J 203 4.10 21.53 -36.84
C THR J 203 2.60 21.23 -36.91
N HIS J 204 1.77 22.26 -36.74
CA HIS J 204 0.32 22.14 -36.71
C HIS J 204 -0.38 23.31 -37.43
N LYS J 205 -1.59 23.02 -37.99
CA LYS J 205 -2.51 23.94 -38.70
C LYS J 205 -2.65 25.31 -38.01
N THR J 206 -2.76 25.31 -36.67
CA THR J 206 -2.93 26.50 -35.81
C THR J 206 -1.85 27.58 -35.94
N SER J 207 -0.65 27.20 -36.41
CA SER J 207 0.45 28.16 -36.58
C SER J 207 1.29 27.92 -37.82
N THR J 208 1.69 29.03 -38.48
CA THR J 208 2.55 29.06 -39.67
C THR J 208 3.97 28.63 -39.23
N SER J 209 4.35 29.11 -38.03
CA SER J 209 5.62 28.84 -37.37
C SER J 209 5.51 27.61 -36.42
N PRO J 210 6.51 26.71 -36.41
CA PRO J 210 6.40 25.53 -35.53
C PRO J 210 6.61 25.81 -34.05
N ILE J 211 5.92 25.04 -33.17
CA ILE J 211 6.09 25.16 -31.72
C ILE J 211 7.35 24.40 -31.35
N VAL J 212 8.35 25.11 -30.82
CA VAL J 212 9.65 24.53 -30.49
C VAL J 212 9.87 24.47 -28.99
N LYS J 213 10.14 23.25 -28.47
CA LYS J 213 10.47 23.02 -27.08
C LYS J 213 11.84 22.36 -27.03
N SER J 214 12.75 22.99 -26.30
CA SER J 214 14.14 22.58 -26.22
C SER J 214 14.68 22.57 -24.81
N PHE J 215 15.85 21.97 -24.65
CA PHE J 215 16.62 21.96 -23.42
C PHE J 215 18.08 21.80 -23.81
N ASN J 216 18.99 22.15 -22.90
CA ASN J 216 20.42 21.97 -23.10
C ASN J 216 20.95 21.11 -21.98
N ARG J 217 21.59 19.99 -22.35
CA ARG J 217 22.18 19.00 -21.44
C ARG J 217 23.11 19.69 -20.43
N ASN J 218 24.02 20.56 -20.92
CA ASN J 218 24.94 21.34 -20.08
C ASN J 218 24.32 22.73 -19.85
N GLU J 219 23.27 22.72 -19.03
CA GLU J 219 22.47 23.87 -18.59
C GLU J 219 21.80 23.47 -17.28
N CYS J 220 22.72 23.39 -16.29
CA CYS J 220 22.61 23.05 -14.86
C CYS J 220 23.99 23.22 -14.14
N GLN K 1 -30.50 -11.10 -26.25
CA GLN K 1 -30.18 -12.45 -25.81
C GLN K 1 -29.52 -13.26 -26.94
N VAL K 2 -30.15 -13.30 -28.15
CA VAL K 2 -29.66 -14.03 -29.33
C VAL K 2 -28.35 -13.41 -29.84
N GLN K 3 -27.21 -14.11 -29.58
CA GLN K 3 -25.86 -13.65 -29.92
C GLN K 3 -24.86 -14.79 -30.17
N LEU K 4 -23.76 -14.46 -30.87
CA LEU K 4 -22.69 -15.37 -31.20
C LEU K 4 -21.61 -15.23 -30.13
N GLN K 5 -21.37 -16.32 -29.39
CA GLN K 5 -20.40 -16.36 -28.29
C GLN K 5 -19.07 -16.94 -28.77
N GLN K 6 -18.01 -16.11 -28.72
CA GLN K 6 -16.67 -16.48 -29.16
C GLN K 6 -15.72 -16.82 -28.00
N SER K 7 -14.70 -17.66 -28.30
CA SER K 7 -13.67 -18.09 -27.34
C SER K 7 -12.74 -16.95 -26.94
N GLY K 8 -12.03 -17.13 -25.81
CA GLY K 8 -11.16 -16.12 -25.22
C GLY K 8 -9.93 -15.76 -26.00
N ALA K 9 -9.24 -14.65 -25.58
CA ALA K 9 -8.01 -14.13 -26.17
C ALA K 9 -6.90 -15.16 -26.24
N GLU K 10 -6.10 -15.11 -27.31
CA GLU K 10 -5.01 -16.06 -27.54
C GLU K 10 -3.67 -15.35 -27.66
N LEU K 11 -2.65 -15.98 -27.06
CA LEU K 11 -1.26 -15.53 -27.11
C LEU K 11 -0.47 -16.77 -27.55
N VAL K 12 0.02 -16.70 -28.77
CA VAL K 12 0.68 -17.81 -29.42
C VAL K 12 2.05 -17.38 -29.94
N LYS K 13 2.99 -18.35 -29.96
CA LYS K 13 4.35 -18.18 -30.48
C LYS K 13 4.27 -18.37 -32.02
N PRO K 14 5.16 -17.71 -32.81
CA PRO K 14 5.11 -17.93 -34.25
C PRO K 14 5.43 -19.38 -34.66
N GLY K 15 4.80 -19.81 -35.74
CA GLY K 15 4.97 -21.17 -36.25
C GLY K 15 3.99 -22.14 -35.64
N ALA K 16 3.37 -21.75 -34.50
CA ALA K 16 2.37 -22.56 -33.82
C ALA K 16 0.99 -22.48 -34.52
N SER K 17 -0.01 -23.18 -33.95
CA SER K 17 -1.39 -23.24 -34.45
C SER K 17 -2.35 -22.76 -33.35
N VAL K 18 -3.54 -22.30 -33.76
CA VAL K 18 -4.57 -21.81 -32.86
C VAL K 18 -5.95 -22.16 -33.43
N LYS K 19 -6.86 -22.63 -32.57
CA LYS K 19 -8.23 -22.97 -32.96
C LYS K 19 -9.24 -22.18 -32.15
N LEU K 20 -9.94 -21.28 -32.87
CA LEU K 20 -10.95 -20.39 -32.31
C LEU K 20 -12.33 -20.98 -32.50
N SER K 21 -13.20 -20.80 -31.50
CA SER K 21 -14.55 -21.32 -31.57
C SER K 21 -15.60 -20.19 -31.51
N CYS K 22 -16.79 -20.50 -32.03
CA CYS K 22 -17.91 -19.59 -32.07
C CYS K 22 -19.19 -20.41 -31.89
N THR K 23 -19.89 -20.18 -30.76
CA THR K 23 -21.13 -20.89 -30.43
C THR K 23 -22.31 -19.91 -30.36
N PRO K 24 -23.30 -20.01 -31.27
CA PRO K 24 -24.47 -19.12 -31.17
C PRO K 24 -25.44 -19.59 -30.10
N SER K 25 -25.91 -18.65 -29.27
CA SER K 25 -26.96 -18.91 -28.28
C SER K 25 -28.20 -18.28 -28.87
N GLY K 26 -29.24 -19.09 -29.07
CA GLY K 26 -30.47 -18.59 -29.65
C GLY K 26 -30.86 -19.23 -30.97
N PHE K 27 -29.87 -19.76 -31.72
CA PHE K 27 -30.14 -20.44 -32.99
C PHE K 27 -29.16 -21.57 -33.29
N ASN K 28 -29.51 -22.39 -34.29
CA ASN K 28 -28.78 -23.55 -34.75
C ASN K 28 -27.83 -23.19 -35.88
N ILE K 29 -26.57 -23.69 -35.81
CA ILE K 29 -25.56 -23.46 -36.86
C ILE K 29 -26.00 -24.04 -38.19
N LYS K 30 -26.83 -25.09 -38.16
CA LYS K 30 -27.40 -25.79 -39.34
C LYS K 30 -28.22 -24.85 -40.23
N ASP K 31 -28.87 -23.85 -39.62
CA ASP K 31 -29.77 -22.90 -40.30
C ASP K 31 -29.12 -21.62 -40.85
N ILE K 32 -27.78 -21.52 -40.79
CA ILE K 32 -27.03 -20.36 -41.29
C ILE K 32 -25.77 -20.77 -42.08
N TYR K 33 -25.02 -19.75 -42.52
CA TYR K 33 -23.70 -19.79 -43.14
C TYR K 33 -22.81 -19.09 -42.13
N MET K 34 -21.85 -19.81 -41.54
CA MET K 34 -20.99 -19.17 -40.55
C MET K 34 -19.74 -18.62 -41.22
N GLN K 35 -19.58 -17.31 -41.13
CA GLN K 35 -18.48 -16.54 -41.70
C GLN K 35 -17.37 -16.39 -40.69
N TRP K 36 -16.17 -16.07 -41.19
CA TRP K 36 -15.00 -15.73 -40.37
C TRP K 36 -14.35 -14.54 -41.04
N VAL K 37 -14.25 -13.42 -40.30
CA VAL K 37 -13.73 -12.11 -40.75
C VAL K 37 -12.55 -11.69 -39.87
N LYS K 38 -11.43 -11.32 -40.52
CA LYS K 38 -10.19 -10.85 -39.88
C LYS K 38 -10.09 -9.32 -39.85
N GLN K 39 -9.81 -8.73 -38.65
CA GLN K 39 -9.63 -7.29 -38.49
C GLN K 39 -8.28 -6.95 -37.84
N ARG K 40 -7.32 -6.52 -38.66
CA ARG K 40 -5.98 -6.18 -38.15
C ARG K 40 -6.05 -4.81 -37.43
N PRO K 41 -5.13 -4.51 -36.49
CA PRO K 41 -5.21 -3.22 -35.77
C PRO K 41 -5.15 -2.01 -36.68
N GLU K 42 -6.14 -1.12 -36.49
CA GLU K 42 -6.35 0.13 -37.22
C GLU K 42 -6.36 -0.17 -38.72
N GLN K 43 -7.18 -1.17 -39.11
CA GLN K 43 -7.34 -1.67 -40.47
C GLN K 43 -8.81 -2.07 -40.70
N GLY K 44 -9.13 -2.53 -41.91
CA GLY K 44 -10.49 -2.89 -42.25
C GLY K 44 -10.83 -4.36 -42.07
N LEU K 45 -12.06 -4.72 -42.44
CA LEU K 45 -12.59 -6.07 -42.37
C LEU K 45 -12.15 -6.90 -43.58
N GLU K 46 -11.67 -8.12 -43.33
CA GLU K 46 -11.12 -9.02 -44.33
C GLU K 46 -11.76 -10.42 -44.19
N TRP K 47 -12.61 -10.81 -45.16
CA TRP K 47 -13.29 -12.09 -45.15
C TRP K 47 -12.31 -13.25 -45.37
N ILE K 48 -12.40 -14.28 -44.50
CA ILE K 48 -11.51 -15.45 -44.54
C ILE K 48 -12.18 -16.55 -45.36
N GLY K 49 -13.39 -16.90 -44.94
CA GLY K 49 -14.20 -17.94 -45.57
C GLY K 49 -15.47 -18.18 -44.79
N ARG K 50 -16.21 -19.20 -45.21
CA ARG K 50 -17.47 -19.55 -44.58
C ARG K 50 -17.77 -21.03 -44.68
N ILE K 51 -18.65 -21.52 -43.78
CA ILE K 51 -19.08 -22.92 -43.75
C ILE K 51 -20.60 -23.03 -43.73
N ASP K 52 -21.12 -24.08 -44.39
CA ASP K 52 -22.52 -24.47 -44.38
C ASP K 52 -22.55 -25.66 -43.39
N PRO K 53 -22.84 -25.43 -42.10
CA PRO K 53 -22.79 -26.53 -41.11
C PRO K 53 -23.77 -27.68 -41.33
N ALA K 54 -24.75 -27.49 -42.23
CA ALA K 54 -25.74 -28.50 -42.60
C ALA K 54 -25.15 -29.63 -43.48
N ASN K 55 -24.00 -29.37 -44.15
CA ASN K 55 -23.36 -30.34 -45.04
C ASN K 55 -21.83 -30.23 -45.06
N ASP K 56 -21.29 -29.41 -44.13
CA ASP K 56 -19.86 -29.17 -43.93
C ASP K 56 -19.09 -28.58 -45.14
N LYS K 57 -19.83 -27.97 -46.10
CA LYS K 57 -19.23 -27.36 -47.28
C LYS K 57 -18.65 -25.98 -47.00
N THR K 58 -17.39 -25.76 -47.43
CA THR K 58 -16.65 -24.53 -47.17
C THR K 58 -16.22 -23.78 -48.42
N LYS K 59 -16.07 -22.46 -48.27
CA LYS K 59 -15.58 -21.53 -49.27
C LYS K 59 -14.57 -20.67 -48.54
N TYR K 60 -13.44 -20.39 -49.18
CA TYR K 60 -12.38 -19.55 -48.61
C TYR K 60 -11.96 -18.49 -49.63
N ASP K 61 -11.25 -17.47 -49.13
CA ASP K 61 -10.62 -16.48 -49.98
C ASP K 61 -9.24 -17.11 -50.21
N PRO K 62 -8.80 -17.29 -51.48
CA PRO K 62 -7.49 -17.93 -51.73
C PRO K 62 -6.29 -17.33 -51.00
N LYS K 63 -6.41 -16.09 -50.45
CA LYS K 63 -5.38 -15.43 -49.65
C LYS K 63 -5.16 -16.23 -48.35
N PHE K 64 -6.21 -16.94 -47.88
CA PHE K 64 -6.21 -17.73 -46.65
C PHE K 64 -6.10 -19.24 -46.90
N GLN K 65 -5.88 -19.65 -48.16
CA GLN K 65 -5.70 -21.04 -48.55
C GLN K 65 -4.38 -21.55 -47.95
N GLY K 66 -4.51 -22.55 -47.07
CA GLY K 66 -3.39 -23.13 -46.34
C GLY K 66 -3.23 -22.56 -44.94
N LYS K 67 -3.69 -21.31 -44.75
CA LYS K 67 -3.66 -20.62 -43.46
C LYS K 67 -4.85 -21.02 -42.59
N ALA K 68 -6.07 -20.82 -43.12
CA ALA K 68 -7.31 -21.06 -42.41
C ALA K 68 -8.05 -22.33 -42.74
N THR K 69 -8.61 -22.95 -41.69
CA THR K 69 -9.44 -24.15 -41.78
C THR K 69 -10.70 -23.95 -40.93
N ILE K 70 -11.85 -23.81 -41.64
CA ILE K 70 -13.16 -23.61 -41.00
C ILE K 70 -13.92 -24.95 -40.95
N THR K 71 -14.36 -25.32 -39.75
CA THR K 71 -15.11 -26.55 -39.47
C THR K 71 -16.32 -26.24 -38.60
N ALA K 72 -17.27 -27.18 -38.53
CA ALA K 72 -18.45 -27.03 -37.69
C ALA K 72 -18.76 -28.32 -36.96
N ASP K 73 -19.28 -28.18 -35.73
CA ASP K 73 -19.71 -29.28 -34.87
C ASP K 73 -21.17 -29.01 -34.48
N THR K 74 -22.11 -29.67 -35.17
CA THR K 74 -23.55 -29.52 -34.91
C THR K 74 -23.95 -29.97 -33.50
N SER K 75 -23.28 -31.04 -32.99
CA SER K 75 -23.49 -31.62 -31.64
C SER K 75 -23.34 -30.57 -30.54
N SER K 76 -22.29 -29.71 -30.64
CA SER K 76 -22.03 -28.66 -29.67
C SER K 76 -22.48 -27.29 -30.18
N ASN K 77 -23.09 -27.25 -31.41
CA ASN K 77 -23.58 -26.05 -32.08
C ASN K 77 -22.46 -24.99 -32.14
N THR K 78 -21.27 -25.43 -32.55
CA THR K 78 -20.07 -24.60 -32.60
C THR K 78 -19.41 -24.67 -33.94
N ALA K 79 -18.93 -23.52 -34.43
CA ALA K 79 -18.16 -23.38 -35.66
C ALA K 79 -16.76 -22.98 -35.23
N TYR K 80 -15.75 -23.45 -35.96
CA TYR K 80 -14.35 -23.23 -35.62
C TYR K 80 -13.55 -22.62 -36.73
N LEU K 81 -12.45 -21.94 -36.34
CA LEU K 81 -11.46 -21.38 -37.26
C LEU K 81 -10.09 -21.80 -36.75
N GLN K 82 -9.32 -22.51 -37.59
CA GLN K 82 -7.96 -22.89 -37.23
C GLN K 82 -6.97 -22.15 -38.09
N LEU K 83 -6.02 -21.48 -37.44
CA LEU K 83 -4.96 -20.76 -38.14
C LEU K 83 -3.65 -21.49 -37.88
N SER K 84 -2.98 -21.92 -38.95
CA SER K 84 -1.74 -22.70 -38.86
C SER K 84 -0.52 -21.88 -39.33
N SER K 85 0.71 -22.30 -38.89
CA SER K 85 2.00 -21.65 -39.21
C SER K 85 1.90 -20.15 -38.95
N LEU K 86 1.51 -19.80 -37.71
CA LEU K 86 1.29 -18.41 -37.30
C LEU K 86 2.49 -17.48 -37.45
N THR K 87 2.25 -16.29 -38.02
CA THR K 87 3.22 -15.21 -38.20
C THR K 87 2.63 -13.95 -37.56
N SER K 88 3.42 -12.88 -37.47
CA SER K 88 3.00 -11.59 -36.93
C SER K 88 1.84 -11.01 -37.77
N GLU K 89 1.72 -11.42 -39.05
CA GLU K 89 0.65 -11.00 -39.96
C GLU K 89 -0.72 -11.58 -39.54
N ASP K 90 -0.73 -12.64 -38.71
CA ASP K 90 -1.95 -13.26 -38.22
C ASP K 90 -2.47 -12.61 -36.91
N THR K 91 -1.69 -11.65 -36.34
CA THR K 91 -2.10 -10.88 -35.15
C THR K 91 -3.23 -9.99 -35.61
N ALA K 92 -4.44 -10.25 -35.07
CA ALA K 92 -5.67 -9.55 -35.41
C ALA K 92 -6.80 -9.97 -34.49
N VAL K 93 -7.96 -9.31 -34.64
CA VAL K 93 -9.21 -9.67 -33.98
C VAL K 93 -9.98 -10.46 -35.04
N TYR K 94 -10.45 -11.66 -34.67
CA TYR K 94 -11.20 -12.53 -35.57
C TYR K 94 -12.64 -12.59 -35.14
N TYR K 95 -13.56 -12.26 -36.05
CA TYR K 95 -14.98 -12.29 -35.78
C TYR K 95 -15.63 -13.44 -36.49
N CYS K 96 -16.66 -14.01 -35.88
CA CYS K 96 -17.51 -14.97 -36.57
C CYS K 96 -18.79 -14.17 -36.82
N ALA K 97 -19.39 -14.38 -37.96
CA ALA K 97 -20.62 -13.69 -38.33
C ALA K 97 -21.49 -14.72 -38.98
N SER K 98 -22.80 -14.55 -38.89
CA SER K 98 -23.68 -15.47 -39.57
C SER K 98 -24.37 -14.73 -40.72
N GLU K 99 -24.59 -15.46 -41.81
CA GLU K 99 -25.39 -15.02 -42.94
C GLU K 99 -26.60 -15.94 -42.86
N GLY K 100 -27.74 -15.38 -42.49
CA GLY K 100 -28.98 -16.11 -42.34
C GLY K 100 -29.63 -16.45 -43.66
N HIS K 101 -30.57 -17.41 -43.63
CA HIS K 101 -31.32 -17.87 -44.79
C HIS K 101 -32.76 -17.41 -44.61
N TYR K 102 -33.09 -16.28 -45.26
CA TYR K 102 -34.42 -15.66 -45.10
C TYR K 102 -35.34 -15.69 -46.33
N GLY K 103 -35.16 -16.69 -47.19
CA GLY K 103 -36.00 -16.87 -48.37
C GLY K 103 -35.56 -16.13 -49.61
N TYR K 104 -34.28 -15.76 -49.66
CA TYR K 104 -33.65 -15.07 -50.78
C TYR K 104 -32.41 -15.85 -51.16
N ASP K 105 -31.89 -15.60 -52.36
CA ASP K 105 -30.65 -16.21 -52.83
C ASP K 105 -29.50 -15.45 -52.17
N GLY K 106 -29.15 -15.83 -50.95
CA GLY K 106 -28.11 -15.15 -50.18
C GLY K 106 -28.65 -14.08 -49.25
N TYR K 107 -27.74 -13.43 -48.48
CA TYR K 107 -28.06 -12.41 -47.48
C TYR K 107 -26.79 -11.74 -46.97
N ALA K 108 -26.97 -10.75 -46.09
CA ALA K 108 -25.90 -10.01 -45.45
C ALA K 108 -25.50 -10.77 -44.17
N MET K 109 -24.47 -10.28 -43.45
CA MET K 109 -24.04 -10.88 -42.18
C MET K 109 -24.81 -10.16 -41.06
N ASP K 110 -25.98 -10.71 -40.67
CA ASP K 110 -26.88 -10.12 -39.68
C ASP K 110 -26.52 -10.26 -38.21
N TYR K 111 -25.68 -11.26 -37.86
CA TYR K 111 -25.20 -11.47 -36.50
C TYR K 111 -23.70 -11.52 -36.51
N TRP K 112 -23.07 -10.92 -35.48
CA TRP K 112 -21.63 -10.86 -35.30
C TRP K 112 -21.24 -11.24 -33.88
N GLY K 113 -20.11 -11.91 -33.73
CA GLY K 113 -19.57 -12.30 -32.43
C GLY K 113 -18.82 -11.15 -31.81
N GLN K 114 -18.43 -11.28 -30.52
CA GLN K 114 -17.70 -10.21 -29.83
C GLN K 114 -16.26 -10.01 -30.31
N GLY K 115 -15.73 -11.04 -30.99
CA GLY K 115 -14.37 -11.05 -31.50
C GLY K 115 -13.43 -11.84 -30.61
N THR K 116 -12.33 -12.32 -31.21
CA THR K 116 -11.28 -13.05 -30.50
C THR K 116 -9.94 -12.46 -30.88
N THR K 117 -9.20 -11.94 -29.88
CA THR K 117 -7.87 -11.39 -30.09
C THR K 117 -6.84 -12.52 -30.18
N VAL K 118 -6.02 -12.52 -31.23
CA VAL K 118 -4.94 -13.47 -31.45
C VAL K 118 -3.70 -12.61 -31.57
N THR K 119 -2.76 -12.76 -30.61
CA THR K 119 -1.48 -12.06 -30.64
C THR K 119 -0.38 -13.08 -30.88
N VAL K 120 0.38 -12.91 -31.96
CA VAL K 120 1.46 -13.81 -32.32
C VAL K 120 2.77 -13.11 -31.97
N SER K 121 3.51 -13.65 -30.98
CA SER K 121 4.78 -13.07 -30.54
C SER K 121 5.73 -14.12 -30.00
N SER K 122 7.04 -13.91 -30.24
CA SER K 122 8.11 -14.77 -29.77
C SER K 122 8.53 -14.36 -28.37
N ALA K 123 8.14 -13.14 -27.94
CA ALA K 123 8.45 -12.54 -26.64
C ALA K 123 7.93 -13.30 -25.43
N LYS K 124 8.67 -13.18 -24.31
CA LYS K 124 8.33 -13.79 -23.05
C LYS K 124 7.96 -12.67 -22.08
N THR K 125 7.30 -13.02 -20.96
CA THR K 125 6.90 -12.08 -19.94
C THR K 125 8.13 -11.26 -19.44
N THR K 126 8.11 -9.94 -19.69
CA THR K 126 9.17 -9.00 -19.32
C THR K 126 8.54 -7.85 -18.51
N PRO K 127 9.00 -7.56 -17.27
CA PRO K 127 8.39 -6.46 -16.49
C PRO K 127 8.81 -5.09 -17.03
N PRO K 128 8.03 -4.03 -16.79
CA PRO K 128 8.44 -2.72 -17.31
C PRO K 128 9.46 -1.99 -16.45
N SER K 129 10.21 -1.10 -17.10
CA SER K 129 11.12 -0.19 -16.41
C SER K 129 10.30 1.10 -16.28
N VAL K 130 10.12 1.60 -15.06
CA VAL K 130 9.35 2.82 -14.85
C VAL K 130 10.26 4.03 -14.61
N TYR K 131 10.25 4.97 -15.57
CA TYR K 131 11.08 6.17 -15.50
C TYR K 131 10.26 7.43 -15.28
N PRO K 132 10.71 8.31 -14.36
CA PRO K 132 9.96 9.56 -14.12
C PRO K 132 10.21 10.64 -15.19
N LEU K 133 9.18 11.41 -15.54
CA LEU K 133 9.36 12.50 -16.49
C LEU K 133 9.10 13.84 -15.84
N ALA K 134 10.21 14.50 -15.44
CA ALA K 134 10.24 15.81 -14.79
C ALA K 134 10.76 16.85 -15.80
N PRO K 135 10.24 18.10 -15.79
CA PRO K 135 10.76 19.11 -16.73
C PRO K 135 12.21 19.48 -16.47
N GLY K 136 12.88 19.98 -17.52
CA GLY K 136 14.27 20.40 -17.47
C GLY K 136 14.50 21.41 -16.38
N SER K 137 15.71 21.39 -15.80
CA SER K 137 16.21 22.23 -14.70
C SER K 137 15.88 23.74 -14.83
N ALA K 138 15.87 24.27 -16.07
CA ALA K 138 15.52 25.65 -16.43
C ALA K 138 14.20 25.64 -17.20
N ALA K 139 13.12 25.21 -16.52
CA ALA K 139 11.79 25.08 -17.13
C ALA K 139 11.07 26.42 -17.32
N GLN K 140 9.89 26.36 -17.97
CA GLN K 140 8.98 27.46 -18.32
C GLN K 140 8.44 28.27 -17.11
N THR K 141 7.63 27.61 -16.27
CA THR K 141 6.91 28.11 -15.09
C THR K 141 5.64 28.91 -15.42
N ASN K 142 4.64 28.16 -15.93
CA ASN K 142 3.27 28.56 -16.29
C ASN K 142 2.42 28.40 -14.98
N SER K 143 1.08 28.52 -15.05
CA SER K 143 0.18 28.32 -13.90
C SER K 143 -0.03 26.82 -13.69
N MET K 144 0.18 26.01 -14.75
CA MET K 144 0.07 24.55 -14.80
C MET K 144 1.44 23.94 -15.09
N VAL K 145 1.65 22.68 -14.69
CA VAL K 145 2.89 21.92 -14.90
C VAL K 145 2.57 20.48 -15.35
N THR K 146 3.19 20.05 -16.45
CA THR K 146 3.02 18.72 -17.02
C THR K 146 4.16 17.82 -16.61
N LEU K 147 3.80 16.65 -16.09
CA LEU K 147 4.76 15.63 -15.68
C LEU K 147 4.36 14.35 -16.34
N GLY K 148 5.31 13.44 -16.42
CA GLY K 148 5.06 12.17 -17.06
C GLY K 148 5.67 10.99 -16.35
N CYS K 149 5.42 9.84 -16.92
CA CYS K 149 5.82 8.53 -16.44
C CYS K 149 6.08 7.74 -17.71
N LEU K 150 7.30 7.19 -17.86
CA LEU K 150 7.65 6.38 -19.02
C LEU K 150 7.76 4.90 -18.63
N VAL K 151 6.83 4.08 -19.15
CA VAL K 151 6.73 2.64 -18.89
C VAL K 151 7.34 1.93 -20.13
N LYS K 152 8.61 1.52 -20.00
CA LYS K 152 9.40 0.95 -21.09
C LYS K 152 9.74 -0.55 -20.99
N GLY K 153 9.76 -1.21 -22.17
CA GLY K 153 10.15 -2.60 -22.39
C GLY K 153 9.45 -3.71 -21.64
N TYR K 154 8.12 -3.79 -21.74
CA TYR K 154 7.37 -4.86 -21.12
C TYR K 154 6.66 -5.76 -22.13
N PHE K 155 6.23 -6.96 -21.67
CA PHE K 155 5.46 -7.94 -22.46
C PHE K 155 4.79 -8.88 -21.50
N PRO K 156 3.48 -9.15 -21.64
CA PRO K 156 2.55 -8.64 -22.66
C PRO K 156 1.79 -7.42 -22.18
N GLU K 157 0.75 -7.04 -22.93
CA GLU K 157 -0.20 -6.00 -22.59
C GLU K 157 -1.21 -6.68 -21.63
N PRO K 158 -1.87 -6.01 -20.67
CA PRO K 158 -1.86 -4.58 -20.36
C PRO K 158 -0.90 -4.18 -19.24
N VAL K 159 -0.93 -2.90 -18.98
CA VAL K 159 -0.21 -2.20 -17.94
C VAL K 159 -1.24 -1.16 -17.49
N THR K 160 -1.34 -0.92 -16.18
CA THR K 160 -2.30 0.08 -15.68
C THR K 160 -1.52 1.21 -15.05
N VAL K 161 -1.83 2.46 -15.45
CA VAL K 161 -1.14 3.63 -14.88
C VAL K 161 -2.13 4.56 -14.20
N THR K 162 -1.96 4.75 -12.89
CA THR K 162 -2.74 5.71 -12.10
C THR K 162 -1.76 6.75 -11.57
N TRP K 163 -2.29 7.88 -11.11
CA TRP K 163 -1.49 8.96 -10.56
C TRP K 163 -2.07 9.26 -9.20
N ASN K 164 -1.20 9.21 -8.17
CA ASN K 164 -1.56 9.43 -6.77
C ASN K 164 -2.72 8.51 -6.34
N SER K 165 -2.63 7.23 -6.76
CA SER K 165 -3.57 6.13 -6.50
C SER K 165 -5.00 6.37 -6.99
N GLY K 166 -5.14 7.15 -8.06
CA GLY K 166 -6.43 7.49 -8.65
C GLY K 166 -6.96 8.87 -8.29
N SER K 167 -6.33 9.54 -7.29
CA SER K 167 -6.69 10.88 -6.82
C SER K 167 -6.56 11.91 -7.95
N LEU K 168 -5.50 11.80 -8.78
CA LEU K 168 -5.32 12.65 -9.95
C LEU K 168 -5.94 11.87 -11.09
N SER K 169 -7.16 12.26 -11.44
CA SER K 169 -7.97 11.64 -12.47
C SER K 169 -8.02 12.59 -13.67
N SER K 170 -8.29 13.87 -13.41
CA SER K 170 -8.36 14.95 -14.39
C SER K 170 -6.95 15.44 -14.71
N GLY K 171 -6.72 15.79 -15.98
CA GLY K 171 -5.41 16.25 -16.45
C GLY K 171 -4.50 15.10 -16.83
N VAL K 172 -5.04 13.90 -16.78
CA VAL K 172 -4.34 12.67 -17.10
C VAL K 172 -4.75 12.15 -18.45
N HIS K 173 -3.74 11.75 -19.21
CA HIS K 173 -3.90 10.98 -20.40
C HIS K 173 -2.77 10.04 -20.63
N THR K 174 -3.12 8.75 -20.60
CA THR K 174 -2.18 7.66 -20.86
C THR K 174 -2.23 7.35 -22.37
N PHE K 175 -1.06 7.39 -23.03
CA PHE K 175 -0.89 7.14 -24.45
C PHE K 175 -0.91 5.64 -24.77
N PRO K 176 -1.56 5.24 -25.88
CA PRO K 176 -1.56 3.80 -26.24
C PRO K 176 -0.15 3.22 -26.37
N ALA K 177 0.02 1.95 -25.97
CA ALA K 177 1.34 1.31 -26.05
C ALA K 177 1.74 1.03 -27.49
N VAL K 178 3.04 1.15 -27.77
CA VAL K 178 3.63 0.90 -29.09
C VAL K 178 4.70 -0.20 -28.97
N LEU K 179 4.79 -1.07 -29.99
CA LEU K 179 5.73 -2.18 -30.01
C LEU K 179 7.05 -1.70 -30.55
N GLN K 180 8.01 -1.62 -29.63
CA GLN K 180 9.36 -1.14 -29.85
C GLN K 180 10.17 -2.24 -30.59
N SER K 181 10.81 -3.13 -29.83
CA SER K 181 11.57 -4.26 -30.34
C SER K 181 10.47 -5.29 -30.49
N ASP K 182 10.40 -6.27 -29.59
CA ASP K 182 9.28 -7.19 -29.58
C ASP K 182 8.50 -6.91 -28.28
N LEU K 183 8.92 -5.85 -27.55
CA LEU K 183 8.39 -5.33 -26.29
C LEU K 183 7.60 -4.03 -26.43
N TYR K 184 6.73 -3.72 -25.45
CA TYR K 184 5.90 -2.53 -25.46
C TYR K 184 6.51 -1.38 -24.66
N THR K 185 6.20 -0.14 -25.09
CA THR K 185 6.55 1.12 -24.42
C THR K 185 5.27 1.96 -24.38
N LEU K 186 5.12 2.71 -23.29
CA LEU K 186 3.95 3.51 -23.02
C LEU K 186 4.40 4.71 -22.18
N SER K 187 3.62 5.79 -22.23
CA SER K 187 3.85 6.97 -21.42
C SER K 187 2.53 7.55 -20.96
N SER K 188 2.53 8.16 -19.76
CA SER K 188 1.37 8.77 -19.17
C SER K 188 1.74 10.17 -18.82
N SER K 189 0.80 11.08 -19.05
CA SER K 189 0.92 12.51 -18.84
C SER K 189 -0.05 12.93 -17.73
N VAL K 190 0.42 13.84 -16.85
CA VAL K 190 -0.38 14.42 -15.78
C VAL K 190 -0.14 15.93 -15.74
N THR K 191 -1.22 16.72 -15.67
CA THR K 191 -1.14 18.18 -15.56
C THR K 191 -1.72 18.63 -14.23
N VAL K 192 -0.87 19.30 -13.43
CA VAL K 192 -1.23 19.81 -12.10
C VAL K 192 -0.90 21.30 -12.03
N PRO K 193 -1.55 22.08 -11.11
CA PRO K 193 -1.16 23.49 -10.97
C PRO K 193 0.31 23.61 -10.58
N SER K 194 0.96 24.73 -10.92
CA SER K 194 2.37 24.96 -10.59
C SER K 194 2.57 25.07 -9.07
N SER K 195 1.49 25.46 -8.35
CA SER K 195 1.45 25.57 -6.89
C SER K 195 1.68 24.21 -6.20
N PRO K 196 0.93 23.09 -6.48
CA PRO K 196 1.23 21.82 -5.80
C PRO K 196 2.43 21.02 -6.27
N ARG K 197 3.19 21.49 -7.26
CA ARG K 197 4.37 20.75 -7.70
C ARG K 197 5.55 21.66 -8.03
N PRO K 198 6.77 21.42 -7.46
CA PRO K 198 7.18 20.27 -6.61
C PRO K 198 6.90 20.32 -5.10
N SER K 199 6.14 21.33 -4.62
CA SER K 199 5.82 21.48 -3.18
C SER K 199 5.00 20.32 -2.59
N GLU K 200 4.18 19.67 -3.42
CA GLU K 200 3.39 18.50 -3.01
C GLU K 200 3.79 17.29 -3.86
N THR K 201 3.21 16.12 -3.57
CA THR K 201 3.57 14.84 -4.18
C THR K 201 2.78 14.46 -5.43
N VAL K 202 3.51 14.10 -6.48
CA VAL K 202 2.95 13.57 -7.73
C VAL K 202 3.68 12.26 -7.95
N THR K 203 2.94 11.14 -7.89
CA THR K 203 3.49 9.79 -8.02
C THR K 203 2.70 9.00 -9.05
N CYS K 204 3.39 8.28 -9.98
CA CYS K 204 2.68 7.39 -10.87
C CYS K 204 2.78 5.98 -10.33
N ASN K 205 1.64 5.28 -10.37
CA ASN K 205 1.52 3.91 -9.92
C ASN K 205 1.32 3.05 -11.14
N VAL K 206 2.33 2.24 -11.46
CA VAL K 206 2.34 1.34 -12.61
C VAL K 206 2.18 -0.12 -12.12
N ALA K 207 1.26 -0.86 -12.76
CA ALA K 207 0.99 -2.27 -12.47
C ALA K 207 1.00 -3.07 -13.77
N HIS K 208 1.83 -4.13 -13.80
CA HIS K 208 1.94 -5.08 -14.93
C HIS K 208 1.52 -6.44 -14.37
N PRO K 209 0.21 -6.77 -14.43
CA PRO K 209 -0.26 -8.04 -13.83
C PRO K 209 0.51 -9.31 -14.22
N ALA K 210 0.83 -9.44 -15.52
CA ALA K 210 1.52 -10.57 -16.11
C ALA K 210 2.86 -10.94 -15.47
N SER K 211 3.66 -9.94 -15.08
CA SER K 211 4.95 -10.17 -14.44
C SER K 211 4.82 -10.05 -12.93
N SER K 212 3.58 -9.86 -12.42
CA SER K 212 3.27 -9.71 -11.00
C SER K 212 4.10 -8.55 -10.37
N THR K 213 4.17 -7.42 -11.09
CA THR K 213 4.93 -6.23 -10.69
C THR K 213 4.01 -5.03 -10.44
N LYS K 214 4.31 -4.29 -9.38
CA LYS K 214 3.69 -3.01 -9.03
C LYS K 214 4.86 -2.11 -8.70
N VAL K 215 4.90 -0.91 -9.32
CA VAL K 215 5.95 0.09 -9.14
C VAL K 215 5.30 1.43 -8.87
N ASP K 216 5.84 2.17 -7.91
CA ASP K 216 5.40 3.52 -7.57
C ASP K 216 6.60 4.43 -7.75
N LYS K 217 6.46 5.46 -8.60
CA LYS K 217 7.55 6.39 -8.86
C LYS K 217 7.14 7.83 -8.56
N LYS K 218 7.80 8.43 -7.57
CA LYS K 218 7.57 9.83 -7.21
C LYS K 218 8.29 10.70 -8.22
N ILE K 219 7.57 11.70 -8.76
CA ILE K 219 8.15 12.64 -9.72
C ILE K 219 8.81 13.73 -8.89
N VAL K 220 10.14 13.69 -8.87
CA VAL K 220 11.02 14.58 -8.12
C VAL K 220 11.73 15.56 -9.08
N PRO K 221 11.88 16.88 -8.72
CA PRO K 221 12.56 17.81 -9.65
C PRO K 221 14.04 17.49 -9.92
N ARG K 222 14.56 18.03 -11.05
CA ARG K 222 15.95 17.87 -11.48
C ARG K 222 16.87 18.78 -10.66
N ASP K 223 17.93 18.19 -10.07
CA ASP K 223 18.91 18.90 -9.23
C ASP K 223 19.75 19.89 -10.05
N CYS K 224 19.84 21.16 -9.56
CA CYS K 224 20.58 22.26 -10.18
C CYS K 224 21.41 23.13 -9.23
N ASP L 1 -32.46 -47.79 -73.90
CA ASP L 1 -31.14 -47.54 -73.34
C ASP L 1 -30.96 -46.03 -73.09
N SER L 2 -31.48 -45.56 -71.93
CA SER L 2 -31.47 -44.14 -71.54
C SER L 2 -30.96 -43.87 -70.13
N ASP L 3 -30.11 -42.84 -69.98
CA ASP L 3 -29.53 -42.38 -68.70
C ASP L 3 -30.01 -40.94 -68.44
N ILE L 4 -30.96 -40.80 -67.53
CA ILE L 4 -31.56 -39.51 -67.21
C ILE L 4 -31.01 -38.95 -65.89
N ALA L 5 -30.34 -37.79 -65.98
CA ALA L 5 -29.77 -37.07 -64.84
C ALA L 5 -30.64 -35.85 -64.50
N PHE L 6 -30.76 -35.56 -63.21
CA PHE L 6 -31.56 -34.44 -62.75
C PHE L 6 -30.71 -33.35 -62.06
N LEU L 7 -30.78 -32.10 -62.58
CA LEU L 7 -30.11 -30.93 -62.00
C LEU L 7 -31.12 -29.95 -61.36
N ILE L 8 -31.35 -30.14 -60.06
CA ILE L 8 -32.30 -29.32 -59.30
C ILE L 8 -31.67 -28.13 -58.56
N ASP L 9 -32.32 -26.94 -58.69
CA ASP L 9 -31.98 -25.66 -58.04
C ASP L 9 -32.43 -25.74 -56.60
N GLY L 10 -31.50 -25.55 -55.67
CA GLY L 10 -31.78 -25.58 -54.24
C GLY L 10 -31.52 -24.26 -53.55
N SER L 11 -31.45 -23.16 -54.34
CA SER L 11 -31.22 -21.79 -53.88
C SER L 11 -32.33 -21.32 -52.93
N GLY L 12 -31.96 -20.37 -52.07
CA GLY L 12 -32.79 -19.80 -51.02
C GLY L 12 -34.18 -19.30 -51.36
N SER L 13 -34.37 -18.76 -52.59
CA SER L 13 -35.68 -18.23 -53.04
C SER L 13 -36.79 -19.27 -53.10
N ILE L 14 -36.46 -20.55 -53.34
CA ILE L 14 -37.41 -21.66 -53.39
C ILE L 14 -37.85 -22.00 -51.97
N ILE L 15 -39.09 -21.64 -51.60
CA ILE L 15 -39.65 -21.91 -50.27
C ILE L 15 -39.79 -23.43 -50.01
N PRO L 16 -39.71 -23.92 -48.74
CA PRO L 16 -39.78 -25.37 -48.50
C PRO L 16 -40.89 -26.18 -49.21
N HIS L 17 -42.12 -25.62 -49.29
CA HIS L 17 -43.24 -26.28 -49.96
C HIS L 17 -43.00 -26.48 -51.44
N ASP L 18 -42.36 -25.49 -52.07
CA ASP L 18 -42.01 -25.51 -53.49
C ASP L 18 -40.87 -26.49 -53.77
N PHE L 19 -39.89 -26.58 -52.86
CA PHE L 19 -38.81 -27.57 -52.98
C PHE L 19 -39.41 -28.98 -52.86
N ARG L 20 -40.42 -29.15 -51.97
CA ARG L 20 -41.16 -30.41 -51.76
C ARG L 20 -41.93 -30.81 -53.01
N ARG L 21 -42.59 -29.82 -53.66
CA ARG L 21 -43.33 -29.97 -54.91
C ARG L 21 -42.40 -30.42 -56.05
N MET L 22 -41.18 -29.86 -56.13
CA MET L 22 -40.20 -30.19 -57.17
C MET L 22 -39.65 -31.62 -57.00
N LYS L 23 -39.45 -32.06 -55.73
CA LYS L 23 -39.02 -33.41 -55.36
C LYS L 23 -40.11 -34.42 -55.74
N GLU L 24 -41.40 -34.05 -55.50
CA GLU L 24 -42.61 -34.79 -55.84
C GLU L 24 -42.67 -34.98 -57.38
N PHE L 25 -42.36 -33.92 -58.16
CA PHE L 25 -42.33 -33.95 -59.64
C PHE L 25 -41.24 -34.88 -60.15
N VAL L 26 -40.05 -34.85 -59.51
CA VAL L 26 -38.94 -35.71 -59.88
C VAL L 26 -39.33 -37.16 -59.58
N SER L 27 -39.87 -37.44 -58.37
CA SER L 27 -40.36 -38.75 -57.92
C SER L 27 -41.41 -39.37 -58.87
N THR L 28 -42.28 -38.54 -59.48
CA THR L 28 -43.33 -38.93 -60.43
C THR L 28 -42.77 -39.17 -61.85
N VAL L 29 -41.89 -38.27 -62.35
CA VAL L 29 -41.24 -38.38 -63.67
C VAL L 29 -40.40 -39.67 -63.73
N MET L 30 -39.69 -39.99 -62.63
CA MET L 30 -38.89 -41.21 -62.45
C MET L 30 -39.74 -42.47 -62.53
N GLU L 31 -40.95 -42.44 -61.94
CA GLU L 31 -41.91 -43.54 -61.92
C GLU L 31 -42.57 -43.71 -63.29
N GLN L 32 -42.81 -42.59 -64.02
CA GLN L 32 -43.43 -42.59 -65.35
C GLN L 32 -42.48 -43.00 -66.47
N LEU L 33 -41.16 -42.72 -66.32
CA LEU L 33 -40.14 -43.06 -67.32
C LEU L 33 -39.43 -44.39 -67.01
N LYS L 34 -39.99 -45.17 -66.04
CA LYS L 34 -39.48 -46.46 -65.60
C LYS L 34 -39.45 -47.46 -66.76
N LYS L 35 -38.23 -47.80 -67.24
CA LYS L 35 -37.99 -48.74 -68.33
C LYS L 35 -36.83 -49.67 -67.93
N SER L 36 -36.74 -50.83 -68.58
CA SER L 36 -35.70 -51.84 -68.31
C SER L 36 -34.23 -51.47 -68.58
N LYS L 37 -33.97 -50.44 -69.40
CA LYS L 37 -32.63 -49.94 -69.71
C LYS L 37 -32.50 -48.43 -69.38
N THR L 38 -33.45 -47.92 -68.54
CA THR L 38 -33.50 -46.54 -68.07
C THR L 38 -33.02 -46.42 -66.61
N LEU L 39 -31.96 -45.63 -66.40
CA LEU L 39 -31.36 -45.35 -65.08
C LEU L 39 -31.56 -43.87 -64.72
N PHE L 40 -31.54 -43.56 -63.41
CA PHE L 40 -31.74 -42.21 -62.92
C PHE L 40 -30.64 -41.69 -61.99
N SER L 41 -30.41 -40.36 -62.02
CA SER L 41 -29.41 -39.70 -61.17
C SER L 41 -29.87 -38.30 -60.77
N LEU L 42 -29.36 -37.77 -59.65
CA LEU L 42 -29.74 -36.42 -59.22
C LEU L 42 -28.62 -35.66 -58.53
N MET L 43 -28.50 -34.38 -58.90
CA MET L 43 -27.60 -33.42 -58.28
C MET L 43 -28.38 -32.15 -57.96
N GLN L 44 -28.21 -31.64 -56.74
CA GLN L 44 -28.79 -30.38 -56.29
C GLN L 44 -27.68 -29.33 -56.33
N TYR L 45 -28.04 -28.12 -56.77
CA TYR L 45 -27.09 -27.02 -56.85
C TYR L 45 -27.69 -25.73 -56.33
N SER L 46 -26.81 -24.80 -55.94
CA SER L 46 -27.05 -23.43 -55.51
C SER L 46 -25.68 -22.75 -55.65
N GLU L 47 -24.97 -22.53 -54.54
CA GLU L 47 -23.60 -22.04 -54.51
C GLU L 47 -22.74 -23.24 -54.06
N GLU L 48 -23.42 -24.30 -53.61
CA GLU L 48 -22.87 -25.60 -53.22
C GLU L 48 -23.50 -26.65 -54.11
N PHE L 49 -22.83 -27.80 -54.28
CA PHE L 49 -23.26 -28.85 -55.21
C PHE L 49 -23.23 -30.22 -54.54
N ARG L 50 -24.35 -30.95 -54.58
CA ARG L 50 -24.49 -32.24 -53.90
C ARG L 50 -25.14 -33.29 -54.77
N ILE L 51 -24.45 -34.44 -54.95
CA ILE L 51 -24.99 -35.61 -55.67
C ILE L 51 -25.84 -36.36 -54.64
N HIS L 52 -27.14 -36.52 -54.93
CA HIS L 52 -28.05 -37.20 -54.01
C HIS L 52 -28.07 -38.70 -54.26
N PHE L 53 -27.94 -39.09 -55.54
CA PHE L 53 -27.84 -40.48 -55.98
C PHE L 53 -27.21 -40.61 -57.37
N THR L 54 -26.27 -41.56 -57.49
CA THR L 54 -25.58 -41.89 -58.74
C THR L 54 -26.44 -42.92 -59.50
N PHE L 55 -26.17 -43.14 -60.81
CA PHE L 55 -26.90 -44.16 -61.59
C PHE L 55 -26.71 -45.55 -60.96
N LYS L 56 -25.50 -45.84 -60.46
CA LYS L 56 -25.12 -47.07 -59.78
C LYS L 56 -25.94 -47.23 -58.51
N GLU L 57 -26.09 -46.13 -57.72
CA GLU L 57 -26.88 -46.08 -56.48
C GLU L 57 -28.37 -46.33 -56.78
N PHE L 58 -28.86 -45.85 -57.95
CA PHE L 58 -30.25 -46.09 -58.38
C PHE L 58 -30.44 -47.53 -58.81
N GLN L 59 -29.45 -48.11 -59.52
CA GLN L 59 -29.46 -49.49 -59.98
C GLN L 59 -29.60 -50.46 -58.79
N ASN L 60 -28.87 -50.20 -57.69
CA ASN L 60 -28.88 -51.00 -56.46
C ASN L 60 -30.08 -50.72 -55.52
N ASN L 61 -30.91 -49.68 -55.84
CA ASN L 61 -32.13 -49.31 -55.14
C ASN L 61 -33.06 -48.56 -56.12
N PRO L 62 -33.74 -49.28 -57.05
CA PRO L 62 -34.56 -48.58 -58.05
C PRO L 62 -35.92 -48.09 -57.56
N ASN L 63 -35.93 -47.50 -56.34
CA ASN L 63 -37.11 -46.94 -55.69
C ASN L 63 -37.00 -45.41 -55.69
N PRO L 64 -37.70 -44.73 -56.64
CA PRO L 64 -37.60 -43.26 -56.74
C PRO L 64 -37.88 -42.48 -55.47
N ARG L 65 -39.00 -42.79 -54.80
CA ARG L 65 -39.43 -42.13 -53.57
C ARG L 65 -38.51 -42.39 -52.38
N SER L 66 -37.80 -43.53 -52.38
CA SER L 66 -36.86 -43.90 -51.33
C SER L 66 -35.59 -43.00 -51.38
N LEU L 67 -35.15 -42.66 -52.62
CA LEU L 67 -33.98 -41.84 -52.91
C LEU L 67 -34.24 -40.32 -52.86
N VAL L 68 -35.46 -39.89 -53.25
CA VAL L 68 -35.85 -38.49 -53.27
C VAL L 68 -36.22 -37.94 -51.89
N LYS L 69 -37.03 -38.70 -51.11
CA LYS L 69 -37.48 -38.31 -49.76
C LYS L 69 -36.39 -37.66 -48.86
N PRO L 70 -35.20 -38.28 -48.66
CA PRO L 70 -34.20 -37.65 -47.77
C PRO L 70 -33.55 -36.35 -48.25
N ILE L 71 -33.62 -36.03 -49.59
CA ILE L 71 -33.04 -34.83 -50.20
C ILE L 71 -33.43 -33.56 -49.42
N THR L 72 -32.41 -32.85 -48.88
CA THR L 72 -32.55 -31.61 -48.12
C THR L 72 -32.00 -30.42 -48.92
N GLN L 73 -32.69 -29.26 -48.83
CA GLN L 73 -32.33 -28.03 -49.56
C GLN L 73 -31.01 -27.41 -49.10
N LEU L 74 -30.16 -27.05 -50.07
CA LEU L 74 -28.83 -26.45 -49.82
C LEU L 74 -28.91 -24.99 -49.40
N LEU L 75 -29.79 -24.22 -50.09
CA LEU L 75 -30.05 -22.78 -49.95
C LEU L 75 -28.85 -21.99 -50.50
N GLY L 76 -28.93 -20.66 -50.48
CA GLY L 76 -27.86 -19.82 -51.00
C GLY L 76 -28.12 -19.26 -52.39
N ARG L 77 -27.04 -18.82 -53.06
CA ARG L 77 -27.00 -18.19 -54.38
C ARG L 77 -27.19 -19.19 -55.55
N THR L 78 -27.02 -18.73 -56.80
CA THR L 78 -27.28 -19.51 -58.02
C THR L 78 -26.10 -19.63 -58.98
N HIS L 79 -25.50 -20.81 -59.01
CA HIS L 79 -24.36 -21.09 -59.87
C HIS L 79 -24.72 -22.24 -60.83
N THR L 80 -25.55 -21.90 -61.83
CA THR L 80 -26.09 -22.79 -62.86
C THR L 80 -25.04 -23.46 -63.76
N ALA L 81 -24.08 -22.68 -64.27
CA ALA L 81 -23.01 -23.17 -65.12
C ALA L 81 -22.12 -24.21 -64.40
N THR L 82 -21.64 -23.89 -63.17
CA THR L 82 -20.83 -24.81 -62.36
C THR L 82 -21.58 -26.13 -62.09
N GLY L 83 -22.89 -26.03 -61.89
CA GLY L 83 -23.79 -27.16 -61.68
C GLY L 83 -23.85 -28.07 -62.90
N ILE L 84 -24.00 -27.45 -64.11
CA ILE L 84 -24.06 -28.16 -65.39
C ILE L 84 -22.74 -28.90 -65.64
N ARG L 85 -21.59 -28.25 -65.38
CA ARG L 85 -20.27 -28.85 -65.53
C ARG L 85 -20.12 -30.06 -64.61
N LYS L 86 -20.53 -29.92 -63.36
CA LYS L 86 -20.47 -31.00 -62.37
C LYS L 86 -21.35 -32.20 -62.75
N VAL L 87 -22.52 -31.95 -63.36
CA VAL L 87 -23.41 -33.00 -63.84
C VAL L 87 -22.72 -33.78 -64.97
N VAL L 88 -22.16 -33.04 -65.95
CA VAL L 88 -21.43 -33.57 -67.11
C VAL L 88 -20.21 -34.39 -66.66
N ARG L 89 -19.34 -33.81 -65.80
CA ARG L 89 -18.13 -34.45 -65.34
C ARG L 89 -18.32 -35.55 -64.30
N GLU L 90 -19.27 -35.38 -63.37
CA GLU L 90 -19.48 -36.34 -62.28
C GLU L 90 -20.59 -37.36 -62.51
N LEU L 91 -21.83 -36.90 -62.80
CA LEU L 91 -22.96 -37.81 -62.99
C LEU L 91 -22.81 -38.73 -64.23
N PHE L 92 -22.35 -38.19 -65.38
CA PHE L 92 -22.17 -38.98 -66.61
C PHE L 92 -20.82 -39.75 -66.74
N ASN L 93 -20.24 -40.10 -65.58
CA ASN L 93 -18.96 -40.81 -65.45
C ASN L 93 -19.24 -42.28 -65.14
N ILE L 94 -18.50 -43.18 -65.81
CA ILE L 94 -18.61 -44.64 -65.72
C ILE L 94 -18.46 -45.18 -64.29
N THR L 95 -17.66 -44.49 -63.44
CA THR L 95 -17.43 -44.85 -62.04
C THR L 95 -18.70 -44.69 -61.20
N ASN L 96 -19.62 -43.78 -61.59
CA ASN L 96 -20.88 -43.54 -60.87
C ASN L 96 -22.08 -44.32 -61.47
N GLY L 97 -21.78 -45.25 -62.37
CA GLY L 97 -22.78 -46.10 -63.00
C GLY L 97 -23.34 -45.66 -64.33
N ALA L 98 -22.69 -44.66 -64.99
CA ALA L 98 -23.13 -44.20 -66.32
C ALA L 98 -22.71 -45.18 -67.41
N ARG L 99 -23.56 -45.34 -68.44
CA ARG L 99 -23.30 -46.23 -69.58
C ARG L 99 -22.71 -45.48 -70.78
N LYS L 100 -21.69 -46.09 -71.42
CA LYS L 100 -20.91 -45.56 -72.55
C LYS L 100 -21.76 -45.22 -73.79
N ASN L 101 -22.54 -46.20 -74.29
CA ASN L 101 -23.37 -45.99 -75.47
C ASN L 101 -24.87 -45.81 -75.19
N ALA L 102 -25.19 -45.19 -74.04
CA ALA L 102 -26.55 -44.87 -73.63
C ALA L 102 -26.85 -43.40 -73.95
N PHE L 103 -28.13 -43.06 -74.04
CA PHE L 103 -28.58 -41.69 -74.29
C PHE L 103 -28.34 -40.85 -73.03
N LYS L 104 -27.61 -39.73 -73.18
CA LYS L 104 -27.29 -38.84 -72.06
C LYS L 104 -28.29 -37.68 -72.01
N ILE L 105 -29.24 -37.74 -71.06
CA ILE L 105 -30.28 -36.72 -70.91
C ILE L 105 -30.14 -36.00 -69.57
N LEU L 106 -30.40 -34.67 -69.58
CA LEU L 106 -30.35 -33.83 -68.40
C LEU L 106 -31.56 -32.90 -68.29
N VAL L 107 -32.27 -32.99 -67.16
CA VAL L 107 -33.38 -32.11 -66.87
C VAL L 107 -32.88 -31.10 -65.82
N VAL L 108 -32.83 -29.81 -66.21
CA VAL L 108 -32.39 -28.68 -65.40
C VAL L 108 -33.64 -27.88 -64.92
N ILE L 109 -33.99 -27.97 -63.62
CA ILE L 109 -35.11 -27.21 -63.07
C ILE L 109 -34.53 -26.04 -62.25
N THR L 110 -34.75 -24.77 -62.70
CA THR L 110 -34.24 -23.54 -62.06
C THR L 110 -35.31 -22.45 -61.81
N ASP L 111 -35.32 -21.80 -60.60
CA ASP L 111 -36.26 -20.71 -60.29
C ASP L 111 -35.73 -19.30 -60.58
N GLY L 112 -34.48 -19.19 -61.03
CA GLY L 112 -33.86 -17.90 -61.33
C GLY L 112 -32.60 -17.99 -62.14
N GLU L 113 -32.12 -16.83 -62.61
CA GLU L 113 -30.90 -16.66 -63.41
C GLU L 113 -29.63 -16.88 -62.57
N LYS L 114 -28.54 -17.39 -63.19
CA LYS L 114 -27.27 -17.58 -62.48
C LYS L 114 -26.59 -16.22 -62.21
N PHE L 115 -26.00 -16.07 -61.03
CA PHE L 115 -25.32 -14.83 -60.64
C PHE L 115 -24.13 -15.13 -59.77
N GLY L 116 -23.05 -14.41 -60.02
CA GLY L 116 -21.80 -14.55 -59.29
C GLY L 116 -21.12 -15.90 -59.49
N ASP L 117 -21.52 -16.66 -60.54
CA ASP L 117 -20.97 -17.97 -60.88
C ASP L 117 -19.54 -17.77 -61.43
N PRO L 118 -18.53 -18.51 -60.90
CA PRO L 118 -17.15 -18.36 -61.43
C PRO L 118 -17.07 -18.68 -62.92
N LEU L 119 -17.88 -19.64 -63.35
CA LEU L 119 -17.96 -20.05 -64.74
C LEU L 119 -19.16 -19.42 -65.46
N GLY L 120 -18.96 -19.16 -66.74
CA GLY L 120 -20.00 -18.68 -67.64
C GLY L 120 -20.56 -19.88 -68.39
N TYR L 121 -21.63 -19.66 -69.17
CA TYR L 121 -22.23 -20.75 -69.94
C TYR L 121 -21.31 -21.24 -71.08
N GLU L 122 -20.49 -20.33 -71.65
CA GLU L 122 -19.51 -20.62 -72.69
C GLU L 122 -18.42 -21.60 -72.22
N ASP L 123 -18.13 -21.63 -70.90
CA ASP L 123 -17.13 -22.52 -70.31
C ASP L 123 -17.72 -23.90 -70.01
N VAL L 124 -19.06 -24.02 -70.09
CA VAL L 124 -19.77 -25.23 -69.70
C VAL L 124 -20.58 -25.94 -70.84
N ILE L 125 -21.35 -25.17 -71.64
CA ILE L 125 -22.21 -25.62 -72.74
C ILE L 125 -21.44 -26.43 -73.83
N PRO L 126 -20.30 -25.93 -74.39
CA PRO L 126 -19.56 -26.73 -75.41
C PRO L 126 -19.18 -28.13 -74.96
N GLU L 127 -18.70 -28.26 -73.72
CA GLU L 127 -18.31 -29.53 -73.10
C GLU L 127 -19.51 -30.50 -73.03
N ALA L 128 -20.74 -29.96 -72.74
CA ALA L 128 -21.99 -30.73 -72.65
C ALA L 128 -22.41 -31.23 -74.02
N ASP L 129 -22.24 -30.39 -75.06
CA ASP L 129 -22.56 -30.73 -76.44
C ASP L 129 -21.62 -31.84 -76.94
N ARG L 130 -20.29 -31.67 -76.73
CA ARG L 130 -19.25 -32.63 -77.11
C ARG L 130 -19.41 -33.99 -76.42
N GLU L 131 -19.90 -33.99 -75.17
CA GLU L 131 -20.15 -35.23 -74.42
C GLU L 131 -21.52 -35.84 -74.74
N GLY L 132 -22.26 -35.21 -75.64
CA GLY L 132 -23.56 -35.66 -76.13
C GLY L 132 -24.68 -35.61 -75.11
N VAL L 133 -24.72 -34.54 -74.30
CA VAL L 133 -25.75 -34.36 -73.28
C VAL L 133 -26.95 -33.62 -73.90
N ILE L 134 -28.12 -34.27 -73.87
CA ILE L 134 -29.38 -33.70 -74.33
C ILE L 134 -29.93 -32.99 -73.10
N ARG L 135 -30.01 -31.67 -73.16
CA ARG L 135 -30.48 -30.97 -71.99
C ARG L 135 -31.80 -30.22 -72.15
N TYR L 136 -32.66 -30.49 -71.17
CA TYR L 136 -34.00 -29.96 -71.00
C TYR L 136 -33.97 -28.99 -69.84
N VAL L 137 -34.65 -27.83 -69.99
CA VAL L 137 -34.72 -26.80 -68.94
C VAL L 137 -36.17 -26.41 -68.54
N ILE L 138 -36.42 -26.34 -67.22
CA ILE L 138 -37.71 -25.92 -66.66
C ILE L 138 -37.47 -24.67 -65.82
N GLY L 139 -37.81 -23.51 -66.38
CA GLY L 139 -37.69 -22.23 -65.70
C GLY L 139 -38.96 -21.98 -64.91
N VAL L 140 -38.86 -22.00 -63.57
CA VAL L 140 -40.02 -21.87 -62.67
C VAL L 140 -40.24 -20.48 -62.05
N GLY L 141 -41.42 -19.93 -62.29
CA GLY L 141 -41.81 -18.64 -61.74
C GLY L 141 -41.44 -17.39 -62.52
N ASP L 142 -41.75 -16.28 -61.88
CA ASP L 142 -41.60 -14.88 -62.31
C ASP L 142 -40.24 -14.49 -62.89
N ALA L 143 -39.13 -15.10 -62.41
CA ALA L 143 -37.77 -14.79 -62.88
C ALA L 143 -37.56 -14.92 -64.38
N PHE L 144 -38.45 -15.69 -65.05
CA PHE L 144 -38.35 -15.97 -66.48
C PHE L 144 -39.35 -15.30 -67.46
N ARG L 145 -40.28 -14.44 -66.99
CA ARG L 145 -41.25 -13.72 -67.84
C ARG L 145 -40.63 -12.65 -68.79
N SER L 146 -39.32 -12.33 -68.65
CA SER L 146 -38.68 -11.35 -69.51
C SER L 146 -38.04 -12.00 -70.72
N GLU L 147 -38.11 -11.36 -71.89
CA GLU L 147 -37.56 -11.97 -73.10
C GLU L 147 -36.02 -12.18 -73.04
N LYS L 148 -35.33 -11.49 -72.08
CA LYS L 148 -33.89 -11.57 -71.83
C LYS L 148 -33.56 -12.80 -70.92
N SER L 149 -34.33 -13.03 -69.83
CA SER L 149 -34.27 -14.19 -68.95
C SER L 149 -34.51 -15.51 -69.73
N ARG L 150 -35.41 -15.47 -70.73
CA ARG L 150 -35.74 -16.60 -71.59
C ARG L 150 -34.52 -17.02 -72.42
N GLN L 151 -33.61 -16.06 -72.77
CA GLN L 151 -32.37 -16.34 -73.51
C GLN L 151 -31.44 -17.23 -72.67
N GLU L 152 -31.46 -17.04 -71.33
CA GLU L 152 -30.69 -17.83 -70.38
C GLU L 152 -31.17 -19.28 -70.44
N LEU L 153 -32.52 -19.50 -70.46
CA LEU L 153 -33.14 -20.83 -70.58
C LEU L 153 -32.76 -21.50 -71.92
N ASN L 154 -32.69 -20.71 -73.02
CA ASN L 154 -32.28 -21.15 -74.36
C ASN L 154 -30.81 -21.55 -74.39
N THR L 155 -29.96 -20.84 -73.60
CA THR L 155 -28.52 -21.10 -73.47
C THR L 155 -28.27 -22.44 -72.75
N ILE L 156 -29.06 -22.71 -71.69
CA ILE L 156 -28.99 -23.95 -70.91
C ILE L 156 -29.42 -25.14 -71.75
N ALA L 157 -30.66 -25.08 -72.30
CA ALA L 157 -31.28 -26.14 -73.10
C ALA L 157 -30.62 -26.38 -74.47
N SER L 158 -30.74 -27.62 -74.98
CA SER L 158 -30.23 -28.01 -76.30
C SER L 158 -31.09 -27.33 -77.38
N LYS L 159 -30.49 -27.00 -78.54
CA LYS L 159 -31.23 -26.39 -79.64
C LYS L 159 -32.11 -27.47 -80.33
N PRO L 160 -33.38 -27.19 -80.73
CA PRO L 160 -34.09 -25.90 -80.68
C PRO L 160 -34.81 -25.64 -79.36
N PRO L 161 -35.04 -24.34 -79.00
CA PRO L 161 -35.73 -24.03 -77.74
C PRO L 161 -37.14 -24.60 -77.61
N ARG L 162 -37.88 -24.72 -78.73
CA ARG L 162 -39.25 -25.27 -78.74
C ARG L 162 -39.34 -26.73 -78.26
N ASP L 163 -38.27 -27.53 -78.52
CA ASP L 163 -38.18 -28.96 -78.18
C ASP L 163 -37.49 -29.26 -76.84
N HIS L 164 -36.81 -28.27 -76.23
CA HIS L 164 -36.06 -28.48 -74.99
C HIS L 164 -36.36 -27.53 -73.82
N VAL L 165 -36.97 -26.35 -74.07
CA VAL L 165 -37.31 -25.37 -73.03
C VAL L 165 -38.76 -25.56 -72.54
N PHE L 166 -38.96 -25.47 -71.23
CA PHE L 166 -40.25 -25.53 -70.53
C PHE L 166 -40.33 -24.32 -69.60
N GLN L 167 -41.56 -23.86 -69.29
CA GLN L 167 -41.80 -22.73 -68.41
C GLN L 167 -43.09 -22.88 -67.65
N VAL L 168 -43.02 -22.77 -66.32
CA VAL L 168 -44.19 -22.88 -65.43
C VAL L 168 -44.28 -21.66 -64.54
N ASN L 169 -45.50 -21.17 -64.29
CA ASN L 169 -45.67 -19.97 -63.49
C ASN L 169 -45.38 -20.16 -62.01
N ASN L 170 -45.38 -21.43 -61.54
CA ASN L 170 -45.11 -21.80 -60.14
C ASN L 170 -44.75 -23.28 -59.99
N PHE L 171 -44.35 -23.69 -58.77
CA PHE L 171 -43.98 -25.08 -58.50
C PHE L 171 -45.17 -26.03 -58.49
N GLU L 172 -46.40 -25.59 -58.14
CA GLU L 172 -47.54 -26.51 -58.22
C GLU L 172 -47.91 -26.73 -59.70
N ALA L 173 -47.55 -25.76 -60.58
CA ALA L 173 -47.76 -25.81 -62.03
C ALA L 173 -46.77 -26.76 -62.73
N LEU L 174 -45.88 -27.42 -61.97
CA LEU L 174 -44.91 -28.38 -62.51
C LEU L 174 -45.60 -29.69 -62.94
N LYS L 175 -46.78 -30.00 -62.32
CA LYS L 175 -47.66 -31.14 -62.61
C LYS L 175 -48.22 -31.05 -64.04
N THR L 176 -48.43 -29.81 -64.56
CA THR L 176 -48.95 -29.49 -65.89
C THR L 176 -48.03 -29.99 -67.00
N ILE L 177 -46.70 -29.90 -66.81
CA ILE L 177 -45.71 -30.32 -67.80
C ILE L 177 -45.18 -31.76 -67.62
N GLN L 178 -45.79 -32.53 -66.69
CA GLN L 178 -45.46 -33.92 -66.37
C GLN L 178 -45.65 -34.86 -67.57
N ASN L 179 -46.75 -34.67 -68.34
CA ASN L 179 -47.07 -35.46 -69.52
C ASN L 179 -46.19 -35.05 -70.71
N GLN L 180 -46.05 -33.73 -70.97
CA GLN L 180 -45.27 -33.15 -72.08
C GLN L 180 -43.79 -33.50 -72.01
N LEU L 181 -43.21 -33.52 -70.78
CA LEU L 181 -41.80 -33.89 -70.59
C LEU L 181 -41.62 -35.37 -70.87
N ARG L 182 -42.44 -36.24 -70.22
CA ARG L 182 -42.39 -37.70 -70.39
C ARG L 182 -42.43 -38.08 -71.89
N GLU L 183 -43.31 -37.42 -72.66
CA GLU L 183 -43.45 -37.64 -74.10
C GLU L 183 -42.24 -37.14 -74.91
N LYS L 184 -41.61 -36.02 -74.49
CA LYS L 184 -40.42 -35.46 -75.15
C LYS L 184 -39.18 -36.33 -74.94
N ILE L 185 -39.07 -36.99 -73.77
CA ILE L 185 -37.95 -37.90 -73.43
C ILE L 185 -38.03 -39.16 -74.33
N PHE L 186 -39.21 -39.80 -74.45
CA PHE L 186 -39.35 -40.98 -75.31
C PHE L 186 -38.99 -40.65 -76.78
N ALA L 187 -39.41 -39.45 -77.28
CA ALA L 187 -39.07 -39.01 -78.66
C ALA L 187 -37.56 -38.72 -78.81
N ILE L 188 -36.91 -38.94 -79.99
CA ILE L 188 -37.28 -39.62 -81.23
C ILE L 188 -36.07 -40.53 -81.52
N GLU L 189 -36.12 -41.76 -80.95
CA GLU L 189 -35.06 -42.79 -80.96
C GLU L 189 -33.80 -42.26 -80.28
C1 EDO M . -25.33 -29.53 14.46
O1 EDO M . -26.68 -29.34 14.01
C2 EDO M . -25.02 -28.64 15.67
O2 EDO M . -24.48 -27.36 15.31
C1 EDO N . -45.63 -36.53 -10.66
O1 EDO N . -46.39 -37.74 -10.66
C2 EDO N . -45.70 -35.95 -9.26
O2 EDO N . -44.87 -36.70 -8.36
C1 GOL O . -25.28 -4.53 7.28
O1 GOL O . -25.21 -3.46 8.25
C2 GOL O . -25.47 -5.87 8.01
O2 GOL O . -25.47 -7.04 7.09
C3 GOL O . -26.57 -5.73 9.14
O3 GOL O . -26.62 -6.81 10.11
C1 EDO P . -7.17 -23.03 17.67
O1 EDO P . -6.30 -21.97 17.22
C2 EDO P . -8.23 -22.54 18.67
O2 EDO P . -9.32 -23.48 18.84
C1 EDO Q . -33.30 -45.20 -5.68
O1 EDO Q . -32.19 -44.31 -5.79
C2 EDO Q . -32.95 -46.57 -6.26
O2 EDO Q . -32.43 -47.43 -5.23
C1 EDO R . -14.02 -17.52 -6.25
O1 EDO R . -13.71 -18.62 -7.13
C2 EDO R . -12.77 -17.08 -5.48
O2 EDO R . -12.53 -17.93 -4.34
C1 EDO S . -1.13 -11.40 3.36
O1 EDO S . -1.31 -12.37 2.34
C2 EDO S . -1.88 -11.77 4.63
O2 EDO S . -1.83 -10.62 5.49
C1 EDO T . -28.20 -52.39 -20.36
O1 EDO T . -29.60 -52.67 -20.26
C2 EDO T . -28.00 -51.03 -21.03
O2 EDO T . -26.95 -50.32 -20.38
C1 GOL U . -2.03 -17.06 5.66
O1 GOL U . -1.63 -18.21 6.43
C2 GOL U . -1.15 -15.79 5.64
O2 GOL U . -1.92 -14.62 6.04
C3 GOL U . -0.58 -15.56 4.22
O3 GOL U . -1.66 -15.31 3.31
C1 GOL V . -16.71 -34.70 12.65
O1 GOL V . -17.89 -34.55 13.49
C2 GOL V . -17.02 -34.73 11.14
O2 GOL V . -18.37 -34.26 10.88
C3 GOL V . -16.76 -36.12 10.47
O3 GOL V . -15.60 -36.14 9.54
C1 GOL W . -23.29 -49.95 -22.27
O1 GOL W . -24.62 -50.64 -22.33
C2 GOL W . -23.16 -48.99 -21.04
O2 GOL W . -24.40 -48.83 -20.26
C3 GOL W . -22.57 -47.61 -21.39
O3 GOL W . -21.19 -47.67 -21.79
NA NA X . -23.87 -26.31 -3.70
CA CA Y . -17.47 -5.31 26.04
C1 EDO Z . -21.62 -3.29 26.80
O1 EDO Z . -20.69 -3.26 27.89
C2 EDO Z . -22.26 -1.91 26.67
O2 EDO Z . -23.68 -2.07 26.46
C1 GOL AA . -2.63 -16.43 22.29
O1 GOL AA . -3.70 -17.40 22.64
C2 GOL AA . -1.49 -16.12 23.32
O2 GOL AA . -1.25 -17.13 24.30
C3 GOL AA . -1.62 -14.77 24.03
O3 GOL AA . -0.33 -14.21 24.37
CL CL BA . -3.18 -11.05 46.36
C1 EDO CA . 6.24 33.46 23.35
O1 EDO CA . 7.48 33.47 24.06
C2 EDO CA . 6.22 32.32 22.36
O2 EDO CA . 6.23 31.06 23.05
C1 EDO DA . -19.90 21.35 29.81
O1 EDO DA . -19.38 22.40 28.97
C2 EDO DA . -19.73 21.73 31.27
O2 EDO DA . -20.20 23.06 31.48
C1 GOL EA . -19.13 41.69 14.07
O1 GOL EA . -19.35 41.33 15.47
C2 GOL EA . -18.02 40.91 13.33
O2 GOL EA . -16.70 41.19 13.86
C3 GOL EA . -18.09 41.20 11.82
O3 GOL EA . -16.92 40.76 11.12
C1 EDO FA . 9.29 29.42 16.60
O1 EDO FA . 8.56 29.28 17.83
C2 EDO FA . 10.49 28.48 16.65
O2 EDO FA . 10.05 27.11 16.65
C1 EDO GA . -9.27 34.75 14.58
O1 EDO GA . -8.41 35.04 13.46
C2 EDO GA . -8.52 34.52 15.90
O2 EDO GA . -8.94 35.42 16.94
C1 EDO HA . -4.75 15.93 -2.45
O1 EDO HA . -4.00 17.17 -2.38
C2 EDO HA . -4.25 14.92 -1.42
O2 EDO HA . -4.91 15.08 -0.17
C1 EDO IA . -8.58 14.60 -1.21
O1 EDO IA . -8.65 13.24 -0.77
C2 EDO IA . -9.61 14.86 -2.30
O2 EDO IA . -10.93 14.46 -1.89
C1 GOL JA . 12.41 25.88 4.53
O1 GOL JA . 12.33 24.48 4.85
C2 GOL JA . 13.77 26.50 4.89
O2 GOL JA . 14.77 25.94 4.01
C3 GOL JA . 14.11 26.24 6.38
O3 GOL JA . 15.09 27.13 6.95
C1 GOL KA . 31.97 33.38 12.86
O1 GOL KA . 33.18 32.85 13.46
C2 GOL KA . 31.65 34.81 13.34
O2 GOL KA . 32.83 35.62 13.19
C3 GOL KA . 31.12 34.81 14.81
O3 GOL KA . 30.81 36.11 15.26
CA CA LA . -24.80 16.36 15.66
C1 EDO MA . -19.65 29.32 10.19
O1 EDO MA . -19.31 28.50 11.33
C2 EDO MA . -18.79 29.07 8.95
O2 EDO MA . -19.09 27.80 8.39
C1 EDO NA . -24.80 0.78 19.89
O1 EDO NA . -25.69 1.74 19.31
C2 EDO NA . -23.66 0.48 18.93
O2 EDO NA . -24.17 0.18 17.63
CL CL OA . -44.25 23.80 1.68
CL CL PA . -20.98 22.15 -2.26
C1 EDO QA . 56.89 8.84 35.81
O1 EDO QA . 58.29 9.12 35.58
C2 EDO QA . 56.54 9.08 37.28
O2 EDO QA . 56.05 7.87 37.90
NA NA RA . 12.10 -4.99 -11.06
NA NA SA . 44.88 0.45 3.03
C1 PEG TA . 39.51 14.31 26.42
O1 PEG TA . 40.31 13.13 26.11
C2 PEG TA . 39.97 15.14 27.56
O2 PEG TA . 38.83 15.77 28.20
C3 PEG TA . 39.18 16.58 29.31
C4 PEG TA . 39.06 18.07 29.05
O4 PEG TA . 39.76 18.50 27.87
CA CA UA . 58.18 11.47 31.75
C1 EDO VA . 16.24 10.04 -7.91
O1 EDO VA . 17.25 9.34 -8.69
C2 EDO VA . 15.19 10.71 -8.81
O2 EDO VA . 13.86 10.18 -8.63
C1 EDO WA . -15.63 -11.91 -60.13
O1 EDO WA . -15.87 -11.92 -58.73
C2 EDO WA . -14.15 -11.73 -60.48
O2 EDO WA . -13.66 -10.38 -60.30
C1 GOL XA . -11.57 3.39 -41.51
O1 GOL XA . -11.09 4.17 -42.65
C2 GOL XA . -10.56 2.36 -40.89
O2 GOL XA . -10.79 0.98 -41.31
C3 GOL XA . -10.63 2.37 -39.34
O3 GOL XA . -10.28 3.60 -38.70
CL CL YA . 5.46 6.94 -26.31
C1 EDO ZA . 11.63 1.36 -11.95
O1 EDO ZA . 11.67 -0.03 -12.26
C2 EDO ZA . 13.03 1.79 -11.52
O2 EDO ZA . 13.41 3.06 -12.09
C1 EDO AB . -8.39 -20.50 -24.96
O1 EDO AB . -9.83 -20.46 -25.08
C2 EDO AB . -7.86 -19.09 -24.75
O2 EDO AB . -8.55 -18.45 -23.66
C1 EDO BB . 3.77 22.44 -18.78
O1 EDO BB . 4.49 22.78 -19.97
C2 EDO BB . 2.35 23.00 -18.85
O2 EDO BB . 1.40 22.09 -18.27
C1 EDO CB . -7.83 -24.97 -46.39
O1 EDO CB . -7.09 -23.74 -46.49
C2 EDO CB . -7.11 -25.92 -45.41
O2 EDO CB . -7.85 -27.13 -45.22
C1 GOL DB . -1.75 -23.33 -51.28
O1 GOL DB . -0.61 -22.44 -51.25
C2 GOL DB . -1.87 -24.10 -49.94
O2 GOL DB . -0.97 -25.25 -49.87
C3 GOL DB . -3.33 -24.42 -49.55
O3 GOL DB . -4.19 -24.86 -50.63
C1 GOL EB . -16.93 -20.45 -27.18
O1 GOL EB . -17.75 -20.89 -28.29
C2 GOL EB . -17.62 -20.49 -25.80
O2 GOL EB . -19.00 -20.96 -25.79
C3 GOL EB . -17.55 -19.13 -25.09
O3 GOL EB . -16.19 -18.76 -24.83
CL CL FB . -12.48 -8.48 -28.25
CA CA GB . -33.17 -18.68 -56.87
C1 EDO HB . -38.15 -11.09 -64.21
O1 EDO HB . -38.70 -12.04 -65.13
C2 EDO HB . -36.67 -10.89 -64.46
O2 EDO HB . -36.48 -10.27 -65.75
C1 EDO IB . -17.75 -38.34 -68.70
O1 EDO IB . -17.47 -38.57 -67.32
C2 EDO IB . -18.91 -37.35 -68.80
O2 EDO IB . -19.58 -37.44 -70.05
#